data_8Z81
#
_entry.id   8Z81
#
_cell.length_a   1.00
_cell.length_b   1.00
_cell.length_c   1.00
_cell.angle_alpha   90.00
_cell.angle_beta   90.00
_cell.angle_gamma   90.00
#
_symmetry.space_group_name_H-M   'P 1'
#
loop_
_entity.id
_entity.type
_entity.pdbx_description
1 polymer 'Antenna complex, alpha/beta subunit'
2 polymer 'Antenna complex, alpha/beta subunit'
3 polymer 'Antenna complex, alpha/beta subunit'
4 polymer 'Antenna complex, alpha/beta subunit'
5 polymer 'Antenna complex, alpha/beta subunit'
6 polymer 'Antenna complex, alpha/beta subunit'
7 non-polymer 'BACTERIOCHLOROPHYLL A'
8 non-polymer DODECYL-BETA-D-MALTOSIDE
9 non-polymer SPIRILLOXANTHIN
10 non-polymer '(1R)-2-{[{[(2S)-2,3-DIHYDROXYPROPYL]OXY}(HYDROXY)PHOSPHORYL]OXY}-1-[(PALMITOYLOXY)METHYL]ETHYL (11E)-OCTADEC-11-ENOATE'
#
loop_
_entity_poly.entity_id
_entity_poly.type
_entity_poly.pdbx_seq_one_letter_code
_entity_poly.pdbx_strand_id
1 'polypeptide(L)' MWRLWKLYDPRRVLIGIFSWLAVLALVIHFILLSTDRFNWVGGAAVSSVSESAEEVSALPPRQV A,E,I,M,Q,U,Y,3,7
2 'polypeptide(L)' MADNMSLTGLSDEEAKEFHSIFMQSFLIFTAVAVVAHFLAWAWRPWIPGAEGYGSVIEGVHNVTAAVSQIAPLAG B,F,J,N,R,V,Z,4,8
3 'polypeptide(L)' MWRMWKILDYRRTVVLAHVGMAVLALLIHFILLSTENFNWLQGNPYGDAESAAEVADAAVMPQQREV C,G,K,O,S,W,1,5,9
4 'polypeptide(L)' MADEMRNVSDEEAKEFHAMFSQAFTVYIGVAVVAHILAWAWRPWIPGDEGFGAALIEGANAVTAAVQSIAPIAA D,H,L,P,T,X,2,6,0
5 'polypeptide(L)' (CXM)NQARIWLVVKPSVGLPLFLGVVLLISLLVHGAILTNTSWYPAFFEGNAAAEIPASEIAESDALATRESMV a,c,e,g,i,k,m,o,q
6 'polypeptide(L)' MRDRDDFVDFDDPNRVWPSGLTLPEAEELHSYVLDGARIFFGIAVVAHVLAFAYSPWLG b,d,f,h,j,l,n,p,r
#
# COMPACT_ATOMS: atom_id res chain seq x y z
N MET A 1 -26.60 -28.84 44.30
CA MET A 1 -25.67 -28.46 43.25
C MET A 1 -26.20 -28.89 41.89
N TRP A 2 -27.21 -29.76 41.89
CA TRP A 2 -27.81 -30.21 40.65
C TRP A 2 -28.48 -29.07 39.89
N ARG A 3 -28.87 -27.99 40.60
CA ARG A 3 -29.48 -26.85 39.93
C ARG A 3 -28.51 -26.14 38.99
N LEU A 4 -27.22 -26.45 39.08
CA LEU A 4 -26.25 -25.90 38.13
C LEU A 4 -26.59 -26.27 36.70
N TRP A 5 -27.21 -27.44 36.50
CA TRP A 5 -27.45 -27.92 35.15
C TRP A 5 -28.70 -27.33 34.51
N LYS A 6 -29.59 -26.74 35.31
CA LYS A 6 -30.68 -25.95 34.74
C LYS A 6 -30.18 -24.60 34.26
N LEU A 7 -29.15 -24.06 34.91
CA LEU A 7 -28.59 -22.76 34.51
C LEU A 7 -27.71 -22.89 33.29
N TYR A 8 -26.79 -23.86 33.28
CA TYR A 8 -25.84 -24.02 32.20
C TYR A 8 -26.18 -25.26 31.38
N ASP A 9 -25.94 -25.16 30.08
CA ASP A 9 -26.21 -26.28 29.20
C ASP A 9 -25.27 -27.44 29.51
N PRO A 10 -25.78 -28.62 29.87
CA PRO A 10 -24.89 -29.72 30.22
C PRO A 10 -23.93 -30.12 29.12
N ARG A 11 -24.34 -29.98 27.85
CA ARG A 11 -23.44 -30.32 26.75
C ARG A 11 -22.28 -29.33 26.67
N ARG A 12 -22.56 -28.04 26.78
CA ARG A 12 -21.50 -27.04 26.65
C ARG A 12 -20.54 -27.09 27.83
N VAL A 13 -21.03 -27.44 29.01
CA VAL A 13 -20.14 -27.59 30.17
C VAL A 13 -19.21 -28.79 29.98
N LEU A 14 -19.75 -29.89 29.47
CA LEU A 14 -18.92 -31.07 29.24
C LEU A 14 -17.82 -30.78 28.22
N ILE A 15 -18.14 -30.02 27.16
CA ILE A 15 -17.14 -29.69 26.17
C ILE A 15 -16.07 -28.79 26.79
N GLY A 16 -16.47 -27.79 27.57
CA GLY A 16 -15.50 -26.94 28.24
C GLY A 16 -14.63 -27.70 29.21
N ILE A 17 -15.22 -28.63 29.96
CA ILE A 17 -14.45 -29.41 30.93
C ILE A 17 -13.49 -30.34 30.20
N PHE A 18 -13.98 -31.07 29.21
CA PHE A 18 -13.12 -32.01 28.48
C PHE A 18 -12.03 -31.27 27.72
N SER A 19 -12.35 -30.11 27.15
CA SER A 19 -11.32 -29.29 26.50
C SER A 19 -10.30 -28.80 27.51
N TRP A 20 -10.76 -28.34 28.68
CA TRP A 20 -9.83 -27.91 29.71
C TRP A 20 -8.95 -29.06 30.19
N LEU A 21 -9.55 -30.23 30.39
CA LEU A 21 -8.77 -31.38 30.85
C LEU A 21 -7.74 -31.80 29.81
N ALA A 22 -8.12 -31.84 28.53
CA ALA A 22 -7.19 -32.22 27.49
C ALA A 22 -6.02 -31.25 27.41
N VAL A 23 -6.31 -29.94 27.48
CA VAL A 23 -5.26 -28.94 27.45
C VAL A 23 -4.38 -29.07 28.68
N LEU A 24 -4.99 -29.19 29.85
CA LEU A 24 -4.22 -29.25 31.09
C LEU A 24 -3.29 -30.47 31.12
N ALA A 25 -3.80 -31.63 30.72
CA ALA A 25 -2.98 -32.84 30.73
C ALA A 25 -1.78 -32.71 29.79
N LEU A 26 -2.00 -32.13 28.61
CA LEU A 26 -0.90 -31.91 27.69
C LEU A 26 0.12 -30.94 28.29
N VAL A 27 -0.35 -29.89 28.96
CA VAL A 27 0.56 -28.94 29.58
C VAL A 27 1.40 -29.63 30.65
N ILE A 28 0.76 -30.46 31.47
CA ILE A 28 1.50 -31.10 32.57
C ILE A 28 2.49 -32.13 32.03
N HIS A 29 2.06 -32.96 31.08
CA HIS A 29 2.94 -33.99 30.55
C HIS A 29 4.18 -33.38 29.89
N PHE A 30 3.99 -32.31 29.11
CA PHE A 30 5.14 -31.71 28.43
C PHE A 30 6.01 -30.89 29.36
N ILE A 31 5.43 -30.31 30.41
CA ILE A 31 6.25 -29.68 31.44
C ILE A 31 7.15 -30.72 32.09
N LEU A 32 6.59 -31.90 32.40
CA LEU A 32 7.39 -32.97 32.98
C LEU A 32 8.47 -33.44 32.03
N LEU A 33 8.15 -33.56 30.73
CA LEU A 33 9.13 -34.00 29.75
C LEU A 33 10.30 -33.02 29.66
N SER A 34 10.06 -31.74 29.93
CA SER A 34 11.12 -30.75 29.89
C SER A 34 12.03 -30.80 31.12
N THR A 35 11.57 -31.40 32.21
CA THR A 35 12.37 -31.47 33.43
C THR A 35 13.44 -32.54 33.31
N ASP A 36 14.52 -32.36 34.07
CA ASP A 36 15.56 -33.38 34.15
C ASP A 36 15.19 -34.54 35.04
N ARG A 37 14.27 -34.33 35.99
CA ARG A 37 13.91 -35.38 36.94
C ARG A 37 12.75 -36.25 36.43
N PHE A 38 11.77 -35.66 35.76
CA PHE A 38 10.54 -36.36 35.43
C PHE A 38 10.40 -36.70 33.96
N ASN A 39 11.45 -36.52 33.16
CA ASN A 39 11.41 -36.89 31.74
C ASN A 39 11.59 -38.39 31.63
N TRP A 40 10.48 -39.12 31.50
CA TRP A 40 10.54 -40.58 31.55
C TRP A 40 11.15 -41.18 30.29
N VAL A 41 10.76 -40.68 29.11
CA VAL A 41 11.28 -41.27 27.87
C VAL A 41 12.72 -40.84 27.61
N GLY A 42 13.18 -39.77 28.27
CA GLY A 42 14.54 -39.30 28.10
C GLY A 42 15.57 -40.03 28.92
N GLY A 43 15.17 -41.06 29.66
CA GLY A 43 16.11 -41.79 30.50
C GLY A 43 16.65 -40.97 31.66
N ALA A 44 15.78 -40.24 32.35
CA ALA A 44 16.22 -39.38 33.43
C ALA A 44 16.76 -40.18 34.59
N ALA A 45 17.93 -39.80 35.09
CA ALA A 45 18.58 -40.45 36.22
C ALA A 45 18.64 -39.50 37.39
N VAL A 46 18.20 -39.97 38.56
CA VAL A 46 18.23 -39.15 39.77
C VAL A 46 19.49 -39.45 40.58
N LEU B 7 -33.28 -20.18 32.05
CA LEU B 7 -32.67 -21.48 32.27
C LEU B 7 -32.93 -22.42 31.09
N THR B 8 -32.03 -23.36 30.87
CA THR B 8 -32.16 -24.30 29.77
C THR B 8 -33.32 -25.26 30.01
N GLY B 9 -33.80 -25.85 28.92
CA GLY B 9 -34.94 -26.75 28.99
C GLY B 9 -34.62 -28.10 29.60
N LEU B 10 -34.34 -28.10 30.90
CA LEU B 10 -34.03 -29.32 31.65
C LEU B 10 -34.92 -29.38 32.88
N SER B 11 -35.57 -30.52 33.08
CA SER B 11 -36.43 -30.67 34.25
C SER B 11 -35.59 -30.82 35.51
N ASP B 12 -36.25 -30.68 36.66
CA ASP B 12 -35.57 -30.96 37.93
C ASP B 12 -35.06 -32.39 37.96
N GLU B 13 -35.81 -33.33 37.38
CA GLU B 13 -35.41 -34.73 37.42
C GLU B 13 -34.24 -35.00 36.48
N GLU B 14 -34.27 -34.41 35.28
CA GLU B 14 -33.16 -34.57 34.35
C GLU B 14 -31.89 -33.92 34.89
N ALA B 15 -32.02 -32.74 35.50
CA ALA B 15 -30.86 -32.10 36.12
C ALA B 15 -30.33 -32.93 37.27
N LYS B 16 -31.23 -33.53 38.06
CA LYS B 16 -30.80 -34.42 39.13
C LYS B 16 -30.15 -35.68 38.56
N GLU B 17 -30.69 -36.21 37.47
CA GLU B 17 -30.11 -37.40 36.88
C GLU B 17 -28.74 -37.12 36.28
N PHE B 18 -28.60 -35.99 35.59
CA PHE B 18 -27.29 -35.63 35.06
C PHE B 18 -26.28 -35.41 36.19
N HIS B 19 -26.71 -34.77 37.27
CA HIS B 19 -25.77 -34.46 38.35
C HIS B 19 -25.22 -35.72 39.00
N SER B 20 -26.08 -36.71 39.24
CA SER B 20 -25.62 -37.95 39.86
C SER B 20 -24.61 -38.66 38.97
N ILE B 21 -24.85 -38.70 37.67
CA ILE B 21 -23.89 -39.31 36.75
C ILE B 21 -22.63 -38.46 36.64
N PHE B 22 -22.80 -37.13 36.58
CA PHE B 22 -21.64 -36.24 36.48
C PHE B 22 -20.73 -36.41 37.69
N MET B 23 -21.31 -36.46 38.89
CA MET B 23 -20.50 -36.63 40.09
C MET B 23 -19.86 -38.01 40.13
N GLN B 24 -20.62 -39.05 39.74
CA GLN B 24 -20.04 -40.40 39.69
C GLN B 24 -18.91 -40.48 38.67
N SER B 25 -19.10 -39.88 37.49
CA SER B 25 -18.04 -39.86 36.49
C SER B 25 -16.85 -39.06 36.98
N PHE B 26 -17.09 -37.94 37.66
CA PHE B 26 -15.99 -37.16 38.22
C PHE B 26 -15.21 -37.96 39.27
N LEU B 27 -15.92 -38.72 40.11
CA LEU B 27 -15.23 -39.50 41.13
C LEU B 27 -14.40 -40.60 40.51
N ILE B 28 -14.87 -41.20 39.43
CA ILE B 28 -14.10 -42.24 38.75
C ILE B 28 -12.88 -41.64 38.07
N PHE B 29 -13.04 -40.51 37.38
CA PHE B 29 -11.91 -39.83 36.77
C PHE B 29 -10.88 -39.42 37.83
N THR B 30 -11.36 -38.93 38.98
CA THR B 30 -10.43 -38.56 40.04
C THR B 30 -9.78 -39.79 40.67
N ALA B 31 -10.53 -40.87 40.85
CA ALA B 31 -9.96 -42.07 41.45
C ALA B 31 -8.85 -42.65 40.57
N VAL B 32 -9.07 -42.68 39.26
CA VAL B 32 -8.01 -43.12 38.34
C VAL B 32 -6.81 -42.20 38.46
N ALA B 33 -7.05 -40.89 38.52
CA ALA B 33 -5.96 -39.92 38.66
C ALA B 33 -5.25 -40.10 39.99
N VAL B 34 -5.99 -40.38 41.05
CA VAL B 34 -5.36 -40.61 42.36
C VAL B 34 -4.44 -41.82 42.29
N VAL B 35 -4.91 -42.91 41.70
CA VAL B 35 -4.08 -44.10 41.56
C VAL B 35 -2.85 -43.79 40.70
N ALA B 36 -3.05 -43.06 39.61
CA ALA B 36 -1.94 -42.65 38.76
C ALA B 36 -0.93 -41.83 39.56
N HIS B 37 -1.41 -40.94 40.42
CA HIS B 37 -0.51 -40.11 41.22
C HIS B 37 0.22 -40.93 42.28
N PHE B 38 -0.47 -41.91 42.89
CA PHE B 38 0.21 -42.81 43.80
C PHE B 38 1.30 -43.60 43.09
N LEU B 39 1.01 -44.06 41.86
CA LEU B 39 2.02 -44.75 41.08
C LEU B 39 3.17 -43.82 40.72
N ALA B 40 2.85 -42.58 40.32
CA ALA B 40 3.90 -41.63 39.98
C ALA B 40 4.76 -41.28 41.19
N TRP B 41 4.15 -41.20 42.37
CA TRP B 41 4.92 -40.95 43.58
C TRP B 41 5.90 -42.08 43.86
N ALA B 42 5.45 -43.33 43.66
CA ALA B 42 6.35 -44.47 43.84
C ALA B 42 7.55 -44.39 42.91
N TRP B 43 7.35 -43.88 41.70
CA TRP B 43 8.48 -43.70 40.78
C TRP B 43 9.39 -42.58 41.27
N ARG B 44 8.89 -41.35 41.30
CA ARG B 44 9.70 -40.22 41.74
C ARG B 44 8.85 -39.17 42.45
N PRO B 45 9.04 -38.99 43.76
CA PRO B 45 8.31 -37.95 44.47
C PRO B 45 8.63 -36.57 43.91
N TRP B 46 7.63 -35.70 43.92
CA TRP B 46 7.77 -34.34 43.40
C TRP B 46 7.81 -33.29 44.49
N ILE B 47 7.90 -33.69 45.76
CA ILE B 47 8.01 -32.72 46.84
C ILE B 47 9.42 -32.84 47.42
N PRO B 48 10.32 -31.93 47.07
CA PRO B 48 11.70 -32.06 47.55
C PRO B 48 11.81 -31.75 49.02
N GLY B 49 12.83 -32.31 49.66
CA GLY B 49 13.15 -32.00 51.02
C GLY B 49 13.98 -30.74 51.13
N ALA B 50 14.40 -30.43 52.35
CA ALA B 50 15.18 -29.22 52.58
C ALA B 50 16.51 -29.26 51.84
N GLU B 51 17.06 -30.45 51.62
CA GLU B 51 18.32 -30.60 50.92
C GLU B 51 18.16 -30.67 49.41
N GLY B 52 16.92 -30.61 48.92
CA GLY B 52 16.68 -30.72 47.50
C GLY B 52 16.40 -32.15 47.07
N TYR B 53 16.64 -32.40 45.79
CA TYR B 53 16.53 -33.75 45.25
C TYR B 53 17.87 -34.47 45.35
N MET C 1 -26.62 -12.44 52.79
CA MET C 1 -25.75 -12.04 51.69
C MET C 1 -26.24 -12.65 50.38
N TRP C 2 -27.33 -13.41 50.48
CA TRP C 2 -27.99 -13.93 49.29
C TRP C 2 -28.49 -12.82 48.38
N ARG C 3 -28.68 -11.61 48.92
CA ARG C 3 -29.15 -10.47 48.13
C ARG C 3 -28.16 -10.03 47.07
N MET C 4 -26.90 -10.50 47.15
CA MET C 4 -25.92 -10.16 46.13
C MET C 4 -26.38 -10.58 44.75
N TRP C 5 -27.11 -11.68 44.65
CA TRP C 5 -27.55 -12.21 43.37
C TRP C 5 -28.78 -11.51 42.81
N LYS C 6 -29.33 -10.54 43.54
CA LYS C 6 -30.32 -9.63 42.97
C LYS C 6 -29.66 -8.41 42.33
N ILE C 7 -28.35 -8.22 42.52
CA ILE C 7 -27.61 -7.12 41.91
C ILE C 7 -26.78 -7.66 40.76
N LEU C 8 -25.85 -8.56 41.07
CA LEU C 8 -24.99 -9.18 40.07
C LEU C 8 -25.63 -10.45 39.56
N ASP C 9 -25.50 -10.68 38.25
CA ASP C 9 -26.05 -11.89 37.65
C ASP C 9 -25.23 -13.10 38.07
N TYR C 10 -25.89 -14.07 38.74
CA TYR C 10 -25.20 -15.27 39.15
C TYR C 10 -24.74 -16.09 37.95
N ARG C 11 -25.43 -15.96 36.82
CA ARG C 11 -25.06 -16.69 35.62
C ARG C 11 -23.66 -16.31 35.16
N ARG C 12 -23.40 -15.00 35.01
CA ARG C 12 -22.10 -14.54 34.52
C ARG C 12 -21.03 -14.61 35.59
N THR C 13 -21.40 -14.35 36.85
CA THR C 13 -20.40 -14.30 37.92
C THR C 13 -19.71 -15.64 38.09
N VAL C 14 -20.45 -16.73 38.00
CA VAL C 14 -19.86 -18.06 38.18
C VAL C 14 -18.86 -18.35 37.06
N VAL C 15 -19.24 -18.05 35.82
CA VAL C 15 -18.33 -18.29 34.70
C VAL C 15 -17.09 -17.42 34.83
N LEU C 16 -17.27 -16.14 35.14
CA LEU C 16 -16.12 -15.25 35.31
C LEU C 16 -15.24 -15.68 36.47
N ALA C 17 -15.86 -16.18 37.55
CA ALA C 17 -15.08 -16.67 38.68
C ALA C 17 -14.22 -17.87 38.30
N HIS C 18 -14.78 -18.81 37.55
CA HIS C 18 -14.01 -20.00 37.17
C HIS C 18 -12.87 -19.65 36.22
N VAL C 19 -13.13 -18.79 35.23
CA VAL C 19 -12.08 -18.39 34.31
C VAL C 19 -11.05 -17.52 35.03
N GLY C 20 -11.51 -16.60 35.87
CA GLY C 20 -10.58 -15.73 36.58
C GLY C 20 -9.70 -16.49 37.55
N MET C 21 -10.28 -17.42 38.32
CA MET C 21 -9.48 -18.21 39.23
C MET C 21 -8.59 -19.20 38.48
N ALA C 22 -9.03 -19.68 37.33
CA ALA C 22 -8.15 -20.51 36.50
C ALA C 22 -6.90 -19.75 36.10
N VAL C 23 -7.07 -18.50 35.67
CA VAL C 23 -5.93 -17.69 35.30
C VAL C 23 -5.06 -17.39 36.51
N LEU C 24 -5.68 -17.03 37.64
CA LEU C 24 -4.92 -16.70 38.83
C LEU C 24 -4.12 -17.89 39.35
N ALA C 25 -4.73 -19.08 39.35
CA ALA C 25 -4.03 -20.27 39.83
C ALA C 25 -2.84 -20.60 38.92
N LEU C 26 -3.02 -20.50 37.61
CA LEU C 26 -1.90 -20.74 36.70
C LEU C 26 -0.79 -19.73 36.93
N LEU C 27 -1.15 -18.46 37.14
CA LEU C 27 -0.14 -17.44 37.38
C LEU C 27 0.67 -17.75 38.63
N ILE C 28 -0.01 -18.14 39.72
CA ILE C 28 0.70 -18.38 40.98
C ILE C 28 1.55 -19.64 40.88
N HIS C 29 1.02 -20.71 40.29
CA HIS C 29 1.83 -21.91 40.09
C HIS C 29 3.06 -21.63 39.26
N PHE C 30 2.89 -20.89 38.15
CA PHE C 30 4.03 -20.57 37.29
C PHE C 30 5.01 -19.63 37.98
N ILE C 31 4.52 -18.68 38.77
CA ILE C 31 5.41 -17.80 39.52
C ILE C 31 6.26 -18.63 40.49
N LEU C 32 5.63 -19.57 41.20
CA LEU C 32 6.38 -20.44 42.09
C LEU C 32 7.39 -21.29 41.33
N LEU C 33 7.00 -21.77 40.14
CA LEU C 33 7.94 -22.54 39.32
C LEU C 33 9.14 -21.70 38.92
N SER C 34 8.97 -20.39 38.75
CA SER C 34 10.07 -19.52 38.35
C SER C 34 11.01 -19.17 39.49
N THR C 35 10.65 -19.48 40.73
CA THR C 35 11.51 -19.22 41.87
C THR C 35 12.44 -20.40 42.12
N GLU C 36 13.54 -20.13 42.81
CA GLU C 36 14.47 -21.19 43.14
C GLU C 36 14.09 -21.94 44.41
N ASN C 37 13.28 -21.34 45.28
CA ASN C 37 12.92 -21.97 46.54
C ASN C 37 11.62 -22.75 46.49
N PHE C 38 10.76 -22.48 45.52
CA PHE C 38 9.44 -23.12 45.48
C PHE C 38 9.18 -23.86 44.18
N ASN C 39 10.19 -24.04 43.34
CA ASN C 39 10.06 -24.85 42.13
C ASN C 39 10.18 -26.31 42.54
N TRP C 40 9.03 -26.93 42.80
CA TRP C 40 9.00 -28.31 43.28
C TRP C 40 9.46 -29.31 42.22
N LEU C 41 9.38 -28.96 40.94
CA LEU C 41 9.89 -29.85 39.90
C LEU C 41 11.41 -29.80 39.83
N GLN C 42 11.99 -28.61 40.00
CA GLN C 42 13.45 -28.50 40.03
C GLN C 42 14.02 -29.06 41.34
N GLY C 43 13.38 -28.73 42.45
CA GLY C 43 13.81 -29.24 43.74
C GLY C 43 15.16 -28.73 44.23
N ASN C 44 15.35 -27.42 44.20
CA ASN C 44 16.54 -26.83 44.78
C ASN C 44 16.49 -26.92 46.31
N PRO C 45 17.64 -26.87 46.97
CA PRO C 45 17.64 -26.81 48.43
C PRO C 45 16.98 -25.53 48.92
N TYR C 46 16.30 -25.64 50.06
CA TYR C 46 15.53 -24.53 50.62
C TYR C 46 16.37 -23.68 51.55
N ASN D 7 -35.63 -8.90 38.55
CA ASN D 7 -35.77 -10.00 37.60
C ASN D 7 -35.49 -11.33 38.28
N VAL D 8 -34.98 -11.25 39.51
CA VAL D 8 -34.65 -12.42 40.31
C VAL D 8 -35.46 -12.36 41.60
N SER D 9 -36.16 -13.43 41.92
CA SER D 9 -36.97 -13.48 43.12
C SER D 9 -36.11 -13.76 44.34
N ASP D 10 -36.68 -13.53 45.52
CA ASP D 10 -35.94 -13.76 46.75
C ASP D 10 -35.55 -15.22 46.91
N GLU D 11 -36.46 -16.14 46.60
CA GLU D 11 -36.16 -17.56 46.75
C GLU D 11 -35.14 -18.03 45.73
N GLU D 12 -35.21 -17.50 44.50
CA GLU D 12 -34.22 -17.88 43.49
C GLU D 12 -32.83 -17.42 43.89
N ALA D 13 -32.73 -16.26 44.52
CA ALA D 13 -31.44 -15.79 45.05
C ALA D 13 -30.95 -16.69 46.18
N LYS D 14 -31.86 -17.21 47.00
CA LYS D 14 -31.46 -18.15 48.04
C LYS D 14 -30.86 -19.41 47.43
N GLU D 15 -31.46 -19.91 46.34
CA GLU D 15 -30.94 -21.10 45.69
C GLU D 15 -29.56 -20.84 45.09
N PHE D 16 -29.37 -19.69 44.44
CA PHE D 16 -28.07 -19.35 43.89
C PHE D 16 -27.03 -19.23 45.01
N HIS D 17 -27.40 -18.58 46.11
CA HIS D 17 -26.45 -18.42 47.21
C HIS D 17 -26.17 -19.74 47.91
N ALA D 18 -27.16 -20.64 47.96
CA ALA D 18 -26.93 -21.95 48.55
C ALA D 18 -25.88 -22.73 47.76
N MET D 19 -25.97 -22.70 46.44
CA MET D 19 -24.94 -23.31 45.61
C MET D 19 -23.60 -22.61 45.78
N PHE D 20 -23.63 -21.27 45.84
CA PHE D 20 -22.41 -20.51 46.01
C PHE D 20 -21.74 -20.83 47.34
N SER D 21 -22.53 -20.89 48.42
CA SER D 21 -21.95 -21.14 49.74
C SER D 21 -21.33 -22.52 49.82
N GLN D 22 -22.00 -23.52 49.23
CA GLN D 22 -21.45 -24.87 49.23
C GLN D 22 -20.15 -24.93 48.44
N ALA D 23 -20.12 -24.29 47.27
CA ALA D 23 -18.92 -24.32 46.44
C ALA D 23 -17.81 -23.48 47.07
N PHE D 24 -18.15 -22.32 47.63
CA PHE D 24 -17.15 -21.48 48.29
C PHE D 24 -16.55 -22.20 49.49
N THR D 25 -17.38 -22.89 50.28
CA THR D 25 -16.87 -23.57 51.46
C THR D 25 -15.90 -24.68 51.08
N VAL D 26 -16.25 -25.49 50.09
CA VAL D 26 -15.37 -26.58 49.68
C VAL D 26 -14.11 -26.03 49.04
N TYR D 27 -14.24 -24.99 48.22
CA TYR D 27 -13.08 -24.41 47.55
C TYR D 27 -12.11 -23.82 48.56
N ILE D 28 -12.62 -23.03 49.51
CA ILE D 28 -11.73 -22.42 50.50
C ILE D 28 -11.18 -23.47 51.45
N GLY D 29 -12.01 -24.44 51.83
CA GLY D 29 -11.53 -25.49 52.72
C GLY D 29 -10.37 -26.27 52.13
N VAL D 30 -10.47 -26.61 50.85
CA VAL D 30 -9.35 -27.27 50.17
C VAL D 30 -8.16 -26.32 50.04
N ALA D 31 -8.44 -25.04 49.77
CA ALA D 31 -7.36 -24.07 49.65
C ALA D 31 -6.63 -23.89 50.98
N VAL D 32 -7.36 -23.84 52.09
CA VAL D 32 -6.73 -23.69 53.39
C VAL D 32 -5.88 -24.91 53.71
N VAL D 33 -6.40 -26.10 53.45
CA VAL D 33 -5.63 -27.32 53.69
C VAL D 33 -4.38 -27.33 52.81
N ALA D 34 -4.51 -26.90 51.56
CA ALA D 34 -3.36 -26.83 50.67
C ALA D 34 -2.28 -25.90 51.23
N HIS D 35 -2.69 -24.76 51.79
CA HIS D 35 -1.71 -23.81 52.31
C HIS D 35 -1.07 -24.30 53.60
N ILE D 36 -1.80 -25.08 54.41
CA ILE D 36 -1.18 -25.69 55.56
C ILE D 36 -0.11 -26.69 55.11
N LEU D 37 -0.44 -27.51 54.11
CA LEU D 37 0.52 -28.46 53.57
C LEU D 37 1.71 -27.73 52.94
N ALA D 38 1.44 -26.67 52.18
CA ALA D 38 2.53 -25.93 51.55
C ALA D 38 3.43 -25.29 52.60
N TRP D 39 2.84 -24.77 53.68
CA TRP D 39 3.64 -24.19 54.75
C TRP D 39 4.49 -25.24 55.45
N ALA D 40 3.92 -26.42 55.68
CA ALA D 40 4.69 -27.50 56.28
C ALA D 40 5.84 -27.93 55.38
N TRP D 41 5.71 -27.74 54.07
CA TRP D 41 6.79 -28.06 53.16
C TRP D 41 7.87 -27.00 53.19
N ARG D 42 7.54 -25.78 52.78
CA ARG D 42 8.50 -24.68 52.76
C ARG D 42 7.78 -23.37 53.08
N PRO D 43 7.97 -22.82 54.27
CA PRO D 43 7.35 -21.53 54.59
C PRO D 43 7.81 -20.45 53.63
N TRP D 44 6.88 -19.57 53.28
CA TRP D 44 7.14 -18.54 52.27
C TRP D 44 7.28 -17.15 52.88
N ILE D 45 7.43 -17.04 54.19
CA ILE D 45 7.67 -15.75 54.82
C ILE D 45 9.08 -15.77 55.40
N PRO D 46 10.06 -15.19 54.71
CA PRO D 46 11.45 -15.28 55.18
C PRO D 46 11.66 -14.48 56.45
N GLY D 47 12.66 -14.90 57.22
CA GLY D 47 13.14 -14.15 58.36
C GLY D 47 14.14 -13.10 57.95
N ASP D 48 14.80 -12.52 58.96
CA ASP D 48 15.78 -11.48 58.68
C ASP D 48 16.95 -12.00 57.87
N GLU D 49 17.35 -13.25 58.10
CA GLU D 49 18.46 -13.85 57.38
C GLU D 49 18.02 -14.66 56.16
N GLY D 50 16.73 -14.66 55.83
CA GLY D 50 16.25 -15.39 54.68
C GLY D 50 15.46 -16.63 55.05
N PHE D 51 15.52 -17.65 54.20
CA PHE D 51 14.85 -18.90 54.47
C PHE D 51 15.76 -19.86 55.22
N MET E 1 -25.56 9.42 52.52
CA MET E 1 -24.70 8.91 51.45
C MET E 1 -25.39 7.79 50.70
N TRP E 2 -26.49 7.27 51.26
CA TRP E 2 -27.25 6.23 50.59
C TRP E 2 -27.87 6.73 49.29
N ARG E 3 -28.07 8.04 49.14
CA ARG E 3 -28.59 8.59 47.91
C ARG E 3 -27.65 8.40 46.73
N LEU E 4 -26.39 8.02 46.99
CA LEU E 4 -25.46 7.73 45.90
C LEU E 4 -25.97 6.61 45.02
N TRP E 5 -26.74 5.67 45.59
CA TRP E 5 -27.15 4.49 44.85
C TRP E 5 -28.37 4.74 43.97
N LYS E 6 -29.11 5.82 44.22
CA LYS E 6 -30.13 6.22 43.27
C LYS E 6 -29.52 6.90 42.05
N LEU E 7 -28.41 7.62 42.24
CA LEU E 7 -27.74 8.28 41.13
C LEU E 7 -26.98 7.29 40.25
N TYR E 8 -26.24 6.37 40.88
CA TYR E 8 -25.39 5.44 40.15
C TYR E 8 -25.92 4.02 40.27
N ASP E 9 -25.78 3.26 39.21
CA ASP E 9 -26.25 1.88 39.19
C ASP E 9 -25.43 1.05 40.16
N PRO E 10 -26.04 0.44 41.18
CA PRO E 10 -25.25 -0.31 42.17
C PRO E 10 -24.46 -1.46 41.56
N ARG E 11 -24.96 -2.08 40.49
CA ARG E 11 -24.21 -3.17 39.86
C ARG E 11 -22.94 -2.65 39.19
N ARG E 12 -23.05 -1.55 38.44
CA ARG E 12 -21.88 -1.04 37.72
C ARG E 12 -20.84 -0.46 38.68
N VAL E 13 -21.28 0.11 39.79
CA VAL E 13 -20.34 0.61 40.79
C VAL E 13 -19.58 -0.54 41.43
N LEU E 14 -20.27 -1.64 41.75
CA LEU E 14 -19.60 -2.80 42.33
C LEU E 14 -18.58 -3.38 41.35
N ILE E 15 -18.92 -3.43 40.07
CA ILE E 15 -17.96 -3.94 39.08
C ILE E 15 -16.75 -3.04 38.98
N GLY E 16 -16.97 -1.71 38.94
CA GLY E 16 -15.85 -0.80 38.89
C GLY E 16 -14.96 -0.88 40.12
N ILE E 17 -15.57 -1.02 41.30
CA ILE E 17 -14.80 -1.12 42.53
C ILE E 17 -14.02 -2.43 42.56
N PHE E 18 -14.68 -3.54 42.27
CA PHE E 18 -14.00 -4.83 42.30
C PHE E 18 -12.91 -4.90 41.23
N SER E 19 -13.15 -4.32 40.07
CA SER E 19 -12.11 -4.24 39.03
C SER E 19 -10.95 -3.37 39.48
N TRP E 20 -11.25 -2.23 40.10
CA TRP E 20 -10.19 -1.37 40.62
C TRP E 20 -9.40 -2.08 41.72
N LEU E 21 -10.09 -2.77 42.62
CA LEU E 21 -9.41 -3.47 43.71
C LEU E 21 -8.55 -4.60 43.18
N ALA E 22 -9.06 -5.38 42.22
CA ALA E 22 -8.28 -6.47 41.65
C ALA E 22 -7.02 -5.95 40.98
N VAL E 23 -7.14 -4.87 40.21
CA VAL E 23 -5.98 -4.28 39.56
C VAL E 23 -5.01 -3.73 40.59
N LEU E 24 -5.54 -3.03 41.61
CA LEU E 24 -4.65 -2.43 42.61
C LEU E 24 -3.87 -3.49 43.37
N ALA E 25 -4.54 -4.57 43.78
CA ALA E 25 -3.86 -5.62 44.53
C ALA E 25 -2.77 -6.28 43.72
N LEU E 26 -3.02 -6.52 42.43
CA LEU E 26 -1.98 -7.05 41.57
C LEU E 26 -0.82 -6.08 41.44
N VAL E 27 -1.12 -4.78 41.33
CA VAL E 27 -0.07 -3.79 41.22
C VAL E 27 0.80 -3.78 42.47
N ILE E 28 0.16 -3.79 43.65
CA ILE E 28 0.93 -3.70 44.89
C ILE E 28 1.73 -4.97 45.13
N HIS E 29 1.11 -6.14 44.91
CA HIS E 29 1.82 -7.40 45.16
C HIS E 29 3.05 -7.52 44.26
N PHE E 30 2.91 -7.18 42.98
CA PHE E 30 4.04 -7.30 42.07
C PHE E 30 5.07 -6.19 42.25
N ILE E 31 4.66 -5.00 42.72
CA ILE E 31 5.64 -4.00 43.11
C ILE E 31 6.49 -4.53 44.25
N LEU E 32 5.85 -5.16 45.24
CA LEU E 32 6.58 -5.72 46.37
C LEU E 32 7.51 -6.85 45.94
N LEU E 33 7.07 -7.67 45.00
CA LEU E 33 7.91 -8.77 44.53
C LEU E 33 9.16 -8.25 43.83
N SER E 34 9.09 -7.06 43.23
CA SER E 34 10.25 -6.47 42.57
C SER E 34 11.25 -5.89 43.56
N THR E 35 10.84 -5.63 44.79
CA THR E 35 11.72 -5.04 45.77
C THR E 35 12.66 -6.08 46.37
N ASP E 36 13.80 -5.62 46.86
CA ASP E 36 14.73 -6.50 47.57
C ASP E 36 14.27 -6.79 48.99
N ARG E 37 13.52 -5.88 49.61
CA ARG E 37 13.12 -6.04 50.99
C ARG E 37 11.84 -6.86 51.14
N PHE E 38 10.88 -6.69 50.24
CA PHE E 38 9.54 -7.24 50.43
C PHE E 38 9.23 -8.41 49.49
N ASN E 39 10.23 -8.95 48.81
CA ASN E 39 10.02 -10.08 47.91
C ASN E 39 10.02 -11.36 48.74
N TRP E 40 8.84 -11.83 49.12
CA TRP E 40 8.75 -12.93 50.07
C TRP E 40 9.15 -14.27 49.45
N VAL E 41 8.68 -14.57 48.24
CA VAL E 41 9.03 -15.85 47.63
C VAL E 41 10.48 -15.88 47.19
N GLY E 42 11.12 -14.72 47.03
CA GLY E 42 12.50 -14.66 46.63
C GLY E 42 13.50 -14.88 47.73
N GLY E 43 13.04 -15.17 48.94
CA GLY E 43 13.94 -15.35 50.07
C GLY E 43 14.67 -14.08 50.46
N ALA E 44 13.96 -12.96 50.51
CA ALA E 44 14.59 -11.68 50.76
C ALA E 44 15.17 -11.63 52.17
N ALA E 45 16.43 -11.24 52.27
CA ALA E 45 17.12 -11.09 53.54
C ALA E 45 17.40 -9.63 53.79
N VAL E 46 17.08 -9.15 55.00
CA VAL E 46 17.27 -7.75 55.33
C VAL E 46 18.74 -7.45 55.61
N LEU F 7 -32.32 9.39 37.57
CA LEU F 7 -31.83 8.45 38.56
C LEU F 7 -32.28 7.03 38.25
N THR F 8 -31.53 6.04 38.73
CA THR F 8 -31.87 4.65 38.48
C THR F 8 -33.12 4.24 39.23
N GLY F 9 -33.74 3.17 38.75
CA GLY F 9 -34.97 2.68 39.34
C GLY F 9 -34.76 1.99 40.67
N LEU F 10 -34.38 2.76 41.68
CA LEU F 10 -34.15 2.25 43.03
C LEU F 10 -34.89 3.14 44.02
N SER F 11 -35.65 2.53 44.92
CA SER F 11 -36.38 3.30 45.91
C SER F 11 -35.44 3.78 47.02
N ASP F 12 -35.96 4.71 47.84
CA ASP F 12 -35.21 5.14 49.01
C ASP F 12 -34.90 3.96 49.93
N GLU F 13 -35.81 3.00 50.00
CA GLU F 13 -35.62 1.86 50.89
C GLU F 13 -34.58 0.90 50.33
N GLU F 14 -34.63 0.62 49.03
CA GLU F 14 -33.62 -0.23 48.40
C GLU F 14 -32.24 0.42 48.45
N ALA F 15 -32.18 1.73 48.19
CA ALA F 15 -30.90 2.43 48.27
C ALA F 15 -30.36 2.43 49.70
N LYS F 16 -31.24 2.55 50.68
CA LYS F 16 -30.79 2.46 52.07
C LYS F 16 -30.36 1.04 52.43
N GLU F 17 -31.06 0.03 51.88
CA GLU F 17 -30.68 -1.35 52.17
C GLU F 17 -29.35 -1.70 51.52
N PHE F 18 -29.14 -1.27 50.27
CA PHE F 18 -27.85 -1.49 49.64
C PHE F 18 -26.73 -0.78 50.39
N HIS F 19 -26.99 0.45 50.83
CA HIS F 19 -25.93 1.24 51.45
C HIS F 19 -25.45 0.61 52.74
N SER F 20 -26.38 0.12 53.58
CA SER F 20 -25.99 -0.50 54.84
C SER F 20 -25.15 -1.75 54.60
N ILE F 21 -25.55 -2.57 53.62
CA ILE F 21 -24.75 -3.75 53.28
C ILE F 21 -23.42 -3.34 52.66
N PHE F 22 -23.45 -2.35 51.77
CA PHE F 22 -22.21 -1.89 51.15
C PHE F 22 -21.23 -1.41 52.20
N MET F 23 -21.69 -0.59 53.15
CA MET F 23 -20.81 -0.09 54.18
C MET F 23 -20.34 -1.21 55.10
N GLN F 24 -21.24 -2.14 55.45
CA GLN F 24 -20.83 -3.29 56.25
C GLN F 24 -19.80 -4.14 55.52
N SER F 25 -20.02 -4.40 54.23
CA SER F 25 -19.07 -5.17 53.45
C SER F 25 -17.74 -4.44 53.32
N PHE F 26 -17.80 -3.11 53.15
CA PHE F 26 -16.56 -2.33 53.09
C PHE F 26 -15.78 -2.43 54.39
N LEU F 27 -16.47 -2.34 55.52
CA LEU F 27 -15.77 -2.39 56.81
C LEU F 27 -15.14 -3.77 57.03
N ILE F 28 -15.81 -4.83 56.59
CA ILE F 28 -15.23 -6.17 56.71
C ILE F 28 -14.02 -6.31 55.81
N PHE F 29 -14.13 -5.83 54.57
CA PHE F 29 -12.98 -5.85 53.66
C PHE F 29 -11.81 -5.06 54.24
N THR F 30 -12.10 -3.89 54.81
CA THR F 30 -11.04 -3.09 55.41
C THR F 30 -10.50 -3.75 56.67
N ALA F 31 -11.36 -4.37 57.47
CA ALA F 31 -10.89 -5.03 58.70
C ALA F 31 -9.91 -6.15 58.38
N VAL F 32 -10.21 -6.96 57.35
CA VAL F 32 -9.27 -7.98 56.91
C VAL F 32 -7.97 -7.33 56.43
N ALA F 33 -8.09 -6.25 55.66
CA ALA F 33 -6.90 -5.55 55.17
C ALA F 33 -6.09 -4.96 56.32
N VAL F 34 -6.77 -4.40 57.32
CA VAL F 34 -6.06 -3.85 58.47
C VAL F 34 -5.30 -4.95 59.20
N VAL F 35 -5.94 -6.10 59.41
CA VAL F 35 -5.26 -7.22 60.06
C VAL F 35 -4.10 -7.71 59.19
N ALA F 36 -4.32 -7.78 57.88
CA ALA F 36 -3.25 -8.17 56.97
C ALA F 36 -2.08 -7.21 57.07
N HIS F 37 -2.35 -5.91 57.16
CA HIS F 37 -1.28 -4.92 57.28
C HIS F 37 -0.59 -4.98 58.62
N PHE F 38 -1.33 -5.28 59.70
CA PHE F 38 -0.69 -5.50 60.99
C PHE F 38 0.25 -6.70 60.94
N LEU F 39 -0.18 -7.78 60.30
CA LEU F 39 0.68 -8.94 60.13
C LEU F 39 1.89 -8.63 59.26
N ALA F 40 1.67 -7.91 58.16
CA ALA F 40 2.78 -7.55 57.27
C ALA F 40 3.77 -6.63 57.98
N TRP F 41 3.28 -5.75 58.84
CA TRP F 41 4.18 -4.89 59.61
C TRP F 41 5.04 -5.70 60.56
N ALA F 42 4.44 -6.72 61.20
CA ALA F 42 5.21 -7.58 62.09
C ALA F 42 6.31 -8.31 61.34
N TRP F 43 6.09 -8.62 60.06
CA TRP F 43 7.14 -9.24 59.26
C TRP F 43 8.23 -8.24 58.91
N ARG F 44 7.88 -7.20 58.15
CA ARG F 44 8.85 -6.18 57.77
C ARG F 44 8.19 -4.81 57.67
N PRO F 45 8.50 -3.90 58.59
CA PRO F 45 7.96 -2.54 58.48
C PRO F 45 8.40 -1.88 57.18
N TRP F 46 7.51 -1.06 56.62
CA TRP F 46 7.77 -0.38 55.36
C TRP F 46 8.01 1.11 55.52
N ILE F 47 8.16 1.60 56.74
CA ILE F 47 8.47 3.00 56.96
C ILE F 47 9.89 3.09 57.47
N PRO F 48 10.85 3.44 56.63
CA PRO F 48 12.25 3.45 57.07
C PRO F 48 12.52 4.58 58.04
N GLY F 49 13.51 4.38 58.88
CA GLY F 49 13.99 5.41 59.77
C GLY F 49 14.97 6.33 59.06
N ALA F 50 15.52 7.27 59.84
CA ALA F 50 16.45 8.23 59.27
C ALA F 50 17.69 7.56 58.70
N GLU F 51 18.07 6.40 59.25
CA GLU F 51 19.26 5.69 58.80
C GLU F 51 18.97 4.71 57.68
N GLY F 52 17.70 4.55 57.28
CA GLY F 52 17.34 3.62 56.24
C GLY F 52 16.85 2.29 56.76
N TYR F 53 17.02 1.24 55.97
CA TYR F 53 16.66 -0.10 56.39
C TYR F 53 17.88 -0.84 56.93
N MET G 1 -22.95 27.22 48.87
CA MET G 1 -22.17 26.77 47.72
C MET G 1 -22.86 25.58 47.06
N TRP G 2 -24.04 25.24 47.57
CA TRP G 2 -24.84 24.17 46.98
C TRP G 2 -25.28 24.51 45.56
N ARG G 3 -25.26 25.79 45.18
CA ARG G 3 -25.68 26.21 43.85
C ARG G 3 -24.74 25.72 42.76
N MET G 4 -23.56 25.21 43.12
CA MET G 4 -22.64 24.69 42.12
C MET G 4 -23.28 23.60 41.29
N TRP G 5 -24.13 22.79 41.90
CA TRP G 5 -24.74 21.64 41.24
C TRP G 5 -25.93 22.02 40.39
N LYS G 6 -26.33 23.29 40.39
CA LYS G 6 -27.24 23.78 39.36
C LYS G 6 -26.50 24.24 38.10
N ILE G 7 -25.18 24.30 38.15
CA ILE G 7 -24.34 24.66 36.99
C ILE G 7 -23.65 23.42 36.43
N LEU G 8 -22.78 22.81 37.22
CA LEU G 8 -22.09 21.58 36.81
C LEU G 8 -22.92 20.38 37.21
N ASP G 9 -22.95 19.38 36.35
CA ASP G 9 -23.70 18.16 36.64
C ASP G 9 -23.00 17.37 37.74
N TYR G 10 -23.68 17.16 38.86
CA TYR G 10 -23.11 16.39 39.95
C TYR G 10 -22.90 14.94 39.56
N ARG G 11 -23.64 14.44 38.58
CA ARG G 11 -23.46 13.07 38.10
C ARG G 11 -22.06 12.88 37.51
N ARG G 12 -21.68 13.75 36.58
CA ARG G 12 -20.37 13.62 35.92
C ARG G 12 -19.23 14.10 36.81
N THR G 13 -19.46 15.11 37.63
CA THR G 13 -18.38 15.68 38.45
C THR G 13 -17.83 14.65 39.42
N VAL G 14 -18.71 13.84 40.03
CA VAL G 14 -18.26 12.85 41.00
C VAL G 14 -17.40 11.79 40.32
N VAL G 15 -17.86 11.29 39.18
CA VAL G 15 -17.08 10.28 38.45
C VAL G 15 -15.75 10.86 38.00
N LEU G 16 -15.76 12.08 37.46
CA LEU G 16 -14.52 12.71 37.02
C LEU G 16 -13.59 12.96 38.19
N ALA G 17 -14.14 13.30 39.36
CA ALA G 17 -13.32 13.52 40.54
C ALA G 17 -12.62 12.24 40.98
N HIS G 18 -13.36 11.13 41.02
CA HIS G 18 -12.75 9.88 41.48
C HIS G 18 -11.70 9.37 40.49
N VAL G 19 -11.96 9.49 39.19
CA VAL G 19 -10.96 9.10 38.21
C VAL G 19 -9.77 10.04 38.23
N GLY G 20 -10.03 11.35 38.29
CA GLY G 20 -8.95 12.32 38.28
C GLY G 20 -8.06 12.21 39.50
N MET G 21 -8.67 12.06 40.68
CA MET G 21 -7.87 11.92 41.89
C MET G 21 -7.19 10.56 41.95
N ALA G 22 -7.78 9.53 41.34
CA ALA G 22 -7.09 8.26 41.23
C ALA G 22 -5.79 8.42 40.46
N VAL G 23 -5.85 9.09 39.31
CA VAL G 23 -4.65 9.32 38.53
C VAL G 23 -3.66 10.19 39.29
N LEU G 24 -4.14 11.25 39.92
CA LEU G 24 -3.24 12.15 40.64
C LEU G 24 -2.55 11.45 41.80
N ALA G 25 -3.28 10.64 42.57
CA ALA G 25 -2.68 9.91 43.68
C ALA G 25 -1.63 8.93 43.19
N LEU G 26 -1.91 8.21 42.11
CA LEU G 26 -0.91 7.30 41.56
C LEU G 26 0.33 8.07 41.09
N LEU G 27 0.13 9.22 40.46
CA LEU G 27 1.25 10.01 39.99
C LEU G 27 2.13 10.46 41.15
N ILE G 28 1.52 10.92 42.24
CA ILE G 28 2.30 11.42 43.37
C ILE G 28 3.01 10.28 44.08
N HIS G 29 2.31 9.17 44.32
CA HIS G 29 2.96 8.01 44.93
C HIS G 29 4.14 7.54 44.08
N PHE G 30 3.96 7.45 42.76
CA PHE G 30 5.04 6.98 41.89
C PHE G 30 6.18 7.99 41.82
N ILE G 31 5.88 9.28 41.85
CA ILE G 31 6.93 10.29 41.88
C ILE G 31 7.76 10.16 43.15
N LEU G 32 7.09 9.95 44.28
CA LEU G 32 7.81 9.72 45.53
C LEU G 32 8.65 8.44 45.47
N LEU G 33 8.09 7.38 44.88
CA LEU G 33 8.83 6.13 44.74
C LEU G 33 10.09 6.31 43.89
N SER G 34 10.06 7.25 42.94
CA SER G 34 11.21 7.50 42.09
C SER G 34 12.30 8.32 42.78
N THR G 35 12.02 8.93 43.92
CA THR G 35 13.00 9.72 44.63
C THR G 35 13.83 8.84 45.56
N GLU G 36 15.00 9.34 45.94
CA GLU G 36 15.84 8.63 46.89
C GLU G 36 15.46 8.90 48.34
N ASN G 37 14.82 10.04 48.63
CA ASN G 37 14.51 10.39 50.00
C ASN G 37 13.12 9.94 50.46
N PHE G 38 12.20 9.69 49.53
CA PHE G 38 10.83 9.36 49.91
C PHE G 38 10.37 8.02 49.36
N ASN G 39 11.29 7.20 48.85
CA ASN G 39 10.95 5.85 48.40
C ASN G 39 10.93 4.96 49.64
N TRP G 40 9.75 4.80 50.22
CA TRP G 40 9.61 4.02 51.45
C TRP G 40 9.87 2.54 51.26
N LEU G 41 9.71 2.03 50.03
CA LEU G 41 10.04 0.64 49.78
C LEU G 41 11.53 0.42 49.69
N GLN G 42 12.26 1.36 49.07
CA GLN G 42 13.71 1.26 49.03
C GLN G 42 14.34 1.58 50.38
N GLY G 43 13.82 2.60 51.06
CA GLY G 43 14.30 2.94 52.39
C GLY G 43 15.73 3.43 52.46
N ASN G 44 16.10 4.36 51.58
CA ASN G 44 17.40 5.01 51.68
C ASN G 44 17.43 5.92 52.91
N PRO G 45 18.63 6.20 53.43
CA PRO G 45 18.73 7.15 54.54
C PRO G 45 18.29 8.54 54.12
N TYR G 46 17.70 9.26 55.07
CA TYR G 46 17.13 10.58 54.83
C TYR G 46 18.18 11.68 55.00
N ASN H 7 -32.76 22.39 35.45
CA ASN H 7 -33.10 20.97 35.41
C ASN H 7 -32.94 20.35 36.79
N VAL H 8 -32.30 21.10 37.69
CA VAL H 8 -32.04 20.65 39.05
C VAL H 8 -32.74 21.62 40.00
N SER H 9 -33.52 21.07 40.92
CA SER H 9 -34.22 21.90 41.87
C SER H 9 -33.27 22.35 42.99
N ASP H 10 -33.73 23.34 43.76
CA ASP H 10 -32.92 23.83 44.87
C ASP H 10 -32.68 22.75 45.91
N GLU H 11 -33.71 21.97 46.24
CA GLU H 11 -33.55 20.94 47.26
C GLU H 11 -32.66 19.81 46.77
N GLU H 12 -32.79 19.41 45.50
CA GLU H 12 -31.93 18.37 44.96
C GLU H 12 -30.47 18.78 44.96
N ALA H 13 -30.19 20.07 44.74
CA ALA H 13 -28.83 20.57 44.85
C ALA H 13 -28.34 20.54 46.28
N LYS H 14 -29.24 20.76 47.26
CA LYS H 14 -28.84 20.65 48.65
C LYS H 14 -28.43 19.22 48.98
N GLU H 15 -29.17 18.24 48.48
CA GLU H 15 -28.83 16.84 48.72
C GLU H 15 -27.50 16.48 48.09
N PHE H 16 -27.26 16.94 46.86
CA PHE H 16 -25.97 16.69 46.21
C PHE H 16 -24.83 17.31 46.99
N HIS H 17 -25.02 18.54 47.46
CA HIS H 17 -23.98 19.20 48.24
C HIS H 17 -23.79 18.54 49.59
N ALA H 18 -24.87 18.01 50.18
CA ALA H 18 -24.75 17.32 51.45
C ALA H 18 -23.85 16.09 51.33
N MET H 19 -24.05 15.30 50.28
CA MET H 19 -23.17 14.17 50.03
C MET H 19 -21.76 14.64 49.69
N PHE H 20 -21.65 15.72 48.92
CA PHE H 20 -20.33 16.26 48.60
C PHE H 20 -19.60 16.74 49.85
N SER H 21 -20.30 17.46 50.73
CA SER H 21 -19.64 17.99 51.92
C SER H 21 -19.17 16.88 52.85
N GLN H 22 -20.00 15.84 53.01
CA GLN H 22 -19.60 14.71 53.84
C GLN H 22 -18.38 14.01 53.26
N ALA H 23 -18.38 13.77 51.96
CA ALA H 23 -17.26 13.09 51.33
C ALA H 23 -16.02 13.96 51.31
N PHE H 24 -16.18 15.25 51.00
CA PHE H 24 -15.04 16.16 50.99
C PHE H 24 -14.40 16.27 52.37
N THR H 25 -15.23 16.35 53.41
CA THR H 25 -14.70 16.49 54.77
C THR H 25 -13.89 15.26 55.17
N VAL H 26 -14.42 14.06 54.90
CA VAL H 26 -13.70 12.84 55.24
C VAL H 26 -12.44 12.72 54.39
N TYR H 27 -12.53 13.04 53.11
CA TYR H 27 -11.37 12.92 52.23
C TYR H 27 -10.25 13.85 52.65
N ILE H 28 -10.57 15.12 52.91
CA ILE H 28 -9.55 16.09 53.30
C ILE H 28 -9.04 15.79 54.71
N GLY H 29 -9.93 15.39 55.61
CA GLY H 29 -9.50 15.06 56.96
C GLY H 29 -8.51 13.92 56.99
N VAL H 30 -8.74 12.88 56.18
CA VAL H 30 -7.76 11.81 56.06
C VAL H 30 -6.51 12.30 55.35
N ALA H 31 -6.66 13.18 54.37
CA ALA H 31 -5.50 13.74 53.69
C ALA H 31 -4.63 14.56 54.63
N VAL H 32 -5.26 15.38 55.48
CA VAL H 32 -4.49 16.19 56.43
C VAL H 32 -3.75 15.29 57.41
N VAL H 33 -4.43 14.27 57.94
CA VAL H 33 -3.77 13.34 58.86
C VAL H 33 -2.64 12.62 58.17
N ALA H 34 -2.85 12.20 56.92
CA ALA H 34 -1.79 11.53 56.17
C ALA H 34 -0.58 12.43 56.00
N HIS H 35 -0.81 13.72 55.76
CA HIS H 35 0.30 14.64 55.55
C HIS H 35 1.00 14.98 56.86
N ILE H 36 0.27 15.03 57.97
CA ILE H 36 0.93 15.20 59.27
C ILE H 36 1.83 14.00 59.54
N LEU H 37 1.33 12.81 59.31
CA LEU H 37 2.13 11.60 59.52
C LEU H 37 3.33 11.58 58.59
N ALA H 38 3.12 11.92 57.32
CA ALA H 38 4.23 11.94 56.37
C ALA H 38 5.28 12.96 56.77
N TRP H 39 4.86 14.12 57.27
CA TRP H 39 5.81 15.13 57.72
C TRP H 39 6.59 14.64 58.93
N ALA H 40 5.91 13.95 59.85
CA ALA H 40 6.62 13.38 60.99
C ALA H 40 7.65 12.35 60.55
N TRP H 41 7.38 11.65 59.45
CA TRP H 41 8.34 10.68 58.95
C TRP H 41 9.54 11.35 58.31
N ARG H 42 9.31 12.07 57.22
CA ARG H 42 10.38 12.77 56.51
C ARG H 42 9.85 14.07 55.92
N PRO H 43 10.20 15.22 56.51
CA PRO H 43 9.76 16.50 55.96
C PRO H 43 10.25 16.69 54.53
N TRP H 44 9.41 17.29 53.70
CA TRP H 44 9.68 17.42 52.28
C TRP H 44 10.04 18.83 51.85
N ILE H 45 10.32 19.72 52.79
CA ILE H 45 10.77 21.06 52.44
C ILE H 45 12.21 21.20 52.90
N PRO H 46 13.19 21.09 51.99
CA PRO H 46 14.59 21.10 52.41
C PRO H 46 15.03 22.48 52.89
N GLY H 47 16.04 22.47 53.75
CA GLY H 47 16.71 23.69 54.17
C GLY H 47 17.78 24.10 53.18
N ASP H 48 18.60 25.06 53.61
CA ASP H 48 19.66 25.55 52.73
C ASP H 48 20.67 24.46 52.40
N GLU H 49 20.95 23.58 53.37
CA GLU H 49 21.91 22.51 53.19
C GLU H 49 21.27 21.20 52.76
N GLY H 50 19.97 21.18 52.49
CA GLY H 50 19.29 19.98 52.07
C GLY H 50 18.40 19.40 53.15
N PHE H 51 18.24 18.09 53.16
CA PHE H 51 17.44 17.42 54.19
C PHE H 51 18.31 17.04 55.37
N MET I 1 -19.51 43.71 34.82
CA MET I 1 -18.81 42.55 34.28
C MET I 1 -19.69 41.31 34.36
N TRP I 2 -20.79 41.42 35.11
CA TRP I 2 -21.73 40.30 35.22
C TRP I 2 -22.39 39.97 33.88
N ARG I 3 -22.44 40.93 32.95
CA ARG I 3 -23.00 40.66 31.63
C ARG I 3 -22.19 39.64 30.85
N LEU I 4 -20.97 39.34 31.30
CA LEU I 4 -20.18 38.30 30.66
C LEU I 4 -20.89 36.95 30.70
N TRP I 5 -21.69 36.71 31.73
CA TRP I 5 -22.30 35.40 31.92
C TRP I 5 -23.57 35.21 31.09
N LYS I 6 -24.15 36.30 30.58
CA LYS I 6 -25.20 36.15 29.59
C LYS I 6 -24.61 35.82 28.21
N LEU I 7 -23.44 36.37 27.90
CA LEU I 7 -22.79 36.07 26.63
C LEU I 7 -22.25 34.65 26.59
N TYR I 8 -21.57 34.21 27.64
CA TYR I 8 -20.91 32.92 27.66
C TYR I 8 -21.60 31.99 28.65
N ASP I 9 -21.62 30.71 28.30
CA ASP I 9 -22.24 29.72 29.16
C ASP I 9 -21.42 29.56 30.44
N PRO I 10 -21.98 29.83 31.62
CA PRO I 10 -21.17 29.74 32.85
C PRO I 10 -20.57 28.37 33.09
N ARG I 11 -21.25 27.30 32.69
CA ARG I 11 -20.70 25.96 32.87
C ARG I 11 -19.46 25.74 32.00
N ARG I 12 -19.50 26.18 30.74
CA ARG I 12 -18.36 25.98 29.86
C ARG I 12 -17.18 26.84 30.27
N VAL I 13 -17.43 28.04 30.79
CA VAL I 13 -16.35 28.90 31.25
C VAL I 13 -15.67 28.30 32.47
N LEU I 14 -16.46 27.78 33.42
CA LEU I 14 -15.87 27.19 34.61
C LEU I 14 -15.01 25.98 34.27
N ILE I 15 -15.47 25.13 33.36
CA ILE I 15 -14.68 23.97 32.96
C ILE I 15 -13.42 24.41 32.22
N GLY I 16 -13.53 25.40 31.35
CA GLY I 16 -12.35 25.93 30.68
C GLY I 16 -11.36 26.54 31.66
N ILE I 17 -11.87 27.26 32.66
CA ILE I 17 -10.98 27.86 33.65
C ILE I 17 -10.33 26.77 34.51
N PHE I 18 -11.13 25.80 34.97
CA PHE I 18 -10.59 24.74 35.81
C PHE I 18 -9.60 23.88 35.03
N SER I 19 -9.89 23.61 33.76
CA SER I 19 -8.95 22.88 32.91
C SER I 19 -7.65 23.65 32.73
N TRP I 20 -7.76 24.96 32.49
CA TRP I 20 -6.57 25.79 32.38
C TRP I 20 -5.78 25.81 33.68
N LEU I 21 -6.48 25.95 34.81
CA LEU I 21 -5.80 26.00 36.10
C LEU I 21 -5.10 24.68 36.41
N ALA I 22 -5.77 23.56 36.14
CA ALA I 22 -5.16 22.26 36.41
C ALA I 22 -3.91 22.05 35.55
N VAL I 23 -3.99 22.40 34.27
CA VAL I 23 -2.83 22.27 33.40
C VAL I 23 -1.72 23.21 33.85
N LEU I 24 -2.07 24.46 34.16
CA LEU I 24 -1.04 25.43 34.54
C LEU I 24 -0.32 25.00 35.82
N ALA I 25 -1.07 24.55 36.83
CA ALA I 25 -0.45 24.14 38.08
C ALA I 25 0.48 22.96 37.88
N LEU I 26 0.07 21.99 37.06
CA LEU I 26 0.96 20.87 36.75
C LEU I 26 2.20 21.34 36.02
N VAL I 27 2.05 22.33 35.13
CA VAL I 27 3.21 22.85 34.41
C VAL I 27 4.19 23.52 35.38
N ILE I 28 3.68 24.37 36.26
CA ILE I 28 4.55 25.10 37.17
C ILE I 28 5.23 24.15 38.16
N HIS I 29 4.46 23.20 38.72
CA HIS I 29 5.04 22.28 39.70
C HIS I 29 6.16 21.44 39.08
N PHE I 30 5.95 20.95 37.86
CA PHE I 30 6.97 20.12 37.23
C PHE I 30 8.13 20.93 36.69
N ILE I 31 7.91 22.19 36.30
CA ILE I 31 9.03 23.07 35.97
C ILE I 31 9.91 23.27 37.20
N LEU I 32 9.29 23.47 38.36
CA LEU I 32 10.05 23.64 39.60
C LEU I 32 10.80 22.36 39.98
N LEU I 33 10.18 21.20 39.75
CA LEU I 33 10.84 19.94 40.07
C LEU I 33 12.08 19.72 39.21
N SER I 34 12.09 20.27 37.99
CA SER I 34 13.25 20.16 37.13
C SER I 34 14.40 21.07 37.54
N THR I 35 14.12 22.12 38.30
CA THR I 35 15.15 23.07 38.70
C THR I 35 16.00 22.51 39.82
N ASP I 36 17.25 22.98 39.90
CA ASP I 36 18.12 22.61 41.01
C ASP I 36 17.78 23.36 42.30
N ARG I 37 17.18 24.54 42.20
CA ARG I 37 16.89 25.33 43.38
C ARG I 37 15.53 25.01 44.00
N PHE I 38 14.51 24.74 43.20
CA PHE I 38 13.15 24.62 43.70
C PHE I 38 12.63 23.18 43.69
N ASN I 39 13.50 22.19 43.53
CA ASN I 39 13.08 20.79 43.55
C ASN I 39 13.03 20.34 45.01
N TRP I 40 11.84 20.39 45.60
CA TRP I 40 11.71 20.14 47.03
C TRP I 40 11.91 18.67 47.38
N VAL I 41 11.31 17.75 46.61
CA VAL I 41 11.45 16.33 46.96
C VAL I 41 12.84 15.81 46.64
N GLY I 42 13.58 16.48 45.77
CA GLY I 42 14.92 16.04 45.41
C GLY I 42 16.00 16.44 46.39
N GLY I 43 15.64 17.04 47.51
CA GLY I 43 16.62 17.49 48.48
C GLY I 43 17.52 18.60 47.98
N ALA I 44 16.94 19.61 47.34
CA ALA I 44 17.73 20.68 46.75
C ALA I 44 18.41 21.51 47.84
N ALA I 45 19.70 21.75 47.67
CA ALA I 45 20.49 22.56 48.60
C ALA I 45 20.96 23.81 47.88
N VAL I 46 20.77 24.97 48.52
CA VAL I 46 21.18 26.23 47.93
C VAL I 46 22.62 26.57 48.32
N LEU J 7 -27.53 35.32 23.22
CA LEU J 7 -27.08 35.12 24.59
C LEU J 7 -27.73 33.89 25.21
N THR J 8 -27.05 33.29 26.18
CA THR J 8 -27.56 32.10 26.84
C THR J 8 -28.77 32.45 27.71
N GLY J 9 -29.57 31.44 28.00
CA GLY J 9 -30.79 31.64 28.77
C GLY J 9 -30.53 31.91 30.23
N LEU J 10 -29.97 33.07 30.54
CA LEU J 10 -29.67 33.48 31.90
C LEU J 10 -30.22 34.88 32.13
N SER J 11 -30.93 35.05 33.24
CA SER J 11 -31.51 36.35 33.55
C SER J 11 -30.44 37.31 34.04
N ASP J 12 -30.79 38.59 34.12
CA ASP J 12 -29.89 39.57 34.72
C ASP J 12 -29.59 39.22 36.17
N GLU J 13 -30.59 38.72 36.89
CA GLU J 13 -30.40 38.39 38.29
C GLU J 13 -29.54 37.14 38.45
N GLU J 14 -29.78 36.13 37.61
CA GLU J 14 -28.95 34.92 37.66
C GLU J 14 -27.51 35.22 37.27
N ALA J 15 -27.31 36.07 36.25
CA ALA J 15 -25.96 36.47 35.88
C ALA J 15 -25.30 37.26 37.00
N LYS J 16 -26.06 38.14 37.65
CA LYS J 16 -25.51 38.89 38.78
C LYS J 16 -25.20 37.95 39.95
N GLU J 17 -26.06 36.96 40.19
CA GLU J 17 -25.81 36.03 41.28
C GLU J 17 -24.58 35.16 41.00
N PHE J 18 -24.43 34.69 39.75
CA PHE J 18 -23.24 33.93 39.40
C PHE J 18 -21.99 34.78 39.53
N HIS J 19 -22.05 36.04 39.08
CA HIS J 19 -20.87 36.88 39.09
C HIS J 19 -20.37 37.14 40.50
N SER J 20 -21.29 37.41 41.43
CA SER J 20 -20.88 37.65 42.82
C SER J 20 -20.21 36.42 43.42
N ILE J 21 -20.75 35.24 43.15
CA ILE J 21 -20.12 34.01 43.65
C ILE J 21 -18.82 33.74 42.91
N PHE J 22 -18.81 33.96 41.60
CA PHE J 22 -17.59 33.74 40.82
C PHE J 22 -16.45 34.62 41.33
N MET J 23 -16.74 35.90 41.57
CA MET J 23 -15.70 36.79 42.07
C MET J 23 -15.28 36.42 43.49
N GLN J 24 -16.24 36.03 44.34
CA GLN J 24 -15.90 35.60 45.69
C GLN J 24 -15.05 34.34 45.66
N SER J 25 -15.43 33.36 44.84
CA SER J 25 -14.64 32.13 44.73
C SER J 25 -13.27 32.42 44.14
N PHE J 26 -13.19 33.31 43.15
CA PHE J 26 -11.90 33.69 42.59
C PHE J 26 -11.00 34.34 43.64
N LEU J 27 -11.57 35.22 44.46
CA LEU J 27 -10.76 35.90 45.47
C LEU J 27 -10.27 34.93 46.54
N ILE J 28 -11.08 33.90 46.86
CA ILE J 28 -10.63 32.89 47.81
C ILE J 28 -9.53 32.03 47.19
N PHE J 29 -9.68 31.65 45.93
CA PHE J 29 -8.63 30.91 45.23
C PHE J 29 -7.35 31.73 45.18
N THR J 30 -7.47 33.02 44.91
CA THR J 30 -6.28 33.87 44.86
C THR J 30 -5.68 34.06 46.25
N ALA J 31 -6.53 34.24 47.28
CA ALA J 31 -6.03 34.45 48.63
C ALA J 31 -5.23 33.24 49.12
N VAL J 32 -5.73 32.03 48.85
CA VAL J 32 -4.97 30.83 49.18
C VAL J 32 -3.66 30.80 48.40
N ALA J 33 -3.71 31.17 47.12
CA ALA J 33 -2.50 31.22 46.32
C ALA J 33 -1.52 32.26 46.84
N VAL J 34 -2.03 33.43 47.25
CA VAL J 34 -1.16 34.47 47.78
C VAL J 34 -0.46 33.99 49.04
N VAL J 35 -1.21 33.37 49.95
CA VAL J 35 -0.59 32.81 51.16
C VAL J 35 0.40 31.73 50.80
N ALA J 36 0.06 30.88 49.83
CA ALA J 36 0.99 29.85 49.37
C ALA J 36 2.27 30.46 48.83
N HIS J 37 2.15 31.56 48.08
CA HIS J 37 3.33 32.21 47.53
C HIS J 37 4.16 32.88 48.62
N PHE J 38 3.50 33.46 49.63
CA PHE J 38 4.24 34.00 50.77
C PHE J 38 5.02 32.90 51.49
N LEU J 39 4.40 31.74 51.68
CA LEU J 39 5.11 30.61 52.27
C LEU J 39 6.25 30.15 51.39
N ALA J 40 6.01 30.05 50.07
CA ALA J 40 7.07 29.64 49.16
C ALA J 40 8.22 30.63 49.16
N TRP J 41 7.92 31.92 49.25
CA TRP J 41 8.98 32.92 49.33
C TRP J 41 9.81 32.75 50.60
N ALA J 42 9.15 32.47 51.73
CA ALA J 42 9.87 32.25 52.97
C ALA J 42 10.82 31.06 52.86
N TRP J 43 10.48 30.08 52.03
CA TRP J 43 11.39 28.95 51.81
C TRP J 43 12.55 29.36 50.90
N ARG J 44 12.25 29.67 49.63
CA ARG J 44 13.29 30.08 48.71
C ARG J 44 12.77 31.16 47.76
N PRO J 45 13.26 32.39 47.90
CA PRO J 45 12.88 33.44 46.95
C PRO J 45 13.27 33.09 45.53
N TRP J 46 12.43 33.51 44.59
CA TRP J 46 12.65 33.19 43.19
C TRP J 46 13.06 34.39 42.35
N ILE J 47 13.37 35.52 42.98
CA ILE J 47 13.86 36.68 42.26
C ILE J 47 15.33 36.87 42.61
N PRO J 48 16.25 36.47 41.76
CA PRO J 48 17.67 36.55 42.11
C PRO J 48 18.15 37.99 42.12
N GLY J 49 19.20 38.22 42.90
CA GLY J 49 19.86 39.51 42.91
C GLY J 49 20.86 39.63 41.78
N ALA J 50 21.58 40.76 41.79
CA ALA J 50 22.56 41.01 40.73
C ALA J 50 23.67 39.96 40.74
N GLU J 51 23.97 39.39 41.90
CA GLU J 51 25.02 38.39 42.03
C GLU J 51 24.52 36.98 41.77
N GLY J 52 23.23 36.79 41.52
CA GLY J 52 22.66 35.48 41.32
C GLY J 52 22.06 34.90 42.58
N TYR J 53 21.98 33.58 42.65
CA TYR J 53 21.49 32.91 43.85
C TYR J 53 22.64 32.56 44.78
N MET K 1 -15.30 54.72 20.63
CA MET K 1 -14.64 53.54 20.07
C MET K 1 -15.51 52.31 20.31
N TRP K 2 -16.66 52.52 20.94
CA TRP K 2 -17.64 51.46 21.13
C TRP K 2 -18.16 50.93 19.80
N ARG K 3 -18.02 51.68 18.71
CA ARG K 3 -18.47 51.25 17.40
C ARG K 3 -17.71 50.06 16.87
N MET K 4 -16.57 49.72 17.47
CA MET K 4 -15.80 48.56 17.04
C MET K 4 -16.64 47.29 17.10
N TRP K 5 -17.53 47.19 18.09
CA TRP K 5 -18.32 46.00 18.30
C TRP K 5 -19.53 45.92 17.38
N LYS K 6 -19.78 46.95 16.58
CA LYS K 6 -20.71 46.83 15.47
C LYS K 6 -20.05 46.29 14.20
N ILE K 7 -18.73 46.17 14.20
CA ILE K 7 -17.98 45.59 13.09
C ILE K 7 -17.50 44.18 13.44
N LEU K 8 -16.65 44.06 14.45
CA LEU K 8 -16.16 42.78 14.91
C LEU K 8 -17.08 42.22 15.98
N ASP K 9 -17.27 40.91 15.96
CA ASP K 9 -18.12 40.26 16.95
C ASP K 9 -17.41 40.23 18.30
N TYR K 10 -18.01 40.86 19.30
CA TYR K 10 -17.43 40.85 20.64
C TYR K 10 -17.39 39.45 21.22
N ARG K 11 -18.29 38.57 20.77
CA ARG K 11 -18.30 37.20 21.26
C ARG K 11 -17.01 36.48 20.92
N ARG K 12 -16.60 36.52 19.65
CA ARG K 12 -15.40 35.81 19.23
C ARG K 12 -14.14 36.56 19.62
N THR K 13 -14.17 37.90 19.58
CA THR K 13 -12.96 38.68 19.86
C THR K 13 -12.44 38.42 21.26
N VAL K 14 -13.33 38.32 22.24
CA VAL K 14 -12.91 38.10 23.62
C VAL K 14 -12.23 36.74 23.75
N VAL K 15 -12.84 35.70 23.18
CA VAL K 15 -12.24 34.37 23.26
C VAL K 15 -10.90 34.34 22.56
N LEU K 16 -10.82 34.94 21.37
CA LEU K 16 -9.56 34.98 20.64
C LEU K 16 -8.51 35.79 21.39
N ALA K 17 -8.94 36.84 22.09
CA ALA K 17 -8.00 37.64 22.87
C ALA K 17 -7.42 36.83 24.03
N HIS K 18 -8.26 36.10 24.76
CA HIS K 18 -7.76 35.34 25.91
C HIS K 18 -6.85 34.21 25.47
N VAL K 19 -7.21 33.51 24.40
CA VAL K 19 -6.34 32.44 23.90
C VAL K 19 -5.07 33.02 23.29
N GLY K 20 -5.20 34.08 22.50
CA GLY K 20 -4.04 34.68 21.88
C GLY K 20 -3.06 35.24 22.87
N MET K 21 -3.56 35.92 23.91
CA MET K 21 -2.68 36.45 24.93
C MET K 21 -2.13 35.34 25.83
N ALA K 22 -2.89 34.25 26.00
CA ALA K 22 -2.35 33.10 26.72
C ALA K 22 -1.13 32.54 26.01
N VAL K 23 -1.21 32.40 24.68
CA VAL K 23 -0.07 31.92 23.92
C VAL K 23 1.07 32.93 23.96
N LEU K 24 0.75 34.22 23.83
CA LEU K 24 1.79 35.25 23.83
C LEU K 24 2.52 35.31 25.17
N ALA K 25 1.77 35.25 26.28
CA ALA K 25 2.40 35.32 27.59
C ALA K 25 3.28 34.10 27.85
N LEU K 26 2.83 32.91 27.47
CA LEU K 26 3.66 31.72 27.62
C LEU K 26 4.93 31.84 26.80
N LEU K 27 4.81 32.34 25.56
CA LEU K 27 5.99 32.49 24.71
C LEU K 27 7.02 33.40 25.36
N ILE K 28 6.57 34.54 25.90
CA ILE K 28 7.50 35.51 26.46
C ILE K 28 8.12 34.98 27.75
N HIS K 29 7.33 34.35 28.60
CA HIS K 29 7.89 33.75 29.81
C HIS K 29 8.92 32.68 29.45
N PHE K 30 8.61 31.82 28.48
CA PHE K 30 9.55 30.77 28.09
C PHE K 30 10.79 31.34 27.42
N ILE K 31 10.62 32.40 26.61
CA ILE K 31 11.78 33.03 25.99
C ILE K 31 12.71 33.59 27.06
N LEU K 32 12.14 34.25 28.07
CA LEU K 32 12.95 34.76 29.17
C LEU K 32 13.61 33.61 29.94
N LEU K 33 12.88 32.51 30.12
CA LEU K 33 13.47 31.36 30.80
C LEU K 33 14.66 30.80 30.04
N SER K 34 14.65 30.91 28.70
CA SER K 34 15.75 30.41 27.90
C SER K 34 16.96 31.34 27.90
N THR K 35 16.83 32.56 28.40
CA THR K 35 17.96 33.47 28.46
C THR K 35 18.77 33.21 29.73
N GLU K 36 19.99 33.75 29.75
CA GLU K 36 20.82 33.65 30.94
C GLU K 36 20.64 34.82 31.89
N ASN K 37 20.20 35.97 31.39
CA ASN K 37 20.03 37.14 32.25
C ASN K 37 18.65 37.25 32.87
N PHE K 38 17.63 36.61 32.31
CA PHE K 38 16.27 36.78 32.79
C PHE K 38 15.63 35.48 33.21
N ASN K 39 16.39 34.41 33.36
CA ASN K 39 15.88 33.14 33.88
C ASN K 39 15.87 33.26 35.40
N TRP K 40 14.73 33.70 35.94
CA TRP K 40 14.61 33.91 37.38
C TRP K 40 14.67 32.60 38.16
N LEU K 41 14.35 31.47 37.53
CA LEU K 41 14.47 30.19 38.21
C LEU K 41 15.93 29.74 38.30
N GLN K 42 16.70 29.97 37.24
CA GLN K 42 18.13 29.64 37.28
C GLN K 42 18.90 30.63 38.14
N GLY K 43 18.58 31.92 38.02
CA GLY K 43 19.23 32.94 38.83
C GLY K 43 20.70 33.15 38.56
N ASN K 44 21.06 33.32 37.29
CA ASN K 44 22.43 33.67 36.94
C ASN K 44 22.71 35.12 37.34
N PRO K 45 23.98 35.48 37.55
CA PRO K 45 24.31 36.88 37.80
C PRO K 45 23.97 37.76 36.60
N TYR K 46 23.55 38.98 36.90
CA TYR K 46 23.10 39.91 35.88
C TYR K 46 24.25 40.73 35.30
N ASN L 7 -26.69 44.09 13.31
CA ASN L 7 -27.20 43.04 14.18
C ASN L 7 -26.98 43.39 15.64
N VAL L 8 -26.20 44.45 15.87
CA VAL L 8 -25.87 44.93 17.20
C VAL L 8 -26.36 46.36 17.33
N SER L 9 -27.12 46.64 18.38
CA SER L 9 -27.63 47.99 18.59
C SER L 9 -26.54 48.87 19.19
N ASP L 10 -26.79 50.18 19.17
CA ASP L 10 -25.82 51.13 19.71
C ASP L 10 -25.61 50.89 21.21
N GLU L 11 -26.69 50.67 21.95
CA GLU L 11 -26.57 50.48 23.40
C GLU L 11 -25.87 49.17 23.74
N GLU L 12 -26.16 48.11 22.99
CA GLU L 12 -25.49 46.84 23.22
C GLU L 12 -24.00 46.94 22.95
N ALA L 13 -23.60 47.75 21.97
CA ALA L 13 -22.18 48.01 21.73
C ALA L 13 -21.56 48.82 22.85
N LYS L 14 -22.32 49.72 23.47
CA LYS L 14 -21.82 50.44 24.64
C LYS L 14 -21.54 49.47 25.78
N GLU L 15 -22.43 48.51 26.00
CA GLU L 15 -22.24 47.54 27.08
C GLU L 15 -21.02 46.66 26.82
N PHE L 16 -20.85 46.20 25.57
CA PHE L 16 -19.66 45.42 25.25
C PHE L 16 -18.40 46.23 25.46
N HIS L 17 -18.40 47.48 25.03
CA HIS L 17 -17.23 48.33 25.21
C HIS L 17 -16.99 48.66 26.67
N ALA L 18 -18.07 48.78 27.46
CA ALA L 18 -17.91 49.05 28.89
C ALA L 18 -17.19 47.91 29.59
N MET L 19 -17.58 46.66 29.29
CA MET L 19 -16.87 45.51 29.82
C MET L 19 -15.45 45.46 29.30
N PHE L 20 -15.26 45.76 28.01
CA PHE L 20 -13.93 45.75 27.43
C PHE L 20 -13.03 46.80 28.09
N SER L 21 -13.54 48.01 28.29
CA SER L 21 -12.73 49.07 28.86
C SER L 21 -12.31 48.74 30.29
N GLN L 22 -13.22 48.17 31.08
CA GLN L 22 -12.87 47.77 32.44
C GLN L 22 -11.79 46.69 32.43
N ALA L 23 -11.94 45.69 31.57
CA ALA L 23 -10.96 44.62 31.51
C ALA L 23 -9.63 45.11 30.96
N PHE L 24 -9.67 45.92 29.90
CA PHE L 24 -8.44 46.44 29.31
C PHE L 24 -7.69 47.32 30.32
N THR L 25 -8.41 48.15 31.05
CA THR L 25 -7.76 49.03 32.02
C THR L 25 -7.07 48.23 33.11
N VAL L 26 -7.74 47.23 33.67
CA VAL L 26 -7.14 46.40 34.70
C VAL L 26 -5.99 45.58 34.13
N TYR L 27 -6.18 45.00 32.95
CA TYR L 27 -5.13 44.17 32.36
C TYR L 27 -3.87 44.98 32.11
N ILE L 28 -4.01 46.14 31.47
CA ILE L 28 -2.84 46.96 31.16
C ILE L 28 -2.26 47.55 32.43
N GLY L 29 -3.11 47.95 33.37
CA GLY L 29 -2.62 48.51 34.62
C GLY L 29 -1.75 47.53 35.40
N VAL L 30 -2.17 46.27 35.44
CA VAL L 30 -1.33 45.24 36.04
C VAL L 30 -0.09 44.99 35.19
N ALA L 31 -0.24 45.03 33.86
CA ALA L 31 0.90 44.83 32.98
C ALA L 31 1.94 45.92 33.16
N VAL L 32 1.49 47.17 33.28
CA VAL L 32 2.44 48.27 33.47
C VAL L 32 3.16 48.13 34.80
N VAL L 33 2.43 47.81 35.87
CA VAL L 33 3.05 47.63 37.17
C VAL L 33 4.04 46.47 37.14
N ALA L 34 3.68 45.39 36.43
CA ALA L 34 4.59 44.27 36.29
C ALA L 34 5.87 44.67 35.60
N HIS L 35 5.78 45.52 34.57
CA HIS L 35 6.98 45.91 33.84
C HIS L 35 7.83 46.87 34.64
N ILE L 36 7.22 47.73 35.46
CA ILE L 36 8.01 48.57 36.37
C ILE L 36 8.78 47.70 37.33
N LEU L 37 8.12 46.69 37.91
CA LEU L 37 8.80 45.77 38.81
C LEU L 37 9.90 44.99 38.09
N ALA L 38 9.61 44.51 36.88
CA ALA L 38 10.62 43.79 36.13
C ALA L 38 11.82 44.67 35.80
N TRP L 39 11.57 45.93 35.45
CA TRP L 39 12.66 46.85 35.17
C TRP L 39 13.49 47.11 36.42
N ALA L 40 12.84 47.27 37.58
CA ALA L 40 13.56 47.44 38.82
C ALA L 40 14.42 46.23 39.15
N TRP L 41 13.99 45.04 38.72
CA TRP L 41 14.77 43.84 38.96
C TRP L 41 15.98 43.79 38.03
N ARG L 42 15.75 43.68 36.74
CA ARG L 42 16.82 43.62 35.76
C ARG L 42 16.38 44.34 34.48
N PRO L 43 16.91 45.53 34.21
CA PRO L 43 16.56 46.22 32.96
C PRO L 43 16.94 45.38 31.75
N TRP L 44 16.09 45.43 30.73
CA TRP L 44 16.25 44.59 29.55
C TRP L 44 16.72 45.36 28.33
N ILE L 45 17.18 46.60 28.51
CA ILE L 45 17.75 47.36 27.40
C ILE L 45 19.23 47.55 27.67
N PRO L 46 20.10 46.80 27.00
CA PRO L 46 21.53 46.86 27.33
C PRO L 46 22.16 48.15 26.82
N GLY L 47 23.25 48.54 27.48
CA GLY L 47 24.07 49.63 27.04
C GLY L 47 25.11 49.16 26.04
N ASP L 48 26.06 50.05 25.75
CA ASP L 48 27.09 49.72 24.77
C ASP L 48 27.96 48.56 25.22
N GLU L 49 28.19 48.44 26.53
CA GLU L 49 29.02 47.37 27.07
C GLU L 49 28.21 46.18 27.55
N GLY L 50 26.91 46.17 27.33
CA GLY L 50 26.07 45.07 27.77
C GLY L 50 25.21 45.44 28.96
N PHE L 51 24.93 44.46 29.81
CA PHE L 51 24.13 44.70 31.01
C PHE L 51 25.02 45.04 32.20
N MET M 1 -11.21 58.13 -0.72
CA MET M 1 -10.70 56.82 -0.37
C MET M 1 -11.71 56.06 0.49
N TRP M 2 -12.71 56.79 0.98
CA TRP M 2 -13.75 56.16 1.80
C TRP M 2 -14.57 55.16 1.00
N ARG M 3 -14.60 55.29 -0.33
CA ARG M 3 -15.33 54.33 -1.16
C ARG M 3 -14.71 52.94 -1.10
N LEU M 4 -13.50 52.81 -0.57
CA LEU M 4 -12.88 51.50 -0.41
C LEU M 4 -13.73 50.58 0.46
N TRP M 5 -14.47 51.15 1.41
CA TRP M 5 -15.21 50.33 2.37
C TRP M 5 -16.56 49.87 1.84
N LYS M 6 -17.05 50.47 0.75
CA LYS M 6 -18.20 49.90 0.07
C LYS M 6 -17.80 48.69 -0.78
N LEU M 7 -16.60 48.72 -1.35
CA LEU M 7 -16.14 47.58 -2.15
C LEU M 7 -15.75 46.40 -1.28
N TYR M 8 -15.03 46.64 -0.19
CA TYR M 8 -14.50 45.58 0.65
C TYR M 8 -15.19 45.58 2.00
N ASP M 9 -15.38 44.38 2.54
CA ASP M 9 -16.03 44.23 3.84
C ASP M 9 -15.13 44.81 4.93
N PRO M 10 -15.56 45.83 5.67
CA PRO M 10 -14.68 46.43 6.69
C PRO M 10 -14.22 45.45 7.75
N ARG M 11 -15.05 44.46 8.09
CA ARG M 11 -14.62 43.46 9.07
C ARG M 11 -13.49 42.59 8.53
N ARG M 12 -13.59 42.14 7.28
CA ARG M 12 -12.57 41.26 6.74
C ARG M 12 -11.27 42.00 6.48
N VAL M 13 -11.34 43.29 6.14
CA VAL M 13 -10.12 44.07 5.96
C VAL M 13 -9.41 44.27 7.30
N LEU M 14 -10.17 44.55 8.36
CA LEU M 14 -9.56 44.72 9.67
C LEU M 14 -8.88 43.44 10.14
N ILE M 15 -9.50 42.29 9.90
CA ILE M 15 -8.89 41.03 10.29
C ILE M 15 -7.62 40.78 9.48
N GLY M 16 -7.66 41.03 8.17
CA GLY M 16 -6.48 40.87 7.37
C GLY M 16 -5.34 41.78 7.78
N ILE M 17 -5.66 43.04 8.08
CA ILE M 17 -4.64 43.99 8.51
C ILE M 17 -4.06 43.57 9.87
N PHE M 18 -4.94 43.27 10.82
CA PHE M 18 -4.48 42.89 12.15
C PHE M 18 -3.69 41.59 12.10
N SER M 19 -4.12 40.64 11.27
CA SER M 19 -3.34 39.42 11.08
C SER M 19 -1.98 39.72 10.46
N TRP M 20 -1.95 40.58 9.44
CA TRP M 20 -0.68 40.97 8.83
C TRP M 20 0.22 41.67 9.82
N LEU M 21 -0.34 42.58 10.62
CA LEU M 21 0.47 43.32 11.59
C LEU M 21 1.03 42.40 12.65
N ALA M 22 0.23 41.47 13.15
CA ALA M 22 0.72 40.54 14.15
C ALA M 22 1.84 39.67 13.61
N VAL M 23 1.69 39.19 12.38
CA VAL M 23 2.74 38.39 11.77
C VAL M 23 3.98 39.23 11.54
N LEU M 24 3.81 40.45 11.01
CA LEU M 24 4.97 41.29 10.70
C LEU M 24 5.74 41.66 11.95
N ALA M 25 5.04 42.01 13.04
CA ALA M 25 5.72 42.39 14.28
C ALA M 25 6.49 41.20 14.86
N LEU M 26 5.91 40.01 14.81
CA LEU M 26 6.63 38.83 15.27
C LEU M 26 7.85 38.56 14.42
N VAL M 27 7.73 38.73 13.10
CA VAL M 27 8.86 38.53 12.22
C VAL M 27 9.98 39.51 12.53
N ILE M 28 9.64 40.78 12.73
CA ILE M 28 10.67 41.79 12.97
C ILE M 28 11.33 41.57 14.33
N HIS M 29 10.54 41.33 15.37
CA HIS M 29 11.10 41.15 16.71
C HIS M 29 12.07 39.96 16.75
N PHE M 30 11.69 38.85 16.13
CA PHE M 30 12.56 37.67 16.15
C PHE M 30 13.74 37.81 15.21
N ILE M 31 13.61 38.56 14.12
CA ILE M 31 14.78 38.88 13.30
C ILE M 31 15.79 39.67 14.13
N LEU M 32 15.30 40.63 14.91
CA LEU M 32 16.18 41.42 15.78
C LEU M 32 16.82 40.55 16.85
N LEU M 33 16.06 39.64 17.46
CA LEU M 33 16.61 38.78 18.49
C LEU M 33 17.73 37.89 17.95
N SER M 34 17.69 37.56 16.67
CA SER M 34 18.73 36.75 16.06
C SER M 34 20.01 37.54 15.76
N THR M 35 19.93 38.87 15.71
CA THR M 35 21.09 39.69 15.41
C THR M 35 21.98 39.81 16.65
N ASP M 36 23.27 40.06 16.40
CA ASP M 36 24.19 40.35 17.49
C ASP M 36 24.01 41.76 18.04
N ARG M 37 23.56 42.70 17.21
CA ARG M 37 23.49 44.09 17.62
C ARG M 37 22.18 44.44 18.33
N PHE M 38 21.05 43.87 17.90
CA PHE M 38 19.75 44.28 18.39
C PHE M 38 19.08 43.26 19.30
N ASN M 39 19.81 42.23 19.74
CA ASN M 39 19.26 41.24 20.65
C ASN M 39 19.27 41.82 22.06
N TRP M 40 18.12 42.38 22.48
CA TRP M 40 18.11 43.14 23.74
C TRP M 40 18.15 42.23 24.96
N VAL M 41 17.40 41.13 24.96
CA VAL M 41 17.40 40.26 26.13
C VAL M 41 18.69 39.45 26.23
N GLY M 42 19.44 39.32 25.14
CA GLY M 42 20.68 38.59 25.14
C GLY M 42 21.87 39.35 25.67
N GLY M 43 21.68 40.58 26.14
CA GLY M 43 22.79 41.37 26.62
C GLY M 43 23.76 41.78 25.53
N ALA M 44 23.26 42.22 24.39
CA ALA M 44 24.11 42.54 23.26
C ALA M 44 24.97 43.76 23.55
N ALA M 45 26.27 43.66 23.29
CA ALA M 45 27.21 44.74 23.48
C ALA M 45 27.75 45.19 22.13
N VAL M 46 27.75 46.50 21.90
CA VAL M 46 28.24 47.04 20.64
C VAL M 46 29.74 47.29 20.72
N LEU N 7 -21.23 45.60 -4.40
CA LEU N 7 -20.64 46.20 -3.22
C LEU N 7 -21.35 45.73 -1.96
N THR N 8 -20.66 45.81 -0.83
CA THR N 8 -21.22 45.39 0.45
C THR N 8 -22.30 46.37 0.91
N GLY N 9 -23.16 45.88 1.80
CA GLY N 9 -24.28 46.67 2.28
C GLY N 9 -23.86 47.75 3.25
N LEU N 10 -23.16 48.76 2.75
CA LEU N 10 -22.70 49.89 3.56
C LEU N 10 -23.07 51.17 2.85
N SER N 11 -23.69 52.10 3.58
CA SER N 11 -24.08 53.36 2.99
C SER N 11 -22.86 54.26 2.79
N ASP N 12 -23.06 55.32 1.99
CA ASP N 12 -22.01 56.33 1.84
C ASP N 12 -21.63 56.92 3.19
N GLU N 13 -22.61 57.08 4.08
CA GLU N 13 -22.34 57.69 5.37
C GLU N 13 -21.60 56.72 6.29
N GLU N 14 -22.00 55.44 6.31
CA GLU N 14 -21.30 54.45 7.12
C GLU N 14 -19.87 54.25 6.61
N ALA N 15 -19.69 54.20 5.30
CA ALA N 15 -18.34 54.09 4.74
C ALA N 15 -17.51 55.30 5.10
N LYS N 16 -18.11 56.50 5.04
CA LYS N 16 -17.39 57.71 5.44
C LYS N 16 -17.07 57.70 6.93
N GLU N 17 -18.00 57.19 7.75
CA GLU N 17 -17.76 57.14 9.19
C GLU N 17 -16.67 56.12 9.53
N PHE N 18 -16.69 54.96 8.88
CA PHE N 18 -15.63 53.99 9.10
C PHE N 18 -14.28 54.54 8.67
N HIS N 19 -14.24 55.22 7.52
CA HIS N 19 -12.97 55.70 6.99
C HIS N 19 -12.32 56.71 7.92
N SER N 20 -13.11 57.64 8.47
CA SER N 20 -12.54 58.64 9.37
C SER N 20 -11.97 57.99 10.62
N ILE N 21 -12.66 57.00 11.17
CA ILE N 21 -12.13 56.28 12.33
C ILE N 21 -10.94 55.43 11.93
N PHE N 22 -11.01 54.78 10.76
CA PHE N 22 -9.90 53.96 10.29
C PHE N 22 -8.63 54.80 10.14
N MET N 23 -8.76 55.98 9.54
CA MET N 23 -7.60 56.85 9.39
C MET N 23 -7.11 57.36 10.74
N GLN N 24 -8.04 57.73 11.63
CA GLN N 24 -7.63 58.18 12.97
C GLN N 24 -6.92 57.07 13.72
N SER N 25 -7.47 55.85 13.67
CA SER N 25 -6.83 54.72 14.33
C SER N 25 -5.47 54.41 13.71
N PHE N 26 -5.38 54.49 12.38
CA PHE N 26 -4.11 54.26 11.72
C PHE N 26 -3.06 55.29 12.14
N LEU N 27 -3.45 56.56 12.22
CA LEU N 27 -2.50 57.60 12.60
C LEU N 27 -2.01 57.42 14.02
N ILE N 28 -2.90 56.98 14.92
CA ILE N 28 -2.49 56.73 16.30
C ILE N 28 -1.56 55.53 16.37
N PHE N 29 -1.88 54.46 15.64
CA PHE N 29 -0.99 53.31 15.58
C PHE N 29 0.36 53.69 15.01
N THR N 30 0.37 54.52 13.97
CA THR N 30 1.64 54.96 13.39
C THR N 30 2.39 55.89 14.34
N ALA N 31 1.67 56.78 15.03
CA ALA N 31 2.31 57.70 15.96
C ALA N 31 3.01 56.95 17.09
N VAL N 32 2.35 55.91 17.63
CA VAL N 32 3.00 55.09 18.64
C VAL N 32 4.21 54.39 18.06
N ALA N 33 4.10 53.87 16.84
CA ALA N 33 5.22 53.22 16.19
C ALA N 33 6.35 54.21 15.91
N VAL N 34 6.01 55.43 15.52
CA VAL N 34 7.03 56.45 15.27
C VAL N 34 7.78 56.77 16.55
N VAL N 35 7.05 56.94 17.66
CA VAL N 35 7.70 57.19 18.95
C VAL N 35 8.56 55.99 19.35
N ALA N 36 8.03 54.78 19.14
CA ALA N 36 8.80 53.58 19.45
C ALA N 36 10.08 53.51 18.63
N HIS N 37 10.02 53.96 17.37
CA HIS N 37 11.21 53.95 16.53
C HIS N 37 12.19 55.03 16.94
N PHE N 38 11.70 56.20 17.35
CA PHE N 38 12.58 57.22 17.89
C PHE N 38 13.29 56.73 19.15
N LEU N 39 12.56 56.04 20.02
CA LEU N 39 13.17 55.46 21.21
C LEU N 39 14.18 54.38 20.84
N ALA N 40 13.85 53.54 19.85
CA ALA N 40 14.76 52.49 19.44
C ALA N 40 16.01 53.06 18.79
N TRP N 41 15.87 54.16 18.06
CA TRP N 41 17.03 54.81 17.46
C TRP N 41 17.97 55.34 18.54
N ALA N 42 17.41 55.92 19.61
CA ALA N 42 18.23 56.40 20.71
C ALA N 42 19.01 55.26 21.35
N TRP N 43 18.47 54.05 21.35
CA TRP N 43 19.20 52.91 21.88
C TRP N 43 20.31 52.49 20.91
N ARG N 44 19.93 52.02 19.73
CA ARG N 44 20.93 51.58 18.74
C ARG N 44 20.45 51.90 17.34
N PRO N 45 21.08 52.85 16.66
CA PRO N 45 20.72 53.14 15.26
C PRO N 45 20.95 51.92 14.38
N TRP N 46 20.07 51.77 13.40
CA TRP N 46 20.11 50.62 12.51
C TRP N 46 20.59 50.97 11.11
N ILE N 47 21.11 52.17 10.89
CA ILE N 47 21.66 52.55 9.60
C ILE N 47 23.16 52.69 9.77
N PRO N 48 23.94 51.70 9.36
CA PRO N 48 25.39 51.77 9.58
C PRO N 48 26.03 52.82 8.69
N GLY N 49 27.18 53.32 9.15
CA GLY N 49 27.98 54.22 8.35
C GLY N 49 28.88 53.45 7.40
N ALA N 50 29.73 54.21 6.71
CA ALA N 50 30.65 53.60 5.75
C ALA N 50 31.62 52.65 6.42
N GLU N 51 31.98 52.92 7.68
CA GLU N 51 32.89 52.07 8.43
C GLU N 51 32.19 50.90 9.10
N GLY N 52 30.87 50.84 9.03
CA GLY N 52 30.12 49.78 9.68
C GLY N 52 29.59 50.20 11.04
N TYR N 53 29.40 49.22 11.92
CA TYR N 53 28.98 49.50 13.28
C TYR N 53 30.18 49.58 14.22
N MET O 1 -7.11 57.08 -18.42
CA MET O 1 -6.68 55.71 -18.18
C MET O 1 -7.66 55.01 -17.23
N TRP O 2 -8.74 55.72 -16.91
CA TRP O 2 -9.80 55.14 -16.10
C TRP O 2 -10.48 53.97 -16.81
N ARG O 3 -10.33 53.88 -18.13
CA ARG O 3 -10.95 52.81 -18.90
C ARG O 3 -10.38 51.43 -18.57
N MET O 4 -9.25 51.37 -17.87
CA MET O 4 -8.68 50.09 -17.49
C MET O 4 -9.65 49.29 -16.63
N TRP O 5 -10.41 49.98 -15.79
CA TRP O 5 -11.33 49.31 -14.87
C TRP O 5 -12.61 48.86 -15.54
N LYS O 6 -12.82 49.20 -16.80
CA LYS O 6 -13.85 48.55 -17.60
C LYS O 6 -13.37 47.24 -18.22
N ILE O 7 -12.06 46.97 -18.17
CA ILE O 7 -11.49 45.73 -18.68
C ILE O 7 -11.15 44.83 -17.52
N LEU O 8 -10.23 45.28 -16.66
CA LEU O 8 -9.82 44.54 -15.49
C LEU O 8 -10.71 44.90 -14.31
N ASP O 9 -11.03 43.90 -13.49
CA ASP O 9 -11.85 44.13 -12.32
C ASP O 9 -11.03 44.83 -11.24
N TYR O 10 -11.48 46.03 -10.84
CA TYR O 10 -10.79 46.76 -9.80
C TYR O 10 -10.88 46.04 -8.45
N ARG O 11 -11.89 45.22 -8.25
CA ARG O 11 -12.02 44.45 -7.01
C ARG O 11 -10.82 43.51 -6.83
N ARG O 12 -10.54 42.69 -7.85
CA ARG O 12 -9.46 41.72 -7.75
C ARG O 12 -8.10 42.36 -7.91
N THR O 13 -7.98 43.40 -8.74
CA THR O 13 -6.68 43.99 -9.01
C THR O 13 -6.06 44.59 -7.76
N VAL O 14 -6.88 45.26 -6.94
CA VAL O 14 -6.37 45.89 -5.73
C VAL O 14 -5.84 44.84 -4.76
N VAL O 15 -6.62 43.77 -4.55
CA VAL O 15 -6.20 42.71 -3.65
C VAL O 15 -4.92 42.04 -4.16
N LEU O 16 -4.88 41.74 -5.46
CA LEU O 16 -3.70 41.12 -6.04
C LEU O 16 -2.50 42.04 -5.96
N ALA O 17 -2.72 43.35 -6.13
CA ALA O 17 -1.63 44.30 -6.05
C ALA O 17 -1.03 44.34 -4.64
N HIS O 18 -1.88 44.36 -3.61
CA HIS O 18 -1.37 44.44 -2.25
C HIS O 18 -0.64 43.16 -1.86
N VAL O 19 -1.16 42.00 -2.26
CA VAL O 19 -0.48 40.75 -1.98
C VAL O 19 0.81 40.64 -2.80
N GLY O 20 0.73 40.97 -4.08
CA GLY O 20 1.90 40.85 -4.94
C GLY O 20 3.03 41.79 -4.53
N MET O 21 2.69 43.02 -4.14
CA MET O 21 3.71 43.94 -3.67
C MET O 21 4.21 43.55 -2.28
N ALA O 22 3.35 42.92 -1.46
CA ALA O 22 3.82 42.42 -0.18
C ALA O 22 4.91 41.38 -0.37
N VAL O 23 4.69 40.44 -1.29
CA VAL O 23 5.70 39.44 -1.59
C VAL O 23 6.93 40.08 -2.19
N LEU O 24 6.75 41.05 -3.09
CA LEU O 24 7.89 41.69 -3.74
C LEU O 24 8.73 42.47 -2.75
N ALA O 25 8.09 43.25 -1.86
CA ALA O 25 8.84 44.02 -0.88
C ALA O 25 9.62 43.11 0.06
N LEU O 26 8.99 42.04 0.53
CA LEU O 26 9.70 41.10 1.40
C LEU O 26 10.89 40.46 0.68
N LEU O 27 10.71 40.11 -0.59
CA LEU O 27 11.80 39.51 -1.35
C LEU O 27 12.98 40.47 -1.46
N ILE O 28 12.72 41.73 -1.76
CA ILE O 28 13.81 42.70 -1.93
C ILE O 28 14.49 42.98 -0.61
N HIS O 29 13.71 43.18 0.46
CA HIS O 29 14.30 43.40 1.77
C HIS O 29 15.17 42.22 2.18
N PHE O 30 14.70 40.98 1.95
CA PHE O 30 15.48 39.81 2.32
C PHE O 30 16.70 39.64 1.43
N ILE O 31 16.58 39.96 0.14
CA ILE O 31 17.75 39.91 -0.74
C ILE O 31 18.81 40.88 -0.26
N LEU O 32 18.41 42.09 0.12
CA LEU O 32 19.37 43.05 0.66
C LEU O 32 19.96 42.57 1.98
N LEU O 33 19.15 41.94 2.83
CA LEU O 33 19.66 41.38 4.08
C LEU O 33 20.70 40.30 3.82
N SER O 34 20.60 39.58 2.70
CA SER O 34 21.55 38.53 2.38
C SER O 34 22.86 39.06 1.81
N THR O 35 22.93 40.33 1.45
CA THR O 35 24.15 40.92 0.94
C THR O 35 25.03 41.41 2.08
N GLU O 36 26.31 41.62 1.77
CA GLU O 36 27.22 42.17 2.76
C GLU O 36 27.22 43.69 2.76
N ASN O 37 26.87 44.33 1.64
CA ASN O 37 26.92 45.79 1.57
C ASN O 37 25.62 46.46 1.96
N PHE O 38 24.50 45.73 1.97
CA PHE O 38 23.21 46.37 2.23
C PHE O 38 22.45 45.73 3.37
N ASN O 39 23.09 44.88 4.15
CA ASN O 39 22.49 44.30 5.35
C ASN O 39 22.62 45.34 6.46
N TRP O 40 21.60 46.19 6.59
CA TRP O 40 21.63 47.26 7.59
C TRP O 40 21.63 46.74 9.01
N LEU O 41 21.13 45.53 9.24
CA LEU O 41 21.17 44.96 10.58
C LEU O 41 22.57 44.46 10.93
N GLN O 42 23.26 43.85 9.97
CA GLN O 42 24.64 43.42 10.21
C GLN O 42 25.59 44.61 10.23
N GLY O 43 25.42 45.55 9.32
CA GLY O 43 26.25 46.74 9.27
C GLY O 43 27.70 46.51 8.94
N ASN O 44 27.97 45.77 7.87
CA ASN O 44 29.33 45.61 7.39
C ASN O 44 29.81 46.94 6.77
N PRO O 45 31.13 47.15 6.73
CA PRO O 45 31.65 48.36 6.06
C PRO O 45 31.33 48.35 4.57
N TYR O 46 31.05 49.53 4.04
CA TYR O 46 30.63 49.69 2.66
C TYR O 46 31.83 49.85 1.72
N ASN P 7 -20.22 46.02 -17.58
CA ASN P 7 -20.76 45.84 -16.23
C ASN P 7 -20.39 47.01 -15.33
N VAL P 8 -19.45 47.83 -15.79
CA VAL P 8 -18.96 49.00 -15.06
C VAL P 8 -19.27 50.23 -15.88
N SER P 9 -19.92 51.21 -15.24
CA SER P 9 -20.25 52.44 -15.93
C SER P 9 -19.02 53.34 -16.03
N ASP P 10 -19.11 54.35 -16.90
CA ASP P 10 -17.99 55.27 -17.07
C ASP P 10 -17.68 56.01 -15.77
N GLU P 11 -18.71 56.45 -15.06
CA GLU P 11 -18.48 57.19 -13.82
C GLU P 11 -17.92 56.30 -12.72
N GLU P 12 -18.39 55.04 -12.65
CA GLU P 12 -17.87 54.12 -11.66
C GLU P 12 -16.39 53.83 -11.89
N ALA P 13 -15.98 53.77 -13.16
CA ALA P 13 -14.57 53.61 -13.48
C ALA P 13 -13.77 54.85 -13.12
N LYS P 14 -14.36 56.04 -13.24
CA LYS P 14 -13.68 57.25 -12.83
C LYS P 14 -13.39 57.23 -11.33
N GLU P 15 -14.36 56.75 -10.53
CA GLU P 15 -14.18 56.69 -9.09
C GLU P 15 -13.11 55.68 -8.71
N PHE P 16 -13.09 54.52 -9.38
CA PHE P 16 -12.04 53.54 -9.12
C PHE P 16 -10.67 54.12 -9.45
N HIS P 17 -10.55 54.79 -10.61
CA HIS P 17 -9.27 55.37 -11.00
C HIS P 17 -8.88 56.51 -10.08
N ALA P 18 -9.85 57.25 -9.55
CA ALA P 18 -9.53 58.32 -8.60
C ALA P 18 -8.90 57.76 -7.34
N MET P 19 -9.47 56.67 -6.81
CA MET P 19 -8.86 56.00 -5.66
C MET P 19 -7.50 55.41 -6.04
N PHE P 20 -7.41 54.81 -7.23
CA PHE P 20 -6.14 54.25 -7.68
C PHE P 20 -5.08 55.32 -7.81
N SER P 21 -5.42 56.46 -8.43
CA SER P 21 -4.44 57.50 -8.68
C SER P 21 -3.92 58.09 -7.37
N GLN P 22 -4.81 58.29 -6.40
CA GLN P 22 -4.39 58.79 -5.10
C GLN P 22 -3.45 57.80 -4.41
N ALA P 23 -3.84 56.53 -4.37
CA ALA P 23 -2.99 55.53 -3.72
C ALA P 23 -1.68 55.34 -4.46
N PHE P 24 -1.73 55.31 -5.79
CA PHE P 24 -0.50 55.16 -6.58
C PHE P 24 0.44 56.33 -6.36
N THR P 25 -0.10 57.55 -6.33
CA THR P 25 0.74 58.73 -6.15
C THR P 25 1.43 58.71 -4.79
N VAL P 26 0.68 58.41 -3.73
CA VAL P 26 1.28 58.35 -2.40
C VAL P 26 2.29 57.22 -2.33
N TYR P 27 1.96 56.06 -2.89
CA TYR P 27 2.86 54.92 -2.84
C TYR P 27 4.18 55.22 -3.54
N ILE P 28 4.10 55.71 -4.78
CA ILE P 28 5.32 55.98 -5.53
C ILE P 28 6.09 57.15 -4.92
N GLY P 29 5.38 58.16 -4.43
CA GLY P 29 6.04 59.28 -3.79
C GLY P 29 6.86 58.87 -2.58
N VAL P 30 6.29 57.99 -1.75
CA VAL P 30 7.04 57.45 -0.63
C VAL P 30 8.17 56.56 -1.12
N ALA P 31 7.91 55.77 -2.17
CA ALA P 31 8.94 54.90 -2.72
C ALA P 31 10.11 55.71 -3.27
N VAL P 32 9.82 56.81 -3.96
CA VAL P 32 10.90 57.65 -4.49
C VAL P 32 11.72 58.24 -3.35
N VAL P 33 11.04 58.75 -2.32
CA VAL P 33 11.76 59.33 -1.18
C VAL P 33 12.60 58.27 -0.48
N ALA P 34 12.07 57.05 -0.36
CA ALA P 34 12.82 55.95 0.23
C ALA P 34 14.08 55.66 -0.58
N HIS P 35 13.98 55.69 -1.90
CA HIS P 35 15.13 55.36 -2.74
C HIS P 35 16.16 56.47 -2.73
N ILE P 36 15.72 57.74 -2.65
CA ILE P 36 16.68 58.83 -2.47
C ILE P 36 17.43 58.65 -1.16
N LEU P 37 16.71 58.34 -0.08
CA LEU P 37 17.35 58.11 1.20
C LEU P 37 18.29 56.91 1.15
N ALA P 38 17.86 55.82 0.51
CA ALA P 38 18.72 54.65 0.39
C ALA P 38 19.97 54.97 -0.43
N TRP P 39 19.82 55.78 -1.48
CA TRP P 39 20.98 56.16 -2.29
C TRP P 39 21.95 57.03 -1.49
N ALA P 40 21.42 57.96 -0.68
CA ALA P 40 22.27 58.76 0.17
C ALA P 40 23.02 57.90 1.18
N TRP P 41 22.42 56.78 1.60
CA TRP P 41 23.08 55.89 2.54
C TRP P 41 24.18 55.09 1.85
N ARG P 42 23.80 54.21 0.93
CA ARG P 42 24.77 53.40 0.20
C ARG P 42 24.32 53.21 -1.24
N PRO P 43 24.95 53.87 -2.20
CA PRO P 43 24.58 53.66 -3.60
C PRO P 43 24.74 52.21 -4.02
N TRP P 44 23.81 51.73 -4.85
CA TRP P 44 23.76 50.33 -5.24
C TRP P 44 24.22 50.09 -6.67
N ILE P 45 24.83 51.08 -7.30
CA ILE P 45 25.38 50.89 -8.64
C ILE P 45 26.90 50.97 -8.55
N PRO P 46 27.60 49.84 -8.54
CA PRO P 46 29.05 49.88 -8.35
C PRO P 46 29.77 50.48 -9.54
N GLY P 47 30.94 51.06 -9.27
CA GLY P 47 31.83 51.52 -10.30
C GLY P 47 32.71 50.40 -10.81
N ASP P 48 33.71 50.78 -11.62
CA ASP P 48 34.59 49.79 -12.20
C ASP P 48 35.36 49.03 -11.13
N GLU P 49 35.69 49.68 -10.02
CA GLU P 49 36.43 49.06 -8.94
C GLU P 49 35.54 48.60 -7.79
N GLY P 50 34.23 48.63 -7.96
CA GLY P 50 33.32 48.20 -6.92
C GLY P 50 32.64 49.36 -6.22
N PHE P 51 32.31 49.17 -4.95
CA PHE P 51 31.70 50.22 -4.15
C PHE P 51 32.75 51.08 -3.47
N MET Q 1 -4.62 45.80 -37.23
CA MET Q 1 -4.24 44.91 -36.13
C MET Q 1 -5.24 45.02 -34.99
N TRP Q 2 -6.11 46.02 -35.06
CA TRP Q 2 -7.14 46.18 -34.03
C TRP Q 2 -8.14 45.03 -34.03
N ARG Q 3 -8.27 44.31 -35.15
CA ARG Q 3 -9.16 43.15 -35.20
C ARG Q 3 -8.71 42.03 -34.28
N LEU Q 4 -7.48 42.10 -33.77
CA LEU Q 4 -7.00 41.10 -32.82
C LEU Q 4 -7.85 41.06 -31.57
N TRP Q 5 -8.45 42.19 -31.19
CA TRP Q 5 -9.18 42.27 -29.94
C TRP Q 5 -10.61 41.77 -30.05
N LYS Q 6 -11.13 41.64 -31.27
CA LYS Q 6 -12.38 40.93 -31.46
C LYS Q 6 -12.20 39.42 -31.36
N LEU Q 7 -11.06 38.91 -31.83
CA LEU Q 7 -10.78 37.49 -31.74
C LEU Q 7 -10.45 37.07 -30.32
N TYR Q 8 -9.62 37.83 -29.62
CA TYR Q 8 -9.14 37.46 -28.30
C TYR Q 8 -9.70 38.41 -27.25
N ASP Q 9 -9.99 37.87 -26.08
CA ASP Q 9 -10.52 38.66 -24.99
C ASP Q 9 -9.47 39.63 -24.49
N PRO Q 10 -9.70 40.95 -24.55
CA PRO Q 10 -8.66 41.90 -24.13
C PRO Q 10 -8.22 41.73 -22.69
N ARG Q 11 -9.10 41.31 -21.79
CA ARG Q 11 -8.71 41.12 -20.39
C ARG Q 11 -7.76 39.94 -20.26
N ARG Q 12 -8.06 38.81 -20.92
CA ARG Q 12 -7.19 37.64 -20.80
C ARG Q 12 -5.84 37.89 -21.44
N VAL Q 13 -5.81 38.63 -22.55
CA VAL Q 13 -4.54 38.94 -23.21
C VAL Q 13 -3.68 39.83 -22.30
N LEU Q 14 -4.29 40.84 -21.66
CA LEU Q 14 -3.53 41.72 -20.79
C LEU Q 14 -2.94 40.97 -19.61
N ILE Q 15 -3.70 40.05 -19.02
CA ILE Q 15 -3.19 39.27 -17.91
C ILE Q 15 -2.10 38.33 -18.38
N GLY Q 16 -2.25 37.74 -19.56
CA GLY Q 16 -1.19 36.91 -20.12
C GLY Q 16 0.07 37.69 -20.39
N ILE Q 17 -0.06 38.90 -20.93
CA ILE Q 17 1.11 39.73 -21.19
C ILE Q 17 1.75 40.17 -19.89
N PHE Q 18 0.95 40.67 -18.95
CA PHE Q 18 1.50 41.15 -17.68
C PHE Q 18 2.14 40.02 -16.89
N SER Q 19 1.52 38.83 -16.91
CA SER Q 19 2.14 37.67 -16.26
C SER Q 19 3.46 37.32 -16.93
N TRP Q 20 3.49 37.32 -18.27
CA TRP Q 20 4.72 37.04 -18.99
C TRP Q 20 5.79 38.08 -18.70
N LEU Q 21 5.41 39.35 -18.67
CA LEU Q 21 6.37 40.41 -18.39
C LEU Q 21 6.94 40.31 -16.98
N ALA Q 22 6.07 40.03 -16.00
CA ALA Q 22 6.55 39.89 -14.63
C ALA Q 22 7.51 38.72 -14.50
N VAL Q 23 7.21 37.60 -15.14
CA VAL Q 23 8.09 36.45 -15.09
C VAL Q 23 9.39 36.75 -15.82
N LEU Q 24 9.30 37.36 -17.00
CA LEU Q 24 10.51 37.64 -17.78
C LEU Q 24 11.44 38.59 -17.04
N ALA Q 25 10.90 39.66 -16.45
CA ALA Q 25 11.73 40.62 -15.73
C ALA Q 25 12.40 39.98 -14.52
N LEU Q 26 11.69 39.11 -13.81
CA LEU Q 26 12.30 38.39 -12.71
C LEU Q 26 13.42 37.47 -13.19
N VAL Q 27 13.20 36.80 -14.32
CA VAL Q 27 14.23 35.91 -14.86
C VAL Q 27 15.48 36.71 -15.22
N ILE Q 28 15.30 37.84 -15.90
CA ILE Q 28 16.45 38.63 -16.34
C ILE Q 28 17.20 39.21 -15.15
N HIS Q 29 16.46 39.79 -14.19
CA HIS Q 29 17.11 40.41 -13.03
C HIS Q 29 17.92 39.39 -12.24
N PHE Q 30 17.37 38.21 -12.00
CA PHE Q 30 18.10 37.21 -11.22
C PHE Q 30 19.22 36.55 -12.01
N ILE Q 31 19.09 36.45 -13.33
CA ILE Q 31 20.22 36.02 -14.14
C ILE Q 31 21.37 36.99 -14.01
N LEU Q 32 21.07 38.30 -14.05
CA LEU Q 32 22.10 39.31 -13.89
C LEU Q 32 22.73 39.26 -12.51
N LEU Q 33 21.92 39.03 -11.48
CA LEU Q 33 22.44 38.92 -10.12
C LEU Q 33 23.41 37.76 -9.97
N SER Q 34 23.22 36.70 -10.75
CA SER Q 34 24.13 35.55 -10.69
C SER Q 34 25.44 35.78 -11.42
N THR Q 35 25.50 36.80 -12.28
CA THR Q 35 26.72 37.07 -13.03
C THR Q 35 27.73 37.83 -12.18
N ASP Q 36 29.01 37.66 -12.50
CA ASP Q 36 30.05 38.42 -11.83
C ASP Q 36 30.12 39.85 -12.33
N ARG Q 37 29.67 40.12 -13.56
CA ARG Q 37 29.79 41.44 -14.13
C ARG Q 37 28.60 42.34 -13.80
N PHE Q 38 27.39 41.79 -13.78
CA PHE Q 38 26.18 42.60 -13.68
C PHE Q 38 25.49 42.50 -12.33
N ASN Q 39 26.13 41.92 -11.31
CA ASN Q 39 25.54 41.81 -9.98
C ASN Q 39 25.76 43.14 -9.26
N TRP Q 40 24.74 44.00 -9.32
CA TRP Q 40 24.91 45.36 -8.82
C TRP Q 40 24.97 45.40 -7.29
N VAL Q 41 24.10 44.66 -6.60
CA VAL Q 41 24.12 44.69 -5.14
C VAL Q 41 25.30 43.90 -4.58
N GLY Q 42 25.92 43.05 -5.38
CA GLY Q 42 27.06 42.28 -4.93
C GLY Q 42 28.38 43.02 -4.97
N GLY Q 43 28.37 44.29 -5.36
CA GLY Q 43 29.60 45.05 -5.49
C GLY Q 43 30.51 44.55 -6.60
N ALA Q 44 29.94 44.24 -7.75
CA ALA Q 44 30.70 43.67 -8.85
C ALA Q 44 31.73 44.67 -9.37
N ALA Q 45 32.97 44.22 -9.52
CA ALA Q 45 34.07 45.04 -10.02
C ALA Q 45 34.54 44.48 -11.34
N VAL Q 46 34.67 45.33 -12.35
CA VAL Q 46 35.11 44.91 -13.67
C VAL Q 46 36.63 44.89 -13.73
N LEU R 7 -16.24 35.28 -32.22
CA LEU R 7 -15.48 36.41 -31.72
C LEU R 7 -16.11 36.98 -30.45
N THR R 8 -15.31 37.65 -29.64
CA THR R 8 -15.79 38.21 -28.38
C THR R 8 -16.74 39.37 -28.65
N GLY R 9 -17.59 39.65 -27.66
CA GLY R 9 -18.57 40.70 -27.78
C GLY R 9 -17.96 42.08 -27.68
N LEU R 10 -17.20 42.46 -28.71
CA LEU R 10 -16.54 43.76 -28.76
C LEU R 10 -16.82 44.38 -30.11
N SER R 11 -17.26 45.64 -30.12
CA SER R 11 -17.57 46.30 -31.37
C SER R 11 -16.28 46.68 -32.10
N ASP R 12 -16.43 47.04 -33.37
CA ASP R 12 -15.30 47.56 -34.13
C ASP R 12 -14.73 48.81 -33.47
N GLU R 13 -15.60 49.63 -32.87
CA GLU R 13 -15.14 50.87 -32.26
C GLU R 13 -14.42 50.60 -30.94
N GLU R 14 -14.95 49.68 -30.13
CA GLU R 14 -14.29 49.32 -28.87
C GLU R 14 -12.94 48.65 -29.14
N ALA R 15 -12.90 47.76 -30.13
CA ALA R 15 -11.63 47.11 -30.48
C ALA R 15 -10.64 48.13 -31.01
N LYS R 16 -11.10 49.10 -31.78
CA LYS R 16 -10.22 50.18 -32.23
C LYS R 16 -9.78 51.06 -31.07
N GLU R 17 -10.68 51.32 -30.12
CA GLU R 17 -10.32 52.14 -28.98
C GLU R 17 -9.31 51.42 -28.08
N PHE R 18 -9.52 50.12 -27.85
CA PHE R 18 -8.55 49.36 -27.06
C PHE R 18 -7.20 49.33 -27.75
N HIS R 19 -7.19 49.15 -29.06
CA HIS R 19 -5.92 49.01 -29.78
C HIS R 19 -5.10 50.30 -29.71
N SER R 20 -5.76 51.46 -29.85
CA SER R 20 -5.03 52.72 -29.75
C SER R 20 -4.39 52.89 -28.38
N ILE R 21 -5.12 52.55 -27.32
CA ILE R 21 -4.56 52.65 -25.97
C ILE R 21 -3.50 51.58 -25.76
N PHE R 22 -3.77 50.36 -26.24
CA PHE R 22 -2.80 49.28 -26.08
C PHE R 22 -1.48 49.64 -26.73
N MET R 23 -1.52 50.19 -27.95
CA MET R 23 -0.29 50.58 -28.62
C MET R 23 0.37 51.76 -27.92
N GLN R 24 -0.44 52.72 -27.44
CA GLN R 24 0.11 53.83 -26.67
C GLN R 24 0.80 53.33 -25.40
N SER R 25 0.14 52.43 -24.67
CA SER R 25 0.72 51.89 -23.45
C SER R 25 1.96 51.06 -23.75
N PHE R 26 1.94 50.29 -24.84
CA PHE R 26 3.11 49.52 -25.21
C PHE R 26 4.30 50.42 -25.54
N LEU R 27 4.05 51.50 -26.27
CA LEU R 27 5.14 52.40 -26.65
C LEU R 27 5.73 53.09 -25.42
N ILE R 28 4.90 53.46 -24.46
CA ILE R 28 5.40 54.06 -23.23
C ILE R 28 6.20 53.05 -22.42
N PHE R 29 5.69 51.81 -22.31
CA PHE R 29 6.42 50.76 -21.62
C PHE R 29 7.76 50.51 -22.28
N THR R 30 7.80 50.50 -23.61
CA THR R 30 9.05 50.31 -24.32
C THR R 30 9.96 51.53 -24.18
N ALA R 31 9.38 52.73 -24.20
CA ALA R 31 10.20 53.94 -24.07
C ALA R 31 10.91 53.98 -22.73
N VAL R 32 10.22 53.61 -21.65
CA VAL R 32 10.85 53.52 -20.34
C VAL R 32 11.95 52.47 -20.36
N ALA R 33 11.66 51.31 -20.96
CA ALA R 33 12.65 50.24 -21.03
C ALA R 33 13.85 50.65 -21.89
N VAL R 34 13.61 51.38 -22.97
CA VAL R 34 14.72 51.85 -23.80
C VAL R 34 15.62 52.78 -22.99
N VAL R 35 15.02 53.71 -22.24
CA VAL R 35 15.80 54.60 -21.40
C VAL R 35 16.53 53.81 -20.32
N ALA R 36 15.85 52.83 -19.73
CA ALA R 36 16.49 51.98 -18.73
C ALA R 36 17.69 51.24 -19.33
N HIS R 37 17.55 50.76 -20.57
CA HIS R 37 18.64 50.06 -21.22
C HIS R 37 19.78 51.00 -21.58
N PHE R 38 19.46 52.23 -21.99
CA PHE R 38 20.49 53.23 -22.21
C PHE R 38 21.25 53.53 -20.92
N LEU R 39 20.53 53.64 -19.80
CA LEU R 39 21.18 53.85 -18.52
C LEU R 39 22.02 52.64 -18.12
N ALA R 40 21.50 51.43 -18.36
CA ALA R 40 22.26 50.23 -18.04
C ALA R 40 23.53 50.15 -18.88
N TRP R 41 23.44 50.53 -20.15
CA TRP R 41 24.62 50.50 -21.02
C TRP R 41 25.68 51.46 -20.53
N ALA R 42 25.28 52.65 -20.08
CA ALA R 42 26.23 53.60 -19.52
C ALA R 42 26.96 53.03 -18.32
N TRP R 43 26.28 52.20 -17.53
CA TRP R 43 26.93 51.55 -16.40
C TRP R 43 27.89 50.46 -16.87
N ARG R 44 27.36 49.41 -17.50
CA ARG R 44 28.20 48.31 -17.97
C ARG R 44 27.64 47.73 -19.26
N PRO R 45 28.32 47.94 -20.38
CA PRO R 45 27.87 47.33 -21.64
C PRO R 45 27.88 45.81 -21.57
N TRP R 46 26.91 45.20 -22.23
CA TRP R 46 26.74 43.76 -22.20
C TRP R 46 27.12 43.09 -23.51
N ILE R 47 27.75 43.81 -24.43
CA ILE R 47 28.22 43.21 -25.68
C ILE R 47 29.74 43.20 -25.65
N PRO R 48 30.36 42.06 -25.35
CA PRO R 48 31.82 42.03 -25.25
C PRO R 48 32.49 42.21 -26.59
N GLY R 49 33.71 42.72 -26.56
CA GLY R 49 34.54 42.81 -27.74
C GLY R 49 35.27 41.51 -28.01
N ALA R 50 36.13 41.55 -29.02
CA ALA R 50 36.88 40.35 -29.39
C ALA R 50 37.79 39.89 -28.26
N GLU R 51 38.27 40.81 -27.44
CA GLU R 51 39.16 40.47 -26.33
C GLU R 51 38.40 40.11 -25.06
N GLY R 52 37.07 40.18 -25.08
CA GLY R 52 36.29 39.89 -23.90
C GLY R 52 35.94 41.14 -23.12
N TYR R 53 35.68 40.97 -21.83
CA TYR R 53 35.45 42.11 -20.95
C TYR R 53 36.76 42.56 -20.30
N MET S 1 -2.26 33.21 -50.43
CA MET S 1 -1.96 32.29 -49.35
C MET S 1 -2.90 32.53 -48.17
N TRP S 2 -3.84 33.45 -48.38
CA TRP S 2 -4.88 33.70 -47.39
C TRP S 2 -5.77 32.48 -47.17
N ARG S 3 -5.77 31.54 -48.11
CA ARG S 3 -6.59 30.34 -48.01
C ARG S 3 -6.13 29.42 -46.89
N MET S 4 -4.94 29.64 -46.33
CA MET S 4 -4.47 28.82 -45.22
C MET S 4 -5.45 28.86 -44.05
N TRP S 5 -6.10 30.00 -43.86
CA TRP S 5 -6.99 30.18 -42.72
C TRP S 5 -8.38 29.63 -42.96
N LYS S 6 -8.65 29.08 -44.14
CA LYS S 6 -9.82 28.25 -44.35
C LYS S 6 -9.56 26.78 -44.02
N ILE S 7 -8.29 26.42 -43.77
CA ILE S 7 -7.91 25.07 -43.36
C ILE S 7 -7.55 25.04 -41.88
N LEU S 8 -6.49 25.75 -41.50
CA LEU S 8 -6.07 25.84 -40.11
C LEU S 8 -6.81 26.97 -39.42
N ASP S 9 -7.19 26.75 -38.18
CA ASP S 9 -7.88 27.78 -37.41
C ASP S 9 -6.90 28.88 -37.04
N TYR S 10 -7.18 30.11 -37.50
CA TYR S 10 -6.30 31.23 -37.19
C TYR S 10 -6.33 31.55 -35.70
N ARG S 11 -7.42 31.23 -35.02
CA ARG S 11 -7.52 31.47 -33.59
C ARG S 11 -6.44 30.71 -32.83
N ARG S 12 -6.34 29.40 -33.06
CA ARG S 12 -5.38 28.57 -32.35
C ARG S 12 -3.96 28.77 -32.85
N THR S 13 -3.78 29.01 -34.16
CA THR S 13 -2.44 29.10 -34.72
C THR S 13 -1.67 30.27 -34.14
N VAL S 14 -2.33 31.40 -33.91
CA VAL S 14 -1.65 32.57 -33.35
C VAL S 14 -1.16 32.28 -31.95
N VAL S 15 -2.02 31.69 -31.11
CA VAL S 15 -1.60 31.37 -29.75
C VAL S 15 -0.48 30.35 -29.76
N LEU S 16 -0.61 29.31 -30.56
CA LEU S 16 0.43 28.29 -30.64
C LEU S 16 1.74 28.87 -31.18
N ALA S 17 1.65 29.78 -32.14
CA ALA S 17 2.86 30.41 -32.68
C ALA S 17 3.57 31.23 -31.62
N HIS S 18 2.82 32.02 -30.84
CA HIS S 18 3.44 32.86 -29.83
C HIS S 18 4.07 32.03 -28.72
N VAL S 19 3.38 30.97 -28.28
CA VAL S 19 3.95 30.11 -27.25
C VAL S 19 5.12 29.30 -27.81
N GLY S 20 4.98 28.79 -29.03
CA GLY S 20 6.05 28.01 -29.62
C GLY S 20 7.31 28.83 -29.89
N MET S 21 7.14 30.06 -30.37
CA MET S 21 8.30 30.92 -30.59
C MET S 21 8.86 31.44 -29.28
N ALA S 22 8.01 31.59 -28.26
CA ALA S 22 8.53 31.93 -26.93
C ALA S 22 9.46 30.85 -26.43
N VAL S 23 9.05 29.58 -26.57
CA VAL S 23 9.90 28.48 -26.14
C VAL S 23 11.16 28.42 -27.00
N LEU S 24 11.01 28.59 -28.32
CA LEU S 24 12.17 28.49 -29.21
C LEU S 24 13.18 29.59 -28.91
N ALA S 25 12.72 30.83 -28.73
CA ALA S 25 13.63 31.93 -28.45
C ALA S 25 14.39 31.73 -27.15
N LEU S 26 13.69 31.27 -26.11
CA LEU S 26 14.37 31.00 -24.85
C LEU S 26 15.42 29.91 -25.02
N LEU S 27 15.08 28.87 -25.78
CA LEU S 27 16.03 27.78 -26.00
C LEU S 27 17.29 28.28 -26.69
N ILE S 28 17.14 29.12 -27.71
CA ILE S 28 18.31 29.60 -28.45
C ILE S 28 19.13 30.55 -27.60
N HIS S 29 18.48 31.47 -26.90
CA HIS S 29 19.20 32.38 -26.01
C HIS S 29 19.96 31.59 -24.93
N PHE S 30 19.32 30.57 -24.35
CA PHE S 30 19.98 29.79 -23.31
C PHE S 30 21.10 28.94 -23.88
N ILE S 31 20.92 28.39 -25.09
CA ILE S 31 21.99 27.64 -25.72
C ILE S 31 23.20 28.54 -25.96
N LEU S 32 22.96 29.76 -26.43
CA LEU S 32 24.07 30.71 -26.62
C LEU S 32 24.72 31.06 -25.29
N LEU S 33 23.92 31.25 -24.24
CA LEU S 33 24.48 31.52 -22.92
C LEU S 33 25.36 30.37 -22.45
N SER S 34 25.05 29.13 -22.84
CA SER S 34 25.82 27.98 -22.44
C SER S 34 27.13 27.83 -23.21
N THR S 35 27.32 28.59 -24.30
CA THR S 35 28.55 28.52 -25.07
C THR S 35 29.59 29.45 -24.48
N GLU S 36 30.85 29.21 -24.83
CA GLU S 36 31.92 30.10 -24.42
C GLU S 36 32.14 31.25 -25.38
N ASN S 37 31.70 31.11 -26.64
CA ASN S 37 31.93 32.15 -27.63
C ASN S 37 30.76 33.12 -27.78
N PHE S 38 29.56 32.77 -27.32
CA PHE S 38 28.40 33.62 -27.53
C PHE S 38 27.69 33.99 -26.24
N ASN S 39 28.26 33.65 -25.08
CA ASN S 39 27.72 34.07 -23.80
C ASN S 39 28.07 35.54 -23.61
N TRP S 40 27.15 36.42 -24.02
CA TRP S 40 27.39 37.85 -23.93
C TRP S 40 27.47 38.34 -22.49
N LEU S 41 26.86 37.62 -21.54
CA LEU S 41 26.95 38.01 -20.14
C LEU S 41 28.31 37.64 -19.55
N GLN S 42 28.86 36.49 -19.94
CA GLN S 42 30.19 36.12 -19.49
C GLN S 42 31.28 36.93 -20.19
N GLY S 43 31.14 37.13 -21.50
CA GLY S 43 32.09 37.92 -22.25
C GLY S 43 33.47 37.32 -22.39
N ASN S 44 33.55 36.05 -22.77
CA ASN S 44 34.84 35.45 -23.07
C ASN S 44 35.40 35.99 -24.38
N PRO S 45 36.73 35.96 -24.56
CA PRO S 45 37.30 36.36 -25.84
C PRO S 45 36.82 35.45 -26.98
N TYR S 46 36.61 36.06 -28.13
CA TYR S 46 36.09 35.36 -29.30
C TYR S 46 37.18 34.62 -30.06
N ASN T 7 -16.42 27.10 -42.73
CA ASN T 7 -16.90 27.86 -41.58
C ASN T 7 -16.30 29.27 -41.59
N VAL T 8 -15.34 29.50 -42.46
CA VAL T 8 -14.65 30.78 -42.59
C VAL T 8 -14.88 31.30 -44.00
N SER T 9 -15.32 32.54 -44.10
CA SER T 9 -15.59 33.14 -45.40
C SER T 9 -14.28 33.59 -46.05
N ASP T 10 -14.36 33.87 -47.36
CA ASP T 10 -13.17 34.31 -48.09
C ASP T 10 -12.66 35.64 -47.56
N GLU T 11 -13.56 36.58 -47.28
CA GLU T 11 -13.13 37.89 -46.78
C GLU T 11 -12.56 37.80 -45.38
N GLU T 12 -13.15 36.96 -44.52
CA GLU T 12 -12.64 36.79 -43.18
C GLU T 12 -11.24 36.19 -43.19
N ALA T 13 -10.95 35.32 -44.15
CA ALA T 13 -9.60 34.79 -44.30
C ALA T 13 -8.64 35.86 -44.78
N LYS T 14 -9.10 36.76 -45.64
CA LYS T 14 -8.25 37.87 -46.07
C LYS T 14 -7.85 38.75 -44.88
N GLU T 15 -8.79 39.01 -43.98
CA GLU T 15 -8.49 39.82 -42.81
C GLU T 15 -7.51 39.12 -41.88
N PHE T 16 -7.70 37.81 -41.66
CA PHE T 16 -6.77 37.06 -40.84
C PHE T 16 -5.37 37.09 -41.45
N HIS T 17 -5.28 36.90 -42.77
CA HIS T 17 -3.99 36.92 -43.44
C HIS T 17 -3.38 38.32 -43.43
N ALA T 18 -4.21 39.36 -43.50
CA ALA T 18 -3.69 40.71 -43.44
C ALA T 18 -3.00 40.98 -42.11
N MET T 19 -3.61 40.56 -41.01
CA MET T 19 -2.96 40.66 -39.71
C MET T 19 -1.72 39.78 -39.65
N PHE T 20 -1.81 38.57 -40.22
CA PHE T 20 -0.66 37.68 -40.24
C PHE T 20 0.50 38.27 -41.03
N SER T 21 0.21 38.85 -42.20
CA SER T 21 1.27 39.38 -43.03
C SER T 21 1.97 40.56 -42.37
N GLN T 22 1.21 41.44 -41.74
CA GLN T 22 1.80 42.58 -41.03
C GLN T 22 2.69 42.12 -39.89
N ALA T 23 2.19 41.16 -39.10
CA ALA T 23 2.97 40.67 -37.97
C ALA T 23 4.19 39.89 -38.43
N PHE T 24 4.03 39.04 -39.45
CA PHE T 24 5.15 38.28 -39.97
C PHE T 24 6.22 39.19 -40.54
N THR T 25 5.82 40.25 -41.24
CA THR T 25 6.78 41.17 -41.83
C THR T 25 7.59 41.88 -40.76
N VAL T 26 6.93 42.39 -39.73
CA VAL T 26 7.64 43.07 -38.65
C VAL T 26 8.52 42.08 -37.89
N TYR T 27 7.99 40.89 -37.59
CA TYR T 27 8.75 39.91 -36.83
C TYR T 27 10.02 39.50 -37.57
N ILE T 28 9.88 39.15 -38.85
CA ILE T 28 11.05 38.71 -39.61
C ILE T 28 12.00 39.87 -39.85
N GLY T 29 11.46 41.05 -40.12
CA GLY T 29 12.31 42.21 -40.35
C GLY T 29 13.17 42.54 -39.14
N VAL T 30 12.59 42.49 -37.96
CA VAL T 30 13.37 42.67 -36.73
C VAL T 30 14.34 41.52 -36.56
N ALA T 31 13.91 40.29 -36.88
CA ALA T 31 14.79 39.14 -36.75
C ALA T 31 15.98 39.23 -37.69
N VAL T 32 15.76 39.68 -38.92
CA VAL T 32 16.85 39.83 -39.87
C VAL T 32 17.85 40.87 -39.38
N VAL T 33 17.34 42.03 -38.91
CA VAL T 33 18.20 43.07 -38.39
C VAL T 33 18.99 42.56 -37.19
N ALA T 34 18.32 41.80 -36.30
CA ALA T 34 19.01 41.23 -35.15
C ALA T 34 20.14 40.31 -35.58
N HIS T 35 19.91 39.50 -36.61
CA HIS T 35 20.95 38.56 -37.05
C HIS T 35 22.08 39.28 -37.76
N ILE T 36 21.81 40.36 -38.48
CA ILE T 36 22.89 41.16 -39.05
C ILE T 36 23.74 41.74 -37.93
N LEU T 37 23.10 42.28 -36.89
CA LEU T 37 23.83 42.80 -35.75
C LEU T 37 24.63 41.71 -35.05
N ALA T 38 24.01 40.54 -34.86
CA ALA T 38 24.71 39.44 -34.22
C ALA T 38 25.91 38.98 -35.04
N TRP T 39 25.76 38.95 -36.37
CA TRP T 39 26.88 38.57 -37.22
C TRP T 39 28.00 39.59 -37.13
N ALA T 40 27.66 40.88 -37.12
CA ALA T 40 28.68 41.91 -36.98
C ALA T 40 29.40 41.80 -35.64
N TRP T 41 28.72 41.30 -34.62
CA TRP T 41 29.36 41.12 -33.32
C TRP T 41 30.29 39.91 -33.33
N ARG T 42 29.74 38.72 -33.52
CA ARG T 42 30.54 37.50 -33.55
C ARG T 42 29.93 36.51 -34.54
N PRO T 43 30.55 36.31 -35.71
CA PRO T 43 30.02 35.33 -36.66
C PRO T 43 29.99 33.94 -36.07
N TRP T 44 28.95 33.19 -36.42
CA TRP T 44 28.72 31.87 -35.84
C TRP T 44 29.02 30.73 -36.81
N ILE T 45 29.69 31.02 -37.93
CA ILE T 45 30.08 29.97 -38.85
C ILE T 45 31.61 29.89 -38.84
N PRO T 46 32.18 28.93 -38.12
CA PRO T 46 33.64 28.89 -38.00
C PRO T 46 34.31 28.47 -39.29
N GLY T 47 35.56 28.90 -39.45
CA GLY T 47 36.41 28.43 -40.51
C GLY T 47 37.11 27.14 -40.14
N ASP T 48 38.08 26.76 -40.97
CA ASP T 48 38.80 25.52 -40.74
C ASP T 48 39.57 25.55 -39.43
N GLU T 49 40.04 26.72 -39.02
CA GLU T 49 40.81 26.87 -37.79
C GLU T 49 39.97 27.35 -36.61
N GLY T 50 38.66 27.43 -36.77
CA GLY T 50 37.80 27.88 -35.70
C GLY T 50 37.31 29.30 -35.87
N PHE T 51 37.09 30.00 -34.76
CA PHE T 51 36.62 31.37 -34.80
C PHE T 51 37.79 32.34 -34.77
N MET U 1 -2.78 12.54 -57.77
CA MET U 1 -2.41 12.48 -56.36
C MET U 1 -3.28 13.41 -55.54
N TRP U 2 -4.03 14.28 -56.22
CA TRP U 2 -4.92 15.19 -55.53
C TRP U 2 -6.04 14.47 -54.81
N ARG U 3 -6.36 13.23 -55.22
CA ARG U 3 -7.37 12.45 -54.54
C ARG U 3 -6.98 12.08 -53.12
N LEU U 4 -5.70 12.26 -52.77
CA LEU U 4 -5.26 12.02 -51.40
C LEU U 4 -6.00 12.91 -50.41
N TRP U 5 -6.42 14.10 -50.85
CA TRP U 5 -7.02 15.06 -49.94
C TRP U 5 -8.49 14.82 -49.71
N LYS U 6 -9.14 14.02 -50.55
CA LYS U 6 -10.48 13.55 -50.23
C LYS U 6 -10.44 12.43 -49.20
N LEU U 7 -9.43 11.57 -49.27
CA LEU U 7 -9.30 10.48 -48.31
C LEU U 7 -8.90 11.01 -46.93
N TYR U 8 -7.91 11.88 -46.88
CA TYR U 8 -7.36 12.37 -45.62
C TYR U 8 -7.71 13.83 -45.41
N ASP U 9 -7.94 14.19 -44.17
CA ASP U 9 -8.29 15.56 -43.83
C ASP U 9 -7.10 16.47 -44.05
N PRO U 10 -7.19 17.47 -44.93
CA PRO U 10 -6.01 18.31 -45.21
C PRO U 10 -5.48 19.03 -43.99
N ARG U 11 -6.32 19.37 -43.03
CA ARG U 11 -5.84 20.04 -41.82
C ARG U 11 -5.01 19.10 -40.96
N ARG U 12 -5.46 17.86 -40.78
CA ARG U 12 -4.72 16.91 -39.94
C ARG U 12 -3.40 16.51 -40.59
N VAL U 13 -3.38 16.39 -41.91
CA VAL U 13 -2.13 16.05 -42.60
C VAL U 13 -1.13 17.18 -42.48
N LEU U 14 -1.58 18.43 -42.61
CA LEU U 14 -0.66 19.55 -42.46
C LEU U 14 -0.07 19.62 -41.06
N ILE U 15 -0.88 19.40 -40.04
CA ILE U 15 -0.37 19.41 -38.67
C ILE U 15 0.58 18.24 -38.45
N GLY U 16 0.25 17.06 -39.00
CA GLY U 16 1.15 15.93 -38.90
C GLY U 16 2.47 16.17 -39.61
N ILE U 17 2.43 16.79 -40.79
CA ILE U 17 3.66 17.08 -41.51
C ILE U 17 4.47 18.14 -40.78
N PHE U 18 3.82 19.22 -40.35
CA PHE U 18 4.55 20.29 -39.68
C PHE U 18 5.13 19.81 -38.36
N SER U 19 4.38 18.98 -37.63
CA SER U 19 4.92 18.40 -36.40
C SER U 19 6.11 17.50 -36.69
N TRP U 20 6.01 16.67 -37.74
CA TRP U 20 7.13 15.82 -38.12
C TRP U 20 8.34 16.64 -38.54
N LEU U 21 8.12 17.69 -39.32
CA LEU U 21 9.22 18.53 -39.78
C LEU U 21 9.88 19.25 -38.60
N ALA U 22 9.08 19.79 -37.68
CA ALA U 22 9.65 20.47 -36.53
C ALA U 22 10.49 19.53 -35.67
N VAL U 23 9.98 18.31 -35.46
CA VAL U 23 10.74 17.32 -34.71
C VAL U 23 12.01 16.94 -35.46
N LEU U 24 11.90 16.70 -36.77
CA LEU U 24 13.06 16.28 -37.53
C LEU U 24 14.14 17.35 -37.55
N ALA U 25 13.76 18.61 -37.74
CA ALA U 25 14.74 19.69 -37.78
C ALA U 25 15.45 19.85 -36.45
N LEU U 26 14.71 19.73 -35.34
CA LEU U 26 15.35 19.77 -34.03
C LEU U 26 16.30 18.60 -33.84
N VAL U 27 15.91 17.41 -34.29
CA VAL U 27 16.77 16.24 -34.15
C VAL U 27 18.06 16.45 -34.92
N ILE U 28 17.95 16.91 -36.16
CA ILE U 28 19.15 17.05 -37.00
C ILE U 28 20.06 18.14 -36.47
N HIS U 29 19.49 19.30 -36.10
CA HIS U 29 20.30 20.40 -35.60
C HIS U 29 21.07 19.99 -34.33
N PHE U 30 20.40 19.30 -33.40
CA PHE U 30 21.07 18.90 -32.17
C PHE U 30 22.04 17.74 -32.38
N ILE U 31 21.79 16.87 -33.36
CA ILE U 31 22.78 15.87 -33.72
C ILE U 31 24.04 16.54 -34.24
N LEU U 32 23.89 17.56 -35.08
CA LEU U 32 25.04 18.29 -35.60
C LEU U 32 25.79 19.01 -34.49
N LEU U 33 25.05 19.59 -33.54
CA LEU U 33 25.69 20.28 -32.42
C LEU U 33 26.53 19.34 -31.58
N SER U 34 26.16 18.06 -31.52
CA SER U 34 26.92 17.08 -30.75
C SER U 34 28.18 16.63 -31.46
N THR U 35 28.27 16.80 -32.77
CA THR U 35 29.44 16.37 -33.52
C THR U 35 30.59 17.34 -33.33
N ASP U 36 31.81 16.83 -33.51
CA ASP U 36 32.99 17.70 -33.46
C ASP U 36 33.15 18.50 -34.73
N ARG U 37 32.68 17.99 -35.87
CA ARG U 37 32.89 18.66 -37.15
C ARG U 37 31.84 19.73 -37.44
N PHE U 38 30.58 19.49 -37.08
CA PHE U 38 29.48 20.35 -37.51
C PHE U 38 28.90 21.22 -36.40
N ASN U 39 29.54 21.28 -35.24
CA ASN U 39 29.07 22.12 -34.14
C ASN U 39 29.49 23.56 -34.41
N TRP U 40 28.59 24.36 -34.97
CA TRP U 40 28.96 25.69 -35.43
C TRP U 40 29.17 26.66 -34.27
N VAL U 41 28.28 26.66 -33.27
CA VAL U 41 28.44 27.61 -32.16
C VAL U 41 29.57 27.20 -31.23
N GLY U 42 30.00 25.95 -31.28
CA GLY U 42 31.09 25.49 -30.45
C GLY U 42 32.48 25.83 -30.94
N GLY U 43 32.58 26.57 -32.05
CA GLY U 43 33.87 26.91 -32.61
C GLY U 43 34.63 25.71 -33.15
N ALA U 44 33.93 24.83 -33.87
CA ALA U 44 34.54 23.60 -34.33
C ALA U 44 35.62 23.88 -35.38
N ALA U 45 36.80 23.28 -35.19
CA ALA U 45 37.91 23.38 -36.13
C ALA U 45 38.15 22.02 -36.75
N VAL U 46 38.34 21.99 -38.06
CA VAL U 46 38.53 20.74 -38.77
C VAL U 46 39.96 20.23 -38.55
N LEU V 7 -14.98 9.36 -47.31
CA LEU V 7 -14.07 10.45 -47.63
C LEU V 7 -14.54 11.74 -46.98
N THR V 8 -13.60 12.65 -46.70
CA THR V 8 -13.93 13.91 -46.07
C THR V 8 -14.72 14.81 -47.02
N GLY V 9 -15.41 15.78 -46.44
CA GLY V 9 -16.25 16.67 -47.20
C GLY V 9 -15.47 17.67 -48.03
N LEU V 10 -14.78 17.18 -49.06
CA LEU V 10 -13.99 18.00 -49.95
C LEU V 10 -14.33 17.64 -51.39
N SER V 11 -14.62 18.65 -52.20
CA SER V 11 -14.98 18.40 -53.59
C SER V 11 -13.73 18.06 -54.40
N ASP V 12 -13.95 17.57 -55.62
CA ASP V 12 -12.85 17.34 -56.54
C ASP V 12 -12.08 18.62 -56.81
N GLU V 13 -12.79 19.75 -56.88
CA GLU V 13 -12.14 21.02 -57.18
C GLU V 13 -11.34 21.52 -55.99
N GLU V 14 -11.89 21.41 -54.77
CA GLU V 14 -11.17 21.82 -53.58
C GLU V 14 -9.94 20.93 -53.35
N ALA V 15 -10.08 19.62 -53.58
CA ALA V 15 -8.94 18.72 -53.47
C ALA V 15 -7.88 19.06 -54.50
N LYS V 16 -8.31 19.40 -55.73
CA LYS V 16 -7.35 19.82 -56.74
C LYS V 16 -6.70 21.15 -56.37
N GLU V 17 -7.48 22.07 -55.81
CA GLU V 17 -6.92 23.36 -55.44
C GLU V 17 -5.94 23.22 -54.28
N PHE V 18 -6.27 22.40 -53.29
CA PHE V 18 -5.34 22.16 -52.19
C PHE V 18 -4.05 21.51 -52.70
N HIS V 19 -4.17 20.56 -53.62
CA HIS V 19 -3.00 19.84 -54.10
C HIS V 19 -2.04 20.77 -54.83
N SER V 20 -2.57 21.68 -55.65
CA SER V 20 -1.70 22.61 -56.37
C SER V 20 -0.93 23.50 -55.41
N ILE V 21 -1.60 24.01 -54.38
CA ILE V 21 -0.92 24.83 -53.39
C ILE V 21 0.02 24.00 -52.53
N PHE V 22 -0.42 22.80 -52.13
CA PHE V 22 0.42 21.93 -51.32
C PHE V 22 1.73 21.62 -52.04
N MET V 23 1.63 21.24 -53.31
CA MET V 23 2.84 20.92 -54.07
C MET V 23 3.71 22.16 -54.27
N GLN V 24 3.10 23.30 -54.56
CA GLN V 24 3.88 24.53 -54.70
C GLN V 24 4.56 24.91 -53.40
N SER V 25 3.83 24.81 -52.28
CA SER V 25 4.44 25.11 -50.99
C SER V 25 5.54 24.11 -50.65
N PHE V 26 5.33 22.83 -50.98
CA PHE V 26 6.37 21.83 -50.76
C PHE V 26 7.62 22.13 -51.58
N LEU V 27 7.44 22.52 -52.84
CA LEU V 27 8.58 22.81 -53.70
C LEU V 27 9.35 24.03 -53.20
N ILE V 28 8.64 25.03 -52.69
CA ILE V 28 9.30 26.20 -52.12
C ILE V 28 10.06 25.83 -50.85
N PHE V 29 9.43 25.01 -49.99
CA PHE V 29 10.12 24.52 -48.80
C PHE V 29 11.36 23.73 -49.17
N THR V 30 11.26 22.88 -50.19
CA THR V 30 12.42 22.09 -50.62
C THR V 30 13.47 22.98 -51.27
N ALA V 31 13.05 23.97 -52.06
CA ALA V 31 14.01 24.85 -52.71
C ALA V 31 14.83 25.63 -51.69
N VAL V 32 14.19 26.11 -50.63
CA VAL V 32 14.91 26.78 -49.55
C VAL V 32 15.86 25.80 -48.88
N ALA V 33 15.40 24.57 -48.64
CA ALA V 33 16.26 23.56 -48.04
C ALA V 33 17.41 23.19 -48.96
N VAL V 34 17.16 23.12 -50.26
CA VAL V 34 18.24 22.81 -51.21
C VAL V 34 19.31 23.91 -51.17
N VAL V 35 18.88 25.17 -51.17
CA VAL V 35 19.84 26.27 -51.06
C VAL V 35 20.58 26.20 -49.73
N ALA V 36 19.85 25.89 -48.66
CA ALA V 36 20.49 25.75 -47.34
C ALA V 36 21.55 24.67 -47.36
N HIS V 37 21.27 23.54 -48.02
CA HIS V 37 22.23 22.45 -48.08
C HIS V 37 23.42 22.80 -48.96
N PHE V 38 23.21 23.55 -50.04
CA PHE V 38 24.33 24.03 -50.83
C PHE V 38 25.23 24.95 -50.02
N LEU V 39 24.63 25.83 -49.22
CA LEU V 39 25.42 26.68 -48.33
C LEU V 39 26.14 25.87 -47.27
N ALA V 40 25.45 24.89 -46.69
CA ALA V 40 26.08 24.04 -45.69
C ALA V 40 27.24 23.25 -46.28
N TRP V 41 27.08 22.76 -47.51
CA TRP V 41 28.16 22.04 -48.17
C TRP V 41 29.36 22.94 -48.40
N ALA V 42 29.12 24.19 -48.78
CA ALA V 42 30.22 25.14 -48.94
C ALA V 42 30.98 25.34 -47.64
N TRP V 43 30.29 25.26 -46.50
CA TRP V 43 30.96 25.35 -45.21
C TRP V 43 31.74 24.09 -44.91
N ARG V 44 31.05 22.96 -44.74
CA ARG V 44 31.72 21.71 -44.43
C ARG V 44 30.99 20.54 -45.06
N PRO V 45 31.58 19.89 -46.07
CA PRO V 45 30.96 18.71 -46.65
C PRO V 45 30.79 17.60 -45.62
N TRP V 46 29.70 16.86 -45.75
CA TRP V 46 29.38 15.79 -44.81
C TRP V 46 29.58 14.40 -45.41
N ILE V 47 30.17 14.31 -46.59
CA ILE V 47 30.48 13.01 -47.18
C ILE V 47 31.99 12.85 -47.14
N PRO V 48 32.52 12.09 -46.19
CA PRO V 48 33.98 11.95 -46.10
C PRO V 48 34.53 11.13 -47.25
N GLY V 49 35.81 11.36 -47.54
CA GLY V 49 36.53 10.57 -48.50
C GLY V 49 37.06 9.29 -47.87
N ALA V 50 37.82 8.54 -48.67
CA ALA V 50 38.37 7.28 -48.19
C ALA V 50 39.33 7.49 -47.02
N GLU V 51 40.00 8.63 -46.96
CA GLU V 51 40.91 8.93 -45.88
C GLU V 51 40.23 9.57 -44.68
N GLY V 52 38.94 9.85 -44.77
CA GLY V 52 38.21 10.48 -43.68
C GLY V 52 38.11 11.98 -43.84
N TYR V 53 37.93 12.68 -42.72
CA TYR V 53 37.90 14.13 -42.72
C TYR V 53 39.31 14.69 -42.48
N MET W 1 -3.00 -5.70 -60.16
CA MET W 1 -2.73 -5.80 -58.73
C MET W 1 -3.52 -4.75 -57.97
N TRP W 2 -4.39 -4.04 -58.70
CA TRP W 2 -5.29 -3.09 -58.09
C TRP W 2 -6.27 -3.74 -57.13
N ARG W 3 -6.48 -5.05 -57.26
CA ARG W 3 -7.41 -5.79 -56.41
C ARG W 3 -6.98 -5.85 -54.95
N MET W 4 -5.73 -5.51 -54.65
CA MET W 4 -5.26 -5.51 -53.28
C MET W 4 -6.12 -4.61 -52.40
N TRP W 5 -6.62 -3.52 -52.94
CA TRP W 5 -7.38 -2.54 -52.18
C TRP W 5 -8.85 -2.93 -52.02
N LYS W 6 -9.27 -4.06 -52.58
CA LYS W 6 -10.54 -4.66 -52.21
C LYS W 6 -10.39 -5.63 -51.03
N ILE W 7 -9.15 -5.90 -50.62
CA ILE W 7 -8.87 -6.72 -49.44
C ILE W 7 -8.39 -5.85 -48.28
N LEU W 8 -7.23 -5.22 -48.44
CA LEU W 8 -6.68 -4.33 -47.43
C LEU W 8 -7.24 -2.93 -47.62
N ASP W 9 -7.54 -2.27 -46.50
CA ASP W 9 -8.04 -0.90 -46.57
C ASP W 9 -6.91 0.03 -46.96
N TYR W 10 -7.08 0.72 -48.09
CA TYR W 10 -6.07 1.67 -48.55
C TYR W 10 -5.94 2.85 -47.59
N ARG W 11 -7.00 3.17 -46.85
CA ARG W 11 -6.94 4.25 -45.87
C ARG W 11 -5.87 3.96 -44.81
N ARG W 12 -5.95 2.77 -44.19
CA ARG W 12 -5.03 2.43 -43.12
C ARG W 12 -3.65 2.04 -43.64
N THR W 13 -3.59 1.39 -44.81
CA THR W 13 -2.31 0.91 -45.32
C THR W 13 -1.35 2.04 -45.59
N VAL W 14 -1.85 3.16 -46.14
CA VAL W 14 -0.99 4.29 -46.44
C VAL W 14 -0.41 4.89 -45.17
N VAL W 15 -1.25 5.09 -44.15
CA VAL W 15 -0.78 5.64 -42.90
C VAL W 15 0.24 4.71 -42.25
N LEU W 16 -0.06 3.42 -42.20
CA LEU W 16 0.84 2.45 -41.61
C LEU W 16 2.16 2.39 -42.38
N ALA W 17 2.09 2.49 -43.71
CA ALA W 17 3.31 2.47 -44.51
C ALA W 17 4.20 3.68 -44.22
N HIS W 18 3.60 4.86 -44.11
CA HIS W 18 4.41 6.05 -43.85
C HIS W 18 5.05 6.01 -42.47
N VAL W 19 4.30 5.58 -41.45
CA VAL W 19 4.86 5.48 -40.11
C VAL W 19 5.88 4.36 -40.04
N GLY W 20 5.55 3.21 -40.62
CA GLY W 20 6.48 2.08 -40.58
C GLY W 20 7.78 2.37 -41.30
N MET W 21 7.71 2.99 -42.47
CA MET W 21 8.92 3.34 -43.21
C MET W 21 9.67 4.47 -42.53
N ALA W 22 8.95 5.38 -41.85
CA ALA W 22 9.62 6.40 -41.05
C ALA W 22 10.46 5.76 -39.96
N VAL W 23 9.90 4.76 -39.26
CA VAL W 23 10.66 4.06 -38.24
C VAL W 23 11.82 3.29 -38.87
N LEU W 24 11.57 2.63 -40.00
CA LEU W 24 12.62 1.84 -40.64
C LEU W 24 13.78 2.71 -41.09
N ALA W 25 13.48 3.86 -41.71
CA ALA W 25 14.53 4.75 -42.20
C ALA W 25 15.36 5.30 -41.05
N LEU W 26 14.71 5.68 -39.95
CA LEU W 26 15.47 6.15 -38.79
C LEU W 26 16.36 5.04 -38.24
N LEU W 27 15.84 3.81 -38.18
CA LEU W 27 16.65 2.71 -37.67
C LEU W 27 17.89 2.48 -38.53
N ILE W 28 17.74 2.52 -39.85
CA ILE W 28 18.88 2.26 -40.73
C ILE W 28 19.87 3.41 -40.67
N HIS W 29 19.38 4.65 -40.68
CA HIS W 29 20.28 5.79 -40.57
C HIS W 29 21.05 5.76 -39.25
N PHE W 30 20.36 5.46 -38.15
CA PHE W 30 21.02 5.41 -36.85
C PHE W 30 22.00 4.24 -36.76
N ILE W 31 21.63 3.09 -37.34
CA ILE W 31 22.55 1.96 -37.35
C ILE W 31 23.83 2.33 -38.09
N LEU W 32 23.69 2.98 -39.24
CA LEU W 32 24.87 3.41 -39.98
C LEU W 32 25.69 4.42 -39.18
N LEU W 33 25.01 5.33 -38.47
CA LEU W 33 25.73 6.29 -37.63
C LEU W 33 26.50 5.59 -36.52
N SER W 34 26.03 4.44 -36.05
CA SER W 34 26.71 3.71 -34.99
C SER W 34 27.92 2.92 -35.50
N THR W 35 28.07 2.78 -36.80
CA THR W 35 29.21 2.08 -37.38
C THR W 35 30.40 3.03 -37.52
N GLU W 36 31.59 2.46 -37.66
CA GLU W 36 32.77 3.26 -37.91
C GLU W 36 33.01 3.51 -39.40
N ASN W 37 32.49 2.67 -40.28
CA ASN W 37 32.73 2.82 -41.70
C ASN W 37 31.67 3.64 -42.43
N PHE W 38 30.49 3.82 -41.83
CA PHE W 38 29.40 4.50 -42.52
C PHE W 38 28.84 5.67 -41.73
N ASN W 39 29.50 6.08 -40.66
CA ASN W 39 29.12 7.27 -39.91
C ASN W 39 29.65 8.48 -40.66
N TRP W 40 28.82 9.03 -41.55
CA TRP W 40 29.24 10.14 -42.39
C TRP W 40 29.49 11.41 -41.59
N LEU W 41 28.90 11.56 -40.42
CA LEU W 41 29.16 12.72 -39.60
C LEU W 41 30.52 12.61 -38.90
N GLN W 42 30.88 11.41 -38.46
CA GLN W 42 32.20 11.21 -37.87
C GLN W 42 33.30 11.21 -38.93
N GLY W 43 33.04 10.56 -40.06
CA GLY W 43 34.00 10.53 -41.15
C GLY W 43 35.29 9.81 -40.87
N ASN W 44 35.21 8.60 -40.30
CA ASN W 44 36.38 7.76 -40.14
C ASN W 44 36.88 7.29 -41.51
N PRO W 45 38.16 6.96 -41.63
CA PRO W 45 38.67 6.40 -42.88
C PRO W 45 38.00 5.06 -43.19
N TYR W 46 37.78 4.83 -44.47
CA TYR W 46 37.07 3.64 -44.94
C TYR W 46 38.01 2.45 -45.11
N ASN X 7 -17.11 -3.38 -50.28
CA ASN X 7 -17.34 -2.00 -49.87
C ASN X 7 -16.59 -1.04 -50.80
N VAL X 8 -15.67 -1.59 -51.59
CA VAL X 8 -14.84 -0.82 -52.51
C VAL X 8 -15.14 -1.31 -53.91
N SER X 9 -15.45 -0.37 -54.81
CA SER X 9 -15.76 -0.73 -56.18
C SER X 9 -14.48 -0.96 -56.97
N ASP X 10 -14.64 -1.56 -58.15
CA ASP X 10 -13.48 -1.85 -58.99
C ASP X 10 -12.77 -0.56 -59.42
N GLU X 11 -13.54 0.46 -59.81
CA GLU X 11 -12.93 1.70 -60.26
C GLU X 11 -12.25 2.45 -59.13
N GLU X 12 -12.85 2.42 -57.94
CA GLU X 12 -12.23 3.09 -56.79
C GLU X 12 -10.91 2.42 -56.42
N ALA X 13 -10.84 1.10 -56.54
CA ALA X 13 -9.58 0.40 -56.32
C ALA X 13 -8.55 0.74 -57.39
N LYS X 14 -8.99 0.98 -58.63
CA LYS X 14 -8.06 1.42 -59.66
C LYS X 14 -7.45 2.77 -59.30
N GLU X 15 -8.26 3.68 -58.78
CA GLU X 15 -7.75 5.00 -58.39
C GLU X 15 -6.76 4.90 -57.24
N PHE X 16 -7.07 4.08 -56.24
CA PHE X 16 -6.13 3.88 -55.15
C PHE X 16 -4.81 3.31 -55.64
N HIS X 17 -4.88 2.31 -56.51
CA HIS X 17 -3.66 1.72 -57.06
C HIS X 17 -2.92 2.70 -57.95
N ALA X 18 -3.64 3.60 -58.63
CA ALA X 18 -2.98 4.62 -59.44
C ALA X 18 -2.14 5.54 -58.58
N MET X 19 -2.69 6.00 -57.45
CA MET X 19 -1.92 6.81 -56.52
C MET X 19 -0.78 6.01 -55.91
N PHE X 20 -1.04 4.75 -55.57
CA PHE X 20 -0.01 3.90 -55.00
C PHE X 20 1.13 3.68 -55.99
N SER X 21 0.80 3.39 -57.24
CA SER X 21 1.84 3.11 -58.23
C SER X 21 2.72 4.33 -58.47
N GLN X 22 2.11 5.52 -58.55
CA GLN X 22 2.90 6.73 -58.72
C GLN X 22 3.80 6.97 -57.52
N ALA X 23 3.27 6.82 -56.32
CA ALA X 23 4.08 7.04 -55.12
C ALA X 23 5.16 5.96 -54.97
N PHE X 24 4.80 4.70 -55.22
CA PHE X 24 5.77 3.62 -55.14
C PHE X 24 6.89 3.80 -56.15
N THR X 25 6.55 4.23 -57.37
CA THR X 25 7.55 4.41 -58.41
C THR X 25 8.54 5.50 -58.03
N VAL X 26 8.05 6.64 -57.56
CA VAL X 26 8.92 7.73 -57.17
C VAL X 26 9.75 7.35 -55.95
N TYR X 27 9.12 6.71 -54.97
CA TYR X 27 9.82 6.31 -53.75
C TYR X 27 10.96 5.35 -54.06
N ILE X 28 10.67 4.29 -54.82
CA ILE X 28 11.71 3.30 -55.11
C ILE X 28 12.76 3.89 -56.05
N GLY X 29 12.33 4.71 -57.01
CA GLY X 29 13.28 5.34 -57.92
C GLY X 29 14.27 6.23 -57.19
N VAL X 30 13.80 7.01 -56.22
CA VAL X 30 14.70 7.80 -55.40
C VAL X 30 15.56 6.89 -54.53
N ALA X 31 14.96 5.81 -54.00
CA ALA X 31 15.71 4.88 -53.18
C ALA X 31 16.84 4.22 -53.96
N VAL X 32 16.55 3.82 -55.20
CA VAL X 32 17.59 3.19 -56.03
C VAL X 32 18.71 4.18 -56.30
N VAL X 33 18.36 5.43 -56.66
CA VAL X 33 19.39 6.44 -56.91
C VAL X 33 20.20 6.70 -55.66
N ALA X 34 19.54 6.73 -54.50
CA ALA X 34 20.25 6.92 -53.23
C ALA X 34 21.24 5.78 -52.97
N HIS X 35 20.85 4.55 -53.31
CA HIS X 35 21.73 3.41 -53.06
C HIS X 35 22.88 3.35 -54.05
N ILE X 36 22.67 3.79 -55.30
CA ILE X 36 23.78 3.91 -56.24
C ILE X 36 24.78 4.92 -55.73
N LEU X 37 24.29 6.08 -55.28
CA LEU X 37 25.18 7.10 -54.75
C LEU X 37 25.90 6.62 -53.50
N ALA X 38 25.17 5.95 -52.59
CA ALA X 38 25.80 5.43 -51.38
C ALA X 38 26.85 4.37 -51.72
N TRP X 39 26.59 3.55 -52.73
CA TRP X 39 27.57 2.55 -53.14
C TRP X 39 28.81 3.20 -53.74
N ALA X 40 28.62 4.24 -54.54
CA ALA X 40 29.76 4.98 -55.09
C ALA X 40 30.59 5.61 -53.98
N TRP X 41 29.95 5.96 -52.87
CA TRP X 41 30.68 6.54 -51.73
C TRP X 41 31.47 5.47 -51.01
N ARG X 42 30.79 4.50 -50.41
CA ARG X 42 31.43 3.41 -49.67
C ARG X 42 30.64 2.13 -49.83
N PRO X 43 31.13 1.17 -50.62
CA PRO X 43 30.43 -0.12 -50.73
C PRO X 43 30.29 -0.81 -49.38
N TRP X 44 29.14 -1.44 -49.17
CA TRP X 44 28.80 -2.03 -47.89
C TRP X 44 28.87 -3.56 -47.91
N ILE X 45 29.45 -4.15 -48.94
CA ILE X 45 29.63 -5.60 -48.97
C ILE X 45 31.12 -5.89 -48.91
N PRO X 46 31.65 -6.27 -47.75
CA PRO X 46 33.10 -6.43 -47.63
C PRO X 46 33.60 -7.64 -48.40
N GLY X 47 34.88 -7.57 -48.79
CA GLY X 47 35.57 -8.69 -49.37
C GLY X 47 36.11 -9.61 -48.29
N ASP X 48 36.98 -10.53 -48.73
CA ASP X 48 37.56 -11.49 -47.79
C ASP X 48 38.43 -10.80 -46.74
N GLU X 49 39.08 -9.70 -47.12
CA GLU X 49 39.96 -8.96 -46.21
C GLU X 49 39.30 -7.73 -45.62
N GLY X 50 37.99 -7.57 -45.81
CA GLY X 50 37.30 -6.42 -45.26
C GLY X 50 36.98 -5.38 -46.31
N PHE X 51 36.95 -4.12 -45.92
CA PHE X 51 36.69 -3.03 -46.84
C PHE X 51 38.00 -2.50 -47.41
N MET Y 1 -6.56 -26.11 -52.73
CA MET Y 1 -6.05 -25.32 -51.61
C MET Y 1 -6.73 -23.95 -51.57
N TRP Y 2 -7.44 -23.62 -52.65
CA TRP Y 2 -8.17 -22.35 -52.69
C TRP Y 2 -9.29 -22.31 -51.66
N ARG Y 3 -9.78 -23.47 -51.21
CA ARG Y 3 -10.81 -23.50 -50.18
C ARG Y 3 -10.32 -22.96 -48.85
N LEU Y 4 -9.01 -22.78 -48.69
CA LEU Y 4 -8.47 -22.17 -47.48
C LEU Y 4 -9.02 -20.77 -47.26
N TRP Y 5 -9.35 -20.06 -48.35
CA TRP Y 5 -9.74 -18.67 -48.25
C TRP Y 5 -11.22 -18.50 -47.91
N LYS Y 6 -12.03 -19.54 -48.07
CA LYS Y 6 -13.38 -19.51 -47.54
C LYS Y 6 -13.40 -19.75 -46.04
N LEU Y 7 -12.47 -20.56 -45.53
CA LEU Y 7 -12.37 -20.79 -44.09
C LEU Y 7 -11.80 -19.59 -43.37
N TYR Y 8 -10.73 -18.99 -43.89
CA TYR Y 8 -10.03 -17.91 -43.22
C TYR Y 8 -10.20 -16.59 -43.98
N ASP Y 9 -10.28 -15.51 -43.22
CA ASP Y 9 -10.44 -14.19 -43.82
C ASP Y 9 -9.16 -13.82 -44.55
N PRO Y 10 -9.20 -13.59 -45.87
CA PRO Y 10 -7.96 -13.28 -46.60
C PRO Y 10 -7.23 -12.07 -46.09
N ARG Y 11 -7.94 -11.05 -45.60
CA ARG Y 11 -7.27 -9.87 -45.07
C ARG Y 11 -6.48 -10.21 -43.81
N ARG Y 12 -7.05 -11.01 -42.91
CA ARG Y 12 -6.35 -11.33 -41.67
C ARG Y 12 -5.17 -12.26 -41.92
N VAL Y 13 -5.26 -13.14 -42.91
CA VAL Y 13 -4.14 -14.02 -43.24
C VAL Y 13 -3.01 -13.22 -43.86
N LEU Y 14 -3.34 -12.26 -44.72
CA LEU Y 14 -2.28 -11.44 -45.33
C LEU Y 14 -1.55 -10.61 -44.28
N ILE Y 15 -2.29 -10.05 -43.31
CA ILE Y 15 -1.66 -9.25 -42.27
C ILE Y 15 -0.83 -10.14 -41.35
N GLY Y 16 -1.34 -11.33 -41.01
CA GLY Y 16 -0.56 -12.25 -40.20
C GLY Y 16 0.71 -12.69 -40.90
N ILE Y 17 0.63 -12.99 -42.19
CA ILE Y 17 1.81 -13.39 -42.94
C ILE Y 17 2.79 -12.25 -43.06
N PHE Y 18 2.31 -11.06 -43.43
CA PHE Y 18 3.19 -9.92 -43.59
C PHE Y 18 3.82 -9.52 -42.25
N SER Y 19 3.05 -9.59 -41.17
CA SER Y 19 3.63 -9.36 -39.84
C SER Y 19 4.69 -10.39 -39.50
N TRP Y 20 4.41 -11.66 -39.79
CA TRP Y 20 5.40 -12.71 -39.55
C TRP Y 20 6.65 -12.48 -40.38
N LEU Y 21 6.48 -12.14 -41.66
CA LEU Y 21 7.63 -11.92 -42.53
C LEU Y 21 8.46 -10.74 -42.08
N ALA Y 22 7.81 -9.64 -41.67
CA ALA Y 22 8.55 -8.48 -41.19
C ALA Y 22 9.35 -8.83 -39.93
N VAL Y 23 8.74 -9.55 -39.00
CA VAL Y 23 9.45 -9.95 -37.79
C VAL Y 23 10.60 -10.89 -38.13
N LEU Y 24 10.33 -11.88 -38.99
CA LEU Y 24 11.37 -12.85 -39.32
C LEU Y 24 12.55 -12.20 -40.01
N ALA Y 25 12.30 -11.31 -40.97
CA ALA Y 25 13.40 -10.67 -41.70
C ALA Y 25 14.24 -9.81 -40.76
N LEU Y 26 13.61 -9.11 -39.83
CA LEU Y 26 14.36 -8.36 -38.83
C LEU Y 26 15.17 -9.28 -37.93
N VAL Y 27 14.60 -10.42 -37.55
CA VAL Y 27 15.34 -11.36 -36.70
C VAL Y 27 16.56 -11.87 -37.43
N ILE Y 28 16.40 -12.27 -38.68
CA ILE Y 28 17.51 -12.85 -39.42
C ILE Y 28 18.60 -11.82 -39.69
N HIS Y 29 18.20 -10.62 -40.15
CA HIS Y 29 19.18 -9.59 -40.47
C HIS Y 29 20.01 -9.22 -39.25
N PHE Y 30 19.37 -9.05 -38.09
CA PHE Y 30 20.11 -8.66 -36.89
C PHE Y 30 20.89 -9.80 -36.29
N ILE Y 31 20.45 -11.05 -36.51
CA ILE Y 31 21.29 -12.18 -36.13
C ILE Y 31 22.58 -12.17 -36.95
N LEU Y 32 22.47 -11.92 -38.25
CA LEU Y 32 23.65 -11.85 -39.10
C LEU Y 32 24.57 -10.70 -38.69
N LEU Y 33 23.98 -9.56 -38.34
CA LEU Y 33 24.79 -8.42 -37.92
C LEU Y 33 25.58 -8.72 -36.64
N SER Y 34 25.07 -9.62 -35.80
CA SER Y 34 25.77 -9.98 -34.58
C SER Y 34 26.91 -10.96 -34.84
N THR Y 35 26.96 -11.59 -36.00
CA THR Y 35 27.99 -12.56 -36.31
C THR Y 35 29.28 -11.88 -36.76
N ASP Y 36 30.40 -12.59 -36.58
CA ASP Y 36 31.67 -12.09 -37.09
C ASP Y 36 31.82 -12.31 -38.59
N ARG Y 37 31.13 -13.30 -39.15
CA ARG Y 37 31.29 -13.64 -40.56
C ARG Y 37 30.34 -12.87 -41.47
N PHE Y 38 29.11 -12.60 -41.02
CA PHE Y 38 28.08 -12.05 -41.88
C PHE Y 38 27.69 -10.62 -41.54
N ASN Y 39 28.48 -9.93 -40.72
CA ASN Y 39 28.20 -8.53 -40.39
C ASN Y 39 28.74 -7.65 -41.50
N TRP Y 40 27.88 -7.25 -42.43
CA TRP Y 40 28.36 -6.57 -43.63
C TRP Y 40 28.76 -5.13 -43.35
N VAL Y 41 27.98 -4.39 -42.55
CA VAL Y 41 28.34 -3.01 -42.28
C VAL Y 41 29.51 -2.91 -41.32
N GLY Y 42 29.80 -3.97 -40.56
CA GLY Y 42 30.92 -3.97 -39.65
C GLY Y 42 32.26 -4.26 -40.28
N GLY Y 43 32.30 -4.42 -41.59
CA GLY Y 43 33.55 -4.71 -42.28
C GLY Y 43 34.11 -6.07 -41.94
N ALA Y 44 33.26 -7.10 -41.89
CA ALA Y 44 33.70 -8.43 -41.48
C ALA Y 44 34.71 -9.00 -42.46
N ALA Y 45 35.81 -9.52 -41.93
CA ALA Y 45 36.85 -10.14 -42.73
C ALA Y 45 36.92 -11.62 -42.42
N VAL Y 46 36.96 -12.45 -43.45
CA VAL Y 46 36.99 -13.90 -43.27
C VAL Y 46 38.44 -14.38 -43.14
N LEU Z 7 -18.19 -20.35 -42.60
CA LEU Z 7 -17.13 -19.86 -43.48
C LEU Z 7 -17.34 -18.39 -43.81
N THR Z 8 -16.26 -17.71 -44.17
CA THR Z 8 -16.32 -16.30 -44.53
C THR Z 8 -17.10 -16.11 -45.82
N GLY Z 9 -17.66 -14.90 -45.97
CA GLY Z 9 -18.49 -14.60 -47.12
C GLY Z 9 -17.69 -14.41 -48.39
N LEU Z 10 -17.13 -15.49 -48.91
CA LEU Z 10 -16.33 -15.47 -50.13
C LEU Z 10 -16.83 -16.58 -51.04
N SER Z 11 -17.09 -16.24 -52.29
CA SER Z 11 -17.57 -17.24 -53.24
C SER Z 11 -16.43 -18.17 -53.66
N ASP Z 12 -16.80 -19.28 -54.29
CA ASP Z 12 -15.80 -20.17 -54.86
C ASP Z 12 -14.94 -19.44 -55.88
N GLU Z 13 -15.54 -18.55 -56.66
CA GLU Z 13 -14.80 -17.84 -57.69
C GLU Z 13 -13.85 -16.82 -57.07
N GLU Z 14 -14.32 -16.08 -56.06
CA GLU Z 14 -13.46 -15.12 -55.38
C GLU Z 14 -12.31 -15.82 -54.66
N ALA Z 15 -12.59 -16.94 -54.01
CA ALA Z 15 -11.53 -17.70 -53.35
C ALA Z 15 -10.54 -18.24 -54.36
N LYS Z 16 -11.02 -18.71 -55.51
CA LYS Z 16 -10.12 -19.17 -56.56
C LYS Z 16 -9.32 -18.01 -57.14
N GLU Z 17 -9.93 -16.83 -57.28
CA GLU Z 17 -9.21 -15.68 -57.80
C GLU Z 17 -8.14 -15.21 -56.80
N PHE Z 18 -8.48 -15.18 -55.52
CA PHE Z 18 -7.48 -14.81 -54.52
C PHE Z 18 -6.34 -15.81 -54.49
N HIS Z 19 -6.66 -17.10 -54.57
CA HIS Z 19 -5.63 -18.12 -54.45
C HIS Z 19 -4.62 -18.04 -55.59
N SER Z 20 -5.09 -17.82 -56.81
CA SER Z 20 -4.18 -17.69 -57.94
C SER Z 20 -3.24 -16.50 -57.78
N ILE Z 21 -3.77 -15.37 -57.29
CA ILE Z 21 -2.93 -14.22 -57.04
C ILE Z 21 -2.02 -14.46 -55.84
N PHE Z 22 -2.54 -15.09 -54.79
CA PHE Z 22 -1.74 -15.38 -53.62
C PHE Z 22 -0.55 -16.27 -53.98
N MET Z 23 -0.80 -17.32 -54.77
CA MET Z 23 0.30 -18.19 -55.19
C MET Z 23 1.25 -17.47 -56.12
N GLN Z 24 0.73 -16.66 -57.04
CA GLN Z 24 1.60 -15.88 -57.91
C GLN Z 24 2.47 -14.92 -57.10
N SER Z 25 1.86 -14.21 -56.14
CA SER Z 25 2.62 -13.28 -55.32
C SER Z 25 3.63 -14.01 -54.45
N PHE Z 26 3.26 -15.18 -53.92
CA PHE Z 26 4.20 -15.96 -53.14
C PHE Z 26 5.40 -16.41 -53.98
N LEU Z 27 5.14 -16.86 -55.22
CA LEU Z 27 6.23 -17.31 -56.08
C LEU Z 27 7.18 -16.16 -56.42
N ILE Z 28 6.64 -14.97 -56.65
CA ILE Z 28 7.48 -13.82 -56.92
C ILE Z 28 8.29 -13.44 -55.70
N PHE Z 29 7.65 -13.43 -54.53
CA PHE Z 29 8.38 -13.15 -53.28
C PHE Z 29 9.48 -14.18 -53.06
N THR Z 30 9.18 -15.45 -53.30
CA THR Z 30 10.20 -16.49 -53.15
C THR Z 30 11.30 -16.33 -54.20
N ALA Z 31 10.93 -16.02 -55.44
CA ALA Z 31 11.92 -15.91 -56.50
C ALA Z 31 12.92 -14.79 -56.22
N VAL Z 32 12.43 -13.64 -55.75
CA VAL Z 32 13.32 -12.57 -55.34
C VAL Z 32 14.22 -13.04 -54.20
N ALA Z 33 13.65 -13.77 -53.25
CA ALA Z 33 14.42 -14.29 -52.13
C ALA Z 33 15.44 -15.33 -52.58
N VAL Z 34 15.08 -16.14 -53.58
CA VAL Z 34 16.03 -17.12 -54.10
C VAL Z 34 17.22 -16.41 -54.72
N VAL Z 35 16.96 -15.38 -55.53
CA VAL Z 35 18.06 -14.61 -56.13
C VAL Z 35 18.88 -13.93 -55.05
N ALA Z 36 18.21 -13.37 -54.04
CA ALA Z 36 18.92 -12.75 -52.93
C ALA Z 36 19.83 -13.76 -52.24
N HIS Z 37 19.35 -15.00 -52.07
CA HIS Z 37 20.16 -16.01 -51.43
C HIS Z 37 21.30 -16.48 -52.33
N PHE Z 38 21.06 -16.57 -53.64
CA PHE Z 38 22.15 -16.87 -54.56
C PHE Z 38 23.23 -15.80 -54.50
N LEU Z 39 22.81 -14.52 -54.45
CA LEU Z 39 23.77 -13.44 -54.31
C LEU Z 39 24.51 -13.52 -52.98
N ALA Z 40 23.78 -13.81 -51.90
CA ALA Z 40 24.41 -13.91 -50.59
C ALA Z 40 25.40 -15.06 -50.54
N TRP Z 41 25.09 -16.18 -51.21
CA TRP Z 41 26.03 -17.29 -51.25
C TRP Z 41 27.31 -16.91 -51.98
N ALA Z 42 27.19 -16.17 -53.08
CA ALA Z 42 28.38 -15.70 -53.80
C ALA Z 42 29.25 -14.82 -52.91
N TRP Z 43 28.65 -14.06 -52.00
CA TRP Z 43 29.43 -13.26 -51.07
C TRP Z 43 30.10 -14.14 -50.02
N ARG Z 44 29.31 -14.78 -49.16
CA ARG Z 44 29.85 -15.65 -48.13
C ARG Z 44 28.93 -16.83 -47.88
N PRO Z 45 29.34 -18.03 -48.27
CA PRO Z 45 28.53 -19.23 -47.98
C PRO Z 45 28.36 -19.42 -46.49
N TRP Z 46 27.18 -19.94 -46.12
CA TRP Z 46 26.84 -20.14 -44.72
C TRP Z 46 26.82 -21.60 -44.31
N ILE Z 47 27.29 -22.50 -45.15
CA ILE Z 47 27.38 -23.92 -44.80
C ILE Z 47 28.85 -24.27 -44.65
N PRO Z 48 29.36 -24.36 -43.43
CA PRO Z 48 30.79 -24.62 -43.24
C PRO Z 48 31.15 -26.04 -43.62
N GLY Z 49 32.42 -26.23 -43.98
CA GLY Z 49 32.96 -27.55 -44.22
C GLY Z 49 33.39 -28.20 -42.92
N ALA Z 50 33.99 -29.38 -43.07
CA ALA Z 50 34.44 -30.13 -41.89
C ALA Z 50 35.51 -29.38 -41.12
N GLU Z 51 36.29 -28.54 -41.80
CA GLU Z 51 37.36 -27.77 -41.16
C GLU Z 51 36.89 -26.42 -40.65
N GLY Z 52 35.63 -26.08 -40.83
CA GLY Z 52 35.10 -24.80 -40.40
C GLY Z 52 35.11 -23.77 -41.51
N TYR Z 53 35.12 -22.52 -41.09
CA TYR Z 53 35.24 -21.41 -42.03
C TYR Z 53 36.70 -21.05 -42.23
N MET AA 1 -9.04 -41.51 -43.06
CA MET AA 1 -8.64 -40.75 -41.89
C MET AA 1 -9.26 -39.36 -41.92
N TRP AA 2 -10.10 -39.13 -42.95
CA TRP AA 2 -10.83 -37.88 -43.06
C TRP AA 2 -11.80 -37.66 -41.91
N ARG AA 3 -12.16 -38.73 -41.19
CA ARG AA 3 -13.10 -38.62 -40.08
C ARG AA 3 -12.54 -37.83 -38.91
N MET AA 4 -11.23 -37.55 -38.90
CA MET AA 4 -10.65 -36.76 -37.83
C MET AA 4 -11.32 -35.40 -37.72
N TRP AA 5 -11.70 -34.81 -38.85
CA TRP AA 5 -12.26 -33.48 -38.88
C TRP AA 5 -13.73 -33.44 -38.48
N LYS AA 6 -14.35 -34.58 -38.23
CA LYS AA 6 -15.64 -34.63 -37.57
C LYS AA 6 -15.51 -34.66 -36.04
N ILE AA 7 -14.29 -34.84 -35.53
CA ILE AA 7 -14.03 -34.81 -34.09
C ILE AA 7 -13.37 -33.49 -33.73
N LEU AA 8 -12.17 -33.28 -34.28
CA LEU AA 8 -11.42 -32.05 -34.06
C LEU AA 8 -11.82 -31.02 -35.11
N ASP AA 9 -11.92 -29.77 -34.68
CA ASP AA 9 -12.25 -28.69 -35.60
C ASP AA 9 -11.05 -28.40 -36.50
N TYR AA 10 -11.25 -28.52 -37.81
CA TYR AA 10 -10.19 -28.20 -38.75
C TYR AA 10 -9.83 -26.73 -38.73
N ARG AA 11 -10.78 -25.87 -38.36
CA ARG AA 11 -10.51 -24.43 -38.27
C ARG AA 11 -9.41 -24.14 -37.27
N ARG AA 12 -9.56 -24.63 -36.04
CA ARG AA 12 -8.59 -24.36 -34.98
C ARG AA 12 -7.31 -25.15 -35.14
N THR AA 13 -7.41 -26.39 -35.64
CA THR AA 13 -6.24 -27.26 -35.73
C THR AA 13 -5.19 -26.67 -36.67
N VAL AA 14 -5.61 -26.13 -37.80
CA VAL AA 14 -4.67 -25.59 -38.77
C VAL AA 14 -3.90 -24.42 -38.17
N VAL AA 15 -4.60 -23.50 -37.51
CA VAL AA 15 -3.94 -22.35 -36.89
C VAL AA 15 -3.01 -22.81 -35.78
N LEU AA 16 -3.48 -23.73 -34.94
CA LEU AA 16 -2.65 -24.23 -33.85
C LEU AA 16 -1.43 -24.97 -34.39
N ALA AA 17 -1.60 -25.72 -35.48
CA ALA AA 17 -0.46 -26.40 -36.09
C ALA AA 17 0.59 -25.41 -36.58
N HIS AA 18 0.13 -24.35 -37.27
CA HIS AA 18 1.08 -23.38 -37.81
C HIS AA 18 1.82 -22.64 -36.71
N VAL AA 19 1.12 -22.25 -35.65
CA VAL AA 19 1.78 -21.56 -34.55
C VAL AA 19 2.68 -22.52 -33.78
N GLY AA 20 2.20 -23.73 -33.52
CA GLY AA 20 2.99 -24.68 -32.76
C GLY AA 20 4.23 -25.11 -33.50
N MET AA 21 4.11 -25.38 -34.80
CA MET AA 21 5.29 -25.76 -35.58
C MET AA 21 6.22 -24.57 -35.79
N ALA AA 22 5.69 -23.35 -35.86
CA ALA AA 22 6.55 -22.17 -35.90
C ALA AA 22 7.41 -22.09 -34.65
N VAL AA 23 6.80 -22.30 -33.49
CA VAL AA 23 7.56 -22.29 -32.24
C VAL AA 23 8.57 -23.43 -32.22
N LEU AA 24 8.14 -24.63 -32.65
CA LEU AA 24 9.04 -25.78 -32.62
C LEU AA 24 10.24 -25.57 -33.54
N ALA AA 25 10.02 -25.05 -34.75
CA ALA AA 25 11.10 -24.85 -35.69
C ALA AA 25 12.10 -23.80 -35.17
N LEU AA 26 11.59 -22.72 -34.58
CA LEU AA 26 12.49 -21.73 -34.00
C LEU AA 26 13.30 -22.33 -32.86
N LEU AA 27 12.68 -23.17 -32.04
CA LEU AA 27 13.39 -23.81 -30.94
C LEU AA 27 14.51 -24.69 -31.44
N ILE AA 28 14.24 -25.51 -32.45
CA ILE AA 28 15.26 -26.43 -32.95
C ILE AA 28 16.38 -25.68 -33.66
N HIS AA 29 16.04 -24.66 -34.44
CA HIS AA 29 17.06 -23.84 -35.07
C HIS AA 29 17.94 -23.16 -34.03
N PHE AA 30 17.33 -22.63 -32.97
CA PHE AA 30 18.09 -21.95 -31.93
C PHE AA 30 18.93 -22.93 -31.12
N ILE AA 31 18.40 -24.13 -30.86
CA ILE AA 31 19.19 -25.14 -30.16
C ILE AA 31 20.41 -25.52 -30.97
N LEU AA 32 20.25 -25.71 -32.28
CA LEU AA 32 21.39 -25.98 -33.14
C LEU AA 32 22.37 -24.82 -33.16
N LEU AA 33 21.87 -23.60 -33.16
CA LEU AA 33 22.75 -22.43 -33.11
C LEU AA 33 23.56 -22.38 -31.82
N SER AA 34 23.00 -22.88 -30.72
CA SER AA 34 23.71 -22.89 -29.45
C SER AA 34 24.76 -23.99 -29.36
N THR AA 35 24.74 -24.96 -30.27
CA THR AA 35 25.75 -26.00 -30.28
C THR AA 35 27.01 -25.54 -31.00
N GLU AA 36 28.10 -26.27 -30.78
CA GLU AA 36 29.34 -25.95 -31.48
C GLU AA 36 29.50 -26.73 -32.78
N ASN AA 37 28.83 -27.87 -32.92
CA ASN AA 37 28.95 -28.66 -34.14
C ASN AA 37 27.93 -28.32 -35.20
N PHE AA 38 26.84 -27.64 -34.83
CA PHE AA 38 25.77 -27.39 -35.78
C PHE AA 38 25.42 -25.91 -35.91
N ASN AA 39 26.22 -25.02 -35.34
CA ASN AA 39 26.04 -23.58 -35.50
C ASN AA 39 26.64 -23.20 -36.86
N TRP AA 40 25.80 -23.22 -37.89
CA TRP AA 40 26.25 -22.95 -39.24
C TRP AA 40 26.71 -21.51 -39.43
N LEU AA 41 26.23 -20.58 -38.60
CA LEU AA 41 26.72 -19.21 -38.70
C LEU AA 41 28.11 -19.07 -38.09
N GLN AA 42 28.37 -19.77 -36.98
CA GLN AA 42 29.70 -19.74 -36.39
C GLN AA 42 30.68 -20.58 -37.20
N GLY AA 43 30.27 -21.75 -37.67
CA GLY AA 43 31.11 -22.58 -38.50
C GLY AA 43 32.34 -23.13 -37.83
N ASN AA 44 32.17 -23.73 -36.66
CA ASN AA 44 33.26 -24.45 -36.02
C ASN AA 44 33.57 -25.72 -36.78
N PRO AA 45 34.78 -26.27 -36.63
CA PRO AA 45 35.09 -27.56 -37.24
C PRO AA 45 34.22 -28.67 -36.65
N TYR AA 46 33.87 -29.62 -37.50
CA TYR AA 46 33.00 -30.72 -37.12
C TYR AA 46 33.79 -31.87 -36.51
N ASN BA 7 -21.79 -31.79 -36.84
CA ASN BA 7 -21.88 -30.43 -37.35
C ASN BA 7 -21.11 -30.31 -38.67
N VAL BA 8 -20.35 -31.35 -39.00
CA VAL BA 8 -19.53 -31.40 -40.21
C VAL BA 8 -19.99 -32.59 -41.03
N SER BA 9 -20.27 -32.36 -42.30
CA SER BA 9 -20.72 -33.43 -43.18
C SER BA 9 -19.55 -34.28 -43.63
N ASP BA 10 -19.86 -35.45 -44.19
CA ASP BA 10 -18.81 -36.35 -44.67
C ASP BA 10 -18.03 -35.71 -45.80
N GLU BA 11 -18.71 -35.06 -46.74
CA GLU BA 11 -18.01 -34.45 -47.87
C GLU BA 11 -17.17 -33.26 -47.43
N GLU BA 12 -17.65 -32.48 -46.47
CA GLU BA 12 -16.88 -31.36 -45.95
C GLU BA 12 -15.60 -31.85 -45.26
N ALA BA 13 -15.69 -32.99 -44.57
CA ALA BA 13 -14.49 -33.58 -43.98
C ALA BA 13 -13.54 -34.10 -45.03
N LYS BA 14 -14.05 -34.59 -46.16
CA LYS BA 14 -13.16 -34.99 -47.26
C LYS BA 14 -12.39 -33.80 -47.80
N GLU BA 15 -13.05 -32.65 -47.94
CA GLU BA 15 -12.37 -31.45 -48.44
C GLU BA 15 -11.32 -30.96 -47.47
N PHE BA 16 -11.62 -30.94 -46.18
CA PHE BA 16 -10.63 -30.54 -45.19
C PHE BA 16 -9.44 -31.50 -45.20
N HIS BA 17 -9.70 -32.80 -45.29
CA HIS BA 17 -8.62 -33.77 -45.31
C HIS BA 17 -7.82 -33.69 -46.62
N ALA BA 18 -8.48 -33.36 -47.73
CA ALA BA 18 -7.77 -33.20 -48.99
C ALA BA 18 -6.77 -32.07 -48.91
N MET BA 19 -7.16 -30.93 -48.35
CA MET BA 19 -6.22 -29.84 -48.14
C MET BA 19 -5.14 -30.23 -47.14
N PHE BA 20 -5.53 -30.94 -46.08
CA PHE BA 20 -4.54 -31.39 -45.09
C PHE BA 20 -3.53 -32.33 -45.72
N SER BA 21 -4.00 -33.29 -46.53
CA SER BA 21 -3.08 -34.26 -47.12
C SER BA 21 -2.11 -33.60 -48.07
N GLN BA 22 -2.57 -32.65 -48.88
CA GLN BA 22 -1.68 -31.94 -49.78
C GLN BA 22 -0.64 -31.15 -49.00
N ALA BA 23 -1.06 -30.43 -47.97
CA ALA BA 23 -0.12 -29.63 -47.18
C ALA BA 23 0.83 -30.51 -46.39
N PHE BA 24 0.31 -31.59 -45.80
CA PHE BA 24 1.17 -32.50 -45.04
C PHE BA 24 2.21 -33.15 -45.94
N THR BA 25 1.80 -33.55 -47.15
CA THR BA 25 2.74 -34.20 -48.06
C THR BA 25 3.87 -33.26 -48.46
N VAL BA 26 3.53 -32.02 -48.82
CA VAL BA 26 4.56 -31.06 -49.20
C VAL BA 26 5.43 -30.70 -48.01
N TYR BA 27 4.82 -30.51 -46.84
CA TYR BA 27 5.59 -30.16 -45.65
C TYR BA 27 6.58 -31.25 -45.29
N ILE BA 28 6.11 -32.50 -45.23
CA ILE BA 28 7.00 -33.60 -44.86
C ILE BA 28 8.01 -33.87 -45.95
N GLY BA 29 7.59 -33.78 -47.21
CA GLY BA 29 8.52 -34.01 -48.31
C GLY BA 29 9.67 -33.02 -48.31
N VAL BA 30 9.38 -31.75 -48.05
CA VAL BA 30 10.44 -30.76 -47.89
C VAL BA 30 11.27 -31.06 -46.65
N ALA BA 31 10.61 -31.46 -45.56
CA ALA BA 31 11.33 -31.75 -44.32
C ALA BA 31 12.28 -32.93 -44.51
N VAL BA 32 11.83 -33.98 -45.22
CA VAL BA 32 12.70 -35.13 -45.46
C VAL BA 32 13.90 -34.73 -46.30
N VAL BA 33 13.67 -33.93 -47.35
CA VAL BA 33 14.77 -33.46 -48.19
C VAL BA 33 15.74 -32.62 -47.36
N ALA BA 34 15.20 -31.75 -46.51
CA ALA BA 34 16.06 -30.92 -45.66
C ALA BA 34 16.91 -31.78 -44.73
N HIS BA 35 16.34 -32.85 -44.18
CA HIS BA 35 17.08 -33.69 -43.26
C HIS BA 35 18.12 -34.53 -43.99
N ILE BA 36 17.85 -34.96 -45.22
CA ILE BA 36 18.88 -35.63 -46.01
C ILE BA 36 20.04 -34.67 -46.26
N LEU BA 37 19.74 -33.44 -46.65
CA LEU BA 37 20.79 -32.45 -46.89
C LEU BA 37 21.55 -32.14 -45.61
N ALA BA 38 20.84 -31.99 -44.50
CA ALA BA 38 21.51 -31.74 -43.23
C ALA BA 38 22.41 -32.90 -42.83
N TRP BA 39 21.95 -34.14 -43.07
CA TRP BA 39 22.79 -35.30 -42.76
C TRP BA 39 24.03 -35.33 -43.64
N ALA BA 40 23.88 -35.02 -44.93
CA ALA BA 40 25.04 -34.97 -45.81
C ALA BA 40 26.02 -33.89 -45.37
N TRP BA 41 25.54 -32.85 -44.70
CA TRP BA 41 26.43 -31.81 -44.20
C TRP BA 41 27.16 -32.27 -42.95
N ARG BA 42 26.42 -32.50 -41.87
CA ARG BA 42 27.01 -32.96 -40.61
C ARG BA 42 26.05 -33.93 -39.91
N PRO BA 43 26.36 -35.22 -39.91
CA PRO BA 43 25.51 -36.18 -39.20
C PRO BA 43 25.42 -35.85 -37.72
N TRP BA 44 24.23 -36.05 -37.15
CA TRP BA 44 23.95 -35.68 -35.77
C TRP BA 44 23.83 -36.87 -34.84
N ILE BA 45 24.25 -38.06 -35.29
CA ILE BA 45 24.26 -39.22 -34.40
C ILE BA 45 25.71 -39.62 -34.19
N PRO BA 46 26.32 -39.25 -33.07
CA PRO BA 46 27.74 -39.50 -32.88
C PRO BA 46 28.03 -40.98 -32.67
N GLY BA 47 29.25 -41.37 -33.02
CA GLY BA 47 29.73 -42.70 -32.74
C GLY BA 47 30.29 -42.80 -31.34
N ASP BA 48 30.98 -43.90 -31.07
CA ASP BA 48 31.52 -44.13 -29.74
C ASP BA 48 32.57 -43.09 -29.38
N GLU BA 49 33.29 -42.56 -30.36
CA GLU BA 49 34.34 -41.57 -30.12
C GLU BA 49 33.89 -40.16 -30.45
N GLY BA 50 32.62 -39.95 -30.74
CA GLY BA 50 32.13 -38.62 -31.04
C GLY BA 50 31.83 -38.41 -32.51
N PHE BA 51 31.97 -37.17 -32.97
CA PHE BA 51 31.74 -36.84 -34.37
C PHE BA 51 33.03 -36.97 -35.17
N MET CA 1 -14.18 -52.09 -24.44
CA MET CA 1 -13.51 -50.86 -24.04
C MET CA 1 -14.05 -49.68 -24.82
N TRP CA 2 -14.81 -49.96 -25.88
CA TRP CA 2 -15.37 -48.90 -26.71
C TRP CA 2 -16.37 -48.05 -25.95
N ARG CA 3 -16.95 -48.57 -24.86
CA ARG CA 3 -17.88 -47.79 -24.05
C ARG CA 3 -17.20 -46.61 -23.37
N LEU CA 4 -15.87 -46.57 -23.34
CA LEU CA 4 -15.16 -45.43 -22.80
C LEU CA 4 -15.52 -44.14 -23.52
N TRP CA 5 -15.86 -44.24 -24.81
CA TRP CA 5 -16.08 -43.04 -25.61
C TRP CA 5 -17.50 -42.48 -25.46
N LYS CA 6 -18.43 -43.28 -24.93
CA LYS CA 6 -19.72 -42.72 -24.55
C LYS CA 6 -19.62 -41.97 -23.23
N LEU CA 7 -18.75 -42.41 -22.33
CA LEU CA 7 -18.55 -41.72 -21.06
C LEU CA 7 -17.78 -40.42 -21.23
N TYR CA 8 -16.70 -40.44 -22.01
CA TYR CA 8 -15.84 -39.29 -22.16
C TYR CA 8 -15.93 -38.73 -23.58
N ASP CA 9 -15.82 -37.42 -23.69
CA ASP CA 9 -15.88 -36.77 -24.98
C ASP CA 9 -14.65 -37.16 -25.80
N PRO CA 10 -14.80 -37.78 -26.96
CA PRO CA 10 -13.62 -38.20 -27.73
C PRO CA 10 -12.70 -37.06 -28.12
N ARG CA 11 -13.24 -35.87 -28.38
CA ARG CA 11 -12.40 -34.74 -28.72
C ARG CA 11 -11.53 -34.31 -27.55
N ARG CA 12 -12.10 -34.25 -26.34
CA ARG CA 12 -11.33 -33.81 -25.19
C ARG CA 12 -10.29 -34.83 -24.77
N VAL CA 13 -10.59 -36.12 -24.94
CA VAL CA 13 -9.60 -37.15 -24.63
C VAL CA 13 -8.42 -37.07 -25.60
N LEU CA 14 -8.71 -36.88 -26.89
CA LEU CA 14 -7.63 -36.76 -27.88
C LEU CA 14 -6.72 -35.57 -27.58
N ILE CA 15 -7.31 -34.43 -27.21
CA ILE CA 15 -6.51 -33.25 -26.91
C ILE CA 15 -5.69 -33.48 -25.64
N GLY CA 16 -6.30 -34.08 -24.62
CA GLY CA 16 -5.56 -34.39 -23.41
C GLY CA 16 -4.43 -35.37 -23.66
N ILE CA 17 -4.67 -36.38 -24.49
CA ILE CA 17 -3.63 -37.34 -24.82
C ILE CA 17 -2.52 -36.67 -25.61
N PHE CA 18 -2.88 -35.93 -26.66
CA PHE CA 18 -1.87 -35.32 -27.51
C PHE CA 18 -1.07 -34.27 -26.74
N SER CA 19 -1.73 -33.52 -25.85
CA SER CA 19 -1.02 -32.60 -24.98
C SER CA 19 -0.06 -33.33 -24.07
N TRP CA 20 -0.50 -34.46 -23.49
CA TRP CA 20 0.37 -35.26 -22.64
C TRP CA 20 1.54 -35.81 -23.43
N LEU CA 21 1.28 -36.31 -24.65
CA LEU CA 21 2.35 -36.87 -25.47
C LEU CA 21 3.36 -35.80 -25.85
N ALA CA 22 2.90 -34.61 -26.25
CA ALA CA 22 3.81 -33.55 -26.62
C ALA CA 22 4.68 -33.13 -25.44
N VAL CA 23 4.07 -33.00 -24.27
CA VAL CA 23 4.82 -32.64 -23.07
C VAL CA 23 5.81 -33.74 -22.70
N LEU CA 24 5.36 -35.00 -22.74
CA LEU CA 24 6.25 -36.10 -22.38
C LEU CA 24 7.43 -36.20 -23.33
N ALA CA 25 7.20 -36.06 -24.63
CA ALA CA 25 8.29 -36.16 -25.60
C ALA CA 25 9.31 -35.05 -25.39
N LEU CA 26 8.84 -33.83 -25.13
CA LEU CA 26 9.76 -32.73 -24.84
C LEU CA 26 10.56 -33.00 -23.58
N VAL CA 27 9.91 -33.54 -22.55
CA VAL CA 27 10.61 -33.84 -21.31
C VAL CA 27 11.71 -34.85 -21.56
N ILE CA 28 11.39 -35.93 -22.28
CA ILE CA 28 12.37 -36.99 -22.48
C ILE CA 28 13.52 -36.52 -23.37
N HIS CA 29 13.22 -35.81 -24.45
CA HIS CA 29 14.27 -35.35 -25.34
C HIS CA 29 15.25 -34.43 -24.61
N PHE CA 30 14.73 -33.50 -23.81
CA PHE CA 30 15.61 -32.56 -23.11
C PHE CA 30 16.30 -33.20 -21.92
N ILE CA 31 15.70 -34.23 -21.31
CA ILE CA 31 16.43 -35.00 -20.30
C ILE CA 31 17.63 -35.68 -20.93
N LEU CA 32 17.44 -36.26 -22.12
CA LEU CA 32 18.55 -36.91 -22.83
C LEU CA 32 19.61 -35.90 -23.23
N LEU CA 33 19.19 -34.70 -23.65
CA LEU CA 33 20.16 -33.67 -24.03
C LEU CA 33 21.02 -33.26 -22.83
N SER CA 34 20.48 -33.33 -21.63
CA SER CA 34 21.24 -32.98 -20.43
C SER CA 34 22.24 -34.06 -20.03
N THR CA 35 22.06 -35.29 -20.50
CA THR CA 35 22.97 -36.38 -20.15
C THR CA 35 24.26 -36.28 -20.95
N ASP CA 36 25.33 -36.85 -20.38
CA ASP CA 36 26.59 -36.96 -21.10
C ASP CA 36 26.58 -38.09 -22.11
N ARG CA 37 25.76 -39.11 -21.91
CA ARG CA 37 25.77 -40.28 -22.79
C ARG CA 37 24.83 -40.12 -23.99
N PHE CA 38 23.67 -39.49 -23.80
CA PHE CA 38 22.63 -39.46 -24.82
C PHE CA 38 22.45 -38.10 -25.47
N ASN CA 39 23.38 -37.18 -25.27
CA ASN CA 39 23.30 -35.86 -25.91
C ASN CA 39 23.85 -35.99 -27.33
N TRP CA 40 22.95 -36.16 -28.30
CA TRP CA 40 23.39 -36.47 -29.65
C TRP CA 40 23.98 -35.25 -30.36
N VAL CA 41 23.36 -34.08 -30.23
CA VAL CA 41 23.89 -32.90 -30.92
C VAL CA 41 25.15 -32.39 -30.24
N GLY CA 42 25.39 -32.77 -28.99
CA GLY CA 42 26.57 -32.34 -28.28
C GLY CA 42 27.83 -33.11 -28.58
N GLY CA 43 27.76 -34.08 -29.49
CA GLY CA 43 28.92 -34.89 -29.82
C GLY CA 43 29.37 -35.78 -28.68
N ALA CA 44 28.43 -36.42 -28.00
CA ALA CA 44 28.75 -37.22 -26.84
C ALA CA 44 29.58 -38.44 -27.24
N ALA CA 45 30.65 -38.68 -26.50
CA ALA CA 45 31.53 -39.82 -26.73
C ALA CA 45 31.46 -40.75 -25.52
N VAL CA 46 31.27 -42.04 -25.77
CA VAL CA 46 31.15 -43.00 -24.68
C VAL CA 46 32.52 -43.32 -24.09
N LEU DA 7 -23.96 -39.56 -20.25
CA LEU DA 7 -23.01 -39.92 -21.29
C LEU DA 7 -23.14 -38.99 -22.49
N THR DA 8 -22.04 -38.82 -23.21
CA THR DA 8 -22.03 -37.91 -24.36
C THR DA 8 -22.91 -38.44 -25.49
N GLY DA 9 -23.29 -37.54 -26.38
CA GLY DA 9 -24.16 -37.89 -27.48
C GLY DA 9 -23.47 -38.71 -28.54
N LEU DA 10 -23.10 -39.94 -28.21
CA LEU DA 10 -22.42 -40.84 -29.13
C LEU DA 10 -23.14 -42.19 -29.10
N SER DA 11 -23.47 -42.69 -30.29
CA SER DA 11 -24.14 -43.98 -30.36
C SER DA 11 -23.15 -45.11 -30.11
N ASP DA 12 -23.69 -46.32 -29.88
CA ASP DA 12 -22.84 -47.49 -29.76
C ASP DA 12 -22.01 -47.69 -31.02
N GLU DA 13 -22.57 -47.34 -32.17
CA GLU DA 13 -21.85 -47.55 -33.43
C GLU DA 13 -20.75 -46.52 -33.61
N GLU DA 14 -21.03 -45.25 -33.30
CA GLU DA 14 -20.00 -44.22 -33.38
C GLU DA 14 -18.87 -44.49 -32.39
N ALA DA 15 -19.21 -44.88 -31.17
CA ALA DA 15 -18.19 -45.20 -30.19
C ALA DA 15 -17.36 -46.40 -30.62
N LYS DA 16 -18.01 -47.41 -31.20
CA LYS DA 16 -17.28 -48.55 -31.73
C LYS DA 16 -16.41 -48.13 -32.91
N GLU DA 17 -16.90 -47.23 -33.75
CA GLU DA 17 -16.10 -46.77 -34.88
C GLU DA 17 -14.90 -45.96 -34.41
N PHE DA 18 -15.10 -45.07 -33.43
CA PHE DA 18 -13.97 -44.32 -32.88
C PHE DA 18 -12.96 -45.25 -32.24
N HIS DA 19 -13.43 -46.24 -31.48
CA HIS DA 19 -12.52 -47.11 -30.75
C HIS DA 19 -11.63 -47.90 -31.68
N SER DA 20 -12.19 -48.42 -32.78
CA SER DA 20 -11.37 -49.17 -33.73
C SER DA 20 -10.29 -48.30 -34.34
N ILE DA 21 -10.64 -47.07 -34.72
CA ILE DA 21 -9.65 -46.15 -35.27
C ILE DA 21 -8.67 -45.71 -34.20
N PHE DA 22 -9.16 -45.44 -32.98
CA PHE DA 22 -8.28 -45.03 -31.89
C PHE DA 22 -7.25 -46.11 -31.61
N MET DA 23 -7.68 -47.37 -31.54
CA MET DA 23 -6.74 -48.46 -31.29
C MET DA 23 -5.79 -48.64 -32.47
N GLN DA 24 -6.29 -48.52 -33.70
CA GLN DA 24 -5.41 -48.62 -34.86
C GLN DA 24 -4.38 -47.50 -34.86
N SER DA 25 -4.81 -46.27 -34.57
CA SER DA 25 -3.88 -45.15 -34.49
C SER DA 25 -2.88 -45.33 -33.37
N PHE DA 26 -3.34 -45.86 -32.22
CA PHE DA 26 -2.43 -46.11 -31.11
C PHE DA 26 -1.38 -47.16 -31.48
N LEU DA 27 -1.79 -48.24 -32.15
CA LEU DA 27 -0.84 -49.27 -32.53
C LEU DA 27 0.18 -48.74 -33.52
N ILE DA 28 -0.24 -47.87 -34.42
CA ILE DA 28 0.70 -47.28 -35.39
C ILE DA 28 1.65 -46.33 -34.68
N PHE DA 29 1.13 -45.49 -33.79
CA PHE DA 29 1.99 -44.61 -33.01
C PHE DA 29 2.99 -45.41 -32.18
N THR DA 30 2.52 -46.50 -31.57
CA THR DA 30 3.41 -47.34 -30.79
C THR DA 30 4.42 -48.07 -31.67
N ALA DA 31 3.99 -48.52 -32.85
CA ALA DA 31 4.91 -49.23 -33.75
C ALA DA 31 6.04 -48.31 -34.21
N VAL DA 32 5.72 -47.06 -34.53
CA VAL DA 32 6.77 -46.11 -34.89
C VAL DA 32 7.70 -45.89 -33.70
N ALA DA 33 7.14 -45.77 -32.51
CA ALA DA 33 7.95 -45.59 -31.31
C ALA DA 33 8.82 -46.81 -31.05
N VAL DA 34 8.28 -48.01 -31.28
CA VAL DA 34 9.07 -49.23 -31.08
C VAL DA 34 10.25 -49.24 -32.03
N VAL DA 35 10.04 -48.91 -33.30
CA VAL DA 35 11.13 -48.85 -34.25
C VAL DA 35 12.13 -47.77 -33.85
N ALA DA 36 11.63 -46.62 -33.41
CA ALA DA 36 12.53 -45.58 -32.92
C ALA DA 36 13.38 -46.08 -31.77
N HIS DA 37 12.81 -46.90 -30.89
CA HIS DA 37 13.55 -47.38 -29.74
C HIS DA 37 14.56 -48.45 -30.13
N PHE DA 38 14.21 -49.31 -31.09
CA PHE DA 38 15.20 -50.24 -31.63
C PHE DA 38 16.35 -49.50 -32.27
N LEU DA 39 16.06 -48.44 -33.02
CA LEU DA 39 17.12 -47.62 -33.60
C LEU DA 39 17.95 -46.93 -32.52
N ALA DA 40 17.28 -46.40 -31.49
CA ALA DA 40 18.01 -45.75 -30.41
C ALA DA 40 18.89 -46.75 -29.66
N TRP DA 41 18.38 -47.97 -29.46
CA TRP DA 41 19.18 -48.99 -28.78
C TRP DA 41 20.42 -49.34 -29.59
N ALA DA 42 20.28 -49.45 -30.91
CA ALA DA 42 21.44 -49.74 -31.75
C ALA DA 42 22.50 -48.64 -31.64
N TRP DA 43 22.08 -47.40 -31.42
CA TRP DA 43 23.04 -46.32 -31.20
C TRP DA 43 23.69 -46.45 -29.83
N ARG DA 44 22.91 -46.28 -28.76
CA ARG DA 44 23.45 -46.38 -27.41
C ARG DA 44 22.43 -47.01 -26.48
N PRO DA 45 22.68 -48.22 -25.99
CA PRO DA 45 21.76 -48.84 -25.03
C PRO DA 45 21.68 -48.03 -23.75
N TRP DA 46 20.50 -48.05 -23.13
CA TRP DA 46 20.26 -47.27 -21.92
C TRP DA 46 20.10 -48.14 -20.68
N ILE DA 47 20.40 -49.43 -20.77
CA ILE DA 47 20.36 -50.29 -19.59
C ILE DA 47 21.79 -50.68 -19.25
N PRO DA 48 22.41 -50.02 -18.27
CA PRO DA 48 23.81 -50.32 -17.97
C PRO DA 48 23.97 -51.68 -17.34
N GLY DA 49 25.14 -52.26 -17.53
CA GLY DA 49 25.50 -53.51 -16.89
C GLY DA 49 25.98 -53.28 -15.48
N ALA DA 50 26.42 -54.38 -14.84
CA ALA DA 50 26.88 -54.30 -13.47
C ALA DA 50 28.10 -53.40 -13.34
N GLU DA 51 28.92 -53.31 -14.39
CA GLU DA 51 30.11 -52.48 -14.37
C GLU DA 51 29.85 -51.05 -14.81
N GLY DA 52 28.63 -50.71 -15.16
CA GLY DA 52 28.29 -49.38 -15.61
C GLY DA 52 28.32 -49.24 -17.11
N TYR DA 53 28.50 -48.01 -17.56
CA TYR DA 53 28.65 -47.73 -18.97
C TYR DA 53 30.11 -47.77 -19.39
N MET EA 1 -17.58 -57.41 -7.09
CA MET EA 1 -16.94 -56.15 -6.71
C MET EA 1 -17.38 -55.05 -7.68
N TRP EA 2 -18.26 -55.41 -8.60
CA TRP EA 2 -18.86 -54.43 -9.51
C TRP EA 2 -19.68 -53.39 -8.76
N ARG EA 3 -20.11 -53.70 -7.54
CA ARG EA 3 -20.92 -52.79 -6.75
C ARG EA 3 -20.17 -51.54 -6.33
N MET EA 4 -18.84 -51.52 -6.46
CA MET EA 4 -18.07 -50.33 -6.14
C MET EA 4 -18.55 -49.12 -6.92
N TRP EA 5 -19.00 -49.34 -8.15
CA TRP EA 5 -19.40 -48.25 -9.04
C TRP EA 5 -20.83 -47.78 -8.77
N LYS EA 6 -21.54 -48.41 -7.84
CA LYS EA 6 -22.76 -47.84 -7.30
C LYS EA 6 -22.50 -46.93 -6.11
N ILE EA 7 -21.27 -46.90 -5.61
CA ILE EA 7 -20.86 -46.00 -4.53
C ILE EA 7 -20.02 -44.85 -5.06
N LEU EA 8 -18.85 -45.16 -5.59
CA LEU EA 8 -17.98 -44.15 -6.19
C LEU EA 8 -18.33 -43.97 -7.65
N ASP EA 9 -18.26 -42.73 -8.11
CA ASP EA 9 -18.56 -42.44 -9.51
C ASP EA 9 -17.42 -42.94 -10.38
N TYR EA 10 -17.74 -43.86 -11.30
CA TYR EA 10 -16.74 -44.38 -12.21
C TYR EA 10 -16.24 -43.30 -13.16
N ARG EA 11 -17.04 -42.28 -13.42
CA ARG EA 11 -16.61 -41.17 -14.27
C ARG EA 11 -15.40 -40.46 -13.68
N ARG EA 12 -15.49 -40.06 -12.41
CA ARG EA 12 -14.41 -39.31 -11.77
C ARG EA 12 -13.25 -40.22 -11.36
N THR EA 13 -13.54 -41.46 -10.97
CA THR EA 13 -12.49 -42.35 -10.48
C THR EA 13 -11.46 -42.62 -11.57
N VAL EA 14 -11.92 -42.84 -12.81
CA VAL EA 14 -10.99 -43.15 -13.90
C VAL EA 14 -10.07 -41.98 -14.16
N VAL EA 15 -10.61 -40.77 -14.22
CA VAL EA 15 -9.77 -39.60 -14.45
C VAL EA 15 -8.80 -39.39 -13.30
N LEU EA 16 -9.28 -39.51 -12.07
CA LEU EA 16 -8.41 -39.36 -10.91
C LEU EA 16 -7.33 -40.44 -10.89
N ALA EA 17 -7.69 -41.67 -11.26
CA ALA EA 17 -6.70 -42.75 -11.30
C ALA EA 17 -5.62 -42.47 -12.32
N HIS EA 18 -5.98 -41.99 -13.50
CA HIS EA 18 -4.99 -41.75 -14.54
C HIS EA 18 -4.06 -40.59 -14.16
N VAL EA 19 -4.60 -39.51 -13.59
CA VAL EA 19 -3.77 -38.40 -13.16
C VAL EA 19 -2.92 -38.80 -11.95
N GLY EA 20 -3.54 -39.49 -10.98
CA GLY EA 20 -2.80 -39.90 -9.80
C GLY EA 20 -1.66 -40.85 -10.12
N MET EA 21 -1.93 -41.85 -10.97
CA MET EA 21 -0.87 -42.78 -11.35
C MET EA 21 0.15 -42.12 -12.27
N ALA EA 22 -0.26 -41.12 -13.04
CA ALA EA 22 0.70 -40.35 -13.82
C ALA EA 22 1.69 -39.64 -12.90
N VAL EA 23 1.19 -39.03 -11.84
CA VAL EA 23 2.06 -38.37 -10.87
C VAL EA 23 2.91 -39.39 -10.14
N LEU EA 24 2.32 -40.52 -9.74
CA LEU EA 24 3.07 -41.52 -9.00
C LEU EA 24 4.20 -42.11 -9.83
N ALA EA 25 3.93 -42.42 -11.10
CA ALA EA 25 4.96 -42.99 -11.96
C ALA EA 25 6.10 -42.00 -12.18
N LEU EA 26 5.79 -40.73 -12.41
CA LEU EA 26 6.84 -39.73 -12.58
C LEU EA 26 7.66 -39.59 -11.31
N LEU EA 27 7.01 -39.62 -10.14
CA LEU EA 27 7.74 -39.53 -8.89
C LEU EA 27 8.72 -40.68 -8.73
N ILE EA 28 8.28 -41.90 -9.05
CA ILE EA 28 9.15 -43.06 -8.86
C ILE EA 28 10.29 -43.05 -9.87
N HIS EA 29 10.01 -42.74 -11.12
CA HIS EA 29 11.07 -42.66 -12.13
C HIS EA 29 12.10 -41.61 -11.74
N PHE EA 30 11.65 -40.44 -11.26
CA PHE EA 30 12.58 -39.39 -10.86
C PHE EA 30 13.34 -39.76 -9.60
N ILE EA 31 12.69 -40.44 -8.65
CA ILE EA 31 13.39 -40.89 -7.46
C ILE EA 31 14.51 -41.86 -7.84
N LEU EA 32 14.22 -42.78 -8.76
CA LEU EA 32 15.25 -43.69 -9.24
C LEU EA 32 16.37 -42.95 -9.96
N LEU EA 33 16.01 -41.96 -10.78
CA LEU EA 33 17.03 -41.17 -11.48
C LEU EA 33 17.93 -40.44 -10.50
N SER EA 34 17.42 -40.06 -9.33
CA SER EA 34 18.22 -39.38 -8.33
C SER EA 34 19.15 -40.30 -7.57
N THR EA 35 18.99 -41.61 -7.69
CA THR EA 35 19.86 -42.56 -7.01
C THR EA 35 21.10 -42.84 -7.86
N GLU EA 36 22.13 -43.38 -7.22
CA GLU EA 36 23.32 -43.77 -7.94
C GLU EA 36 23.24 -45.19 -8.49
N ASN EA 37 22.41 -46.05 -7.90
CA ASN EA 37 22.34 -47.44 -8.32
C ASN EA 37 21.27 -47.70 -9.37
N PHE EA 38 20.28 -46.83 -9.52
CA PHE EA 38 19.18 -47.09 -10.44
C PHE EA 38 19.00 -45.99 -11.47
N ASN EA 39 19.92 -45.05 -11.56
CA ASN EA 39 19.90 -44.03 -12.60
C ASN EA 39 20.42 -44.69 -13.88
N TRP EA 40 19.49 -45.23 -14.67
CA TRP EA 40 19.86 -45.94 -15.89
C TRP EA 40 20.45 -45.01 -16.94
N LEU EA 41 20.15 -43.71 -16.88
CA LEU EA 41 20.77 -42.78 -17.80
C LEU EA 41 22.22 -42.50 -17.44
N GLN EA 42 22.51 -42.35 -16.14
CA GLN EA 42 23.89 -42.15 -15.71
C GLN EA 42 24.69 -43.45 -15.83
N GLY EA 43 24.11 -44.57 -15.46
CA GLY EA 43 24.77 -45.86 -15.57
C GLY EA 43 25.97 -46.06 -14.69
N ASN EA 44 25.85 -45.74 -13.41
CA ASN EA 44 26.90 -46.03 -12.46
C ASN EA 44 27.01 -47.54 -12.23
N PRO EA 45 28.17 -48.02 -11.78
CA PRO EA 45 28.28 -49.43 -11.41
C PRO EA 45 27.36 -49.77 -10.24
N TYR EA 46 26.84 -51.00 -10.28
CA TYR EA 46 25.86 -51.45 -9.30
C TYR EA 46 26.53 -52.05 -8.06
N ASN FA 7 -28.45 -44.09 -8.55
CA ASN FA 7 -28.41 -43.39 -9.83
C ASN FA 7 -27.77 -44.26 -10.91
N VAL FA 8 -27.18 -45.38 -10.49
CA VAL FA 8 -26.50 -46.32 -11.37
C VAL FA 8 -27.17 -47.67 -11.23
N SER FA 9 -27.53 -48.28 -12.36
CA SER FA 9 -28.19 -49.58 -12.32
C SER FA 9 -27.17 -50.70 -12.14
N ASP FA 10 -27.67 -51.89 -11.83
CA ASP FA 10 -26.80 -53.03 -11.62
C ASP FA 10 -26.03 -53.38 -12.90
N GLU FA 11 -26.69 -53.37 -14.05
CA GLU FA 11 -26.02 -53.74 -15.29
C GLU FA 11 -25.02 -52.67 -15.72
N GLU FA 12 -25.35 -51.40 -15.51
CA GLU FA 12 -24.41 -50.33 -15.85
C GLU FA 12 -23.16 -50.40 -14.99
N ALA FA 13 -23.28 -50.86 -13.75
CA ALA FA 13 -22.12 -51.08 -12.91
C ALA FA 13 -21.31 -52.28 -13.38
N LYS FA 14 -21.97 -53.31 -13.91
CA LYS FA 14 -21.25 -54.44 -14.48
C LYS FA 14 -20.39 -54.00 -15.66
N GLU FA 15 -20.94 -53.14 -16.52
CA GLU FA 15 -20.19 -52.65 -17.67
C GLU FA 15 -18.98 -51.82 -17.24
N PHE FA 16 -19.17 -50.93 -16.26
CA PHE FA 16 -18.04 -50.15 -15.75
C PHE FA 16 -16.97 -51.06 -15.17
N HIS FA 17 -17.37 -52.08 -14.40
CA HIS FA 17 -16.40 -52.99 -13.81
C HIS FA 17 -15.73 -53.85 -14.87
N ALA FA 18 -16.45 -54.20 -15.94
CA ALA FA 18 -15.84 -54.97 -17.01
C ALA FA 18 -14.71 -54.20 -17.68
N MET FA 19 -14.93 -52.91 -17.95
CA MET FA 19 -13.87 -52.07 -18.47
C MET FA 19 -12.74 -51.91 -17.45
N PHE FA 20 -13.10 -51.74 -16.18
CA PHE FA 20 -12.10 -51.60 -15.14
C PHE FA 20 -11.25 -52.87 -15.03
N SER FA 21 -11.88 -54.03 -15.05
CA SER FA 21 -11.14 -55.28 -14.89
C SER FA 21 -10.19 -55.51 -16.04
N GLN FA 22 -10.63 -55.21 -17.27
CA GLN FA 22 -9.75 -55.36 -18.43
C GLN FA 22 -8.56 -54.42 -18.33
N ALA FA 23 -8.81 -53.16 -17.98
CA ALA FA 23 -7.73 -52.19 -17.87
C ALA FA 23 -6.80 -52.51 -16.69
N PHE FA 24 -7.38 -52.91 -15.56
CA PHE FA 24 -6.57 -53.26 -14.40
C PHE FA 24 -5.71 -54.48 -14.68
N THR FA 25 -6.26 -55.47 -15.37
CA THR FA 25 -5.49 -56.68 -15.69
C THR FA 25 -4.30 -56.35 -16.58
N VAL FA 26 -4.53 -55.56 -17.62
CA VAL FA 26 -3.44 -55.22 -18.53
C VAL FA 26 -2.42 -54.32 -17.83
N TYR FA 27 -2.90 -53.36 -17.05
CA TYR FA 27 -1.99 -52.46 -16.34
C TYR FA 27 -1.10 -53.21 -15.37
N ILE FA 28 -1.69 -54.09 -14.55
CA ILE FA 28 -0.91 -54.83 -13.58
C ILE FA 28 -0.03 -55.87 -14.26
N GLY FA 29 -0.55 -56.53 -15.30
CA GLY FA 29 0.25 -57.51 -16.00
C GLY FA 29 1.51 -56.91 -16.62
N VAL FA 30 1.38 -55.73 -17.22
CA VAL FA 30 2.54 -55.03 -17.74
C VAL FA 30 3.44 -54.57 -16.61
N ALA FA 31 2.84 -54.09 -15.51
CA ALA FA 31 3.63 -53.64 -14.37
C ALA FA 31 4.41 -54.80 -13.75
N VAL FA 32 3.79 -55.96 -13.62
CA VAL FA 32 4.50 -57.12 -13.06
C VAL FA 32 5.66 -57.51 -13.96
N VAL FA 33 5.43 -57.56 -15.27
CA VAL FA 33 6.51 -57.90 -16.20
C VAL FA 33 7.63 -56.87 -16.12
N ALA FA 34 7.27 -55.60 -16.00
CA ALA FA 34 8.29 -54.55 -15.85
C ALA FA 34 9.13 -54.77 -14.60
N HIS FA 35 8.49 -55.13 -13.49
CA HIS FA 35 9.23 -55.32 -12.25
C HIS FA 35 10.09 -56.58 -12.29
N ILE FA 36 9.64 -57.63 -12.98
CA ILE FA 36 10.50 -58.79 -13.18
C ILE FA 36 11.74 -58.40 -13.97
N LEU FA 37 11.55 -57.62 -15.04
CA LEU FA 37 12.68 -57.16 -15.85
C LEU FA 37 13.58 -56.24 -15.04
N ALA FA 38 12.99 -55.36 -14.24
CA ALA FA 38 13.80 -54.45 -13.42
C ALA FA 38 14.60 -55.23 -12.39
N TRP FA 39 14.00 -56.26 -11.80
CA TRP FA 39 14.73 -57.08 -10.83
C TRP FA 39 15.86 -57.86 -11.49
N ALA FA 40 15.63 -58.36 -12.70
CA ALA FA 40 16.70 -59.04 -13.42
C ALA FA 40 17.85 -58.08 -13.72
N TRP FA 41 17.53 -56.79 -13.91
CA TRP FA 41 18.58 -55.80 -14.17
C TRP FA 41 19.35 -55.50 -12.89
N ARG FA 42 18.69 -54.92 -11.90
CA ARG FA 42 19.34 -54.57 -10.64
C ARG FA 42 18.35 -54.75 -9.49
N PRO FA 43 18.49 -55.80 -8.69
CA PRO FA 43 17.60 -55.97 -7.54
C PRO FA 43 17.69 -54.80 -6.59
N TRP FA 44 16.54 -54.42 -6.03
CA TRP FA 44 16.44 -53.22 -5.21
C TRP FA 44 16.29 -53.52 -3.73
N ILE FA 45 16.51 -54.76 -3.31
CA ILE FA 45 16.47 -55.11 -1.89
C ILE FA 45 17.89 -55.46 -1.45
N PRO FA 46 18.59 -54.58 -0.75
CA PRO FA 46 19.99 -54.84 -0.43
C PRO FA 46 20.15 -55.90 0.64
N GLY FA 47 21.29 -56.57 0.61
CA GLY FA 47 21.69 -57.48 1.66
C GLY FA 47 22.37 -56.74 2.80
N ASP FA 48 22.97 -57.52 3.70
CA ASP FA 48 23.62 -56.92 4.86
C ASP FA 48 24.80 -56.05 4.45
N GLU FA 49 25.50 -56.40 3.37
CA GLU FA 49 26.66 -55.66 2.90
C GLU FA 49 26.33 -54.71 1.75
N GLY FA 50 25.05 -54.52 1.44
CA GLY FA 50 24.66 -53.62 0.38
C GLY FA 50 24.24 -54.34 -0.88
N PHE FA 51 24.47 -53.72 -2.03
CA PHE FA 51 24.13 -54.31 -3.31
C PHE FA 51 25.31 -55.08 -3.89
N MET GA 1 -22.12 -53.02 13.95
CA MET GA 1 -21.23 -51.98 13.43
C MET GA 1 -21.69 -51.55 12.04
N TRP GA 2 -22.56 -52.34 11.42
CA TRP GA 2 -23.10 -51.99 10.12
C TRP GA 2 -23.95 -50.73 10.17
N ARG GA 3 -24.47 -50.37 11.35
CA ARG GA 3 -25.23 -49.14 11.50
C ARG GA 3 -24.38 -47.89 11.28
N LEU GA 4 -23.06 -48.04 11.26
CA LEU GA 4 -22.19 -46.91 10.96
C LEU GA 4 -22.47 -46.32 9.58
N TRP GA 5 -22.92 -47.16 8.64
CA TRP GA 5 -23.09 -46.70 7.27
C TRP GA 5 -24.43 -46.00 7.04
N LYS GA 6 -25.37 -46.15 7.97
CA LYS GA 6 -26.56 -45.30 7.94
C LYS GA 6 -26.24 -43.91 8.49
N LEU GA 7 -25.36 -43.83 9.49
CA LEU GA 7 -24.97 -42.54 10.04
C LEU GA 7 -24.09 -41.76 9.07
N TYR GA 8 -23.09 -42.42 8.49
CA TYR GA 8 -22.11 -41.76 7.64
C TYR GA 8 -22.27 -42.21 6.19
N ASP GA 9 -22.03 -41.29 5.27
CA ASP GA 9 -22.14 -41.60 3.86
C ASP GA 9 -21.03 -42.56 3.46
N PRO GA 10 -21.35 -43.74 2.94
CA PRO GA 10 -20.29 -44.70 2.59
C PRO GA 10 -19.30 -44.18 1.56
N ARG GA 11 -19.74 -43.34 0.63
CA ARG GA 11 -18.80 -42.79 -0.35
C ARG GA 11 -17.78 -41.88 0.30
N ARG GA 12 -18.23 -40.99 1.19
CA ARG GA 12 -17.31 -40.05 1.82
C ARG GA 12 -16.35 -40.74 2.78
N VAL GA 13 -16.81 -41.79 3.46
CA VAL GA 13 -15.92 -42.52 4.36
C VAL GA 13 -14.84 -43.25 3.56
N LEU GA 14 -15.21 -43.83 2.41
CA LEU GA 14 -14.21 -44.50 1.58
C LEU GA 14 -13.16 -43.53 1.06
N ILE GA 15 -13.58 -42.33 0.66
CA ILE GA 15 -12.63 -41.33 0.19
C ILE GA 15 -11.70 -40.90 1.32
N GLY GA 16 -12.26 -40.65 2.50
CA GLY GA 16 -11.44 -40.26 3.63
C GLY GA 16 -10.46 -41.34 4.03
N ILE GA 17 -10.89 -42.59 4.02
CA ILE GA 17 -10.00 -43.70 4.35
C ILE GA 17 -8.93 -43.85 3.29
N PHE GA 18 -9.32 -43.87 2.02
CA PHE GA 18 -8.36 -44.04 0.94
C PHE GA 18 -7.38 -42.87 0.90
N SER GA 19 -7.85 -41.65 1.11
CA SER GA 19 -6.96 -40.50 1.18
C SER GA 19 -6.00 -40.62 2.37
N TRP GA 20 -6.51 -41.04 3.51
CA TRP GA 20 -5.66 -41.24 4.69
C TRP GA 20 -4.63 -42.33 4.43
N LEU GA 21 -5.06 -43.44 3.82
CA LEU GA 21 -4.12 -44.53 3.54
C LEU GA 21 -3.05 -44.10 2.56
N ALA GA 22 -3.43 -43.37 1.51
CA ALA GA 22 -2.45 -42.91 0.54
C ALA GA 22 -1.43 -41.99 1.19
N VAL GA 23 -1.89 -41.06 2.03
CA VAL GA 23 -0.99 -40.14 2.71
C VAL GA 23 -0.09 -40.91 3.67
N LEU GA 24 -0.68 -41.82 4.46
CA LEU GA 24 0.10 -42.56 5.43
C LEU GA 24 1.19 -43.40 4.77
N ALA GA 25 0.86 -44.08 3.68
CA ALA GA 25 1.85 -44.92 3.01
C ALA GA 25 3.00 -44.08 2.47
N LEU GA 26 2.71 -42.91 1.90
CA LEU GA 26 3.76 -42.02 1.46
C LEU GA 26 4.62 -41.55 2.63
N VAL GA 27 3.99 -41.24 3.76
CA VAL GA 27 4.75 -40.81 4.93
C VAL GA 27 5.70 -41.92 5.38
N ILE GA 28 5.20 -43.15 5.50
CA ILE GA 28 6.03 -44.23 6.00
C ILE GA 28 7.14 -44.57 5.01
N HIS GA 29 6.83 -44.65 3.73
CA HIS GA 29 7.83 -45.02 2.73
C HIS GA 29 8.97 -44.00 2.69
N PHE GA 30 8.64 -42.71 2.74
CA PHE GA 30 9.67 -41.69 2.69
C PHE GA 30 10.42 -41.53 4.02
N ILE GA 31 9.76 -41.85 5.14
CA ILE GA 31 10.48 -41.91 6.40
C ILE GA 31 11.53 -43.01 6.35
N LEU GA 32 11.18 -44.17 5.79
CA LEU GA 32 12.13 -45.26 5.65
C LEU GA 32 13.27 -44.89 4.70
N LEU GA 33 12.95 -44.19 3.61
CA LEU GA 33 13.99 -43.76 2.69
C LEU GA 33 14.98 -42.80 3.35
N SER GA 34 14.54 -42.04 4.34
CA SER GA 34 15.43 -41.14 5.06
C SER GA 34 16.37 -41.87 6.01
N THR GA 35 16.00 -43.08 6.45
CA THR GA 35 16.81 -43.81 7.40
C THR GA 35 18.03 -44.43 6.73
N ASP GA 36 19.06 -44.67 7.53
CA ASP GA 36 20.24 -45.37 7.05
C ASP GA 36 20.00 -46.88 6.95
N ARG GA 37 19.12 -47.42 7.79
CA ARG GA 37 18.91 -48.86 7.82
C ARG GA 37 17.90 -49.35 6.78
N PHE GA 38 16.85 -48.59 6.51
CA PHE GA 38 15.74 -49.06 5.71
C PHE GA 38 15.64 -48.40 4.34
N ASN GA 39 16.67 -47.68 3.91
CA ASN GA 39 16.69 -47.06 2.59
C ASN GA 39 17.09 -48.11 1.57
N TRP GA 40 16.09 -48.72 0.93
CA TRP GA 40 16.36 -49.87 0.06
C TRP GA 40 17.02 -49.45 -1.25
N VAL GA 41 16.54 -48.37 -1.88
CA VAL GA 41 17.14 -47.95 -3.15
C VAL GA 41 18.50 -47.31 -2.95
N GLY GA 42 18.82 -46.88 -1.74
CA GLY GA 42 20.10 -46.28 -1.44
C GLY GA 42 21.22 -47.26 -1.20
N GLY GA 43 20.95 -48.55 -1.31
CA GLY GA 43 21.99 -49.55 -1.05
C GLY GA 43 22.41 -49.59 0.40
N ALA GA 44 21.46 -49.55 1.33
CA ALA GA 44 21.79 -49.50 2.75
C ALA GA 44 22.44 -50.80 3.20
N ALA GA 45 23.54 -50.66 3.94
CA ALA GA 45 24.26 -51.80 4.49
C ALA GA 45 24.18 -51.76 6.01
N VAL GA 46 23.84 -52.89 6.61
CA VAL GA 46 23.73 -52.97 8.06
C VAL GA 46 25.08 -53.26 8.69
N LEU HA 7 -30.01 -39.49 9.25
CA LEU HA 7 -29.19 -40.55 8.68
C LEU HA 7 -29.31 -40.56 7.16
N THR HA 8 -28.27 -41.05 6.49
CA THR HA 8 -28.25 -41.09 5.03
C THR HA 8 -29.28 -42.09 4.52
N GLY HA 9 -29.68 -41.90 3.26
CA GLY HA 9 -30.69 -42.74 2.65
C GLY HA 9 -30.17 -44.13 2.32
N LEU HA 10 -29.92 -44.93 3.35
CA LEU HA 10 -29.42 -46.29 3.21
C LEU HA 10 -30.27 -47.20 4.08
N SER HA 11 -30.78 -48.28 3.49
CA SER HA 11 -31.59 -49.22 4.24
C SER HA 11 -30.71 -50.06 5.17
N ASP HA 12 -31.36 -50.78 6.09
CA ASP HA 12 -30.64 -51.73 6.92
C ASP HA 12 -29.94 -52.78 6.06
N GLU HA 13 -30.57 -53.17 4.95
CA GLU HA 13 -30.00 -54.20 4.09
C GLU HA 13 -28.81 -53.68 3.30
N GLU HA 14 -28.91 -52.47 2.75
CA GLU HA 14 -27.78 -51.88 2.05
C GLU HA 14 -26.63 -51.61 2.99
N ALA HA 15 -26.92 -51.12 4.20
CA ALA HA 15 -25.87 -50.90 5.18
C ALA HA 15 -25.21 -52.23 5.59
N LYS HA 16 -26.03 -53.27 5.74
CA LYS HA 16 -25.46 -54.59 6.04
C LYS HA 16 -24.65 -55.12 4.87
N GLU HA 17 -25.12 -54.90 3.63
CA GLU HA 17 -24.37 -55.38 2.47
C GLU HA 17 -23.05 -54.63 2.32
N PHE HA 18 -23.06 -53.32 2.52
CA PHE HA 18 -21.82 -52.56 2.46
C PHE HA 18 -20.85 -53.01 3.55
N HIS HA 19 -21.35 -53.22 4.76
CA HIS HA 19 -20.48 -53.57 5.88
C HIS HA 19 -19.76 -54.89 5.64
N SER HA 20 -20.49 -55.89 5.12
CA SER HA 20 -19.86 -57.18 4.85
C SER HA 20 -18.74 -57.05 3.84
N ILE HA 21 -18.97 -56.27 2.77
CA ILE HA 21 -17.93 -56.06 1.78
C ILE HA 21 -16.81 -55.20 2.34
N PHE HA 22 -17.17 -54.16 3.11
CA PHE HA 22 -16.15 -53.29 3.69
C PHE HA 22 -15.22 -54.09 4.60
N MET HA 23 -15.78 -54.96 5.45
CA MET HA 23 -14.94 -55.77 6.31
C MET HA 23 -14.11 -56.77 5.52
N GLN HA 24 -14.70 -57.39 4.50
CA GLN HA 24 -13.95 -58.30 3.65
C GLN HA 24 -12.82 -57.58 2.94
N SER HA 25 -13.10 -56.40 2.38
CA SER HA 25 -12.06 -55.63 1.71
C SER HA 25 -10.99 -55.18 2.69
N PHE HA 26 -11.39 -54.79 3.90
CA PHE HA 26 -10.41 -54.43 4.92
C PHE HA 26 -9.52 -55.62 5.29
N LEU HA 27 -10.11 -56.80 5.46
CA LEU HA 27 -9.34 -57.96 5.86
C LEU HA 27 -8.34 -58.35 4.77
N ILE HA 28 -8.72 -58.20 3.50
CA ILE HA 28 -7.80 -58.50 2.41
C ILE HA 28 -6.68 -57.46 2.35
N PHE HA 29 -7.02 -56.19 2.50
CA PHE HA 29 -6.00 -55.15 2.55
C PHE HA 29 -5.04 -55.39 3.70
N THR HA 30 -5.56 -55.78 4.86
CA THR HA 30 -4.70 -56.08 6.00
C THR HA 30 -3.88 -57.34 5.77
N ALA HA 31 -4.47 -58.36 5.14
CA ALA HA 31 -3.74 -59.60 4.89
C ALA HA 31 -2.55 -59.35 3.97
N VAL HA 32 -2.74 -58.55 2.91
CA VAL HA 32 -1.62 -58.18 2.05
C VAL HA 32 -0.59 -57.40 2.84
N ALA HA 33 -1.04 -56.47 3.69
CA ALA HA 33 -0.13 -55.71 4.53
C ALA HA 33 0.62 -56.62 5.49
N VAL HA 34 -0.06 -57.61 6.06
CA VAL HA 34 0.60 -58.54 6.97
C VAL HA 34 1.68 -59.33 6.25
N VAL HA 35 1.37 -59.84 5.05
CA VAL HA 35 2.37 -60.57 4.28
C VAL HA 35 3.53 -59.65 3.91
N ALA HA 36 3.22 -58.41 3.53
CA ALA HA 36 4.28 -57.45 3.22
C ALA HA 36 5.17 -57.20 4.43
N HIS HA 37 4.57 -57.10 5.61
CA HIS HA 37 5.34 -56.86 6.83
C HIS HA 37 6.19 -58.08 7.20
N PHE HA 38 5.65 -59.29 7.01
CA PHE HA 38 6.46 -60.48 7.21
C PHE HA 38 7.66 -60.49 6.28
N LEU HA 39 7.45 -60.11 5.02
CA LEU HA 39 8.56 -60.02 4.07
C LEU HA 39 9.56 -58.94 4.50
N ALA HA 40 9.06 -57.78 4.92
CA ALA HA 40 9.96 -56.72 5.36
C ALA HA 40 10.75 -57.14 6.59
N TRP HA 41 10.12 -57.91 7.49
CA TRP HA 41 10.84 -58.41 8.65
C TRP HA 41 11.95 -59.37 8.25
N ALA HA 42 11.69 -60.22 7.26
CA ALA HA 42 12.73 -61.13 6.78
C ALA HA 42 13.91 -60.36 6.20
N TRP HA 43 13.65 -59.20 5.61
CA TRP HA 43 14.74 -58.37 5.10
C TRP HA 43 15.50 -57.71 6.26
N ARG HA 44 14.85 -56.80 6.97
CA ARG HA 44 15.49 -56.11 8.08
C ARG HA 44 14.49 -55.84 9.20
N PRO HA 45 14.64 -56.52 10.34
CA PRO HA 45 13.75 -56.25 11.48
C PRO HA 45 13.89 -54.81 11.96
N TRP HA 46 12.78 -54.27 12.45
CA TRP HA 46 12.73 -52.89 12.90
C TRP HA 46 12.58 -52.76 14.41
N ILE HA 47 12.75 -53.85 15.16
CA ILE HA 47 12.70 -53.78 16.61
C ILE HA 47 14.10 -54.08 17.14
N PRO HA 48 14.89 -53.07 17.49
CA PRO HA 48 16.25 -53.32 17.92
C PRO HA 48 16.31 -53.99 19.28
N GLY HA 49 17.41 -54.71 19.50
CA GLY HA 49 17.68 -55.28 20.80
C GLY HA 49 18.32 -54.27 21.72
N ALA HA 50 18.71 -54.74 22.90
CA ALA HA 50 19.33 -53.86 23.89
C ALA HA 50 20.66 -53.30 23.38
N GLU HA 51 21.34 -54.03 22.51
CA GLU HA 51 22.62 -53.60 21.96
C GLU HA 51 22.47 -52.73 20.72
N GLY HA 52 21.24 -52.54 20.23
CA GLY HA 52 21.00 -51.74 19.06
C GLY HA 52 20.94 -52.55 17.78
N TYR HA 53 21.24 -51.90 16.66
CA TYR HA 53 21.30 -52.59 15.37
C TYR HA 53 22.71 -53.06 15.06
N MET IA 1 -24.34 -46.12 30.67
CA MET IA 1 -23.65 -44.92 30.23
C MET IA 1 -24.08 -44.56 28.81
N TRP IA 2 -25.09 -45.28 28.31
CA TRP IA 2 -25.65 -44.99 27.00
C TRP IA 2 -26.28 -43.60 26.95
N ARG IA 3 -26.62 -43.02 28.09
CA ARG IA 3 -27.24 -41.70 28.14
C ARG IA 3 -26.33 -40.59 27.67
N MET IA 4 -25.03 -40.87 27.51
CA MET IA 4 -24.10 -39.86 27.00
C MET IA 4 -24.55 -39.33 25.65
N TRP IA 5 -25.12 -40.21 24.82
CA TRP IA 5 -25.48 -39.85 23.46
C TRP IA 5 -26.81 -39.12 23.37
N LYS IA 6 -27.49 -38.92 24.49
CA LYS IA 6 -28.58 -37.96 24.55
C LYS IA 6 -28.10 -36.56 24.89
N ILE IA 7 -26.84 -36.40 25.26
CA ILE IA 7 -26.23 -35.10 25.53
C ILE IA 7 -25.31 -34.68 24.38
N LEU IA 8 -24.24 -35.44 24.16
CA LEU IA 8 -23.33 -35.18 23.06
C LEU IA 8 -23.80 -35.88 21.80
N ASP IA 9 -23.61 -35.24 20.67
CA ASP IA 9 -24.00 -35.81 19.40
C ASP IA 9 -23.03 -36.92 19.01
N TYR IA 10 -23.54 -38.14 18.86
CA TYR IA 10 -22.69 -39.25 18.45
C TYR IA 10 -22.15 -39.07 17.05
N ARG IA 11 -22.84 -38.30 16.21
CA ARG IA 11 -22.36 -38.04 14.86
C ARG IA 11 -21.01 -37.34 14.87
N ARG IA 12 -20.92 -36.22 15.61
CA ARG IA 12 -19.70 -35.44 15.64
C ARG IA 12 -18.63 -36.06 16.52
N THR IA 13 -19.03 -36.71 17.61
CA THR IA 13 -18.05 -37.24 18.56
C THR IA 13 -17.16 -38.29 17.92
N VAL IA 14 -17.75 -39.17 17.11
CA VAL IA 14 -16.98 -40.22 16.46
C VAL IA 14 -15.95 -39.63 15.51
N VAL IA 15 -16.36 -38.66 14.69
CA VAL IA 15 -15.43 -38.02 13.77
C VAL IA 15 -14.33 -37.31 14.54
N LEU IA 16 -14.72 -36.55 15.57
CA LEU IA 16 -13.74 -35.84 16.38
C LEU IA 16 -12.80 -36.80 17.10
N ALA IA 17 -13.32 -37.95 17.54
CA ALA IA 17 -12.48 -38.94 18.19
C ALA IA 17 -11.43 -39.50 17.22
N HIS IA 18 -11.85 -39.83 16.01
CA HIS IA 18 -10.90 -40.41 15.05
C HIS IA 18 -9.85 -39.41 14.62
N VAL IA 19 -10.22 -38.15 14.41
CA VAL IA 19 -9.24 -37.13 14.05
C VAL IA 19 -8.35 -36.81 15.24
N GLY IA 20 -8.94 -36.66 16.42
CA GLY IA 20 -8.15 -36.33 17.60
C GLY IA 20 -7.17 -37.42 17.96
N MET IA 21 -7.60 -38.69 17.90
CA MET IA 21 -6.70 -39.79 18.19
C MET IA 21 -5.67 -39.99 17.08
N ALA IA 22 -6.04 -39.67 15.83
CA ALA IA 22 -5.05 -39.71 14.76
C ALA IA 22 -3.93 -38.72 15.04
N VAL IA 23 -4.27 -37.51 15.46
CA VAL IA 23 -3.25 -36.52 15.80
C VAL IA 23 -2.47 -36.95 17.02
N LEU IA 24 -3.15 -37.51 18.02
CA LEU IA 24 -2.47 -37.93 19.24
C LEU IA 24 -1.49 -39.06 18.98
N ALA IA 25 -1.90 -40.05 18.17
CA ALA IA 25 -1.01 -41.17 17.86
C ALA IA 25 0.20 -40.71 17.07
N LEU IA 26 0.01 -39.82 16.11
CA LEU IA 26 1.15 -39.31 15.35
C LEU IA 26 2.11 -38.54 16.24
N LEU IA 27 1.58 -37.72 17.16
CA LEU IA 27 2.44 -36.98 18.06
C LEU IA 27 3.28 -37.92 18.92
N ILE IA 28 2.68 -38.97 19.46
CA ILE IA 28 3.41 -39.88 20.33
C ILE IA 28 4.44 -40.69 19.55
N HIS IA 29 4.07 -41.19 18.37
CA HIS IA 29 5.03 -41.91 17.54
C HIS IA 29 6.21 -41.01 17.17
N PHE IA 30 5.93 -39.75 16.80
CA PHE IA 30 7.00 -38.83 16.43
C PHE IA 30 7.86 -38.44 17.64
N ILE IA 31 7.23 -38.27 18.80
CA ILE IA 31 8.00 -37.97 20.00
C ILE IA 31 8.95 -39.12 20.32
N LEU IA 32 8.46 -40.35 20.23
CA LEU IA 32 9.33 -41.51 20.45
C LEU IA 32 10.44 -41.57 19.42
N LEU IA 33 10.13 -41.27 18.15
CA LEU IA 33 11.16 -41.24 17.13
C LEU IA 33 12.23 -40.19 17.42
N SER IA 34 11.87 -39.12 18.12
CA SER IA 34 12.82 -38.07 18.45
C SER IA 34 13.70 -38.43 19.65
N THR IA 35 13.41 -39.51 20.35
CA THR IA 35 14.22 -39.93 21.48
C THR IA 35 15.32 -40.87 21.02
N GLU IA 36 16.36 -41.01 21.85
CA GLU IA 36 17.44 -41.94 21.53
C GLU IA 36 17.15 -43.36 22.01
N ASN IA 37 16.28 -43.53 23.00
CA ASN IA 37 16.01 -44.85 23.55
C ASN IA 37 14.82 -45.55 22.89
N PHE IA 38 13.95 -44.82 22.21
CA PHE IA 38 12.73 -45.42 21.67
C PHE IA 38 12.58 -45.21 20.17
N ASN IA 39 13.61 -44.72 19.50
CA ASN IA 39 13.60 -44.58 18.04
C ASN IA 39 13.91 -45.94 17.45
N TRP IA 40 12.86 -46.71 17.19
CA TRP IA 40 13.03 -48.07 16.68
C TRP IA 40 13.63 -48.09 15.28
N LEU IA 41 13.50 -47.01 14.51
CA LEU IA 41 14.13 -46.98 13.19
C LEU IA 41 15.63 -46.73 13.30
N GLN IA 42 16.04 -45.86 14.24
CA GLN IA 42 17.47 -45.64 14.45
C GLN IA 42 18.11 -46.80 15.18
N GLY IA 43 17.43 -47.37 16.17
CA GLY IA 43 17.94 -48.51 16.90
C GLY IA 43 19.19 -48.29 17.72
N ASN IA 44 19.22 -47.20 18.51
CA ASN IA 44 20.31 -46.98 19.42
C ASN IA 44 20.27 -48.00 20.55
N PRO IA 45 21.40 -48.27 21.19
CA PRO IA 45 21.40 -49.14 22.37
C PRO IA 45 20.56 -48.55 23.49
N TYR IA 46 19.87 -49.43 24.22
CA TYR IA 46 18.96 -49.03 25.28
C TYR IA 46 19.69 -48.83 26.60
N ASN JA 7 -33.93 -35.08 21.38
CA ASN JA 7 -33.95 -35.30 19.94
C ASN JA 7 -33.49 -36.73 19.60
N VAL JA 8 -32.98 -37.43 20.61
CA VAL JA 8 -32.48 -38.79 20.47
C VAL JA 8 -33.27 -39.68 21.41
N SER JA 9 -33.81 -40.78 20.88
CA SER JA 9 -34.60 -41.69 21.70
C SER JA 9 -33.68 -42.59 22.51
N ASP JA 10 -34.27 -43.24 23.53
CA ASP JA 10 -33.50 -44.11 24.40
C ASP JA 10 -32.90 -45.28 23.63
N GLU JA 11 -33.69 -45.91 22.75
CA GLU JA 11 -33.19 -47.06 22.01
C GLU JA 11 -32.10 -46.66 21.02
N GLU JA 12 -32.24 -45.50 20.37
CA GLU JA 12 -31.22 -45.03 19.45
C GLU JA 12 -29.91 -44.76 20.19
N ALA JA 13 -30.00 -44.27 21.42
CA ALA JA 13 -28.80 -44.08 22.23
C ALA JA 13 -28.17 -45.42 22.61
N LYS JA 14 -29.00 -46.44 22.85
CA LYS JA 14 -28.47 -47.77 23.13
C LYS JA 14 -27.69 -48.30 21.94
N GLU JA 15 -28.20 -48.07 20.72
CA GLU JA 15 -27.51 -48.53 19.52
C GLU JA 15 -26.19 -47.79 19.33
N PHE JA 16 -26.20 -46.47 19.53
CA PHE JA 16 -24.96 -45.70 19.43
C PHE JA 16 -23.94 -46.18 20.45
N HIS JA 17 -24.37 -46.43 21.69
CA HIS JA 17 -23.46 -46.89 22.72
C HIS JA 17 -22.98 -48.31 22.45
N ALA JA 18 -23.84 -49.15 21.86
CA ALA JA 18 -23.43 -50.50 21.50
C ALA JA 18 -22.28 -50.47 20.50
N MET JA 19 -22.38 -49.63 19.48
CA MET JA 19 -21.27 -49.46 18.55
C MET JA 19 -20.05 -48.86 19.24
N PHE JA 20 -20.28 -47.89 20.11
CA PHE JA 20 -19.16 -47.29 20.84
C PHE JA 20 -18.45 -48.31 21.71
N SER JA 21 -19.21 -49.12 22.45
CA SER JA 21 -18.60 -50.07 23.38
C SER JA 21 -17.79 -51.13 22.64
N GLN JA 22 -18.28 -51.60 21.50
CA GLN JA 22 -17.54 -52.58 20.71
C GLN JA 22 -16.25 -51.96 20.18
N ALA JA 23 -16.33 -50.76 19.62
CA ALA JA 23 -15.13 -50.11 19.09
C ALA JA 23 -14.15 -49.76 20.20
N PHE JA 24 -14.66 -49.25 21.32
CA PHE JA 24 -13.79 -48.91 22.43
C PHE JA 24 -13.10 -50.14 22.99
N THR JA 25 -13.82 -51.25 23.11
CA THR JA 25 -13.23 -52.46 23.66
C THR JA 25 -12.10 -52.97 22.77
N VAL JA 26 -12.35 -53.01 21.45
CA VAL JA 26 -11.31 -53.46 20.52
C VAL JA 26 -10.15 -52.49 20.52
N TYR JA 27 -10.43 -51.19 20.51
CA TYR JA 27 -9.36 -50.20 20.47
C TYR JA 27 -8.47 -50.28 21.70
N ILE JA 28 -9.09 -50.32 22.89
CA ILE JA 28 -8.30 -50.36 24.12
C ILE JA 28 -7.60 -51.71 24.26
N GLY JA 29 -8.27 -52.79 23.87
CA GLY JA 29 -7.67 -54.10 23.95
C GLY JA 29 -6.43 -54.22 23.09
N VAL JA 30 -6.46 -53.65 21.88
CA VAL JA 30 -5.27 -53.61 21.04
C VAL JA 30 -4.23 -52.67 21.64
N ALA JA 31 -4.68 -51.54 22.18
CA ALA JA 31 -3.75 -50.59 22.80
C ALA JA 31 -3.05 -51.21 24.00
N VAL JA 32 -3.80 -51.95 24.83
CA VAL JA 32 -3.19 -52.60 25.98
C VAL JA 32 -2.17 -53.64 25.53
N VAL JA 33 -2.51 -54.45 24.53
CA VAL JA 33 -1.58 -55.45 24.03
C VAL JA 33 -0.33 -54.78 23.45
N ALA JA 34 -0.52 -53.68 22.72
CA ALA JA 34 0.61 -52.94 22.17
C ALA JA 34 1.53 -52.44 23.26
N HIS JA 35 0.97 -51.97 24.37
CA HIS JA 35 1.79 -51.45 25.45
C HIS JA 35 2.52 -52.56 26.20
N ILE JA 36 1.89 -53.73 26.35
CA ILE JA 36 2.61 -54.86 26.92
C ILE JA 36 3.80 -55.23 26.04
N LEU JA 37 3.59 -55.28 24.73
CA LEU JA 37 4.68 -55.56 23.80
C LEU JA 37 5.76 -54.49 23.86
N ALA JA 38 5.35 -53.22 23.91
CA ALA JA 38 6.33 -52.14 24.00
C ALA JA 38 7.12 -52.23 25.30
N TRP JA 39 6.45 -52.55 26.40
CA TRP JA 39 7.16 -52.69 27.67
C TRP JA 39 8.15 -53.85 27.63
N ALA JA 40 7.76 -54.97 27.02
CA ALA JA 40 8.68 -56.09 26.89
C ALA JA 40 9.88 -55.72 26.04
N TRP JA 41 9.71 -54.80 25.09
CA TRP JA 41 10.82 -54.37 24.27
C TRP JA 41 11.75 -53.44 25.04
N ARG JA 42 11.26 -52.26 25.43
CA ARG JA 42 12.05 -51.30 26.18
C ARG JA 42 11.16 -50.56 27.17
N PRO JA 43 11.26 -50.87 28.47
CA PRO JA 43 10.45 -50.15 29.47
C PRO JA 43 10.75 -48.66 29.46
N TRP JA 44 9.71 -47.87 29.67
CA TRP JA 44 9.81 -46.42 29.56
C TRP JA 44 9.76 -45.71 30.90
N ILE JA 45 9.89 -46.43 32.01
CA ILE JA 45 9.94 -45.81 33.32
C ILE JA 45 11.35 -46.02 33.89
N PRO JA 46 12.21 -45.02 33.84
CA PRO JA 46 13.60 -45.23 34.26
C PRO JA 46 13.72 -45.41 35.76
N GLY JA 47 14.76 -46.13 36.15
CA GLY JA 47 15.13 -46.24 37.55
C GLY JA 47 15.97 -45.05 37.98
N ASP JA 48 16.54 -45.17 39.18
CA ASP JA 48 17.35 -44.08 39.72
C ASP JA 48 18.58 -43.82 38.87
N GLU JA 49 19.14 -44.85 38.25
CA GLU JA 49 20.33 -44.72 37.42
C GLU JA 49 20.01 -44.67 35.94
N GLY JA 50 18.74 -44.54 35.58
CA GLY JA 50 18.36 -44.48 34.18
C GLY JA 50 17.76 -45.76 33.66
N PHE JA 51 17.96 -46.04 32.38
CA PHE JA 51 17.46 -47.26 31.78
C PHE JA 51 18.51 -48.37 31.87
N ASN KA 2 -19.79 -11.59 26.93
CA ASN KA 2 -20.83 -10.62 27.22
C ASN KA 2 -21.20 -9.77 26.01
N GLN KA 3 -20.39 -9.84 24.94
CA GLN KA 3 -20.52 -8.93 23.81
C GLN KA 3 -21.24 -9.55 22.63
N ALA KA 4 -22.23 -10.42 22.87
CA ALA KA 4 -22.88 -11.08 21.75
C ALA KA 4 -23.58 -10.09 20.83
N ARG KA 5 -23.96 -8.93 21.34
CA ARG KA 5 -24.64 -7.92 20.54
C ARG KA 5 -23.68 -6.97 19.86
N ILE KA 6 -22.38 -7.30 19.80
CA ILE KA 6 -21.48 -6.61 18.89
C ILE KA 6 -21.93 -6.84 17.45
N TRP KA 7 -22.56 -7.98 17.19
CA TRP KA 7 -22.98 -8.37 15.86
C TRP KA 7 -24.35 -7.81 15.48
N LEU KA 8 -24.97 -7.02 16.35
CA LEU KA 8 -26.18 -6.30 15.97
C LEU KA 8 -25.87 -4.98 15.28
N VAL KA 9 -24.69 -4.41 15.53
CA VAL KA 9 -24.30 -3.14 14.91
C VAL KA 9 -23.18 -3.31 13.89
N VAL KA 10 -22.31 -4.30 14.04
CA VAL KA 10 -21.26 -4.58 13.08
C VAL KA 10 -21.71 -5.73 12.19
N LYS KA 11 -21.67 -5.51 10.89
CA LYS KA 11 -22.14 -6.54 9.97
C LYS KA 11 -21.21 -7.74 10.01
N PRO KA 12 -21.72 -8.94 10.25
CA PRO KA 12 -20.85 -10.13 10.29
C PRO KA 12 -20.12 -10.37 8.98
N SER KA 13 -20.69 -9.96 7.85
CA SER KA 13 -20.03 -10.16 6.57
C SER KA 13 -18.71 -9.41 6.48
N VAL KA 14 -18.56 -8.35 7.27
CA VAL KA 14 -17.30 -7.65 7.37
C VAL KA 14 -16.63 -7.85 8.72
N GLY KA 15 -17.40 -8.00 9.80
CA GLY KA 15 -16.79 -8.20 11.11
C GLY KA 15 -16.07 -9.53 11.23
N LEU KA 16 -16.67 -10.60 10.71
CA LEU KA 16 -16.06 -11.92 10.84
C LEU KA 16 -14.81 -12.09 10.00
N PRO KA 17 -14.81 -11.82 8.69
CA PRO KA 17 -13.56 -11.96 7.93
C PRO KA 17 -12.47 -11.05 8.43
N LEU KA 18 -12.81 -9.84 8.87
CA LEU KA 18 -11.80 -8.97 9.47
C LEU KA 18 -11.23 -9.59 10.73
N PHE KA 19 -12.07 -10.15 11.58
CA PHE KA 19 -11.60 -10.74 12.84
C PHE KA 19 -10.65 -11.90 12.59
N LEU KA 20 -11.09 -12.87 11.77
CA LEU KA 20 -10.26 -14.05 11.51
C LEU KA 20 -8.98 -13.67 10.76
N GLY KA 21 -9.10 -12.78 9.76
CA GLY KA 21 -7.92 -12.37 9.04
C GLY KA 21 -6.93 -11.61 9.91
N VAL KA 22 -7.45 -10.76 10.80
CA VAL KA 22 -6.58 -10.00 11.69
C VAL KA 22 -5.89 -10.92 12.70
N VAL KA 23 -6.61 -11.93 13.19
CA VAL KA 23 -6.00 -12.91 14.08
C VAL KA 23 -4.86 -13.64 13.38
N LEU KA 24 -5.07 -14.03 12.13
CA LEU KA 24 -3.99 -14.66 11.37
C LEU KA 24 -2.84 -13.69 11.14
N LEU KA 25 -3.14 -12.41 10.89
CA LEU KA 25 -2.08 -11.42 10.75
C LEU KA 25 -1.25 -11.31 12.02
N ILE KA 26 -1.90 -11.35 13.18
CA ILE KA 26 -1.15 -11.32 14.44
C ILE KA 26 -0.22 -12.53 14.53
N SER KA 27 -0.73 -13.70 14.16
CA SER KA 27 0.08 -14.92 14.22
C SER KA 27 1.30 -14.82 13.30
N LEU KA 28 1.12 -14.31 12.09
CA LEU KA 28 2.25 -14.12 11.18
C LEU KA 28 3.24 -13.11 11.74
N LEU KA 29 2.74 -12.01 12.31
CA LEU KA 29 3.63 -11.00 12.86
C LEU KA 29 4.43 -11.55 14.03
N VAL KA 30 3.80 -12.33 14.90
CA VAL KA 30 4.53 -12.92 16.02
C VAL KA 30 5.56 -13.93 15.51
N HIS KA 31 5.14 -14.81 14.60
CA HIS KA 31 6.07 -15.74 13.97
C HIS KA 31 7.24 -14.99 13.33
N GLY KA 32 6.95 -13.93 12.57
CA GLY KA 32 8.00 -13.16 11.93
C GLY KA 32 8.88 -12.42 12.92
N ALA KA 33 8.29 -11.90 14.00
CA ALA KA 33 9.07 -11.17 14.99
C ALA KA 33 10.07 -12.07 15.69
N ILE KA 34 9.67 -13.30 16.01
CA ILE KA 34 10.61 -14.25 16.62
C ILE KA 34 11.64 -14.71 15.60
N LEU KA 35 11.22 -14.92 14.36
CA LEU KA 35 12.13 -15.40 13.33
C LEU KA 35 13.29 -14.43 13.11
N THR KA 36 13.00 -13.14 13.10
CA THR KA 36 14.00 -12.10 12.85
C THR KA 36 14.73 -11.65 14.10
N ASN KA 37 14.37 -12.16 15.28
CA ASN KA 37 15.00 -11.72 16.52
C ASN KA 37 15.54 -12.89 17.34
N THR KA 38 15.68 -14.07 16.74
CA THR KA 38 16.31 -15.21 17.38
C THR KA 38 17.31 -15.84 16.43
N SER KA 39 18.17 -16.67 17.01
CA SER KA 39 19.03 -17.54 16.20
C SER KA 39 18.48 -18.95 16.06
N TRP KA 40 17.67 -19.41 17.01
CA TRP KA 40 17.24 -20.80 17.00
C TRP KA 40 16.12 -21.05 15.98
N TYR KA 41 15.19 -20.11 15.83
CA TYR KA 41 14.15 -20.29 14.83
C TYR KA 41 14.73 -20.34 13.41
N PRO KA 42 15.64 -19.46 12.99
CA PRO KA 42 16.31 -19.70 11.71
C PRO KA 42 17.11 -20.99 11.71
N ALA KA 43 17.71 -21.36 12.84
CA ALA KA 43 18.47 -22.60 12.92
C ALA KA 43 17.57 -23.82 12.78
N PHE KA 44 16.34 -23.75 13.31
CA PHE KA 44 15.38 -24.82 13.11
C PHE KA 44 15.06 -24.98 11.63
N PHE KA 45 14.91 -23.87 10.90
CA PHE KA 45 14.81 -23.96 9.45
C PHE KA 45 16.06 -24.57 8.84
N GLU KA 46 17.24 -24.17 9.34
CA GLU KA 46 18.49 -24.57 8.72
C GLU KA 46 18.74 -26.06 8.89
N GLY KA 47 18.48 -26.60 10.08
CA GLY KA 47 18.63 -28.04 10.28
C GLY KA 47 20.09 -28.44 10.39
N ASN KA 48 20.39 -29.63 9.87
CA ASN KA 48 21.74 -30.18 9.94
C ASN KA 48 22.68 -29.56 8.91
N ALA KA 49 22.16 -28.85 7.94
CA ALA KA 49 22.97 -28.24 6.90
C ALA KA 49 22.39 -26.91 6.46
N PHE LA 10 -33.53 -3.61 25.20
CA PHE LA 10 -33.02 -4.16 23.95
C PHE LA 10 -33.00 -5.68 24.01
N ASP LA 11 -34.17 -6.27 24.13
CA ASP LA 11 -34.34 -7.73 24.20
C ASP LA 11 -35.49 -8.18 23.30
N ASP LA 12 -35.48 -7.72 22.04
CA ASP LA 12 -36.54 -8.07 21.11
C ASP LA 12 -36.05 -9.20 20.21
N PRO LA 13 -36.57 -10.42 20.35
CA PRO LA 13 -36.09 -11.52 19.50
C PRO LA 13 -36.39 -11.33 18.03
N ASN LA 14 -37.39 -10.51 17.68
CA ASN LA 14 -37.85 -10.39 16.30
C ASN LA 14 -37.25 -9.19 15.56
N ARG LA 15 -36.79 -8.17 16.28
CA ARG LA 15 -36.26 -6.99 15.61
C ARG LA 15 -35.02 -7.32 14.79
N VAL LA 16 -34.93 -6.73 13.61
CA VAL LA 16 -33.78 -6.88 12.73
C VAL LA 16 -32.92 -5.63 12.88
N TRP LA 17 -31.77 -5.79 13.52
CA TRP LA 17 -30.88 -4.69 13.87
C TRP LA 17 -30.13 -4.20 12.63
N PRO LA 18 -29.39 -3.07 12.74
CA PRO LA 18 -28.70 -2.54 11.55
C PRO LA 18 -27.79 -3.53 10.85
N SER LA 19 -27.18 -4.46 11.57
CA SER LA 19 -26.30 -5.43 10.93
C SER LA 19 -27.04 -6.45 10.08
N GLY LA 20 -28.37 -6.50 10.18
CA GLY LA 20 -29.13 -7.50 9.46
C GLY LA 20 -29.41 -8.76 10.25
N LEU LA 21 -29.22 -8.74 11.56
CA LEU LA 21 -29.44 -9.89 12.41
C LEU LA 21 -30.44 -9.57 13.50
N THR LA 22 -31.19 -10.58 13.92
CA THR LA 22 -31.95 -10.48 15.15
C THR LA 22 -31.04 -10.78 16.33
N LEU LA 23 -31.53 -10.49 17.53
CA LEU LA 23 -30.75 -10.78 18.73
C LEU LA 23 -30.46 -12.27 18.89
N PRO LA 24 -31.42 -13.20 18.75
CA PRO LA 24 -31.05 -14.63 18.82
C PRO LA 24 -30.02 -15.04 17.78
N GLU LA 25 -30.08 -14.48 16.58
CA GLU LA 25 -29.09 -14.79 15.57
C GLU LA 25 -27.71 -14.27 15.97
N ALA LA 26 -27.66 -13.09 16.60
CA ALA LA 26 -26.39 -12.58 17.09
C ALA LA 26 -25.83 -13.45 18.19
N GLU LA 27 -26.68 -13.91 19.11
CA GLU LA 27 -26.23 -14.77 20.20
C GLU LA 27 -25.68 -16.09 19.67
N GLU LA 28 -26.36 -16.67 18.69
CA GLU LA 28 -25.89 -17.92 18.10
C GLU LA 28 -24.57 -17.72 17.35
N LEU LA 29 -24.46 -16.61 16.61
CA LEU LA 29 -23.21 -16.32 15.92
C LEU LA 29 -22.06 -16.13 16.90
N HIS LA 30 -22.30 -15.37 17.98
CA HIS LA 30 -21.22 -15.11 18.94
C HIS LA 30 -20.79 -16.39 19.65
N SER LA 31 -21.70 -17.35 19.82
CA SER LA 31 -21.32 -18.61 20.46
C SER LA 31 -20.30 -19.36 19.62
N TYR LA 32 -20.49 -19.38 18.30
CA TYR LA 32 -19.47 -19.97 17.43
C TYR LA 32 -18.17 -19.18 17.48
N VAL LA 33 -18.26 -17.85 17.65
CA VAL LA 33 -17.06 -17.04 17.78
C VAL LA 33 -16.30 -17.39 19.05
N LEU LA 34 -17.04 -17.55 20.17
CA LEU LA 34 -16.39 -17.90 21.43
C LEU LA 34 -15.86 -19.34 21.42
N ASP LA 35 -16.66 -20.27 20.89
CA ASP LA 35 -16.21 -21.66 20.79
C ASP LA 35 -15.00 -21.76 19.88
N GLY LA 36 -14.99 -21.01 18.78
CA GLY LA 36 -13.81 -20.95 17.94
C GLY LA 36 -12.61 -20.37 18.67
N ALA LA 37 -12.83 -19.32 19.47
CA ALA LA 37 -11.73 -18.71 20.20
C ALA LA 37 -11.14 -19.67 21.23
N ARG LA 38 -11.99 -20.41 21.95
CA ARG LA 38 -11.51 -21.35 22.94
C ARG LA 38 -10.71 -22.49 22.31
N ILE LA 39 -11.20 -23.02 21.20
CA ILE LA 39 -10.45 -24.05 20.47
C ILE LA 39 -9.12 -23.49 19.99
N PHE LA 40 -9.14 -22.26 19.45
CA PHE LA 40 -7.90 -21.62 19.05
C PHE LA 40 -6.96 -21.42 20.23
N PHE LA 41 -7.50 -20.94 21.36
CA PHE LA 41 -6.69 -20.76 22.56
C PHE LA 41 -6.20 -22.10 23.10
N GLY LA 42 -7.05 -23.13 23.05
CA GLY LA 42 -6.63 -24.44 23.51
C GLY LA 42 -5.47 -24.99 22.71
N ILE LA 43 -5.54 -24.89 21.37
CA ILE LA 43 -4.44 -25.34 20.53
C ILE LA 43 -3.22 -24.48 20.74
N ALA LA 44 -3.42 -23.18 20.96
CA ALA LA 44 -2.28 -22.29 21.22
C ALA LA 44 -1.55 -22.67 22.50
N VAL LA 45 -2.30 -23.03 23.54
CA VAL LA 45 -1.68 -23.36 24.83
C VAL LA 45 -0.79 -24.59 24.72
N VAL LA 46 -1.29 -25.62 24.02
CA VAL LA 46 -0.46 -26.79 23.77
C VAL LA 46 0.71 -26.42 22.86
N ALA LA 47 0.48 -25.54 21.89
CA ALA LA 47 1.59 -25.07 21.05
C ALA LA 47 2.63 -24.34 21.88
N HIS LA 48 2.18 -23.52 22.83
CA HIS LA 48 3.12 -22.79 23.68
C HIS LA 48 3.95 -23.72 24.55
N VAL LA 49 3.31 -24.74 25.16
CA VAL LA 49 4.06 -25.63 26.04
C VAL LA 49 5.05 -26.46 25.24
N LEU LA 50 4.70 -26.83 24.01
CA LEU LA 50 5.69 -27.43 23.12
C LEU LA 50 6.82 -26.46 22.86
N ALA LA 51 6.49 -25.18 22.64
CA ALA LA 51 7.53 -24.17 22.49
C ALA LA 51 8.36 -24.03 23.76
N PHE LA 52 7.72 -24.10 24.92
CA PHE LA 52 8.50 -24.09 26.16
C PHE LA 52 9.39 -25.33 26.27
N ALA LA 53 8.85 -26.49 25.93
CA ALA LA 53 9.56 -27.74 26.17
C ALA LA 53 10.69 -27.98 25.18
N TYR LA 54 10.55 -27.54 23.93
CA TYR LA 54 11.46 -27.93 22.88
C TYR LA 54 12.14 -26.75 22.19
N SER LA 55 12.02 -25.55 22.72
CA SER LA 55 12.69 -24.38 22.19
C SER LA 55 13.46 -23.71 23.32
N PRO LA 56 14.49 -22.92 23.00
CA PRO LA 56 15.29 -22.30 24.07
C PRO LA 56 14.51 -21.29 24.89
N TRP LA 57 13.26 -21.00 24.53
CA TRP LA 57 12.48 -20.02 25.28
C TRP LA 57 12.26 -20.50 26.70
N LEU LA 58 12.48 -19.60 27.66
CA LEU LA 58 12.36 -19.92 29.08
C LEU LA 58 13.27 -21.08 29.50
N ASN MA 2 -18.46 10.83 28.18
CA ASN MA 2 -19.36 11.89 27.77
C ASN MA 2 -19.68 11.82 26.28
N GLN MA 3 -18.99 10.93 25.55
CA GLN MA 3 -19.04 10.92 24.10
C GLN MA 3 -19.99 9.86 23.55
N ALA MA 4 -21.06 9.52 24.28
CA ALA MA 4 -21.89 8.40 23.87
C ALA MA 4 -22.56 8.66 22.52
N ARG MA 5 -22.80 9.91 22.17
CA ARG MA 5 -23.44 10.23 20.91
C ARG MA 5 -22.44 10.42 19.77
N ILE MA 6 -21.20 9.95 19.95
CA ILE MA 6 -20.32 9.77 18.80
C ILE MA 6 -20.91 8.76 17.85
N TRP MA 7 -21.69 7.82 18.37
CA TRP MA 7 -22.28 6.74 17.61
C TRP MA 7 -23.59 7.13 16.94
N LEU MA 8 -24.04 8.38 17.11
CA LEU MA 8 -25.18 8.89 16.36
C LEU MA 8 -24.79 9.45 15.01
N VAL MA 9 -23.53 9.86 14.84
CA VAL MA 9 -23.07 10.39 13.56
C VAL MA 9 -22.06 9.47 12.88
N VAL MA 10 -21.29 8.69 13.62
CA VAL MA 10 -20.36 7.72 13.06
C VAL MA 10 -21.03 6.36 13.09
N LYS MA 11 -21.09 5.71 11.93
CA LYS MA 11 -21.75 4.42 11.86
C LYS MA 11 -20.95 3.38 12.64
N PRO MA 12 -21.56 2.67 13.59
CA PRO MA 12 -20.82 1.65 14.35
C PRO MA 12 -20.27 0.55 13.48
N SER MA 13 -20.91 0.27 12.34
CA SER MA 13 -20.39 -0.75 11.43
C SER MA 13 -19.00 -0.40 10.92
N VAL MA 14 -18.68 0.89 10.86
CA VAL MA 14 -17.34 1.33 10.50
C VAL MA 14 -16.56 1.88 11.70
N GLY MA 15 -17.23 2.53 12.65
CA GLY MA 15 -16.52 3.06 13.80
C GLY MA 15 -15.95 1.97 14.70
N LEU MA 16 -16.72 0.92 14.97
CA LEU MA 16 -16.27 -0.10 15.91
C LEU MA 16 -15.13 -0.95 15.35
N PRO MA 17 -15.24 -1.55 14.16
CA PRO MA 17 -14.08 -2.32 13.66
C PRO MA 17 -12.84 -1.47 13.49
N LEU MA 18 -13.00 -0.21 13.06
CA LEU MA 18 -11.85 0.67 12.96
C LEU MA 18 -11.22 0.90 14.33
N PHE MA 19 -12.05 1.17 15.34
CA PHE MA 19 -11.53 1.44 16.68
C PHE MA 19 -10.76 0.24 17.22
N LEU MA 20 -11.36 -0.95 17.16
CA LEU MA 20 -10.71 -2.14 17.71
C LEU MA 20 -9.47 -2.51 16.93
N GLY MA 21 -9.54 -2.47 15.60
CA GLY MA 21 -8.37 -2.77 14.80
C GLY MA 21 -7.24 -1.78 15.01
N VAL MA 22 -7.59 -0.50 15.15
CA VAL MA 22 -6.58 0.52 15.35
C VAL MA 22 -5.94 0.37 16.73
N VAL MA 23 -6.72 0.01 17.74
CA VAL MA 23 -6.17 -0.26 19.07
C VAL MA 23 -5.18 -1.41 19.00
N LEU MA 24 -5.53 -2.48 18.27
CA LEU MA 24 -4.60 -3.58 18.07
C LEU MA 24 -3.36 -3.13 17.32
N LEU MA 25 -3.54 -2.25 16.32
CA LEU MA 25 -2.39 -1.74 15.58
C LEU MA 25 -1.43 -0.98 16.49
N ILE MA 26 -1.96 -0.18 17.42
CA ILE MA 26 -1.11 0.51 18.37
C ILE MA 26 -0.31 -0.50 19.19
N SER MA 27 -0.98 -1.56 19.64
CA SER MA 27 -0.31 -2.58 20.45
C SER MA 27 0.83 -3.24 19.67
N LEU MA 28 0.58 -3.58 18.41
CA LEU MA 28 1.64 -4.16 17.59
C LEU MA 28 2.78 -3.19 17.38
N LEU MA 29 2.46 -1.91 17.13
CA LEU MA 29 3.52 -0.92 16.93
C LEU MA 29 4.35 -0.74 18.19
N VAL MA 30 3.70 -0.67 19.36
CA VAL MA 30 4.45 -0.54 20.61
C VAL MA 30 5.31 -1.78 20.85
N HIS MA 31 4.73 -2.97 20.66
CA HIS MA 31 5.50 -4.21 20.76
C HIS MA 31 6.68 -4.20 19.80
N GLY MA 32 6.44 -3.83 18.54
CA GLY MA 32 7.51 -3.80 17.57
C GLY MA 32 8.56 -2.73 17.87
N ALA MA 33 8.12 -1.57 18.36
CA ALA MA 33 9.05 -0.50 18.67
C ALA MA 33 10.02 -0.90 19.78
N ILE MA 34 9.52 -1.58 20.81
CA ILE MA 34 10.39 -2.06 21.88
C ILE MA 34 11.27 -3.20 21.38
N LEU MA 35 10.71 -4.08 20.56
CA LEU MA 35 11.46 -5.23 20.08
C LEU MA 35 12.68 -4.79 19.27
N THR MA 36 12.53 -3.77 18.44
CA THR MA 36 13.61 -3.28 17.59
C THR MA 36 14.53 -2.29 18.29
N ASN MA 37 14.22 -1.87 19.51
CA ASN MA 37 15.01 -0.86 20.18
C ASN MA 37 15.48 -1.30 21.56
N THR MA 38 15.44 -2.61 21.85
CA THR MA 38 15.98 -3.16 23.08
C THR MA 38 16.81 -4.38 22.76
N SER MA 39 17.62 -4.79 23.74
CA SER MA 39 18.30 -6.06 23.66
C SER MA 39 17.61 -7.16 24.47
N TRP MA 40 16.86 -6.79 25.51
CA TRP MA 40 16.27 -7.81 26.38
C TRP MA 40 15.04 -8.47 25.77
N TYR MA 41 14.21 -7.70 25.04
CA TYR MA 41 13.06 -8.32 24.39
C TYR MA 41 13.47 -9.32 23.33
N PRO MA 42 14.43 -9.04 22.42
CA PRO MA 42 14.95 -10.12 21.57
C PRO MA 42 15.61 -11.23 22.37
N ALA MA 43 16.27 -10.88 23.48
CA ALA MA 43 16.89 -11.90 24.32
C ALA MA 43 15.85 -12.79 24.99
N PHE MA 44 14.68 -12.24 25.30
CA PHE MA 44 13.59 -13.04 25.83
C PHE MA 44 13.14 -14.08 24.80
N PHE MA 45 13.06 -13.69 23.54
CA PHE MA 45 12.80 -14.67 22.48
C PHE MA 45 13.93 -15.68 22.39
N GLU MA 46 15.18 -15.21 22.50
CA GLU MA 46 16.33 -16.08 22.29
C GLU MA 46 16.43 -17.15 23.37
N GLY MA 47 16.20 -16.78 24.63
CA GLY MA 47 16.22 -17.75 25.69
C GLY MA 47 17.63 -18.22 26.00
N ASN MA 48 17.75 -19.50 26.34
CA ASN MA 48 19.04 -20.08 26.70
C ASN MA 48 19.93 -20.37 25.50
N ALA MA 49 19.38 -20.31 24.29
CA ALA MA 49 20.16 -20.57 23.10
C ALA MA 49 19.69 -19.70 21.94
N PHE NA 10 -31.28 17.84 21.80
CA PHE NA 10 -30.90 16.59 21.15
C PHE NA 10 -31.06 15.42 22.10
N ASP NA 11 -32.28 15.23 22.60
CA ASP NA 11 -32.61 14.17 23.55
C ASP NA 11 -33.90 13.47 23.14
N ASP NA 12 -33.97 13.05 21.88
CA ASP NA 12 -35.14 12.35 21.40
C ASP NA 12 -34.89 10.85 21.44
N PRO NA 13 -35.55 10.10 22.32
CA PRO NA 13 -35.32 8.64 22.37
C PRO NA 13 -35.67 7.91 21.09
N ASN NA 14 -36.64 8.43 20.33
CA ASN NA 14 -37.16 7.70 19.17
C ASN NA 14 -36.50 8.08 17.86
N ARG NA 15 -35.86 9.24 17.78
CA ARG NA 15 -35.26 9.67 16.53
C ARG NA 15 -34.14 8.73 16.10
N VAL NA 16 -34.06 8.46 14.81
CA VAL NA 16 -33.01 7.64 14.22
C VAL NA 16 -32.02 8.57 13.53
N TRP NA 17 -30.82 8.66 14.08
CA TRP NA 17 -29.79 9.59 13.63
C TRP NA 17 -29.11 9.06 12.37
N PRO NA 18 -28.23 9.86 11.74
CA PRO NA 18 -27.59 9.39 10.49
C PRO NA 18 -26.88 8.06 10.61
N SER NA 19 -26.33 7.72 11.77
CA SER NA 19 -25.63 6.46 11.93
C SER NA 19 -26.56 5.26 11.90
N GLY NA 20 -27.87 5.47 11.97
CA GLY NA 20 -28.80 4.37 12.04
C GLY NA 20 -29.16 3.93 13.44
N LEU NA 21 -28.86 4.75 14.44
CA LEU NA 21 -29.11 4.42 15.84
C LEU NA 21 -29.96 5.51 16.48
N THR NA 22 -30.77 5.10 17.45
CA THR NA 22 -31.40 6.05 18.34
C THR NA 22 -30.43 6.42 19.45
N LEU NA 23 -30.76 7.47 20.19
CA LEU NA 23 -29.93 7.89 21.32
C LEU NA 23 -29.81 6.80 22.38
N PRO NA 24 -30.89 6.14 22.84
CA PRO NA 24 -30.71 5.04 23.79
C PRO NA 24 -29.83 3.93 23.27
N GLU NA 25 -29.91 3.63 21.97
CA GLU NA 25 -29.04 2.61 21.39
C GLU NA 25 -27.58 3.07 21.39
N ALA NA 26 -27.35 4.36 21.15
CA ALA NA 26 -25.98 4.88 21.20
C ALA NA 26 -25.43 4.82 22.61
N GLU NA 27 -26.25 5.16 23.61
CA GLU NA 27 -25.81 5.11 25.00
C GLU NA 27 -25.45 3.69 25.41
N GLU NA 28 -26.28 2.72 25.00
CA GLU NA 28 -26.01 1.34 25.34
C GLU NA 28 -24.76 0.82 24.65
N LEU NA 29 -24.58 1.15 23.37
CA LEU NA 29 -23.39 0.72 22.65
C LEU NA 29 -22.13 1.33 23.26
N HIS NA 30 -22.17 2.62 23.58
CA HIS NA 30 -21.00 3.27 24.16
C HIS NA 30 -20.65 2.71 25.53
N SER NA 31 -21.65 2.22 26.28
CA SER NA 31 -21.37 1.62 27.57
C SER NA 31 -20.51 0.36 27.41
N TYR NA 32 -20.82 -0.47 26.41
CA TYR NA 32 -19.95 -1.60 26.12
C TYR NA 32 -18.57 -1.14 25.69
N VAL NA 33 -18.49 -0.02 24.98
CA VAL NA 33 -17.21 0.52 24.56
C VAL NA 33 -16.37 0.93 25.78
N LEU NA 34 -17.00 1.63 26.73
CA LEU NA 34 -16.28 2.05 27.93
C LEU NA 34 -15.95 0.87 28.82
N ASP NA 35 -16.89 -0.06 29.00
CA ASP NA 35 -16.60 -1.27 29.76
C ASP NA 35 -15.50 -2.09 29.11
N GLY NA 36 -15.50 -2.14 27.77
CA GLY NA 36 -14.41 -2.78 27.06
C GLY NA 36 -13.09 -2.09 27.29
N ALA NA 37 -13.08 -0.75 27.28
CA ALA NA 37 -11.86 0.00 27.49
C ALA NA 37 -11.31 -0.22 28.90
N ARG NA 38 -12.19 -0.21 29.91
CA ARG NA 38 -11.75 -0.40 31.28
C ARG NA 38 -11.13 -1.77 31.48
N ILE NA 39 -11.77 -2.82 30.95
CA ILE NA 39 -11.20 -4.15 31.05
C ILE NA 39 -9.86 -4.21 30.33
N PHE NA 40 -9.78 -3.61 29.14
CA PHE NA 40 -8.51 -3.55 28.42
C PHE NA 40 -7.47 -2.78 29.22
N PHE NA 41 -7.84 -1.62 29.76
CA PHE NA 41 -6.91 -0.85 30.56
C PHE NA 41 -6.53 -1.58 31.84
N GLY NA 42 -7.48 -2.26 32.47
CA GLY NA 42 -7.16 -3.02 33.67
C GLY NA 42 -6.18 -4.14 33.40
N ILE NA 43 -6.37 -4.88 32.31
CA ILE NA 43 -5.43 -5.92 31.93
C ILE NA 43 -4.08 -5.31 31.57
N ALA NA 44 -4.09 -4.15 30.91
CA ALA NA 44 -2.85 -3.49 30.55
C ALA NA 44 -2.05 -3.10 31.79
N VAL NA 45 -2.73 -2.61 32.82
CA VAL NA 45 -2.04 -2.16 34.03
C VAL NA 45 -1.32 -3.32 34.71
N VAL NA 46 -1.99 -4.47 34.81
CA VAL NA 46 -1.33 -5.64 35.35
C VAL NA 46 -0.19 -6.10 34.44
N ALA NA 47 -0.41 -6.00 33.12
CA ALA NA 47 0.67 -6.30 32.18
C ALA NA 47 1.85 -5.36 32.38
N HIS NA 48 1.58 -4.07 32.57
CA HIS NA 48 2.67 -3.11 32.75
C HIS NA 48 3.45 -3.38 34.02
N VAL NA 49 2.76 -3.68 35.13
CA VAL NA 49 3.48 -3.92 36.38
C VAL NA 49 4.30 -5.20 36.28
N LEU NA 50 3.80 -6.20 35.55
CA LEU NA 50 4.62 -7.37 35.25
C LEU NA 50 5.83 -6.98 34.42
N ALA NA 51 5.65 -6.07 33.45
CA ALA NA 51 6.78 -5.55 32.70
C ALA NA 51 7.72 -4.78 33.60
N PHE NA 52 7.19 -4.02 34.55
CA PHE NA 52 8.06 -3.36 35.52
C PHE NA 52 8.80 -4.37 36.40
N ALA NA 53 8.09 -5.40 36.86
CA ALA NA 53 8.66 -6.32 37.83
C ALA NA 53 9.67 -7.27 37.22
N TYR NA 54 9.50 -7.65 35.95
CA TYR NA 54 10.26 -8.75 35.38
C TYR NA 54 11.00 -8.39 34.10
N SER NA 55 11.07 -7.11 33.74
CA SER NA 55 11.83 -6.65 32.60
C SER NA 55 12.79 -5.56 33.04
N PRO NA 56 13.86 -5.32 32.30
CA PRO NA 56 14.82 -4.28 32.70
C PRO NA 56 14.23 -2.88 32.73
N TRP NA 57 12.99 -2.70 32.26
CA TRP NA 57 12.38 -1.38 32.23
C TRP NA 57 12.25 -0.82 33.64
N LEU NA 58 12.63 0.44 33.79
CA LEU NA 58 12.60 1.13 35.09
C LEU NA 58 13.47 0.44 36.14
N ASN OA 2 -14.47 28.56 14.99
CA ASN OA 2 -15.28 29.27 14.00
C ASN OA 2 -15.79 28.37 12.88
N GLN OA 3 -15.26 27.15 12.79
CA GLN OA 3 -15.50 26.28 11.64
C GLN OA 3 -16.56 25.22 11.92
N ALA OA 4 -17.57 25.52 12.74
CA ALA OA 4 -18.56 24.49 13.06
C ALA OA 4 -19.30 24.01 11.84
N ARG OA 5 -19.39 24.84 10.79
CA ARG OA 5 -20.08 24.45 9.57
C ARG OA 5 -19.22 23.62 8.64
N ILE OA 6 -18.03 23.20 9.07
CA ILE OA 6 -17.28 22.20 8.32
C ILE OA 6 -18.08 20.91 8.23
N TRP OA 7 -18.92 20.65 9.24
CA TRP OA 7 -19.69 19.43 9.33
C TRP OA 7 -21.01 19.50 8.57
N LEU OA 8 -21.30 20.62 7.92
CA LEU OA 8 -22.45 20.69 7.01
C LEU OA 8 -22.12 20.21 5.61
N VAL OA 9 -20.85 20.24 5.22
CA VAL OA 9 -20.44 19.79 3.90
C VAL OA 9 -19.61 18.51 3.96
N VAL OA 10 -18.89 18.26 5.04
CA VAL OA 10 -18.13 17.03 5.22
C VAL OA 10 -18.94 16.09 6.10
N LYS OA 11 -19.16 14.88 5.63
CA LYS OA 11 -19.95 13.94 6.39
C LYS OA 11 -19.20 13.53 7.65
N PRO OA 12 -19.80 13.66 8.83
CA PRO OA 12 -19.12 13.24 10.06
C PRO OA 12 -18.77 11.77 10.09
N SER OA 13 -19.53 10.94 9.38
CA SER OA 13 -19.23 9.51 9.34
C SER OA 13 -17.86 9.25 8.71
N VAL OA 14 -17.40 10.15 7.84
CA VAL OA 14 -16.07 10.05 7.28
C VAL OA 14 -15.13 11.11 7.85
N GLY OA 15 -15.62 12.28 8.21
CA GLY OA 15 -14.76 13.32 8.76
C GLY OA 15 -14.21 12.99 10.15
N LEU OA 16 -15.06 12.42 11.00
CA LEU OA 16 -14.64 12.16 12.38
C LEU OA 16 -13.66 10.99 12.48
N PRO OA 17 -13.92 9.80 11.91
CA PRO OA 17 -12.90 8.75 11.97
C PRO OA 17 -11.60 9.15 11.29
N LEU OA 18 -11.68 9.90 10.19
CA LEU OA 18 -10.46 10.37 9.55
C LEU OA 18 -9.70 11.34 10.46
N PHE OA 19 -10.42 12.24 11.13
CA PHE OA 19 -9.76 13.21 12.01
C PHE OA 19 -9.08 12.51 13.18
N LEU OA 20 -9.81 11.65 13.89
CA LEU OA 20 -9.24 10.99 15.06
C LEU OA 20 -8.12 10.03 14.68
N GLY OA 21 -8.30 9.26 13.61
CA GLY OA 21 -7.25 8.38 13.16
C GLY OA 21 -6.00 9.12 12.73
N VAL OA 22 -6.19 10.25 12.05
CA VAL OA 22 -5.05 11.04 11.59
C VAL OA 22 -4.30 11.63 12.77
N VAL OA 23 -5.02 12.12 13.79
CA VAL OA 23 -4.38 12.63 14.99
C VAL OA 23 -3.54 11.55 15.64
N LEU OA 24 -4.09 10.34 15.75
CA LEU OA 24 -3.32 9.23 16.28
C LEU OA 24 -2.11 8.92 15.40
N LEU OA 25 -2.29 8.97 14.07
CA LEU OA 25 -1.17 8.74 13.18
C LEU OA 25 -0.06 9.75 13.40
N ILE OA 26 -0.41 11.02 13.59
CA ILE OA 26 0.61 12.02 13.88
C ILE OA 26 1.37 11.67 15.15
N SER OA 27 0.63 11.26 16.19
CA SER OA 27 1.27 10.89 17.45
C SER OA 27 2.24 9.72 17.27
N LEU OA 28 1.83 8.71 16.52
CA LEU OA 28 2.72 7.57 16.26
C LEU OA 28 3.96 8.01 15.48
N LEU OA 29 3.77 8.87 14.47
CA LEU OA 29 4.91 9.33 13.70
C LEU OA 29 5.87 10.14 14.55
N VAL OA 30 5.34 10.99 15.43
CA VAL OA 30 6.20 11.78 16.31
C VAL OA 30 6.92 10.88 17.30
N HIS OA 31 6.19 9.92 17.89
CA HIS OA 31 6.82 8.93 18.76
C HIS OA 31 7.91 8.17 18.03
N GLY OA 32 7.62 7.72 16.80
CA GLY OA 32 8.61 6.99 16.03
C GLY OA 32 9.79 7.83 15.62
N ALA OA 33 9.53 9.09 15.24
CA ALA OA 33 10.62 9.98 14.82
C ALA OA 33 11.61 10.24 15.94
N ILE OA 34 11.12 10.44 17.16
CA ILE OA 34 12.02 10.63 18.29
C ILE OA 34 12.72 9.32 18.65
N LEU OA 35 12.00 8.20 18.56
CA LEU OA 35 12.57 6.91 18.89
C LEU OA 35 13.76 6.57 18.01
N THR OA 36 13.66 6.87 16.71
CA THR OA 36 14.70 6.56 15.75
C THR OA 36 15.77 7.63 15.64
N ASN OA 37 15.64 8.75 16.34
CA ASN OA 37 16.60 9.83 16.23
C ASN OA 37 17.12 10.29 17.58
N THR OA 38 16.94 9.48 18.62
CA THR OA 38 17.53 9.73 19.93
C THR OA 38 18.21 8.46 20.44
N SER OA 39 19.04 8.64 21.46
CA SER OA 39 19.56 7.50 22.20
C SER OA 39 18.82 7.26 23.51
N TRP OA 40 18.19 8.30 24.08
CA TRP OA 40 17.57 8.13 25.39
C TRP OA 40 16.23 7.42 25.32
N TYR OA 41 15.43 7.68 24.28
CA TYR OA 41 14.17 6.95 24.14
C TYR OA 41 14.39 5.46 23.95
N PRO OA 42 15.29 5.00 23.08
CA PRO OA 42 15.62 3.56 23.10
C PRO OA 42 16.21 3.10 24.42
N ALA OA 43 16.98 3.96 25.09
CA ALA OA 43 17.56 3.58 26.38
C ALA OA 43 16.49 3.46 27.47
N PHE OA 44 15.45 4.29 27.39
CA PHE OA 44 14.31 4.14 28.30
C PHE OA 44 13.65 2.79 28.12
N PHE OA 45 13.50 2.33 26.89
CA PHE OA 45 13.05 0.96 26.65
C PHE OA 45 14.04 -0.03 27.23
N GLU OA 46 15.33 0.21 27.03
CA GLU OA 46 16.36 -0.76 27.41
C GLU OA 46 16.43 -0.93 28.92
N GLY OA 47 16.37 0.17 29.68
CA GLY OA 47 16.39 0.06 31.12
C GLY OA 47 17.76 -0.30 31.66
N ASN OA 48 17.77 -1.08 32.74
CA ASN OA 48 19.01 -1.49 33.38
C ASN OA 48 19.74 -2.57 32.60
N ALA OA 49 19.07 -3.24 31.67
CA ALA OA 49 19.70 -4.29 30.88
C ALA OA 49 19.24 -4.22 29.44
N PHE PA 10 -26.96 31.79 5.70
CA PHE PA 10 -26.87 30.37 6.01
C PHE PA 10 -27.08 30.13 7.50
N ASP PA 11 -28.26 30.46 7.99
CA ASP PA 11 -28.62 30.31 9.40
C ASP PA 11 -30.01 29.68 9.53
N ASP PA 12 -30.22 28.57 8.83
CA ASP PA 12 -31.49 27.88 8.88
C ASP PA 12 -31.39 26.68 9.83
N PRO PA 13 -32.05 26.72 10.98
CA PRO PA 13 -31.95 25.58 11.91
C PRO PA 13 -32.51 24.29 11.36
N ASN PA 14 -33.47 24.36 10.44
CA ASN PA 14 -34.19 23.18 9.99
C ASN PA 14 -33.62 22.56 8.71
N ARG PA 15 -32.85 23.31 7.93
CA ARG PA 15 -32.33 22.78 6.69
C ARG PA 15 -31.35 21.62 6.94
N VAL PA 16 -31.45 20.59 6.11
CA VAL PA 16 -30.55 19.44 6.17
C VAL PA 16 -29.53 19.59 5.06
N TRP PA 17 -28.30 19.92 5.44
CA TRP PA 17 -27.21 20.21 4.51
C TRP PA 17 -26.71 18.91 3.87
N PRO PA 18 -25.82 19.01 2.87
CA PRO PA 18 -25.36 17.79 2.18
C PRO PA 18 -24.79 16.71 3.09
N SER PA 19 -24.17 17.10 4.21
CA SER PA 19 -23.59 16.10 5.10
C SER PA 19 -24.64 15.29 5.85
N GLY PA 20 -25.90 15.68 5.78
CA GLY PA 20 -26.94 15.02 6.56
C GLY PA 20 -27.19 15.63 7.91
N LEU PA 21 -26.71 16.84 8.16
CA LEU PA 21 -26.88 17.50 9.44
C LEU PA 21 -27.55 18.85 9.26
N THR PA 22 -28.33 19.24 10.27
CA THR PA 22 -28.77 20.62 10.35
C THR PA 22 -27.65 21.46 10.96
N LEU PA 23 -27.80 22.78 10.86
CA LEU PA 23 -26.80 23.68 11.45
C LEU PA 23 -26.67 23.49 12.97
N PRO PA 24 -27.76 23.47 13.76
CA PRO PA 24 -27.59 23.19 15.19
C PRO PA 24 -26.92 21.86 15.48
N GLU PA 25 -27.18 20.84 14.68
CA GLU PA 25 -26.50 19.56 14.87
C GLU PA 25 -25.01 19.68 14.57
N ALA PA 26 -24.64 20.46 13.54
CA ALA PA 26 -23.24 20.68 13.26
C ALA PA 26 -22.57 21.46 14.39
N GLU PA 27 -23.25 22.46 14.94
CA GLU PA 27 -22.68 23.24 16.04
C GLU PA 27 -22.47 22.37 17.27
N GLU PA 28 -23.43 21.50 17.58
CA GLU PA 28 -23.30 20.63 18.73
C GLU PA 28 -22.19 19.60 18.54
N LEU PA 29 -22.09 19.02 17.34
CA LEU PA 29 -21.02 18.07 17.05
C LEU PA 29 -19.65 18.74 17.15
N HIS PA 30 -19.52 19.96 16.60
CA HIS PA 30 -18.23 20.64 16.62
C HIS PA 30 -17.81 21.01 18.04
N SER PA 31 -18.78 21.27 18.92
CA SER PA 31 -18.44 21.57 20.31
C SER PA 31 -17.76 20.37 20.98
N TYR PA 32 -18.25 19.16 20.72
CA TYR PA 32 -17.57 17.98 21.21
C TYR PA 32 -16.19 17.82 20.58
N VAL PA 33 -16.04 18.24 19.33
CA VAL PA 33 -14.73 18.20 18.67
C VAL PA 33 -13.76 19.15 19.37
N LEU PA 34 -14.21 20.38 19.65
CA LEU PA 34 -13.36 21.34 20.32
C LEU PA 34 -13.08 20.94 21.76
N ASP PA 35 -14.10 20.47 22.48
CA ASP PA 35 -13.89 20.00 23.84
C ASP PA 35 -12.95 18.80 23.86
N GLY PA 36 -13.10 17.89 22.88
CA GLY PA 36 -12.15 16.80 22.76
C GLY PA 36 -10.74 17.28 22.48
N ALA PA 37 -10.61 18.30 21.62
CA ALA PA 37 -9.29 18.83 21.31
C ALA PA 37 -8.65 19.47 22.54
N ARG PA 38 -9.42 20.24 23.30
CA ARG PA 38 -8.87 20.91 24.48
C ARG PA 38 -8.39 19.90 25.51
N ILE PA 39 -9.17 18.85 25.76
CA ILE PA 39 -8.73 17.80 26.68
C ILE PA 39 -7.48 17.12 26.14
N PHE PA 40 -7.45 16.83 24.84
CA PHE PA 40 -6.27 16.26 24.23
C PHE PA 40 -5.07 17.19 24.37
N PHE PA 41 -5.27 18.47 24.07
CA PHE PA 41 -4.18 19.45 24.22
C PHE PA 41 -3.78 19.60 25.67
N GLY PA 42 -4.74 19.58 26.59
CA GLY PA 42 -4.42 19.70 28.00
C GLY PA 42 -3.56 18.56 28.50
N ILE PA 43 -3.90 17.33 28.12
CA ILE PA 43 -3.09 16.18 28.48
C ILE PA 43 -1.74 16.24 27.78
N ALA PA 44 -1.71 16.74 26.55
CA ALA PA 44 -0.45 16.86 25.83
C ALA PA 44 0.49 17.83 26.51
N VAL PA 45 -0.04 18.94 27.02
CA VAL PA 45 0.82 19.94 27.67
C VAL PA 45 1.47 19.35 28.92
N VAL PA 46 0.69 18.65 29.74
CA VAL PA 46 1.25 18.00 30.93
C VAL PA 46 2.21 16.90 30.51
N ALA PA 47 1.91 16.21 29.41
CA ALA PA 47 2.86 15.23 28.87
C ALA PA 47 4.16 15.90 28.45
N HIS PA 48 4.07 17.07 27.81
CA HIS PA 48 5.28 17.75 27.36
C HIS PA 48 6.13 18.22 28.53
N VAL PA 49 5.51 18.74 29.59
CA VAL PA 49 6.30 19.22 30.73
C VAL PA 49 6.95 18.05 31.45
N LEU PA 50 6.26 16.91 31.53
CA LEU PA 50 6.91 15.70 32.02
C LEU PA 50 8.08 15.32 31.13
N ALA PA 51 7.90 15.42 29.81
CA ALA PA 51 9.02 15.19 28.89
C ALA PA 51 10.12 16.21 29.11
N PHE PA 52 9.75 17.46 29.38
CA PHE PA 52 10.78 18.45 29.70
C PHE PA 52 11.48 18.12 31.02
N ALA PA 53 10.71 17.72 32.03
CA ALA PA 53 11.28 17.56 33.37
C ALA PA 53 12.12 16.30 33.48
N TYR PA 54 11.79 15.26 32.73
CA TYR PA 54 12.36 13.94 32.97
C TYR PA 54 13.02 13.33 31.76
N SER PA 55 13.21 14.08 30.68
CA SER PA 55 13.90 13.60 29.49
C SER PA 55 14.99 14.61 29.15
N PRO PA 56 16.02 14.17 28.41
CA PRO PA 56 17.11 15.10 28.09
C PRO PA 56 16.70 16.26 27.21
N TRP PA 57 15.47 16.26 26.69
CA TRP PA 57 15.01 17.33 25.84
C TRP PA 57 15.04 18.66 26.59
N LEU PA 58 15.58 19.69 25.95
CA LEU PA 58 15.74 21.01 26.54
C LEU PA 58 16.57 20.97 27.82
N ASN QA 2 -9.81 33.34 -6.41
CA ASN QA 2 -10.62 33.39 -7.61
C ASN QA 2 -11.32 32.05 -7.89
N GLN QA 3 -10.94 31.00 -7.18
CA GLN QA 3 -11.37 29.64 -7.49
C GLN QA 3 -12.53 29.17 -6.61
N ALA QA 4 -13.43 30.07 -6.20
CA ALA QA 4 -14.51 29.64 -5.33
C ALA QA 4 -15.42 28.62 -5.99
N ARG QA 5 -15.43 28.54 -7.31
CA ARG QA 5 -16.26 27.60 -8.03
C ARG QA 5 -15.58 26.25 -8.23
N ILE QA 6 -14.42 26.02 -7.62
CA ILE QA 6 -13.87 24.68 -7.57
C ILE QA 6 -14.81 23.76 -6.81
N TRP QA 7 -15.57 24.31 -5.87
CA TRP QA 7 -16.47 23.55 -5.02
C TRP QA 7 -17.84 23.33 -5.65
N LEU QA 8 -18.04 23.79 -6.89
CA LEU QA 8 -19.25 23.46 -7.64
C LEU QA 8 -19.11 22.17 -8.43
N VAL QA 9 -17.89 21.77 -8.78
CA VAL QA 9 -17.65 20.55 -9.52
C VAL QA 9 -16.97 19.47 -8.67
N VAL QA 10 -16.17 19.85 -7.67
CA VAL QA 10 -15.55 18.91 -6.76
C VAL QA 10 -16.38 18.86 -5.49
N LYS QA 11 -16.76 17.66 -5.09
CA LYS QA 11 -17.59 17.52 -3.91
C LYS QA 11 -16.79 17.88 -2.66
N PRO QA 12 -17.28 18.82 -1.84
CA PRO QA 12 -16.55 19.17 -0.62
C PRO QA 12 -16.36 18.01 0.33
N SER QA 13 -17.27 17.03 0.31
CA SER QA 13 -17.14 15.87 1.18
C SER QA 13 -15.86 15.10 0.90
N VAL QA 14 -15.34 15.19 -0.32
CA VAL QA 14 -14.08 14.59 -0.68
C VAL QA 14 -12.97 15.62 -0.91
N GLY QA 15 -13.32 16.80 -1.43
CA GLY QA 15 -12.31 17.82 -1.66
C GLY QA 15 -11.70 18.37 -0.39
N LEU QA 16 -12.53 18.63 0.62
CA LEU QA 16 -12.03 19.23 1.85
C LEU QA 16 -11.16 18.27 2.66
N PRO QA 17 -11.61 17.06 3.00
CA PRO QA 17 -10.72 16.16 3.75
C PRO QA 17 -9.45 15.82 2.99
N LEU QA 18 -9.54 15.68 1.66
CA LEU QA 18 -8.33 15.46 0.87
C LEU QA 18 -7.38 16.65 0.98
N PHE QA 19 -7.90 17.86 0.89
CA PHE QA 19 -7.06 19.04 0.95
C PHE QA 19 -6.35 19.15 2.31
N LEU QA 20 -7.12 19.07 3.39
CA LEU QA 20 -6.55 19.21 4.72
C LEU QA 20 -5.58 18.08 5.04
N GLY QA 21 -5.94 16.85 4.69
CA GLY QA 21 -5.05 15.73 4.95
C GLY QA 21 -3.77 15.82 4.13
N VAL QA 22 -3.88 16.26 2.88
CA VAL QA 22 -2.71 16.39 2.03
C VAL QA 22 -1.80 17.51 2.52
N VAL QA 23 -2.38 18.61 3.00
CA VAL QA 23 -1.57 19.67 3.59
C VAL QA 23 -0.78 19.14 4.78
N LEU QA 24 -1.45 18.38 5.66
CA LEU QA 24 -0.75 17.77 6.78
C LEU QA 24 0.31 16.79 6.31
N LEU QA 25 0.03 16.02 5.25
CA LEU QA 25 1.03 15.12 4.70
C LEU QA 25 2.25 15.87 4.22
N ILE QA 26 2.06 17.02 3.57
CA ILE QA 26 3.19 17.84 3.16
C ILE QA 26 4.02 18.25 4.37
N SER QA 27 3.34 18.68 5.43
CA SER QA 27 4.04 19.10 6.64
C SER QA 27 4.86 17.97 7.23
N LEU QA 28 4.29 16.76 7.30
CA LEU QA 28 5.03 15.61 7.82
C LEU QA 28 6.23 15.29 6.94
N LEU QA 29 6.06 15.33 5.62
CA LEU QA 29 7.17 15.03 4.72
C LEU QA 29 8.28 16.06 4.86
N VAL QA 30 7.94 17.34 5.00
CA VAL QA 30 8.96 18.36 5.20
C VAL QA 30 9.64 18.18 6.55
N HIS QA 31 8.87 17.90 7.59
CA HIS QA 31 9.45 17.60 8.90
C HIS QA 31 10.37 16.39 8.82
N GLY QA 32 9.91 15.32 8.16
CA GLY QA 32 10.73 14.13 8.03
C GLY QA 32 11.96 14.34 7.18
N ALA QA 33 11.84 15.13 6.12
CA ALA QA 33 12.97 15.39 5.23
C ALA QA 33 14.09 16.12 5.95
N ILE QA 34 13.74 17.13 6.76
CA ILE QA 34 14.75 17.84 7.52
C ILE QA 34 15.31 16.96 8.63
N LEU QA 35 14.45 16.15 9.25
CA LEU QA 35 14.88 15.27 10.33
C LEU QA 35 15.96 14.30 9.86
N THR QA 36 15.78 13.74 8.67
CA THR QA 36 16.70 12.75 8.13
C THR QA 36 17.86 13.35 7.36
N ASN QA 37 17.92 14.68 7.21
CA ASN QA 37 18.99 15.30 6.44
C ASN QA 37 19.70 16.42 7.20
N THR QA 38 19.51 16.49 8.52
CA THR QA 38 20.24 17.41 9.37
C THR QA 38 20.81 16.66 10.56
N SER QA 39 21.76 17.29 11.22
CA SER QA 39 22.21 16.82 12.52
C SER QA 39 21.56 17.56 13.68
N TRP QA 40 21.10 18.80 13.46
CA TRP QA 40 20.59 19.60 14.56
C TRP QA 40 19.17 19.20 14.95
N TYR QA 41 18.32 18.85 13.98
CA TYR QA 41 16.98 18.39 14.34
C TYR QA 41 17.02 17.10 15.13
N PRO QA 42 17.78 16.07 14.76
CA PRO QA 42 17.96 14.94 15.70
C PRO QA 42 18.60 15.36 17.00
N ALA QA 43 19.53 16.32 16.97
CA ALA QA 43 20.16 16.79 18.19
C ALA QA 43 19.18 17.52 19.10
N PHE QA 44 18.20 18.22 18.53
CA PHE QA 44 17.14 18.82 19.32
C PHE QA 44 16.35 17.76 20.06
N PHE QA 45 16.05 16.64 19.39
CA PHE QA 45 15.44 15.52 20.07
C PHE QA 45 16.35 14.96 21.16
N GLU QA 46 17.64 14.87 20.86
CA GLU QA 46 18.58 14.21 21.77
C GLU QA 46 18.76 14.99 23.06
N GLY QA 47 18.88 16.31 22.96
CA GLY QA 47 19.00 17.12 24.15
C GLY QA 47 20.36 16.98 24.82
N ASN QA 48 20.35 17.09 26.16
CA ASN QA 48 21.58 17.01 26.93
C ASN QA 48 22.14 15.59 27.00
N ALA QA 49 21.38 14.60 26.58
CA ALA QA 49 21.83 13.21 26.62
C ALA QA 49 21.19 12.40 25.51
N PHE RA 10 -22.49 31.87 -15.80
CA PHE RA 10 -22.59 30.95 -14.67
C PHE RA 10 -22.68 31.70 -13.35
N ASP RA 11 -23.79 32.42 -13.17
CA ASP RA 11 -24.04 33.22 -11.98
C ASP RA 11 -25.46 33.01 -11.49
N ASP RA 12 -25.86 31.74 -11.35
CA ASP RA 12 -27.20 31.42 -10.88
C ASP RA 12 -27.15 31.12 -9.40
N PRO RA 13 -27.70 31.97 -8.54
CA PRO RA 13 -27.65 31.69 -7.09
C PRO RA 13 -28.38 30.43 -6.69
N ASN RA 14 -29.45 30.07 -7.39
CA ASN RA 14 -30.31 28.96 -6.97
C ASN RA 14 -29.95 27.62 -7.57
N ARG RA 15 -29.16 27.60 -8.65
CA ARG RA 15 -28.82 26.33 -9.28
C ARG RA 15 -27.97 25.47 -8.35
N VAL RA 16 -28.25 24.17 -8.33
CA VAL RA 16 -27.49 23.20 -7.56
C VAL RA 16 -26.55 22.48 -8.51
N TRP RA 17 -25.26 22.76 -8.39
CA TRP RA 17 -24.23 22.25 -9.28
C TRP RA 17 -23.93 20.78 -8.98
N PRO RA 18 -23.12 20.12 -9.82
CA PRO RA 18 -22.86 18.68 -9.58
C PRO RA 18 -22.33 18.35 -8.20
N SER RA 19 -21.56 19.26 -7.58
CA SER RA 19 -21.04 18.99 -6.25
C SER RA 19 -22.11 18.96 -5.17
N GLY RA 20 -23.31 19.42 -5.47
CA GLY RA 20 -24.35 19.53 -4.47
C GLY RA 20 -24.42 20.87 -3.79
N LEU RA 21 -23.80 21.90 -4.34
CA LEU RA 21 -23.79 23.23 -3.75
C LEU RA 21 -24.31 24.25 -4.74
N THR RA 22 -24.95 25.29 -4.21
CA THR RA 22 -25.21 26.46 -5.02
C THR RA 22 -23.96 27.33 -5.07
N LEU RA 23 -23.97 28.30 -5.98
CA LEU RA 23 -22.83 29.21 -6.08
C LEU RA 23 -22.60 30.01 -4.80
N PRO RA 24 -23.62 30.63 -4.17
CA PRO RA 24 -23.35 31.30 -2.88
C PRO RA 24 -22.80 30.37 -1.81
N GLU RA 25 -23.25 29.11 -1.80
CA GLU RA 25 -22.70 28.14 -0.85
C GLU RA 25 -21.23 27.86 -1.15
N ALA RA 26 -20.86 27.77 -2.43
CA ALA RA 26 -19.46 27.58 -2.77
C ALA RA 26 -18.61 28.77 -2.39
N GLU RA 27 -19.14 29.98 -2.58
CA GLU RA 27 -18.39 31.18 -2.19
C GLU RA 27 -18.16 31.22 -0.69
N GLU RA 28 -19.18 30.87 0.09
CA GLU RA 28 -19.04 30.85 1.54
C GLU RA 28 -18.06 29.78 1.99
N LEU RA 29 -18.13 28.59 1.38
CA LEU RA 29 -17.19 27.52 1.72
C LEU RA 29 -15.76 27.92 1.38
N HIS RA 30 -15.55 28.55 0.22
CA HIS RA 30 -14.20 28.91 -0.18
C HIS RA 30 -13.62 30.00 0.73
N SER RA 31 -14.46 30.90 1.24
CA SER RA 31 -13.97 31.94 2.14
C SER RA 31 -13.39 31.34 3.42
N TYR RA 32 -14.04 30.31 3.95
CA TYR RA 32 -13.46 29.59 5.08
C TYR RA 32 -12.17 28.90 4.69
N VAL RA 33 -12.08 28.41 3.45
CA VAL RA 33 -10.85 27.78 2.97
C VAL RA 33 -9.72 28.80 2.91
N LEU RA 34 -10.01 30.00 2.37
CA LEU RA 34 -8.97 31.03 2.27
C LEU RA 34 -8.61 31.59 3.64
N ASP RA 35 -9.61 31.84 4.49
CA ASP RA 35 -9.32 32.29 5.84
C ASP RA 35 -8.52 31.25 6.61
N GLY RA 36 -8.87 29.97 6.44
CA GLY RA 36 -8.07 28.91 7.03
C GLY RA 36 -6.65 28.90 6.52
N ALA RA 37 -6.47 29.10 5.21
CA ALA RA 37 -5.13 29.12 4.63
C ALA RA 37 -4.31 30.28 5.17
N ARG RA 38 -4.92 31.46 5.29
CA ARG RA 38 -4.20 32.63 5.79
C ARG RA 38 -3.76 32.45 7.23
N ILE RA 39 -4.63 31.91 8.07
CA ILE RA 39 -4.26 31.62 9.45
C ILE RA 39 -3.13 30.60 9.48
N PHE RA 40 -3.26 29.55 8.67
CA PHE RA 40 -2.18 28.56 8.57
C PHE RA 40 -0.89 29.20 8.09
N PHE RA 41 -0.98 30.02 7.05
CA PHE RA 41 0.22 30.69 6.54
C PHE RA 41 0.77 31.67 7.57
N GLY RA 42 -0.11 32.36 8.30
CA GLY RA 42 0.35 33.27 9.32
C GLY RA 42 1.13 32.56 10.42
N ILE RA 43 0.60 31.43 10.90
CA ILE RA 43 1.30 30.66 11.90
C ILE RA 43 2.59 30.08 11.33
N ALA RA 44 2.57 29.67 10.07
CA ALA RA 44 3.77 29.12 9.44
C ALA RA 44 4.87 30.18 9.36
N VAL RA 45 4.52 31.41 9.03
CA VAL RA 45 5.52 32.47 8.90
C VAL RA 45 6.21 32.72 10.23
N VAL RA 46 5.44 32.78 11.31
CA VAL RA 46 6.03 32.94 12.63
C VAL RA 46 6.84 31.71 13.00
N ALA RA 47 6.36 30.53 12.62
CA ALA RA 47 7.15 29.32 12.85
C ALA RA 47 8.46 29.38 12.09
N HIS RA 48 8.43 29.87 10.85
CA HIS RA 48 9.66 29.94 10.05
C HIS RA 48 10.67 30.91 10.65
N VAL RA 49 10.21 32.07 11.12
CA VAL RA 49 11.16 33.04 11.68
C VAL RA 49 11.75 32.51 12.99
N LEU RA 50 10.95 31.75 13.76
CA LEU RA 50 11.51 31.03 14.89
C LEU RA 50 12.55 30.02 14.43
N ALA RA 51 12.26 29.31 13.34
CA ALA RA 51 13.26 28.40 12.77
C ALA RA 51 14.48 29.17 12.28
N PHE RA 52 14.29 30.35 11.71
CA PHE RA 52 15.44 31.16 11.33
C PHE RA 52 16.22 31.61 12.56
N ALA RA 53 15.53 32.04 13.60
CA ALA RA 53 16.19 32.67 14.74
C ALA RA 53 16.87 31.66 15.65
N TYR RA 54 16.32 30.46 15.79
CA TYR RA 54 16.76 29.53 16.82
C TYR RA 54 17.24 28.20 16.28
N SER RA 55 17.41 28.07 14.97
CA SER RA 55 17.93 26.86 14.34
C SER RA 55 19.09 27.24 13.45
N PRO RA 56 19.99 26.29 13.14
CA PRO RA 56 21.15 26.63 12.31
C PRO RA 56 20.79 27.04 10.89
N TRP RA 57 19.52 26.94 10.51
CA TRP RA 57 19.12 27.29 9.15
C TRP RA 57 19.40 28.76 8.88
N LEU RA 58 20.01 29.03 7.73
CA LEU RA 58 20.38 30.38 7.32
C LEU RA 58 21.30 31.06 8.33
N ASN SA 2 -6.53 22.94 -26.04
CA ASN SA 2 -7.41 22.34 -27.02
C ASN SA 2 -8.29 21.24 -26.41
N GLN SA 3 -7.98 20.81 -25.19
CA GLN SA 3 -8.63 19.65 -24.59
C GLN SA 3 -9.72 20.05 -23.60
N ALA SA 4 -10.45 21.14 -23.84
CA ALA SA 4 -11.45 21.58 -22.87
C ALA SA 4 -12.53 20.53 -22.66
N ARG SA 5 -12.75 19.67 -23.64
CA ARG SA 5 -13.77 18.64 -23.53
C ARG SA 5 -13.23 17.34 -22.96
N ILE SA 6 -12.03 17.37 -22.36
CA ILE SA 6 -11.62 16.25 -21.51
C ILE SA 6 -12.59 16.13 -20.33
N TRP SA 7 -13.19 17.25 -19.92
CA TRP SA 7 -14.08 17.31 -18.78
C TRP SA 7 -15.51 16.93 -19.13
N LEU SA 8 -15.80 16.58 -20.39
CA LEU SA 8 -17.09 16.03 -20.76
C LEU SA 8 -17.16 14.52 -20.57
N VAL SA 9 -16.02 13.84 -20.55
CA VAL SA 9 -16.00 12.40 -20.36
C VAL SA 9 -15.36 12.01 -19.03
N VAL SA 10 -14.44 12.81 -18.49
CA VAL SA 10 -13.84 12.57 -17.19
C VAL SA 10 -14.55 13.45 -16.17
N LYS SA 11 -15.05 12.84 -15.12
CA LYS SA 11 -15.77 13.59 -14.10
C LYS SA 11 -14.82 14.54 -13.39
N PRO SA 12 -15.13 15.83 -13.33
CA PRO SA 12 -14.25 16.76 -12.61
C PRO SA 12 -14.11 16.44 -11.14
N SER SA 13 -15.13 15.81 -10.54
CA SER SA 13 -15.05 15.42 -9.14
C SER SA 13 -13.91 14.45 -8.88
N VAL SA 14 -13.55 13.64 -9.88
CA VAL SA 14 -12.40 12.77 -9.77
C VAL SA 14 -11.21 13.25 -10.61
N GLY SA 15 -11.45 13.90 -11.74
CA GLY SA 15 -10.35 14.39 -12.55
C GLY SA 15 -9.57 15.51 -11.89
N LEU SA 16 -10.26 16.47 -11.27
CA LEU SA 16 -9.57 17.62 -10.71
C LEU SA 16 -8.75 17.27 -9.46
N PRO SA 17 -9.31 16.63 -8.43
CA PRO SA 17 -8.45 16.26 -7.29
C PRO SA 17 -7.32 15.34 -7.66
N LEU SA 18 -7.53 14.43 -8.63
CA LEU SA 18 -6.43 13.60 -9.09
C LEU SA 18 -5.35 14.43 -9.75
N PHE SA 19 -5.74 15.39 -10.58
CA PHE SA 19 -4.76 16.22 -11.28
C PHE SA 19 -3.94 17.06 -10.31
N LEU SA 20 -4.61 17.75 -9.38
CA LEU SA 20 -3.91 18.60 -8.44
C LEU SA 20 -3.03 17.79 -7.49
N GLY SA 21 -3.55 16.67 -6.99
CA GLY SA 21 -2.75 15.84 -6.12
C GLY SA 21 -1.55 15.25 -6.84
N VAL SA 22 -1.74 14.85 -8.10
CA VAL SA 22 -0.64 14.25 -8.86
C VAL SA 22 0.44 15.29 -9.16
N VAL SA 23 0.03 16.52 -9.46
CA VAL SA 23 1.00 17.60 -9.65
C VAL SA 23 1.82 17.81 -8.38
N LEU SA 24 1.14 17.84 -7.22
CA LEU SA 24 1.86 17.96 -5.97
C LEU SA 24 2.78 16.77 -5.72
N LEU SA 25 2.32 15.56 -6.05
CA LEU SA 25 3.17 14.39 -5.89
C LEU SA 25 4.43 14.50 -6.74
N ILE SA 26 4.31 15.01 -7.97
CA ILE SA 26 5.48 15.21 -8.81
C ILE SA 26 6.45 16.17 -8.14
N SER SA 27 5.92 17.26 -7.57
CA SER SA 27 6.76 18.24 -6.89
C SER SA 27 7.49 17.62 -5.71
N LEU SA 28 6.80 16.80 -4.92
CA LEU SA 28 7.45 16.13 -3.80
C LEU SA 28 8.52 15.17 -4.28
N LEU SA 29 8.24 14.40 -5.34
CA LEU SA 29 9.22 13.45 -5.85
C LEU SA 29 10.44 14.17 -6.41
N VAL SA 30 10.25 15.31 -7.08
CA VAL SA 30 11.40 16.07 -7.56
C VAL SA 30 12.17 16.66 -6.40
N HIS SA 31 11.48 17.26 -5.43
CA HIS SA 31 12.12 17.74 -4.22
C HIS SA 31 12.88 16.62 -3.53
N GLY SA 32 12.25 15.46 -3.38
CA GLY SA 32 12.91 14.34 -2.71
C GLY SA 32 14.08 13.78 -3.51
N ALA SA 33 13.95 13.73 -4.83
CA ALA SA 33 15.03 13.19 -5.66
C ALA SA 33 16.29 14.06 -5.54
N ILE SA 34 16.12 15.37 -5.55
CA ILE SA 34 17.27 16.26 -5.41
C ILE SA 34 17.83 16.20 -4.00
N LEU SA 35 16.95 16.08 -3.00
CA LEU SA 35 17.40 16.02 -1.61
C LEU SA 35 18.30 14.82 -1.37
N THR SA 36 17.96 13.67 -1.94
CA THR SA 36 18.70 12.44 -1.74
C THR SA 36 19.85 12.26 -2.72
N ASN SA 37 20.02 13.17 -3.67
CA ASN SA 37 21.08 13.01 -4.65
C ASN SA 37 21.96 14.24 -4.77
N THR SA 38 21.92 15.14 -3.80
CA THR SA 38 22.82 16.27 -3.72
C THR SA 38 23.42 16.36 -2.33
N SER SA 39 24.50 17.13 -2.22
CA SER SA 39 25.02 17.50 -0.91
C SER SA 39 24.55 18.88 -0.47
N TRP SA 40 24.23 19.77 -1.41
CA TRP SA 40 23.91 21.15 -1.04
C TRP SA 40 22.50 21.29 -0.48
N TYR SA 41 21.54 20.53 -1.01
CA TYR SA 41 20.18 20.61 -0.47
C TYR SA 41 20.13 20.13 0.98
N PRO SA 42 20.72 18.99 1.36
CA PRO SA 42 20.82 18.69 2.80
C PRO SA 42 21.63 19.74 3.56
N ALA SA 43 22.66 20.29 2.93
CA ALA SA 43 23.47 21.32 3.58
C ALA SA 43 22.68 22.59 3.82
N PHE SA 44 21.76 22.94 2.91
CA PHE SA 44 20.87 24.06 3.13
C PHE SA 44 20.00 23.84 4.37
N PHE SA 45 19.51 22.61 4.56
CA PHE SA 45 18.83 22.28 5.80
C PHE SA 45 19.77 22.41 6.99
N GLU SA 46 21.01 21.93 6.84
CA GLU SA 46 21.94 21.86 7.97
C GLU SA 46 22.33 23.25 8.44
N GLY SA 47 22.60 24.17 7.52
CA GLY SA 47 22.92 25.54 7.91
C GLY SA 47 24.32 25.63 8.50
N ASN SA 48 24.45 26.50 9.50
CA ASN SA 48 25.74 26.72 10.15
C ASN SA 48 26.13 25.60 11.10
N ALA SA 49 25.18 24.74 11.48
CA ALA SA 49 25.46 23.65 12.40
C ALA SA 49 24.66 22.42 12.04
N PHE TA 10 -20.26 17.81 -32.31
CA PHE TA 10 -20.22 17.84 -30.86
C PHE TA 10 -20.10 19.26 -30.34
N ASP TA 11 -21.09 20.08 -30.66
CA ASP TA 11 -21.14 21.49 -30.26
C ASP TA 11 -22.53 21.83 -29.74
N ASP TA 12 -23.05 21.02 -28.83
CA ASP TA 12 -24.36 21.26 -28.26
C ASP TA 12 -24.21 21.98 -26.93
N PRO TA 13 -24.58 23.25 -26.81
CA PRO TA 13 -24.45 23.94 -25.53
C PRO TA 13 -25.29 23.35 -24.42
N ASN TA 14 -26.40 22.70 -24.74
CA ASN TA 14 -27.36 22.25 -23.74
C ASN TA 14 -27.18 20.79 -23.34
N ARG TA 15 -26.51 19.97 -24.16
CA ARG TA 15 -26.38 18.56 -23.85
C ARG TA 15 -25.55 18.36 -22.57
N VAL TA 16 -25.97 17.39 -21.75
CA VAL TA 16 -25.26 17.04 -20.53
C VAL TA 16 -24.51 15.74 -20.80
N TRP TA 17 -23.19 15.83 -20.85
CA TRP TA 17 -22.32 14.72 -21.22
C TRP TA 17 -22.17 13.75 -20.07
N PRO TA 18 -21.51 12.59 -20.30
CA PRO TA 18 -21.39 11.60 -19.20
C PRO TA 18 -20.77 12.15 -17.93
N SER TA 19 -19.87 13.12 -18.02
CA SER TA 19 -19.25 13.66 -16.82
C SER TA 19 -20.20 14.50 -15.98
N GLY TA 20 -21.38 14.83 -16.50
CA GLY TA 20 -22.30 15.70 -15.81
C GLY TA 20 -22.15 17.17 -16.14
N LEU TA 21 -21.47 17.50 -17.23
CA LEU TA 21 -21.24 18.88 -17.63
C LEU TA 21 -21.75 19.12 -19.04
N THR TA 22 -22.19 20.34 -19.29
CA THR TA 22 -22.39 20.78 -20.66
C THR TA 22 -21.07 21.25 -21.24
N LEU TA 23 -21.05 21.44 -22.55
CA LEU TA 23 -19.83 21.93 -23.21
C LEU TA 23 -19.42 23.31 -22.71
N PRO TA 24 -20.31 24.31 -22.59
CA PRO TA 24 -19.88 25.58 -22.00
C PRO TA 24 -19.32 25.44 -20.59
N GLU TA 25 -19.89 24.53 -19.78
CA GLU TA 25 -19.36 24.32 -18.45
C GLU TA 25 -17.97 23.67 -18.50
N ALA TA 26 -17.75 22.79 -19.47
CA ALA TA 26 -16.41 22.21 -19.63
C ALA TA 26 -15.40 23.25 -20.07
N GLU TA 27 -15.80 24.14 -20.99
CA GLU TA 27 -14.89 25.18 -21.44
C GLU TA 27 -14.52 26.12 -20.30
N GLU TA 28 -15.51 26.50 -19.49
CA GLU TA 28 -15.24 27.38 -18.35
C GLU TA 28 -14.34 26.70 -17.32
N LEU TA 29 -14.60 25.42 -17.03
CA LEU TA 29 -13.76 24.69 -16.08
C LEU TA 29 -12.32 24.59 -16.59
N HIS TA 30 -12.15 24.25 -17.86
CA HIS TA 30 -10.80 24.10 -18.41
C HIS TA 30 -10.04 25.42 -18.40
N SER TA 31 -10.75 26.55 -18.52
CA SER TA 31 -10.09 27.85 -18.47
C SER TA 31 -9.43 28.08 -17.13
N TYR TA 32 -10.11 27.73 -16.04
CA TYR TA 32 -9.48 27.80 -14.72
C TYR TA 32 -8.31 26.83 -14.61
N VAL TA 33 -8.43 25.66 -15.26
CA VAL TA 33 -7.34 24.69 -15.26
C VAL TA 33 -6.12 25.26 -15.98
N LEU TA 34 -6.34 25.88 -17.14
CA LEU TA 34 -5.23 26.47 -17.88
C LEU TA 34 -4.66 27.69 -17.16
N ASP TA 35 -5.54 28.55 -16.63
CA ASP TA 35 -5.07 29.70 -15.87
C ASP TA 35 -4.33 29.27 -14.61
N GLY TA 36 -4.80 28.21 -13.96
CA GLY TA 36 -4.07 27.66 -12.83
C GLY TA 36 -2.70 27.13 -13.24
N ALA TA 37 -2.62 26.47 -14.40
CA ALA TA 37 -1.34 25.94 -14.86
C ALA TA 37 -0.36 27.07 -15.17
N ARG TA 38 -0.82 28.13 -15.83
CA ARG TA 38 0.07 29.24 -16.18
C ARG TA 38 0.62 29.92 -14.94
N ILE TA 39 -0.24 30.17 -13.95
CA ILE TA 39 0.23 30.76 -12.70
C ILE TA 39 1.21 29.84 -12.02
N PHE TA 40 0.91 28.53 -11.99
CA PHE TA 40 1.84 27.56 -11.44
C PHE TA 40 3.15 27.56 -12.20
N PHE TA 41 3.08 27.54 -13.53
CA PHE TA 41 4.28 27.59 -14.35
C PHE TA 41 5.04 28.90 -14.15
N GLY TA 42 4.31 30.01 -14.04
CA GLY TA 42 4.97 31.29 -13.82
C GLY TA 42 5.74 31.33 -12.51
N ILE TA 43 5.13 30.82 -11.44
CA ILE TA 43 5.83 30.76 -10.15
C ILE TA 43 6.98 29.77 -10.23
N ALA TA 44 6.81 28.67 -10.96
CA ALA TA 44 7.87 27.70 -11.11
C ALA TA 44 9.08 28.30 -11.81
N VAL TA 45 8.84 29.11 -12.85
CA VAL TA 45 9.95 29.69 -13.61
C VAL TA 45 10.77 30.61 -12.73
N VAL TA 46 10.11 31.44 -11.92
CA VAL TA 46 10.83 32.29 -10.98
C VAL TA 46 11.53 31.45 -9.92
N ALA TA 47 10.89 30.36 -9.49
CA ALA TA 47 11.55 29.43 -8.57
C ALA TA 47 12.79 28.83 -9.19
N HIS TA 48 12.72 28.45 -10.47
CA HIS TA 48 13.86 27.85 -11.14
C HIS TA 48 15.02 28.84 -11.26
N VAL TA 49 14.74 30.09 -11.62
CA VAL TA 49 15.83 31.05 -11.78
C VAL TA 49 16.46 31.37 -10.44
N LEU TA 50 15.66 31.41 -9.37
CA LEU TA 50 16.22 31.49 -8.03
C LEU TA 50 17.08 30.28 -7.73
N ALA TA 51 16.63 29.09 -8.13
CA ALA TA 51 17.45 27.90 -7.99
C ALA TA 51 18.71 28.00 -8.83
N PHE TA 52 18.60 28.55 -10.04
CA PHE TA 52 19.80 28.76 -10.84
C PHE TA 52 20.74 29.77 -10.19
N ALA TA 53 20.19 30.86 -9.66
CA ALA TA 53 21.02 31.96 -9.16
C ALA TA 53 21.66 31.63 -7.82
N TYR TA 54 21.00 30.84 -6.98
CA TYR TA 54 21.40 30.71 -5.59
C TYR TA 54 21.70 29.28 -5.17
N SER TA 55 21.69 28.33 -6.09
CA SER TA 55 22.04 26.95 -5.81
C SER TA 55 23.18 26.54 -6.74
N PRO TA 56 23.94 25.50 -6.37
CA PRO TA 56 25.05 25.08 -7.24
C PRO TA 56 24.61 24.56 -8.59
N TRP TA 57 23.30 24.39 -8.82
CA TRP TA 57 22.82 23.88 -10.09
C TRP TA 57 23.22 24.83 -11.22
N LEU TA 58 23.73 24.25 -12.31
CA LEU TA 58 24.19 25.01 -13.47
C LEU TA 58 25.28 26.02 -13.12
N ASN UA 2 -6.21 2.30 -34.74
CA ASN UA 2 -7.27 1.39 -35.11
C ASN UA 2 -8.18 1.04 -33.93
N GLN UA 3 -7.84 1.52 -32.74
CA GLN UA 3 -8.50 1.08 -31.50
C GLN UA 3 -9.47 2.12 -30.96
N ALA UA 4 -10.13 2.89 -31.82
CA ALA UA 4 -11.04 3.91 -31.32
C ALA UA 4 -12.21 3.32 -30.53
N ARG UA 5 -12.51 2.04 -30.74
CA ARG UA 5 -13.62 1.39 -30.05
C ARG UA 5 -13.20 0.79 -28.71
N ILE UA 6 -11.96 1.01 -28.27
CA ILE UA 6 -11.60 0.67 -26.90
C ILE UA 6 -12.47 1.46 -25.94
N TRP UA 7 -12.91 2.64 -26.34
CA TRP UA 7 -13.69 3.55 -25.52
C TRP UA 7 -15.18 3.25 -25.57
N LEU UA 8 -15.60 2.22 -26.30
CA LEU UA 8 -16.97 1.74 -26.24
C LEU UA 8 -17.20 0.73 -25.13
N VAL UA 9 -16.15 0.03 -24.69
CA VAL UA 9 -16.27 -0.93 -23.60
C VAL UA 9 -15.58 -0.45 -22.32
N VAL UA 10 -14.52 0.34 -22.43
CA VAL UA 10 -13.83 0.90 -21.27
C VAL UA 10 -14.38 2.29 -21.02
N LYS UA 11 -14.84 2.55 -19.82
CA LYS UA 11 -15.38 3.87 -19.52
C LYS UA 11 -14.26 4.91 -19.57
N PRO UA 12 -14.43 5.97 -20.36
CA PRO UA 12 -13.38 7.01 -20.41
C PRO UA 12 -13.12 7.67 -19.06
N SER UA 13 -14.14 7.75 -18.21
CA SER UA 13 -13.96 8.34 -16.89
C SER UA 13 -12.94 7.58 -16.05
N VAL UA 14 -12.74 6.30 -16.35
CA VAL UA 14 -11.70 5.51 -15.69
C VAL UA 14 -10.53 5.21 -16.63
N GLY UA 15 -10.78 5.00 -17.92
CA GLY UA 15 -9.69 4.70 -18.84
C GLY UA 15 -8.74 5.87 -19.03
N LEU UA 16 -9.29 7.07 -19.24
CA LEU UA 16 -8.43 8.23 -19.50
C LEU UA 16 -7.57 8.60 -18.30
N PRO UA 17 -8.10 8.78 -17.08
CA PRO UA 17 -7.22 9.11 -15.95
C PRO UA 17 -6.19 8.02 -15.68
N LEU UA 18 -6.58 6.75 -15.83
CA LEU UA 18 -5.63 5.67 -15.65
C LEU UA 18 -4.52 5.72 -16.69
N PHE UA 19 -4.88 5.99 -17.95
CA PHE UA 19 -3.89 6.05 -19.01
C PHE UA 19 -2.90 7.18 -18.77
N LEU UA 20 -3.40 8.39 -18.53
CA LEU UA 20 -2.51 9.54 -18.34
C LEU UA 20 -1.66 9.39 -17.09
N GLY UA 21 -2.27 8.95 -15.99
CA GLY UA 21 -1.50 8.74 -14.77
C GLY UA 21 -0.43 7.67 -14.94
N VAL UA 22 -0.77 6.59 -15.64
CA VAL UA 22 0.18 5.51 -15.85
C VAL UA 22 1.34 5.98 -16.73
N VAL UA 23 1.05 6.77 -17.76
CA VAL UA 23 2.11 7.34 -18.58
C VAL UA 23 3.05 8.18 -17.74
N LEU UA 24 2.49 9.02 -16.87
CA LEU UA 24 3.32 9.80 -15.97
C LEU UA 24 4.11 8.90 -15.01
N LEU UA 25 3.48 7.82 -14.53
CA LEU UA 25 4.19 6.88 -13.67
C LEU UA 25 5.38 6.27 -14.39
N ILE UA 26 5.21 5.92 -15.68
CA ILE UA 26 6.33 5.41 -16.45
C ILE UA 26 7.46 6.43 -16.51
N SER UA 27 7.11 7.70 -16.76
CA SER UA 27 8.11 8.74 -16.85
C SER UA 27 8.89 8.89 -15.54
N LEU UA 28 8.18 8.85 -14.40
CA LEU UA 28 8.86 8.93 -13.11
C LEU UA 28 9.76 7.73 -12.87
N LEU UA 29 9.28 6.54 -13.24
CA LEU UA 29 10.10 5.34 -13.03
C LEU UA 29 11.35 5.37 -13.89
N VAL UA 30 11.24 5.83 -15.14
CA VAL UA 30 12.42 5.94 -15.99
C VAL UA 30 13.36 7.01 -15.47
N HIS UA 31 12.82 8.17 -15.09
CA HIS UA 31 13.63 9.21 -14.45
C HIS UA 31 14.32 8.67 -13.21
N GLY UA 32 13.59 7.95 -12.37
CA GLY UA 32 14.17 7.41 -11.14
C GLY UA 32 15.19 6.31 -11.41
N ALA UA 33 14.92 5.47 -12.41
CA ALA UA 33 15.85 4.39 -12.73
C ALA UA 33 17.20 4.92 -13.19
N ILE UA 34 17.19 5.99 -14.00
CA ILE UA 34 18.44 6.59 -14.44
C ILE UA 34 19.11 7.32 -13.29
N LEU UA 35 18.32 7.99 -12.45
CA LEU UA 35 18.89 8.74 -11.34
C LEU UA 35 19.66 7.85 -10.39
N THR UA 36 19.14 6.67 -10.08
CA THR UA 36 19.75 5.75 -9.15
C THR UA 36 20.78 4.82 -9.79
N ASN UA 37 20.96 4.87 -11.11
CA ASN UA 37 21.89 3.97 -11.77
C ASN UA 37 22.89 4.72 -12.64
N THR UA 38 23.04 6.02 -12.44
CA THR UA 38 24.09 6.80 -13.10
C THR UA 38 24.79 7.66 -12.07
N SER UA 39 25.95 8.21 -12.47
CA SER UA 39 26.61 9.24 -11.70
C SER UA 39 26.36 10.64 -12.23
N TRP UA 40 26.06 10.78 -13.53
CA TRP UA 40 25.94 12.11 -14.11
C TRP UA 40 24.61 12.78 -13.78
N TYR UA 41 23.52 12.02 -13.73
CA TYR UA 41 22.24 12.62 -13.34
C TYR UA 41 22.28 13.15 -11.91
N PRO UA 42 22.77 12.41 -10.91
CA PRO UA 42 22.99 13.05 -9.60
C PRO UA 42 23.99 14.20 -9.68
N ALA UA 43 24.99 14.09 -10.54
CA ALA UA 43 25.97 15.17 -10.68
C ALA UA 43 25.34 16.41 -11.29
N PHE UA 44 24.38 16.23 -12.20
CA PHE UA 44 23.63 17.37 -12.73
C PHE UA 44 22.87 18.08 -11.62
N PHE UA 45 22.27 17.32 -10.70
CA PHE UA 45 21.66 17.94 -9.53
C PHE UA 45 22.72 18.65 -8.68
N GLU UA 46 23.89 18.03 -8.53
CA GLU UA 46 24.90 18.58 -7.63
C GLU UA 46 25.49 19.87 -8.17
N GLY UA 47 25.77 19.91 -9.47
CA GLY UA 47 26.29 21.14 -10.06
C GLY UA 47 27.72 21.41 -9.64
N ASN UA 48 28.03 22.68 -9.40
CA ASN UA 48 29.37 23.08 -8.98
C ASN UA 48 29.67 22.74 -7.53
N ALA UA 49 28.65 22.43 -6.75
CA ALA UA 49 28.83 22.10 -5.35
C ALA UA 49 27.67 21.25 -4.84
N PHE VA 10 -20.90 -3.65 -36.33
CA PHE VA 10 -20.79 -2.73 -35.20
C PHE VA 10 -20.45 -1.32 -35.68
N ASP VA 11 -21.36 -0.75 -36.48
CA ASP VA 11 -21.20 0.59 -37.05
C ASP VA 11 -22.48 1.39 -36.89
N ASP VA 12 -23.03 1.40 -35.67
CA ASP VA 12 -24.26 2.14 -35.40
C ASP VA 12 -23.91 3.49 -34.79
N PRO VA 13 -24.13 4.59 -35.49
CA PRO VA 13 -23.78 5.90 -34.93
C PRO VA 13 -24.58 6.25 -33.68
N ASN VA 14 -25.81 5.75 -33.55
CA ASN VA 14 -26.71 6.18 -32.48
C ASN VA 14 -26.67 5.28 -31.26
N ARG VA 15 -26.17 4.05 -31.39
CA ARG VA 15 -26.16 3.14 -30.25
C ARG VA 15 -25.26 3.65 -29.15
N VAL VA 16 -25.71 3.53 -27.90
CA VAL VA 16 -24.93 3.92 -26.73
C VAL VA 16 -24.35 2.65 -26.12
N TRP VA 17 -23.04 2.47 -26.28
CA TRP VA 17 -22.34 1.26 -25.87
C TRP VA 17 -22.18 1.21 -24.35
N PRO VA 18 -21.70 0.09 -23.80
CA PRO VA 18 -21.60 -0.01 -22.32
C PRO VA 18 -20.82 1.11 -21.67
N SER VA 19 -19.82 1.68 -22.34
CA SER VA 19 -19.03 2.74 -21.74
C SER VA 19 -19.80 4.04 -21.61
N GLY VA 20 -20.98 4.15 -22.21
CA GLY VA 20 -21.72 5.39 -22.21
C GLY VA 20 -21.45 6.29 -23.39
N LEU VA 21 -20.83 5.77 -24.45
CA LEU VA 21 -20.49 6.55 -25.61
C LEU VA 21 -21.08 5.90 -26.86
N THR VA 22 -21.40 6.74 -27.84
CA THR VA 22 -21.67 6.25 -29.17
C THR VA 22 -20.35 6.06 -29.92
N LEU VA 23 -20.42 5.36 -31.06
CA LEU VA 23 -19.23 5.18 -31.88
C LEU VA 23 -18.63 6.50 -32.36
N PRO VA 24 -19.39 7.46 -32.89
CA PRO VA 24 -18.77 8.73 -33.27
C PRO VA 24 -18.10 9.45 -32.11
N GLU VA 25 -18.69 9.37 -30.91
CA GLU VA 25 -18.06 9.97 -29.74
C GLU VA 25 -16.76 9.25 -29.37
N ALA VA 26 -16.73 7.92 -29.54
CA ALA VA 26 -15.49 7.18 -29.28
C ALA VA 26 -14.41 7.52 -30.29
N GLU VA 27 -14.79 7.68 -31.56
CA GLU VA 27 -13.81 8.07 -32.58
C GLU VA 27 -13.25 9.44 -32.28
N GLU VA 28 -14.11 10.38 -31.89
CA GLU VA 28 -13.66 11.73 -31.56
C GLU VA 28 -12.74 11.74 -30.35
N LEU VA 29 -13.11 10.99 -29.30
CA LEU VA 29 -12.28 10.91 -28.12
C LEU VA 29 -10.91 10.32 -28.43
N HIS VA 30 -10.89 9.24 -29.22
CA HIS VA 30 -9.62 8.59 -29.54
C HIS VA 30 -8.71 9.49 -30.37
N SER VA 31 -9.29 10.36 -31.18
CA SER VA 31 -8.48 11.30 -31.96
C SER VA 31 -7.70 12.24 -31.04
N TYR VA 32 -8.34 12.72 -29.97
CA TYR VA 32 -7.61 13.51 -28.98
C TYR VA 32 -6.55 12.66 -28.28
N VAL VA 33 -6.85 11.38 -28.07
CA VAL VA 33 -5.87 10.48 -27.45
C VAL VA 33 -4.66 10.32 -28.34
N LEU VA 34 -4.88 10.09 -29.64
CA LEU VA 34 -3.76 9.93 -30.57
C LEU VA 34 -3.02 11.23 -30.80
N ASP VA 35 -3.75 12.35 -30.94
CA ASP VA 35 -3.10 13.64 -31.08
C ASP VA 35 -2.29 13.99 -29.83
N GLY VA 36 -2.83 13.68 -28.65
CA GLY VA 36 -2.07 13.85 -27.43
C GLY VA 36 -0.81 13.00 -27.41
N ALA VA 37 -0.92 11.75 -27.86
CA ALA VA 37 0.24 10.87 -27.89
C ALA VA 37 1.31 11.37 -28.85
N ARG VA 38 0.90 11.85 -30.02
CA ARG VA 38 1.86 12.35 -31.00
C ARG VA 38 2.60 13.56 -30.47
N ILE VA 39 1.88 14.50 -29.85
CA ILE VA 39 2.53 15.65 -29.25
C ILE VA 39 3.47 15.20 -28.14
N PHE VA 40 3.03 14.26 -27.31
CA PHE VA 40 3.89 13.72 -26.26
C PHE VA 40 5.13 13.06 -26.86
N PHE VA 41 4.93 12.23 -27.89
CA PHE VA 41 6.06 11.59 -28.55
C PHE VA 41 6.97 12.63 -29.22
N GLY VA 42 6.37 13.67 -29.80
CA GLY VA 42 7.18 14.71 -30.41
C GLY VA 42 8.07 15.44 -29.41
N ILE VA 43 7.51 15.79 -28.26
CA ILE VA 43 8.31 16.43 -27.22
C ILE VA 43 9.34 15.45 -26.67
N ALA VA 44 8.97 14.18 -26.56
CA ALA VA 44 9.91 13.17 -26.07
C ALA VA 44 11.11 13.04 -27.01
N VAL VA 45 10.87 13.06 -28.31
CA VAL VA 45 11.95 12.88 -29.27
C VAL VA 45 12.97 14.02 -29.19
N VAL VA 46 12.48 15.25 -29.08
CA VAL VA 46 13.38 16.38 -28.87
C VAL VA 46 14.05 16.29 -27.51
N ALA VA 47 13.33 15.79 -26.50
CA ALA VA 47 13.96 15.56 -25.21
C ALA VA 47 15.06 14.51 -25.30
N HIS VA 48 14.82 13.44 -26.07
CA HIS VA 48 15.82 12.38 -26.18
C HIS VA 48 17.08 12.87 -26.89
N VAL VA 49 16.92 13.66 -27.96
CA VAL VA 49 18.09 14.16 -28.68
C VAL VA 49 18.85 15.17 -27.83
N LEU VA 50 18.14 15.96 -27.01
CA LEU VA 50 18.82 16.79 -26.03
C LEU VA 50 19.59 15.92 -25.03
N ALA VA 51 18.98 14.82 -24.59
CA ALA VA 51 19.69 13.88 -23.74
C ALA VA 51 20.88 13.27 -24.46
N PHE VA 52 20.72 12.96 -25.74
CA PHE VA 52 21.86 12.45 -26.50
C PHE VA 52 22.96 13.51 -26.64
N ALA VA 53 22.57 14.75 -26.92
CA ALA VA 53 23.55 15.78 -27.25
C ALA VA 53 24.28 16.29 -26.01
N TYR VA 54 23.64 16.28 -24.86
CA TYR VA 54 24.17 16.99 -23.70
C TYR VA 54 24.32 16.11 -22.46
N SER VA 55 24.14 14.80 -22.58
CA SER VA 55 24.34 13.86 -21.48
C SER VA 55 25.31 12.78 -21.94
N PRO VA 56 25.98 12.11 -21.00
CA PRO VA 56 26.95 11.08 -21.40
C PRO VA 56 26.34 9.90 -22.12
N TRP VA 57 25.01 9.82 -22.21
CA TRP VA 57 24.37 8.70 -22.88
C TRP VA 57 24.76 8.67 -24.35
N LEU VA 58 25.13 7.48 -24.84
CA LEU VA 58 25.58 7.28 -26.21
C LEU VA 58 26.79 8.15 -26.56
N ASN WA 2 -9.08 -19.06 -28.35
CA ASN WA 2 -10.25 -19.88 -28.04
C ASN WA 2 -11.06 -19.29 -26.89
N GLN WA 3 -10.57 -18.21 -26.28
CA GLN WA 3 -11.16 -17.65 -25.07
C GLN WA 3 -11.93 -16.37 -25.34
N ALA WA 4 -12.59 -16.26 -26.50
CA ALA WA 4 -13.31 -15.02 -26.79
C ALA WA 4 -14.44 -14.78 -25.80
N ARG WA 5 -14.96 -15.84 -25.20
CA ARG WA 5 -16.05 -15.72 -24.24
C ARG WA 5 -15.56 -15.46 -22.82
N ILE WA 6 -14.29 -15.13 -22.64
CA ILE WA 6 -13.84 -14.60 -21.36
C ILE WA 6 -14.51 -13.27 -21.09
N TRP WA 7 -14.86 -12.54 -22.15
CA TRP WA 7 -15.46 -11.21 -22.05
C TRP WA 7 -16.97 -11.26 -21.88
N LEU WA 8 -17.57 -12.45 -21.82
CA LEU WA 8 -18.98 -12.57 -21.48
C LEU WA 8 -19.21 -12.66 -19.97
N VAL WA 9 -18.20 -13.04 -19.20
CA VAL WA 9 -18.32 -13.12 -17.75
C VAL WA 9 -17.48 -12.05 -17.04
N VAL WA 10 -16.35 -11.65 -17.62
CA VAL WA 10 -15.52 -10.59 -17.06
C VAL WA 10 -15.85 -9.29 -17.77
N LYS WA 11 -16.16 -8.26 -17.00
CA LYS WA 11 -16.52 -6.99 -17.60
C LYS WA 11 -15.30 -6.37 -18.29
N PRO WA 12 -15.41 -6.02 -19.57
CA PRO WA 12 -14.27 -5.39 -20.25
C PRO WA 12 -13.85 -4.07 -19.62
N SER WA 13 -14.78 -3.36 -18.98
CA SER WA 13 -14.44 -2.10 -18.34
C SER WA 13 -13.41 -2.29 -17.25
N VAL WA 14 -13.35 -3.48 -16.64
CA VAL WA 14 -12.32 -3.79 -15.67
C VAL WA 14 -11.30 -4.80 -16.20
N GLY WA 15 -11.71 -5.75 -17.03
CA GLY WA 15 -10.78 -6.73 -17.54
C GLY WA 15 -9.72 -6.14 -18.46
N LEU WA 16 -10.13 -5.26 -19.38
CA LEU WA 16 -9.17 -4.68 -20.32
C LEU WA 16 -8.16 -3.77 -19.63
N PRO WA 17 -8.56 -2.77 -18.82
CA PRO WA 17 -7.53 -1.96 -18.15
C PRO WA 17 -6.63 -2.76 -17.23
N LEU WA 18 -7.19 -3.77 -16.54
CA LEU WA 18 -6.37 -4.63 -15.71
C LEU WA 18 -5.36 -5.40 -16.56
N PHE WA 19 -5.79 -5.92 -17.71
CA PHE WA 19 -4.90 -6.69 -18.56
C PHE WA 19 -3.76 -5.82 -19.08
N LEU WA 20 -4.10 -4.68 -19.68
CA LEU WA 20 -3.07 -3.81 -20.25
C LEU WA 20 -2.14 -3.25 -19.18
N GLY WA 21 -2.71 -2.82 -18.05
CA GLY WA 21 -1.88 -2.31 -16.97
C GLY WA 21 -0.95 -3.37 -16.41
N VAL WA 22 -1.45 -4.60 -16.29
CA VAL WA 22 -0.63 -5.69 -15.77
C VAL WA 22 0.48 -6.05 -16.75
N VAL WA 23 0.19 -6.00 -18.05
CA VAL WA 23 1.23 -6.23 -19.05
C VAL WA 23 2.32 -5.19 -18.92
N LEU WA 24 1.95 -3.92 -18.75
CA LEU WA 24 2.95 -2.89 -18.53
C LEU WA 24 3.71 -3.12 -17.23
N LEU WA 25 3.01 -3.55 -16.18
CA LEU WA 25 3.70 -3.84 -14.91
C LEU WA 25 4.73 -4.94 -15.09
N ILE WA 26 4.40 -5.98 -15.87
CA ILE WA 26 5.39 -7.03 -16.13
C ILE WA 26 6.60 -6.45 -16.83
N SER WA 27 6.39 -5.59 -17.82
CA SER WA 27 7.50 -5.00 -18.56
C SER WA 27 8.39 -4.17 -17.64
N LEU WA 28 7.79 -3.38 -16.75
CA LEU WA 28 8.58 -2.59 -15.80
C LEU WA 28 9.37 -3.50 -14.86
N LEU WA 29 8.74 -4.57 -14.36
CA LEU WA 29 9.43 -5.48 -13.46
C LEU WA 29 10.60 -6.18 -14.15
N VAL WA 30 10.41 -6.59 -15.41
CA VAL WA 30 11.51 -7.19 -16.16
C VAL WA 30 12.61 -6.17 -16.40
N HIS WA 31 12.24 -4.96 -16.80
CA HIS WA 31 13.23 -3.90 -16.97
C HIS WA 31 13.96 -3.62 -15.66
N GLY WA 32 13.22 -3.53 -14.56
CA GLY WA 32 13.86 -3.29 -13.27
C GLY WA 32 14.72 -4.45 -12.80
N ALA WA 33 14.27 -5.68 -13.04
CA ALA WA 33 15.05 -6.85 -12.62
C ALA WA 33 16.39 -6.91 -13.31
N ILE WA 34 16.43 -6.62 -14.62
CA ILE WA 34 17.69 -6.63 -15.36
C ILE WA 34 18.55 -5.44 -14.95
N LEU WA 35 17.92 -4.28 -14.71
CA LEU WA 35 18.66 -3.09 -14.34
C LEU WA 35 19.41 -3.30 -13.03
N THR WA 36 18.79 -3.94 -12.06
CA THR WA 36 19.38 -4.16 -10.75
C THR WA 36 20.23 -5.41 -10.65
N ASN WA 37 20.29 -6.23 -11.71
CA ASN WA 37 21.05 -7.47 -11.65
C ASN WA 37 22.05 -7.60 -12.80
N THR WA 38 22.37 -6.49 -13.47
CA THR WA 38 23.43 -6.47 -14.46
C THR WA 38 24.32 -5.27 -14.20
N SER WA 39 25.48 -5.27 -14.85
CA SER WA 39 26.33 -4.09 -14.89
C SER WA 39 26.19 -3.30 -16.18
N TRP WA 40 25.77 -3.94 -17.28
CA TRP WA 40 25.76 -3.26 -18.57
C TRP WA 40 24.55 -2.36 -18.74
N TYR WA 41 23.38 -2.76 -18.23
CA TYR WA 41 22.22 -1.89 -18.30
C TYR WA 41 22.44 -0.59 -17.53
N PRO WA 42 22.94 -0.61 -16.28
CA PRO WA 42 23.33 0.67 -15.66
C PRO WA 42 24.42 1.39 -16.43
N ALA WA 43 25.37 0.65 -17.02
CA ALA WA 43 26.43 1.28 -17.78
C ALA WA 43 25.91 1.92 -19.06
N PHE WA 44 24.87 1.32 -19.67
CA PHE WA 44 24.22 1.95 -20.81
C PHE WA 44 23.62 3.29 -20.43
N PHE WA 45 23.02 3.38 -19.24
CA PHE WA 45 22.60 4.68 -18.73
C PHE WA 45 23.79 5.61 -18.53
N GLU WA 46 24.88 5.07 -17.97
CA GLU WA 46 26.02 5.90 -17.60
C GLU WA 46 26.70 6.49 -18.83
N GLY WA 47 26.89 5.68 -19.87
CA GLY WA 47 27.48 6.21 -21.08
C GLY WA 47 28.96 6.48 -20.93
N ASN WA 48 29.44 7.54 -21.60
CA ASN WA 48 30.86 7.88 -21.57
C ASN WA 48 31.29 8.49 -20.24
N ALA WA 49 30.35 8.88 -19.40
CA ALA WA 49 30.67 9.48 -18.12
C ALA WA 49 29.55 9.23 -17.11
N PHE XA 10 -24.34 -22.50 -25.93
CA PHE XA 10 -24.04 -21.09 -25.67
C PHE XA 10 -23.61 -20.39 -26.96
N ASP XA 11 -24.52 -20.32 -27.92
CA ASP XA 11 -24.28 -19.68 -29.21
C ASP XA 11 -25.45 -18.77 -29.57
N ASP XA 12 -25.84 -17.91 -28.64
CA ASP XA 12 -26.94 -16.98 -28.89
C ASP XA 12 -26.38 -15.62 -29.25
N PRO XA 13 -26.54 -15.17 -30.49
CA PRO XA 13 -26.00 -13.84 -30.86
C PRO XA 13 -26.64 -12.69 -30.12
N ASN XA 14 -27.90 -12.85 -29.68
CA ASN XA 14 -28.65 -11.73 -29.11
C ASN XA 14 -28.60 -11.66 -27.59
N ARG XA 15 -28.27 -12.75 -26.91
CA ARG XA 15 -28.27 -12.74 -25.45
C ARG XA 15 -27.21 -11.77 -24.91
N VAL XA 16 -27.57 -11.05 -23.85
CA VAL XA 16 -26.67 -10.13 -23.17
C VAL XA 16 -26.18 -10.81 -21.90
N TRP XA 17 -24.90 -11.21 -21.91
CA TRP XA 17 -24.30 -11.98 -20.82
C TRP XA 17 -24.02 -11.08 -19.62
N PRO XA 18 -23.60 -11.66 -18.48
CA PRO XA 18 -23.37 -10.83 -17.28
C PRO XA 18 -22.41 -9.67 -17.49
N SER XA 19 -21.43 -9.79 -18.39
CA SER XA 19 -20.49 -8.72 -18.61
C SER XA 19 -21.10 -7.53 -19.34
N GLY XA 20 -22.32 -7.66 -19.84
CA GLY XA 20 -22.91 -6.61 -20.64
C GLY XA 20 -22.64 -6.70 -22.11
N LEU XA 21 -22.17 -7.85 -22.60
CA LEU XA 21 -21.84 -8.03 -24.00
C LEU XA 21 -22.62 -9.20 -24.56
N THR XA 22 -22.97 -9.10 -25.84
CA THR XA 22 -23.41 -10.27 -26.58
C THR XA 22 -22.20 -11.08 -27.03
N LEU XA 23 -22.46 -12.31 -27.47
CA LEU XA 23 -21.36 -13.14 -27.97
C LEU XA 23 -20.64 -12.52 -29.16
N PRO XA 24 -21.32 -12.01 -30.21
CA PRO XA 24 -20.57 -11.35 -31.29
C PRO XA 24 -19.74 -10.17 -30.81
N GLU XA 25 -20.23 -9.41 -29.83
CA GLU XA 25 -19.44 -8.32 -29.27
C GLU XA 25 -18.21 -8.84 -28.53
N ALA XA 26 -18.34 -10.01 -27.87
CA ALA XA 26 -17.18 -10.59 -27.21
C ALA XA 26 -16.16 -11.10 -28.22
N GLU XA 27 -16.64 -11.69 -29.32
CA GLU XA 27 -15.72 -12.16 -30.37
C GLU XA 27 -14.97 -11.00 -30.98
N GLU XA 28 -15.67 -9.90 -31.28
CA GLU XA 28 -15.03 -8.74 -31.88
C GLU XA 28 -14.02 -8.11 -30.92
N LEU XA 29 -14.39 -7.97 -29.65
CA LEU XA 29 -13.47 -7.41 -28.66
C LEU XA 29 -12.22 -8.27 -28.52
N HIS XA 30 -12.39 -9.59 -28.45
CA HIS XA 30 -11.25 -10.47 -28.28
C HIS XA 30 -10.32 -10.45 -29.49
N SER XA 31 -10.88 -10.19 -30.68
CA SER XA 31 -10.05 -10.11 -31.87
C SER XA 31 -9.06 -8.94 -31.79
N TYR XA 32 -9.52 -7.79 -31.30
CA TYR XA 32 -8.61 -6.68 -31.06
C TYR XA 32 -7.60 -7.03 -29.97
N VAL XA 33 -8.00 -7.84 -28.99
CA VAL XA 33 -7.08 -8.26 -27.95
C VAL XA 33 -5.99 -9.15 -28.52
N LEU XA 34 -6.36 -10.10 -29.38
CA LEU XA 34 -5.38 -10.97 -30.01
C LEU XA 34 -4.50 -10.20 -31.00
N ASP XA 35 -5.12 -9.33 -31.80
CA ASP XA 35 -4.33 -8.50 -32.71
C ASP XA 35 -3.39 -7.59 -31.95
N GLY XA 36 -3.84 -7.04 -30.83
CA GLY XA 36 -2.96 -6.25 -29.99
C GLY XA 36 -1.81 -7.06 -29.44
N ALA XA 37 -2.09 -8.30 -29.01
CA ALA XA 37 -1.04 -9.15 -28.47
C ALA XA 37 0.00 -9.50 -29.53
N ARG XA 38 -0.45 -9.83 -30.75
CA ARG XA 38 0.48 -10.19 -31.81
C ARG XA 38 1.39 -9.02 -32.18
N ILE XA 39 0.83 -7.82 -32.29
CA ILE XA 39 1.64 -6.65 -32.55
C ILE XA 39 2.61 -6.41 -31.41
N PHE XA 40 2.14 -6.56 -30.16
CA PHE XA 40 3.02 -6.43 -29.02
C PHE XA 40 4.12 -7.49 -29.05
N PHE XA 41 3.73 -8.74 -29.30
CA PHE XA 41 4.71 -9.81 -29.40
C PHE XA 41 5.66 -9.59 -30.57
N GLY XA 42 5.14 -9.12 -31.70
CA GLY XA 42 6.00 -8.86 -32.84
C GLY XA 42 7.04 -7.80 -32.57
N ILE XA 43 6.63 -6.71 -31.91
CA ILE XA 43 7.58 -5.68 -31.53
C ILE XA 43 8.54 -6.21 -30.48
N ALA XA 44 8.05 -7.06 -29.56
CA ALA XA 44 8.92 -7.62 -28.53
C ALA XA 44 10.01 -8.49 -29.14
N VAL XA 45 9.68 -9.25 -30.18
CA VAL XA 45 10.65 -10.15 -30.80
C VAL XA 45 11.79 -9.35 -31.43
N VAL XA 46 11.46 -8.28 -32.14
CA VAL XA 46 12.48 -7.41 -32.70
C VAL XA 46 13.27 -6.72 -31.60
N ALA XA 47 12.58 -6.34 -30.52
CA ALA XA 47 13.29 -5.79 -29.36
C ALA XA 47 14.26 -6.80 -28.77
N HIS XA 48 13.84 -8.07 -28.69
CA HIS XA 48 14.70 -9.10 -28.13
C HIS XA 48 15.94 -9.34 -28.99
N VAL XA 49 15.75 -9.41 -30.31
CA VAL XA 49 16.90 -9.67 -31.18
C VAL XA 49 17.87 -8.50 -31.15
N LEU XA 50 17.35 -7.27 -31.05
CA LEU XA 50 18.21 -6.13 -30.81
C LEU XA 50 18.94 -6.28 -29.48
N ALA XA 51 18.24 -6.75 -28.45
CA ALA XA 51 18.90 -7.04 -27.19
C ALA XA 51 19.94 -8.14 -27.34
N PHE XA 52 19.64 -9.17 -28.13
CA PHE XA 52 20.65 -10.19 -28.40
C PHE XA 52 21.83 -9.61 -29.17
N ALA XA 53 21.55 -8.78 -30.18
CA ALA XA 53 22.61 -8.33 -31.08
C ALA XA 53 23.51 -7.29 -30.43
N TYR XA 54 22.97 -6.46 -29.53
CA TYR XA 54 23.69 -5.29 -29.07
C TYR XA 54 23.84 -5.21 -27.55
N SER XA 55 23.52 -6.26 -26.82
CA SER XA 55 23.70 -6.32 -25.38
C SER XA 55 24.52 -7.55 -25.06
N PRO XA 56 25.19 -7.58 -23.90
CA PRO XA 56 26.00 -8.76 -23.56
C PRO XA 56 25.19 -10.03 -23.37
N TRP XA 57 23.86 -9.95 -23.43
CA TRP XA 57 23.04 -11.14 -23.23
C TRP XA 57 23.31 -12.16 -24.32
N LEU XA 58 23.44 -13.42 -23.92
CA LEU XA 58 23.73 -14.53 -24.83
C LEU XA 58 25.03 -14.33 -25.60
N ASN YA 2 -13.60 -31.04 -9.96
CA ASN YA 2 -14.83 -31.29 -9.23
C ASN YA 2 -15.50 -30.00 -8.76
N GLN YA 3 -14.82 -28.86 -8.93
CA GLN YA 3 -15.25 -27.61 -8.32
C GLN YA 3 -15.92 -26.68 -9.32
N ALA YA 4 -16.64 -27.19 -10.31
CA ALA YA 4 -17.24 -26.32 -11.30
C ALA YA 4 -18.27 -25.37 -10.67
N ARG YA 5 -18.82 -25.73 -9.52
CA ARG YA 5 -19.79 -24.89 -8.85
C ARG YA 5 -19.16 -23.87 -7.92
N ILE YA 6 -17.84 -23.70 -7.98
CA ILE YA 6 -17.24 -22.54 -7.33
C ILE YA 6 -17.76 -21.26 -7.96
N TRP YA 7 -18.11 -21.32 -9.23
CA TRP YA 7 -18.56 -20.17 -10.01
C TRP YA 7 -20.04 -19.89 -9.86
N LEU YA 8 -20.75 -20.67 -9.05
CA LEU YA 8 -22.13 -20.36 -8.71
C LEU YA 8 -22.23 -19.43 -7.51
N VAL YA 9 -21.22 -19.40 -6.65
CA VAL YA 9 -21.22 -18.53 -5.49
C VAL YA 9 -20.19 -17.41 -5.59
N VAL YA 10 -19.09 -17.61 -6.30
CA VAL YA 10 -18.09 -16.58 -6.54
C VAL YA 10 -18.34 -15.96 -7.90
N LYS YA 11 -18.46 -14.64 -7.94
CA LYS YA 11 -18.72 -13.97 -9.21
C LYS YA 11 -17.51 -14.12 -10.12
N PRO YA 12 -17.69 -14.63 -11.35
CA PRO YA 12 -16.55 -14.75 -12.27
C PRO YA 12 -15.91 -13.42 -12.60
N SER YA 13 -16.69 -12.33 -12.59
CA SER YA 13 -16.12 -11.02 -12.89
C SER YA 13 -15.04 -10.63 -11.89
N VAL YA 14 -15.09 -11.17 -10.68
CA VAL YA 14 -14.04 -10.96 -9.70
C VAL YA 14 -13.20 -12.22 -9.49
N GLY YA 15 -13.80 -13.41 -9.58
CA GLY YA 15 -13.04 -14.63 -9.37
C GLY YA 15 -12.00 -14.89 -10.45
N LEU YA 16 -12.37 -14.67 -11.71
CA LEU YA 16 -11.43 -14.95 -12.80
C LEU YA 16 -10.27 -13.98 -12.84
N PRO YA 17 -10.46 -12.66 -12.86
CA PRO YA 17 -9.30 -11.76 -12.86
C PRO YA 17 -8.43 -11.91 -11.62
N LEU YA 18 -9.04 -12.20 -10.48
CA LEU YA 18 -8.24 -12.47 -9.28
C LEU YA 18 -7.39 -13.72 -9.48
N PHE YA 19 -7.98 -14.78 -10.03
CA PHE YA 19 -7.26 -16.03 -10.23
C PHE YA 19 -6.08 -15.83 -11.19
N LEU YA 20 -6.33 -15.24 -12.35
CA LEU YA 20 -5.28 -15.07 -13.34
C LEU YA 20 -4.19 -14.13 -12.85
N GLY YA 21 -4.58 -13.01 -12.24
CA GLY YA 21 -3.59 -12.09 -11.72
C GLY YA 21 -2.76 -12.70 -10.61
N VAL YA 22 -3.41 -13.49 -9.74
CA VAL YA 22 -2.69 -14.12 -8.64
C VAL YA 22 -1.71 -15.16 -9.16
N VAL YA 23 -2.11 -15.93 -10.18
CA VAL YA 23 -1.20 -16.89 -10.79
C VAL YA 23 0.02 -16.17 -11.36
N LEU YA 24 -0.19 -15.04 -12.02
CA LEU YA 24 0.93 -14.25 -12.51
C LEU YA 24 1.78 -13.73 -11.36
N LEU YA 25 1.15 -13.29 -10.28
CA LEU YA 25 1.90 -12.83 -9.12
C LEU YA 25 2.79 -13.92 -8.55
N ILE YA 26 2.26 -15.15 -8.47
CA ILE YA 26 3.10 -16.28 -8.03
C ILE YA 26 4.30 -16.43 -8.94
N SER YA 27 4.07 -16.35 -10.26
CA SER YA 27 5.16 -16.52 -11.21
C SER YA 27 6.22 -15.43 -11.04
N LEU YA 28 5.80 -14.18 -10.86
CA LEU YA 28 6.75 -13.11 -10.62
C LEU YA 28 7.52 -13.33 -9.32
N LEU YA 29 6.82 -13.77 -8.27
CA LEU YA 29 7.49 -13.99 -6.99
C LEU YA 29 8.50 -15.12 -7.08
N VAL YA 30 8.17 -16.20 -7.80
CA VAL YA 30 9.12 -17.29 -7.97
C VAL YA 30 10.30 -16.83 -8.80
N HIS YA 31 10.06 -16.09 -9.88
CA HIS YA 31 11.15 -15.51 -10.66
C HIS YA 31 12.01 -14.60 -9.80
N GLY YA 32 11.39 -13.74 -9.01
CA GLY YA 32 12.14 -12.83 -8.16
C GLY YA 32 12.90 -13.55 -7.07
N ALA YA 33 12.31 -14.59 -6.48
CA ALA YA 33 12.97 -15.33 -5.43
C ALA YA 33 14.24 -16.01 -5.95
N ILE YA 34 14.19 -16.59 -7.13
CA ILE YA 34 15.36 -17.22 -7.71
C ILE YA 34 16.39 -16.17 -8.13
N LEU YA 35 15.92 -15.05 -8.67
CA LEU YA 35 16.83 -14.00 -9.12
C LEU YA 35 17.67 -13.47 -7.96
N THR YA 36 17.06 -13.26 -6.80
CA THR YA 36 17.73 -12.69 -5.64
C THR YA 36 18.43 -13.72 -4.79
N ASN YA 37 18.31 -15.00 -5.10
CA ASN YA 37 18.95 -16.04 -4.28
C ASN YA 37 19.82 -16.97 -5.11
N THR YA 38 20.19 -16.57 -6.32
CA THR YA 38 21.14 -17.31 -7.15
C THR YA 38 22.19 -16.37 -7.68
N SER YA 39 23.28 -16.96 -8.17
CA SER YA 39 24.25 -16.22 -8.95
C SER YA 39 24.09 -16.43 -10.45
N TRP YA 40 23.53 -17.57 -10.87
CA TRP YA 40 23.46 -17.86 -12.30
C TRP YA 40 22.35 -17.08 -12.99
N TYR YA 41 21.20 -16.90 -12.35
CA TYR YA 41 20.14 -16.10 -12.98
C TYR YA 41 20.58 -14.66 -13.19
N PRO YA 42 21.19 -13.96 -12.22
CA PRO YA 42 21.78 -12.65 -12.55
C PRO YA 42 22.88 -12.75 -13.60
N ALA YA 43 23.66 -13.83 -13.59
CA ALA YA 43 24.71 -14.00 -14.59
C ALA YA 43 24.13 -14.22 -15.97
N PHE YA 44 22.98 -14.88 -16.07
CA PHE YA 44 22.29 -15.00 -17.35
C PHE YA 44 21.91 -13.63 -17.89
N PHE YA 45 21.43 -12.74 -17.02
CA PHE YA 45 21.20 -11.36 -17.44
C PHE YA 45 22.50 -10.69 -17.85
N GLU YA 46 23.57 -10.91 -17.08
CA GLU YA 46 24.83 -10.21 -17.32
C GLU YA 46 25.46 -10.64 -18.64
N GLY YA 47 25.45 -11.94 -18.93
CA GLY YA 47 25.98 -12.40 -20.20
C GLY YA 47 27.50 -12.33 -20.23
N ASN YA 48 28.03 -11.86 -21.36
CA ASN YA 48 29.47 -11.76 -21.56
C ASN YA 48 30.08 -10.51 -20.95
N ALA YA 49 29.26 -9.58 -20.48
CA ALA YA 49 29.76 -8.35 -19.91
C ALA YA 49 28.78 -7.80 -18.88
N PHE ZA 10 -28.91 -30.00 -5.90
CA PHE ZA 10 -28.47 -28.79 -6.58
C PHE ZA 10 -28.08 -29.11 -8.01
N ASP ZA 11 -29.06 -29.49 -8.83
CA ASP ZA 11 -28.85 -29.83 -10.24
C ASP ZA 11 -29.93 -29.20 -11.09
N ASP ZA 12 -30.18 -27.90 -10.90
CA ASP ZA 12 -31.19 -27.19 -11.67
C ASP ZA 12 -30.52 -26.45 -12.83
N PRO ZA 13 -30.72 -26.88 -14.08
CA PRO ZA 13 -30.08 -26.18 -15.20
C PRO ZA 13 -30.53 -24.74 -15.35
N ASN ZA 14 -31.74 -24.40 -14.93
CA ASN ZA 14 -32.30 -23.08 -15.20
C ASN ZA 14 -32.09 -22.07 -14.08
N ARG ZA 15 -31.83 -22.51 -12.86
CA ARG ZA 15 -31.69 -21.58 -11.74
C ARG ZA 15 -30.49 -20.67 -11.94
N VAL ZA 16 -30.65 -19.40 -11.59
CA VAL ZA 16 -29.57 -18.42 -11.63
C VAL ZA 16 -29.07 -18.22 -10.21
N TRP ZA 17 -27.86 -18.70 -9.94
CA TRP ZA 17 -27.26 -18.69 -8.62
C TRP ZA 17 -26.78 -17.29 -8.25
N PRO ZA 18 -26.33 -17.08 -7.00
CA PRO ZA 18 -25.90 -15.72 -6.60
C PRO ZA 18 -24.84 -15.11 -7.49
N SER ZA 19 -23.96 -15.91 -8.09
CA SER ZA 19 -22.92 -15.35 -8.94
C SER ZA 19 -23.46 -14.81 -10.26
N GLY ZA 20 -24.72 -15.07 -10.58
CA GLY ZA 20 -25.26 -14.67 -11.86
C GLY ZA 20 -25.14 -15.70 -12.95
N LEU ZA 21 -24.86 -16.96 -12.61
CA LEU ZA 21 -24.68 -18.02 -13.58
C LEU ZA 21 -25.63 -19.16 -13.28
N THR ZA 22 -26.05 -19.86 -14.33
CA THR ZA 22 -26.69 -21.14 -14.16
C THR ZA 22 -25.62 -22.22 -13.99
N LEU ZA 23 -26.06 -23.41 -13.57
CA LEU ZA 23 -25.12 -24.52 -13.41
C LEU ZA 23 -24.44 -24.90 -14.72
N PRO ZA 24 -25.14 -25.09 -15.84
CA PRO ZA 24 -24.42 -25.37 -17.10
C PRO ZA 24 -23.44 -24.28 -17.49
N GLU ZA 25 -23.78 -23.02 -17.22
CA GLU ZA 25 -22.84 -21.94 -17.49
C GLU ZA 25 -21.61 -22.03 -16.59
N ALA ZA 26 -21.80 -22.42 -15.32
CA ALA ZA 26 -20.67 -22.61 -14.43
C ALA ZA 26 -19.79 -23.76 -14.90
N GLU ZA 27 -20.40 -24.86 -15.34
CA GLU ZA 27 -19.63 -26.00 -15.82
C GLU ZA 27 -18.82 -25.63 -17.06
N GLU ZA 28 -19.43 -24.89 -17.98
CA GLU ZA 28 -18.72 -24.48 -19.19
C GLU ZA 28 -17.58 -23.51 -18.86
N LEU ZA 29 -17.82 -22.58 -17.94
CA LEU ZA 29 -16.77 -21.66 -17.53
C LEU ZA 29 -15.60 -22.40 -16.87
N HIS ZA 30 -15.90 -23.38 -16.02
CA HIS ZA 30 -14.84 -24.11 -15.34
C HIS ZA 30 -14.04 -24.96 -16.32
N SER ZA 31 -14.65 -25.42 -17.40
CA SER ZA 31 -13.92 -26.21 -18.39
C SER ZA 31 -12.83 -25.39 -19.05
N TYR ZA 32 -13.12 -24.12 -19.37
CA TYR ZA 32 -12.07 -23.24 -19.87
C TYR ZA 32 -11.00 -23.00 -18.81
N VAL ZA 33 -11.40 -22.94 -17.54
CA VAL ZA 33 -10.45 -22.77 -16.45
C VAL ZA 33 -9.52 -23.96 -16.36
N LEU ZA 34 -10.08 -25.18 -16.44
CA LEU ZA 34 -9.25 -26.38 -16.37
C LEU ZA 34 -8.41 -26.55 -17.62
N ASP ZA 35 -8.99 -26.32 -18.79
CA ASP ZA 35 -8.21 -26.39 -20.03
C ASP ZA 35 -7.13 -25.32 -20.04
N GLY ZA 36 -7.43 -24.14 -19.51
CA GLY ZA 36 -6.41 -23.13 -19.37
C GLY ZA 36 -5.29 -23.55 -18.44
N ALA ZA 37 -5.64 -24.20 -17.33
CA ALA ZA 37 -4.63 -24.64 -16.38
C ALA ZA 37 -3.73 -25.71 -17.00
N ARG ZA 38 -4.32 -26.67 -17.71
CA ARG ZA 38 -3.53 -27.75 -18.31
C ARG ZA 38 -2.54 -27.22 -19.32
N ILE ZA 39 -2.97 -26.27 -20.16
CA ILE ZA 39 -2.04 -25.64 -21.09
C ILE ZA 39 -0.94 -24.90 -20.32
N PHE ZA 40 -1.33 -24.17 -19.27
CA PHE ZA 40 -0.34 -23.50 -18.45
C PHE ZA 40 0.62 -24.50 -17.81
N PHE ZA 41 0.07 -25.58 -17.24
CA PHE ZA 41 0.90 -26.62 -16.64
C PHE ZA 41 1.76 -27.31 -17.70
N GLY ZA 42 1.19 -27.53 -18.89
CA GLY ZA 42 1.98 -28.15 -19.94
C GLY ZA 42 3.18 -27.31 -20.35
N ILE ZA 43 2.96 -26.01 -20.53
CA ILE ZA 43 4.06 -25.12 -20.86
C ILE ZA 43 5.04 -25.04 -19.69
N ALA ZA 44 4.53 -25.05 -18.47
CA ALA ZA 44 5.40 -24.98 -17.30
C ALA ZA 44 6.31 -26.20 -17.21
N VAL ZA 45 5.78 -27.39 -17.53
CA VAL ZA 45 6.57 -28.60 -17.44
C VAL ZA 45 7.74 -28.56 -18.41
N VAL ZA 46 7.49 -28.10 -19.64
CA VAL ZA 46 8.57 -27.96 -20.61
C VAL ZA 46 9.53 -26.85 -20.18
N ALA ZA 47 9.00 -25.78 -19.58
CA ALA ZA 47 9.87 -24.74 -19.04
C ALA ZA 47 10.77 -25.30 -17.93
N HIS ZA 48 10.21 -26.15 -17.07
CA HIS ZA 48 11.01 -26.72 -15.98
C HIS ZA 48 12.11 -27.62 -16.52
N VAL ZA 49 11.81 -28.46 -17.53
CA VAL ZA 49 12.83 -29.37 -18.04
C VAL ZA 49 13.92 -28.58 -18.76
N LEU ZA 50 13.55 -27.50 -19.45
CA LEU ZA 50 14.55 -26.60 -20.00
C LEU ZA 50 15.39 -25.98 -18.88
N ALA ZA 51 14.73 -25.59 -17.78
CA ALA ZA 51 15.47 -25.10 -16.63
C ALA ZA 51 16.36 -26.18 -16.05
N PHE ZA 52 15.87 -27.43 -16.00
CA PHE ZA 52 16.72 -28.52 -15.56
C PHE ZA 52 17.90 -28.72 -16.51
N ALA ZA 53 17.63 -28.68 -17.81
CA ALA ZA 53 18.66 -29.05 -18.79
C ALA ZA 53 19.72 -27.96 -18.95
N TYR ZA 54 19.36 -26.70 -18.81
CA TYR ZA 54 20.23 -25.60 -19.21
C TYR ZA 54 20.53 -24.62 -18.08
N SER ZA 55 20.18 -24.94 -16.85
CA SER ZA 55 20.48 -24.12 -15.68
C SER ZA 55 21.14 -25.00 -14.64
N PRO ZA 56 21.91 -24.40 -13.71
CA PRO ZA 56 22.60 -25.22 -12.71
C PRO ZA 56 21.67 -25.95 -11.77
N TRP ZA 57 20.37 -25.72 -11.84
CA TRP ZA 57 19.43 -26.39 -10.95
C TRP ZA 57 19.48 -27.89 -11.17
N LEU ZA 58 19.56 -28.64 -10.07
CA LEU ZA 58 19.65 -30.09 -10.10
C LEU ZA 58 20.85 -30.58 -10.91
N ASN AB 2 -17.86 -28.09 11.89
CA ASN AB 2 -19.03 -27.64 12.61
C ASN AB 2 -19.47 -26.24 12.22
N GLN AB 3 -18.73 -25.59 11.33
CA GLN AB 3 -18.95 -24.19 10.99
C GLN AB 3 -19.60 -24.01 9.62
N ALA AB 4 -20.47 -24.93 9.21
CA ALA AB 4 -21.06 -24.83 7.88
C ALA AB 4 -21.89 -23.56 7.72
N ARG AB 5 -22.40 -23.03 8.83
CA ARG AB 5 -23.22 -21.82 8.78
C ARG AB 5 -22.41 -20.54 8.88
N ILE AB 6 -21.08 -20.62 8.76
CA ILE AB 6 -20.29 -19.41 8.55
C ILE AB 6 -20.69 -18.74 7.25
N TRP AB 7 -21.15 -19.53 6.28
CA TRP AB 7 -21.52 -19.05 4.97
C TRP AB 7 -22.94 -18.53 4.90
N LEU AB 8 -23.68 -18.56 6.01
CA LEU AB 8 -24.98 -17.89 6.07
C LEU AB 8 -24.86 -16.42 6.40
N VAL AB 9 -23.79 -16.00 7.06
CA VAL AB 9 -23.59 -14.61 7.41
C VAL AB 9 -22.44 -13.97 6.63
N VAL AB 10 -21.44 -14.75 6.22
CA VAL AB 10 -20.35 -14.25 5.39
C VAL AB 10 -20.66 -14.60 3.94
N LYS AB 11 -20.64 -13.59 3.08
CA LYS AB 11 -20.95 -13.82 1.68
C LYS AB 11 -19.86 -14.68 1.04
N PRO AB 12 -20.20 -15.81 0.41
CA PRO AB 12 -19.17 -16.63 -0.24
C PRO AB 12 -18.41 -15.90 -1.33
N SER AB 13 -19.06 -14.93 -2.00
CA SER AB 13 -18.39 -14.17 -3.05
C SER AB 13 -17.19 -13.42 -2.52
N VAL AB 14 -17.19 -13.07 -1.23
CA VAL AB 14 -16.05 -12.44 -0.61
C VAL AB 14 -15.31 -13.38 0.35
N GLY AB 15 -16.03 -14.28 1.04
CA GLY AB 15 -15.36 -15.19 1.94
C GLY AB 15 -14.47 -16.20 1.24
N LEU AB 16 -14.95 -16.79 0.14
CA LEU AB 16 -14.17 -17.82 -0.54
C LEU AB 16 -12.91 -17.26 -1.20
N PRO AB 17 -12.95 -16.21 -2.02
CA PRO AB 17 -11.71 -15.69 -2.59
C PRO AB 17 -10.73 -15.20 -1.53
N LEU AB 18 -11.24 -14.60 -0.46
CA LEU AB 18 -10.36 -14.19 0.63
C LEU AB 18 -9.69 -15.39 1.27
N PHE AB 19 -10.45 -16.45 1.53
CA PHE AB 19 -9.90 -17.63 2.18
C PHE AB 19 -8.82 -18.28 1.34
N LEU AB 20 -9.11 -18.53 0.07
CA LEU AB 20 -8.13 -19.18 -0.80
C LEU AB 20 -6.91 -18.30 -1.02
N GLY AB 21 -7.12 -17.01 -1.30
CA GLY AB 21 -6.01 -16.11 -1.48
C GLY AB 21 -5.15 -16.00 -0.24
N VAL AB 22 -5.79 -15.96 0.93
CA VAL AB 22 -5.04 -15.85 2.18
C VAL AB 22 -4.22 -17.11 2.43
N VAL AB 23 -4.79 -18.28 2.13
CA VAL AB 23 -4.05 -19.53 2.27
C VAL AB 23 -2.81 -19.52 1.38
N LEU AB 24 -2.96 -19.04 0.14
CA LEU AB 24 -1.79 -18.90 -0.72
C LEU AB 24 -0.80 -17.89 -0.15
N LEU AB 25 -1.30 -16.79 0.43
CA LEU AB 25 -0.40 -15.81 1.04
C LEU AB 25 0.41 -16.44 2.16
N ILE AB 26 -0.23 -17.26 3.01
CA ILE AB 26 0.52 -17.95 4.05
C ILE AB 26 1.60 -18.82 3.43
N SER AB 27 1.27 -19.53 2.36
CA SER AB 27 2.24 -20.40 1.71
C SER AB 27 3.43 -19.60 1.17
N LEU AB 28 3.17 -18.47 0.52
CA LEU AB 28 4.25 -17.63 0.02
C LEU AB 28 5.12 -17.11 1.17
N LEU AB 29 4.48 -16.67 2.26
CA LEU AB 29 5.24 -16.15 3.39
C LEU AB 29 6.11 -17.23 4.01
N VAL AB 30 5.58 -18.44 4.15
CA VAL AB 30 6.36 -19.54 4.73
C VAL AB 30 7.52 -19.90 3.80
N HIS AB 31 7.23 -20.04 2.50
CA HIS AB 31 8.29 -20.25 1.52
C HIS AB 31 9.35 -19.15 1.61
N GLY AB 32 8.90 -17.89 1.65
CA GLY AB 32 9.84 -16.78 1.72
C GLY AB 32 10.60 -16.71 3.03
N ALA AB 33 9.94 -17.03 4.14
CA ALA AB 33 10.58 -16.98 5.44
C ALA AB 33 11.71 -18.01 5.53
N ILE AB 34 11.49 -19.21 5.00
CA ILE AB 34 12.55 -20.22 4.98
C ILE AB 34 13.64 -19.82 4.00
N LEU AB 35 13.26 -19.26 2.86
CA LEU AB 35 14.24 -18.90 1.84
C LEU AB 35 15.23 -17.87 2.36
N THR AB 36 14.77 -16.89 3.13
CA THR AB 36 15.61 -15.83 3.66
C THR AB 36 16.28 -16.19 4.98
N ASN AB 37 16.00 -17.37 5.54
CA ASN AB 37 16.57 -17.73 6.83
C ASN AB 37 17.27 -19.08 6.78
N THR AB 38 17.57 -19.60 5.60
CA THR AB 38 18.35 -20.81 5.44
C THR AB 38 19.43 -20.59 4.40
N SER AB 39 20.43 -21.47 4.41
CA SER AB 39 21.39 -21.53 3.32
C SER AB 39 21.05 -22.61 2.30
N TRP AB 40 20.31 -23.65 2.70
CA TRP AB 40 20.07 -24.77 1.80
C TRP AB 40 18.99 -24.47 0.76
N TYR AB 41 17.96 -23.72 1.12
CA TYR AB 41 16.95 -23.35 0.13
C TYR AB 41 17.53 -22.43 -0.94
N PRO AB 42 18.31 -21.38 -0.63
CA PRO AB 42 19.01 -20.68 -1.72
C PRO AB 42 19.98 -21.59 -2.47
N ALA AB 43 20.62 -22.52 -1.77
CA ALA AB 43 21.54 -23.43 -2.45
C ALA AB 43 20.82 -24.37 -3.40
N PHE AB 44 19.59 -24.77 -3.07
CA PHE AB 44 18.78 -25.55 -3.97
C PHE AB 44 18.52 -24.78 -5.27
N PHE AB 45 18.22 -23.49 -5.17
CA PHE AB 45 18.13 -22.66 -6.36
C PHE AB 45 19.46 -22.61 -7.10
N GLU AB 46 20.56 -22.46 -6.35
CA GLU AB 46 21.87 -22.25 -6.95
C GLU AB 46 22.33 -23.49 -7.70
N GLY AB 47 22.14 -24.67 -7.13
CA GLY AB 47 22.52 -25.89 -7.82
C GLY AB 47 24.02 -26.08 -7.85
N ASN AB 48 24.53 -26.59 -8.98
CA ASN AB 48 25.95 -26.82 -9.15
C ASN AB 48 26.73 -25.55 -9.44
N ALA AB 49 26.05 -24.47 -9.81
CA ALA AB 49 26.72 -23.22 -10.12
C ALA AB 49 25.86 -22.04 -9.69
N PHE BB 10 -32.50 -22.62 14.33
CA PHE BB 10 -32.02 -22.16 13.04
C PHE BB 10 -31.80 -23.34 12.10
N ASP BB 11 -32.88 -24.03 11.74
CA ASP BB 11 -32.83 -25.19 10.86
C ASP BB 11 -33.91 -25.09 9.80
N ASP BB 12 -33.98 -23.93 9.14
CA ASP BB 12 -34.97 -23.72 8.09
C ASP BB 12 -34.32 -23.95 6.73
N PRO BB 13 -34.68 -25.01 6.00
CA PRO BB 13 -34.05 -25.25 4.70
C PRO BB 13 -34.37 -24.19 3.67
N ASN BB 14 -35.48 -23.46 3.81
CA ASN BB 14 -35.94 -22.54 2.78
C ASN BB 14 -35.54 -21.09 3.02
N ARG BB 15 -35.21 -20.71 4.24
CA ARG BB 15 -34.85 -19.32 4.52
C ARG BB 15 -33.58 -18.93 3.79
N VAL BB 16 -33.57 -17.72 3.25
CA VAL BB 16 -32.40 -17.16 2.57
C VAL BB 16 -31.73 -16.16 3.52
N TRP BB 17 -30.58 -16.55 4.05
CA TRP BB 17 -29.87 -15.80 5.08
C TRP BB 17 -29.20 -14.56 4.47
N PRO BB 18 -28.61 -13.69 5.32
CA PRO BB 18 -28.00 -12.46 4.77
C PRO BB 18 -26.96 -12.69 3.69
N SER BB 19 -26.24 -13.82 3.73
CA SER BB 19 -25.22 -14.07 2.72
C SER BB 19 -25.81 -14.39 1.35
N GLY BB 20 -27.13 -14.59 1.26
CA GLY BB 20 -27.73 -15.02 0.02
C GLY BB 20 -27.80 -16.51 -0.16
N LEU BB 21 -27.65 -17.29 0.90
CA LEU BB 21 -27.67 -18.74 0.84
C LEU BB 21 -28.72 -19.29 1.78
N THR BB 22 -29.31 -20.42 1.40
CA THR BB 22 -30.08 -21.20 2.35
C THR BB 22 -29.14 -22.09 3.15
N LEU BB 23 -29.67 -22.66 4.22
CA LEU BB 23 -28.85 -23.56 5.04
C LEU BB 23 -28.34 -24.77 4.27
N PRO BB 24 -29.16 -25.49 3.47
CA PRO BB 24 -28.58 -26.58 2.67
C PRO BB 24 -27.51 -26.12 1.71
N GLU BB 25 -27.65 -24.92 1.14
CA GLU BB 25 -26.62 -24.40 0.24
C GLU BB 25 -25.33 -24.11 0.99
N ALA BB 26 -25.44 -23.64 2.23
CA ALA BB 26 -24.24 -23.43 3.05
C ALA BB 26 -23.58 -24.75 3.39
N GLU BB 27 -24.37 -25.77 3.71
CA GLU BB 27 -23.81 -27.07 4.05
C GLU BB 27 -23.06 -27.67 2.87
N GLU BB 28 -23.64 -27.57 1.67
CA GLU BB 28 -22.98 -28.09 0.48
C GLU BB 28 -21.72 -27.31 0.16
N LEU BB 29 -21.76 -25.99 0.29
CA LEU BB 29 -20.57 -25.17 0.06
C LEU BB 29 -19.47 -25.51 1.04
N HIS BB 30 -19.80 -25.65 2.33
CA HIS BB 30 -18.78 -25.93 3.33
C HIS BB 30 -18.17 -27.32 3.13
N SER BB 31 -18.95 -28.27 2.59
CA SER BB 31 -18.41 -29.59 2.32
C SER BB 31 -17.28 -29.52 1.29
N TYR BB 32 -17.45 -28.72 0.24
CA TYR BB 32 -16.37 -28.52 -0.71
C TYR BB 32 -15.19 -27.82 -0.06
N VAL BB 33 -15.47 -26.92 0.90
CA VAL BB 33 -14.39 -26.24 1.62
C VAL BB 33 -13.58 -27.24 2.44
N LEU BB 34 -14.27 -28.14 3.15
CA LEU BB 34 -13.58 -29.14 3.95
C LEU BB 34 -12.87 -30.15 3.07
N ASP BB 35 -13.52 -30.62 2.01
CA ASP BB 35 -12.87 -31.53 1.09
C ASP BB 35 -11.67 -30.88 0.43
N GLY BB 36 -11.78 -29.60 0.08
CA GLY BB 36 -10.63 -28.88 -0.42
C GLY BB 36 -9.51 -28.79 0.60
N ALA BB 37 -9.85 -28.54 1.86
CA ALA BB 37 -8.84 -28.45 2.91
C ALA BB 37 -8.12 -29.77 3.12
N ARG BB 38 -8.88 -30.88 3.15
CA ARG BB 38 -8.27 -32.19 3.37
C ARG BB 38 -7.32 -32.56 2.25
N ILE BB 39 -7.71 -32.31 1.00
CA ILE BB 39 -6.82 -32.57 -0.12
C ILE BB 39 -5.59 -31.68 -0.01
N PHE BB 40 -5.78 -30.41 0.34
CA PHE BB 40 -4.64 -29.52 0.56
C PHE BB 40 -3.76 -30.02 1.69
N PHE BB 41 -4.38 -30.42 2.81
CA PHE BB 41 -3.61 -30.97 3.92
C PHE BB 41 -2.92 -32.27 3.53
N GLY BB 42 -3.61 -33.12 2.77
CA GLY BB 42 -3.00 -34.37 2.34
C GLY BB 42 -1.77 -34.15 1.47
N ILE BB 43 -1.86 -33.22 0.52
CA ILE BB 43 -0.70 -32.90 -0.31
C ILE BB 43 0.39 -32.24 0.52
N ALA BB 44 0.00 -31.40 1.49
CA ALA BB 44 0.98 -30.75 2.34
C ALA BB 44 1.75 -31.77 3.17
N VAL BB 45 1.07 -32.79 3.68
CA VAL BB 45 1.73 -33.79 4.52
C VAL BB 45 2.80 -34.54 3.72
N VAL BB 46 2.47 -34.93 2.49
CA VAL BB 46 3.45 -35.58 1.63
C VAL BB 46 4.56 -34.59 1.27
N ALA BB 47 4.22 -33.33 1.07
CA ALA BB 47 5.25 -32.32 0.84
C ALA BB 47 6.17 -32.19 2.05
N HIS BB 48 5.60 -32.20 3.26
CA HIS BB 48 6.42 -32.07 4.46
C HIS BB 48 7.37 -33.24 4.63
N VAL BB 49 6.88 -34.48 4.40
CA VAL BB 49 7.74 -35.64 4.57
C VAL BB 49 8.86 -35.63 3.53
N LEU BB 50 8.55 -35.19 2.32
CA LEU BB 50 9.60 -34.99 1.33
C LEU BB 50 10.59 -33.93 1.81
N ALA BB 51 10.09 -32.85 2.42
CA ALA BB 51 10.97 -31.87 3.02
C ALA BB 51 11.79 -32.48 4.15
N PHE BB 52 11.16 -33.34 4.95
CA PHE BB 52 11.92 -34.03 5.99
C PHE BB 52 12.97 -34.96 5.40
N ALA BB 53 12.60 -35.69 4.35
CA ALA BB 53 13.47 -36.74 3.82
C ALA BB 53 14.62 -36.19 2.99
N TYR BB 54 14.44 -35.03 2.36
CA TYR BB 54 15.38 -34.57 1.36
C TYR BB 54 15.91 -33.17 1.60
N SER BB 55 15.62 -32.57 2.75
CA SER BB 55 16.13 -31.26 3.12
C SER BB 55 16.80 -31.37 4.47
N PRO BB 56 17.71 -30.45 4.80
CA PRO BB 56 18.40 -30.53 6.09
C PRO BB 56 17.48 -30.39 7.29
N TRP BB 57 16.22 -30.03 7.07
CA TRP BB 57 15.29 -29.86 8.19
C TRP BB 57 15.14 -31.16 8.97
N LEU BB 58 15.23 -31.05 10.29
CA LEU BB 58 15.17 -32.20 11.18
C LEU BB 58 16.23 -33.25 10.86
#